data_8EXH
#
_entry.id   8EXH
#
_cell.length_a   1.00
_cell.length_b   1.00
_cell.length_c   1.00
_cell.angle_alpha   90.00
_cell.angle_beta   90.00
_cell.angle_gamma   90.00
#
_symmetry.space_group_name_H-M   'P 1'
#
loop_
_entity.id
_entity.type
_entity.pdbx_description
1 polymer 'Protein virB2'
2 non-polymer '(14S,17R)-20-amino-17-hydroxy-11,17-dioxo-12,16,18-trioxa-17lambda~5~-phosphaicosan-14-yl tetradecanoate'
#
_entity_poly.entity_id   1
_entity_poly.type   'polypeptide(L)'
_entity_poly.pdbx_seq_one_letter_code
;GGTDPATMVNNICTFILGPFGQSLAVLGIVAIGISWMFGRASLGLVAGVVGGIVIMFGASFLGKTLTGG
;
_entity_poly.pdbx_strand_id   A,B,C,D,E,F,G,H,I,J,K,L,M,N,O,P,Q,R,S,T,U,V,W,X,Y,Z,a,b,c,d,e,f,g,h,i,j,k,l,m,n
#
loop_
_chem_comp.id
_chem_comp.type
_chem_comp.name
_chem_comp.formula
X3D non-polymer '(14S,17R)-20-amino-17-hydroxy-11,17-dioxo-12,16,18-trioxa-17lambda~5~-phosphaicosan-14-yl tetradecanoate' 'C30 H60 N O8 P'
#
# COMPACT_ATOMS: atom_id res chain seq x y z
N GLY A 1 9.43 18.44 33.32
CA GLY A 1 8.03 18.78 33.49
C GLY A 1 7.33 19.10 32.18
N GLY A 2 8.10 19.18 31.10
CA GLY A 2 7.56 19.46 29.80
C GLY A 2 7.17 20.93 29.63
N THR A 3 7.02 21.33 28.37
CA THR A 3 6.67 22.69 28.02
C THR A 3 5.45 22.67 27.10
N ASP A 4 4.63 23.70 27.20
CA ASP A 4 3.42 23.78 26.39
C ASP A 4 3.79 24.02 24.92
N PRO A 5 3.04 23.41 23.98
CA PRO A 5 3.40 23.56 22.56
C PRO A 5 3.40 25.00 22.07
N ALA A 6 2.69 25.90 22.75
CA ALA A 6 2.69 27.31 22.36
C ALA A 6 4.08 27.92 22.41
N THR A 7 4.99 27.33 23.19
CA THR A 7 6.38 27.77 23.22
C THR A 7 7.28 26.95 22.31
N MET A 8 7.01 25.65 22.15
CA MET A 8 7.86 24.83 21.30
C MET A 8 7.69 25.18 19.83
N VAL A 9 6.45 25.36 19.37
CA VAL A 9 6.22 25.75 17.98
C VAL A 9 6.80 27.15 17.74
N ASN A 10 6.71 28.03 18.74
CA ASN A 10 7.30 29.35 18.59
C ASN A 10 8.81 29.27 18.50
N ASN A 11 9.42 28.36 19.27
CA ASN A 11 10.86 28.15 19.16
C ASN A 11 11.23 27.65 17.77
N ILE A 12 10.43 26.73 17.22
CA ILE A 12 10.66 26.23 15.87
C ILE A 12 10.63 27.38 14.87
N CYS A 13 9.61 28.24 14.98
CA CYS A 13 9.48 29.36 14.06
C CYS A 13 10.65 30.32 14.20
N THR A 14 11.06 30.61 15.44
CA THR A 14 12.17 31.54 15.66
C THR A 14 13.46 30.97 15.09
N PHE A 15 13.70 29.67 15.25
CA PHE A 15 14.89 29.05 14.68
C PHE A 15 14.85 29.12 13.15
N ILE A 16 13.74 28.70 12.55
CA ILE A 16 13.64 28.64 11.10
C ILE A 16 13.58 30.01 10.46
N LEU A 17 13.33 31.07 11.23
CA LEU A 17 13.29 32.42 10.68
C LEU A 17 14.40 33.31 11.21
N GLY A 18 15.32 32.78 11.99
CA GLY A 18 16.40 33.56 12.55
C GLY A 18 17.61 33.58 11.63
N PRO A 19 18.76 33.14 12.15
CA PRO A 19 19.97 33.12 11.31
C PRO A 19 20.01 31.98 10.32
N PHE A 20 19.14 30.99 10.45
CA PHE A 20 19.14 29.86 9.53
C PHE A 20 18.50 30.23 8.19
N GLY A 21 17.33 30.87 8.26
CA GLY A 21 16.64 31.28 7.04
C GLY A 21 17.44 32.23 6.18
N GLN A 22 18.30 33.05 6.80
CA GLN A 22 19.16 33.95 6.03
C GLN A 22 20.07 33.15 5.11
N SER A 23 20.82 32.20 5.66
CA SER A 23 21.71 31.39 4.85
C SER A 23 20.95 30.49 3.90
N LEU A 24 19.73 30.06 4.27
CA LEU A 24 18.93 29.30 3.33
C LEU A 24 18.54 30.13 2.11
N ALA A 25 18.16 31.39 2.31
CA ALA A 25 17.87 32.27 1.20
C ALA A 25 19.12 32.54 0.37
N VAL A 26 20.27 32.66 1.04
CA VAL A 26 21.54 32.83 0.32
C VAL A 26 21.79 31.64 -0.58
N LEU A 27 21.52 30.43 -0.07
CA LEU A 27 21.68 29.23 -0.90
C LEU A 27 20.71 29.23 -2.06
N GLY A 28 19.48 29.70 -1.84
CA GLY A 28 18.53 29.81 -2.94
C GLY A 28 19.00 30.75 -4.03
N ILE A 29 19.59 31.88 -3.64
CA ILE A 29 20.10 32.82 -4.63
C ILE A 29 21.31 32.23 -5.37
N VAL A 30 22.19 31.54 -4.65
CA VAL A 30 23.28 30.84 -5.30
C VAL A 30 22.73 29.83 -6.31
N ALA A 31 21.63 29.16 -5.95
CA ALA A 31 21.04 28.16 -6.83
C ALA A 31 20.52 28.81 -8.10
N ILE A 32 19.83 29.95 -7.98
CA ILE A 32 19.31 30.57 -9.20
C ILE A 32 20.45 31.12 -10.05
N GLY A 33 21.52 31.59 -9.42
CA GLY A 33 22.68 32.03 -10.19
C GLY A 33 23.30 30.89 -10.97
N ILE A 34 23.49 29.74 -10.32
CA ILE A 34 24.07 28.58 -10.99
C ILE A 34 23.14 28.10 -12.11
N SER A 35 21.83 28.15 -11.87
CA SER A 35 20.89 27.72 -12.91
C SER A 35 20.88 28.68 -14.10
N TRP A 36 21.17 29.96 -13.87
CA TRP A 36 21.34 30.86 -15.00
C TRP A 36 22.66 30.66 -15.72
N MET A 37 23.71 30.26 -15.01
CA MET A 37 25.02 30.10 -15.64
C MET A 37 24.99 29.02 -16.70
N PHE A 38 24.62 27.81 -16.32
CA PHE A 38 24.57 26.68 -17.25
C PHE A 38 23.12 26.43 -17.66
N GLY A 39 22.70 27.15 -18.69
CA GLY A 39 21.36 26.97 -19.21
C GLY A 39 20.81 28.29 -19.74
N ARG A 40 19.51 28.45 -19.59
CA ARG A 40 18.78 29.59 -20.11
C ARG A 40 18.24 30.44 -18.96
N ALA A 41 18.23 31.76 -19.16
CA ALA A 41 17.78 32.71 -18.15
C ALA A 41 16.33 33.06 -18.43
N SER A 42 15.43 32.61 -17.56
CA SER A 42 14.00 32.86 -17.70
C SER A 42 13.50 33.60 -16.47
N LEU A 43 12.65 34.61 -16.69
CA LEU A 43 12.09 35.37 -15.58
C LEU A 43 11.28 34.50 -14.63
N GLY A 44 10.77 33.36 -15.11
CA GLY A 44 9.94 32.52 -14.26
C GLY A 44 10.69 31.97 -13.08
N LEU A 45 11.93 31.51 -13.29
CA LEU A 45 12.71 30.92 -12.20
C LEU A 45 12.99 31.94 -11.12
N VAL A 46 13.49 33.11 -11.50
CA VAL A 46 13.82 34.14 -10.52
C VAL A 46 12.55 34.62 -9.81
N ALA A 47 11.46 34.81 -10.57
CA ALA A 47 10.21 35.23 -9.95
C ALA A 47 9.75 34.22 -8.92
N GLY A 48 9.77 32.93 -9.27
CA GLY A 48 9.34 31.91 -8.34
C GLY A 48 10.20 31.85 -7.09
N VAL A 49 11.52 31.95 -7.25
CA VAL A 49 12.41 31.80 -6.11
C VAL A 49 12.33 33.03 -5.20
N VAL A 50 12.30 34.22 -5.78
CA VAL A 50 12.17 35.42 -4.96
C VAL A 50 10.82 35.42 -4.24
N GLY A 51 9.77 34.94 -4.92
CA GLY A 51 8.48 34.82 -4.25
C GLY A 51 8.52 33.81 -3.11
N GLY A 52 9.24 32.70 -3.30
CA GLY A 52 9.41 31.75 -2.21
C GLY A 52 10.12 32.36 -1.03
N ILE A 53 11.16 33.15 -1.28
CA ILE A 53 11.88 33.80 -0.19
C ILE A 53 10.98 34.80 0.53
N VAL A 54 10.24 35.60 -0.24
CA VAL A 54 9.32 36.57 0.36
C VAL A 54 8.27 35.86 1.22
N ILE A 55 7.73 34.74 0.73
CA ILE A 55 6.73 34.00 1.49
C ILE A 55 7.36 33.40 2.75
N MET A 56 8.62 32.96 2.66
CA MET A 56 9.28 32.42 3.84
C MET A 56 9.46 33.50 4.91
N PHE A 57 9.91 34.68 4.52
CA PHE A 57 10.17 35.72 5.51
C PHE A 57 8.96 36.60 5.78
N GLY A 58 7.88 36.46 5.02
CA GLY A 58 6.63 37.10 5.33
C GLY A 58 5.65 36.21 6.06
N ALA A 59 6.04 34.99 6.41
CA ALA A 59 5.11 34.03 7.00
C ALA A 59 4.41 34.59 8.23
N SER A 60 5.14 35.34 9.06
CA SER A 60 4.55 35.88 10.27
C SER A 60 3.42 36.84 9.95
N PHE A 61 3.71 37.87 9.15
CA PHE A 61 2.68 38.87 8.85
C PHE A 61 1.60 38.30 7.95
N LEU A 62 1.97 37.41 7.02
CA LEU A 62 0.96 36.74 6.21
C LEU A 62 -0.01 35.96 7.07
N GLY A 63 0.50 35.25 8.09
CA GLY A 63 -0.39 34.54 8.99
C GLY A 63 -1.23 35.47 9.83
N LYS A 64 -0.65 36.59 10.27
CA LYS A 64 -1.41 37.55 11.08
C LYS A 64 -2.55 38.16 10.27
N THR A 65 -2.31 38.45 9.00
CA THR A 65 -3.34 39.14 8.21
C THR A 65 -4.36 38.17 7.62
N LEU A 66 -3.92 36.97 7.20
CA LEU A 66 -4.83 36.02 6.59
C LEU A 66 -5.88 35.50 7.56
N THR A 67 -5.60 35.57 8.86
CA THR A 67 -6.50 35.03 9.88
C THR A 67 -7.28 36.14 10.58
N GLY A 68 -7.26 37.35 10.02
CA GLY A 68 -7.97 38.46 10.64
C GLY A 68 -7.45 38.87 11.99
N GLY A 69 -6.26 38.41 12.37
CA GLY A 69 -5.69 38.73 13.67
C GLY A 69 -5.25 37.50 14.43
N GLY B 1 -41.72 -69.11 32.35
CA GLY B 1 -40.62 -70.04 32.27
C GLY B 1 -39.29 -69.38 31.97
N GLY B 2 -39.34 -68.09 31.67
CA GLY B 2 -38.14 -67.34 31.38
C GLY B 2 -37.57 -67.64 30.00
N THR B 3 -36.72 -66.73 29.54
CA THR B 3 -36.08 -66.85 28.23
C THR B 3 -34.58 -66.72 28.39
N ASP B 4 -33.84 -67.40 27.52
CA ASP B 4 -32.40 -67.38 27.59
C ASP B 4 -31.86 -66.01 27.17
N PRO B 5 -30.80 -65.52 27.83
CA PRO B 5 -30.30 -64.18 27.51
C PRO B 5 -29.88 -64.00 26.06
N ALA B 6 -29.58 -65.09 25.34
CA ALA B 6 -29.21 -64.97 23.94
C ALA B 6 -30.34 -64.38 23.10
N THR B 7 -31.58 -64.45 23.57
CA THR B 7 -32.70 -63.81 22.91
C THR B 7 -33.03 -62.44 23.50
N MET B 8 -32.85 -62.25 24.80
CA MET B 8 -33.17 -60.96 25.41
C MET B 8 -32.19 -59.89 24.96
N VAL B 9 -30.89 -60.19 24.97
CA VAL B 9 -29.91 -59.22 24.51
C VAL B 9 -30.11 -58.92 23.03
N ASN B 10 -30.48 -59.94 22.26
CA ASN B 10 -30.77 -59.73 20.84
C ASN B 10 -31.99 -58.83 20.65
N ASN B 11 -33.01 -59.00 21.50
CA ASN B 11 -34.16 -58.10 21.46
C ASN B 11 -33.74 -56.67 21.78
N ILE B 12 -32.88 -56.51 22.77
CA ILE B 12 -32.38 -55.18 23.12
C ILE B 12 -31.68 -54.54 21.92
N CYS B 13 -30.81 -55.31 21.26
CA CYS B 13 -30.09 -54.80 20.10
C CYS B 13 -31.04 -54.44 18.97
N THR B 14 -32.03 -55.30 18.71
CA THR B 14 -32.98 -55.04 17.64
C THR B 14 -33.79 -53.79 17.92
N PHE B 15 -34.21 -53.59 19.17
CA PHE B 15 -34.94 -52.38 19.52
C PHE B 15 -34.07 -51.15 19.35
N ILE B 16 -32.86 -51.18 19.91
CA ILE B 16 -31.99 -50.01 19.87
C ILE B 16 -31.45 -49.72 18.48
N LEU B 17 -31.56 -50.66 17.55
CA LEU B 17 -31.09 -50.45 16.19
C LEU B 17 -32.21 -50.44 15.16
N GLY B 18 -33.46 -50.52 15.59
CA GLY B 18 -34.58 -50.52 14.67
C GLY B 18 -35.07 -49.12 14.38
N PRO B 19 -36.36 -48.87 14.65
CA PRO B 19 -36.90 -47.53 14.40
C PRO B 19 -36.50 -46.50 15.43
N PHE B 20 -35.96 -46.91 16.58
CA PHE B 20 -35.57 -45.97 17.62
C PHE B 20 -34.26 -45.26 17.26
N GLY B 21 -33.26 -46.03 16.82
CA GLY B 21 -31.99 -45.45 16.45
C GLY B 21 -32.08 -44.45 15.31
N GLN B 22 -33.04 -44.65 14.41
CA GLN B 22 -33.25 -43.70 13.33
C GLN B 22 -33.58 -42.31 13.87
N SER B 23 -34.59 -42.23 14.72
CA SER B 23 -34.97 -40.96 15.30
C SER B 23 -33.91 -40.43 16.24
N LEU B 24 -33.14 -41.31 16.89
CA LEU B 24 -32.03 -40.83 17.72
C LEU B 24 -30.96 -40.16 16.87
N ALA B 25 -30.63 -40.73 15.72
CA ALA B 25 -29.69 -40.09 14.80
C ALA B 25 -30.25 -38.79 14.26
N VAL B 26 -31.56 -38.75 13.99
CA VAL B 26 -32.20 -37.51 13.56
C VAL B 26 -32.03 -36.43 14.62
N LEU B 27 -32.21 -36.80 15.89
CA LEU B 27 -32.01 -35.84 16.98
C LEU B 27 -30.55 -35.39 17.05
N GLY B 28 -29.62 -36.31 16.81
CA GLY B 28 -28.22 -35.92 16.79
C GLY B 28 -27.91 -34.90 15.70
N ILE B 29 -28.51 -35.09 14.52
CA ILE B 29 -28.29 -34.15 13.43
C ILE B 29 -28.94 -32.80 13.74
N VAL B 30 -30.14 -32.82 14.32
CA VAL B 30 -30.76 -31.58 14.79
C VAL B 30 -29.86 -30.88 15.79
N ALA B 31 -29.21 -31.66 16.65
CA ALA B 31 -28.33 -31.07 17.67
C ALA B 31 -27.12 -30.40 17.03
N ILE B 32 -26.51 -31.04 16.04
CA ILE B 32 -25.34 -30.40 15.41
C ILE B 32 -25.77 -29.18 14.62
N GLY B 33 -26.96 -29.21 14.02
CA GLY B 33 -27.45 -28.02 13.34
C GLY B 33 -27.65 -26.86 14.28
N ILE B 34 -28.29 -27.12 15.43
CA ILE B 34 -28.51 -26.07 16.41
C ILE B 34 -27.18 -25.56 16.96
N SER B 35 -26.22 -26.46 17.15
CA SER B 35 -24.91 -26.02 17.65
C SER B 35 -24.16 -25.19 16.62
N TRP B 36 -24.39 -25.43 15.33
CA TRP B 36 -23.82 -24.55 14.33
C TRP B 36 -24.54 -23.21 14.24
N MET B 37 -25.85 -23.18 14.52
CA MET B 37 -26.59 -21.94 14.39
C MET B 37 -26.09 -20.90 15.38
N PHE B 38 -26.12 -21.22 16.67
CA PHE B 38 -25.69 -20.30 17.72
C PHE B 38 -24.28 -20.68 18.16
N GLY B 39 -23.29 -20.17 17.46
CA GLY B 39 -21.92 -20.42 17.81
C GLY B 39 -21.04 -20.47 16.57
N ARG B 40 -20.02 -21.32 16.65
CA ARG B 40 -19.02 -21.46 15.61
C ARG B 40 -19.11 -22.83 14.96
N ALA B 41 -18.87 -22.88 13.65
CA ALA B 41 -18.94 -24.11 12.88
C ALA B 41 -17.55 -24.71 12.76
N SER B 42 -17.33 -25.84 13.42
CA SER B 42 -16.05 -26.52 13.41
C SER B 42 -16.23 -27.93 12.87
N LEU B 43 -15.31 -28.36 12.00
CA LEU B 43 -15.37 -29.70 11.43
C LEU B 43 -15.30 -30.78 12.51
N GLY B 44 -14.73 -30.48 13.67
CA GLY B 44 -14.59 -31.48 14.71
C GLY B 44 -15.93 -31.98 15.21
N LEU B 45 -16.88 -31.08 15.43
CA LEU B 45 -18.18 -31.47 15.96
C LEU B 45 -18.92 -32.39 15.00
N VAL B 46 -19.01 -31.99 13.73
CA VAL B 46 -19.70 -32.80 12.74
C VAL B 46 -19.00 -34.13 12.55
N ALA B 47 -17.66 -34.12 12.49
CA ALA B 47 -16.92 -35.35 12.33
C ALA B 47 -17.21 -36.30 13.49
N GLY B 48 -17.16 -35.80 14.72
CA GLY B 48 -17.42 -36.65 15.87
C GLY B 48 -18.83 -37.21 15.89
N VAL B 49 -19.81 -36.38 15.54
CA VAL B 49 -21.20 -36.84 15.63
C VAL B 49 -21.51 -37.83 14.51
N VAL B 50 -21.05 -37.55 13.29
CA VAL B 50 -21.27 -38.50 12.20
C VAL B 50 -20.53 -39.81 12.49
N GLY B 51 -19.35 -39.74 13.10
CA GLY B 51 -18.66 -40.95 13.48
C GLY B 51 -19.42 -41.72 14.55
N GLY B 52 -20.01 -41.00 15.50
CA GLY B 52 -20.85 -41.67 16.50
C GLY B 52 -22.03 -42.38 15.87
N ILE B 53 -22.67 -41.74 14.89
CA ILE B 53 -23.81 -42.37 14.22
C ILE B 53 -23.36 -43.60 13.45
N VAL B 54 -22.23 -43.49 12.73
CA VAL B 54 -21.71 -44.63 11.99
C VAL B 54 -21.38 -45.79 12.93
N ILE B 55 -20.77 -45.48 14.08
CA ILE B 55 -20.44 -46.53 15.04
C ILE B 55 -21.71 -47.15 15.61
N MET B 56 -22.75 -46.34 15.83
CA MET B 56 -24.00 -46.88 16.33
C MET B 56 -24.63 -47.85 15.33
N PHE B 57 -24.67 -47.47 14.05
CA PHE B 57 -25.33 -48.32 13.07
C PHE B 57 -24.39 -49.33 12.44
N GLY B 58 -23.08 -49.24 12.71
CA GLY B 58 -22.15 -50.28 12.31
C GLY B 58 -21.82 -51.26 13.40
N ALA B 59 -22.47 -51.15 14.57
CA ALA B 59 -22.11 -51.98 15.71
C ALA B 59 -22.16 -53.47 15.37
N SER B 60 -23.15 -53.89 14.59
CA SER B 60 -23.26 -55.30 14.25
C SER B 60 -22.05 -55.79 13.47
N PHE B 61 -21.74 -55.13 12.35
CA PHE B 61 -20.63 -55.58 11.52
C PHE B 61 -19.29 -55.31 12.20
N LEU B 62 -19.18 -54.21 12.93
CA LEU B 62 -17.96 -53.96 13.70
C LEU B 62 -17.71 -55.07 14.71
N GLY B 63 -18.77 -55.53 15.38
CA GLY B 63 -18.60 -56.64 16.31
C GLY B 63 -18.27 -57.94 15.60
N LYS B 64 -18.88 -58.17 14.44
CA LYS B 64 -18.60 -59.40 13.69
C LYS B 64 -17.14 -59.44 13.22
N THR B 65 -16.60 -58.29 12.80
CA THR B 65 -15.26 -58.28 12.23
C THR B 65 -14.19 -58.19 13.31
N LEU B 66 -14.44 -57.43 14.38
CA LEU B 66 -13.44 -57.24 15.43
C LEU B 66 -13.16 -58.52 16.18
N THR B 67 -14.10 -59.47 16.19
CA THR B 67 -13.96 -60.70 16.94
C THR B 67 -13.59 -61.88 16.04
N GLY B 68 -13.18 -61.60 14.80
CA GLY B 68 -12.82 -62.66 13.88
C GLY B 68 -13.96 -63.58 13.50
N GLY B 69 -15.19 -63.19 13.77
CA GLY B 69 -16.34 -64.01 13.47
C GLY B 69 -17.25 -64.22 14.66
N GLY C 1 -17.10 -4.06 60.93
CA GLY C 1 -18.52 -4.20 60.66
C GLY C 1 -18.86 -4.20 59.19
N GLY C 2 -17.86 -3.92 58.36
CA GLY C 2 -18.06 -3.90 56.92
C GLY C 2 -18.80 -2.67 56.44
N THR C 3 -18.67 -2.41 55.15
CA THR C 3 -19.32 -1.26 54.51
C THR C 3 -20.13 -1.74 53.32
N ASP C 4 -21.21 -1.02 53.04
CA ASP C 4 -22.09 -1.41 51.94
C ASP C 4 -21.40 -1.14 50.60
N PRO C 5 -21.61 -2.00 49.60
CA PRO C 5 -20.90 -1.82 48.32
C PRO C 5 -21.20 -0.49 47.65
N ALA C 6 -22.31 0.16 47.97
CA ALA C 6 -22.62 1.45 47.38
C ALA C 6 -21.56 2.50 47.71
N THR C 7 -20.80 2.29 48.78
CA THR C 7 -19.68 3.17 49.11
C THR C 7 -18.35 2.65 48.60
N MET C 8 -18.15 1.32 48.57
CA MET C 8 -16.88 0.78 48.11
C MET C 8 -16.70 0.99 46.62
N VAL C 9 -17.74 0.71 45.83
CA VAL C 9 -17.65 0.94 44.38
C VAL C 9 -17.47 2.42 44.09
N ASN C 10 -18.12 3.28 44.89
CA ASN C 10 -17.95 4.72 44.71
C ASN C 10 -16.52 5.14 45.04
N ASN C 11 -15.93 4.53 46.07
CA ASN C 11 -14.53 4.80 46.37
C ASN C 11 -13.62 4.37 45.22
N ILE C 12 -13.91 3.21 44.62
CA ILE C 12 -13.15 2.74 43.47
C ILE C 12 -13.23 3.76 42.34
N CYS C 13 -14.45 4.24 42.04
CA CYS C 13 -14.62 5.20 40.97
C CYS C 13 -13.90 6.51 41.27
N THR C 14 -13.98 6.98 42.51
CA THR C 14 -13.33 8.23 42.88
C THR C 14 -11.81 8.11 42.77
N PHE C 15 -11.26 6.97 43.17
CA PHE C 15 -9.82 6.76 43.03
C PHE C 15 -9.42 6.72 41.56
N ILE C 16 -10.12 5.92 40.76
CA ILE C 16 -9.75 5.75 39.36
C ILE C 16 -10.03 6.99 38.52
N LEU C 17 -10.81 7.94 39.03
CA LEU C 17 -11.10 9.17 38.30
C LEU C 17 -10.52 10.41 38.97
N GLY C 18 -9.75 10.25 40.05
CA GLY C 18 -9.18 11.38 40.73
C GLY C 18 -7.81 11.75 40.18
N PRO C 19 -6.79 11.75 41.03
CA PRO C 19 -5.45 12.09 40.56
C PRO C 19 -4.77 10.97 39.79
N PHE C 20 -5.29 9.76 39.84
CA PHE C 20 -4.67 8.63 39.13
C PHE C 20 -4.98 8.70 37.64
N GLY C 21 -6.25 8.93 37.29
CA GLY C 21 -6.62 9.01 35.89
C GLY C 21 -5.93 10.14 35.14
N GLN C 22 -5.59 11.21 35.83
CA GLN C 22 -4.86 12.30 35.20
C GLN C 22 -3.52 11.81 34.67
N SER C 23 -2.71 11.20 35.54
CA SER C 23 -1.42 10.68 35.13
C SER C 23 -1.56 9.53 34.15
N LEU C 24 -2.63 8.75 34.24
CA LEU C 24 -2.86 7.71 33.25
C LEU C 24 -3.09 8.29 31.86
N ALA C 25 -3.89 9.37 31.77
CA ALA C 25 -4.08 10.04 30.50
C ALA C 25 -2.78 10.67 30.01
N VAL C 26 -1.98 11.20 30.92
CA VAL C 26 -0.67 11.74 30.55
C VAL C 26 0.19 10.66 29.93
N LEU C 27 0.17 9.46 30.52
CA LEU C 27 0.92 8.34 29.96
C LEU C 27 0.38 7.95 28.59
N GLY C 28 -0.94 8.00 28.42
CA GLY C 28 -1.50 7.72 27.11
C GLY C 28 -1.03 8.71 26.04
N ILE C 29 -0.95 9.98 26.40
CA ILE C 29 -0.48 10.99 25.45
C ILE C 29 1.00 10.79 25.15
N VAL C 30 1.80 10.48 26.18
CA VAL C 30 3.20 10.13 25.95
C VAL C 30 3.30 8.95 25.00
N ALA C 31 2.41 7.98 25.15
CA ALA C 31 2.43 6.80 24.29
C ALA C 31 2.14 7.15 22.84
N ILE C 32 1.15 8.01 22.61
CA ILE C 32 0.85 8.35 21.22
C ILE C 32 1.96 9.21 20.63
N GLY C 33 2.60 10.05 21.45
CA GLY C 33 3.75 10.79 20.95
C GLY C 33 4.89 9.89 20.54
N ILE C 34 5.21 8.91 21.39
CA ILE C 34 6.29 7.98 21.06
C ILE C 34 5.93 7.15 19.83
N SER C 35 4.65 6.77 19.69
CA SER C 35 4.25 6.00 18.52
C SER C 35 4.31 6.84 17.25
N TRP C 36 4.12 8.15 17.35
CA TRP C 36 4.33 9.00 16.19
C TRP C 36 5.79 9.21 15.87
N MET C 37 6.66 9.22 16.89
CA MET C 37 8.08 9.47 16.66
C MET C 37 8.69 8.39 15.79
N PHE C 38 8.61 7.13 16.25
CA PHE C 38 9.19 6.00 15.52
C PHE C 38 8.07 5.28 14.77
N GLY C 39 7.78 5.75 13.59
CA GLY C 39 6.77 5.11 12.76
C GLY C 39 6.04 6.14 11.92
N ARG C 40 4.76 5.87 11.68
CA ARG C 40 3.91 6.68 10.83
C ARG C 40 2.82 7.36 11.66
N ALA C 41 2.48 8.58 11.27
CA ALA C 41 1.48 9.38 11.97
C ALA C 41 0.14 9.21 11.26
N SER C 42 -0.80 8.54 11.93
CA SER C 42 -2.13 8.29 11.38
C SER C 42 -3.16 8.89 12.31
N LEU C 43 -4.17 9.54 11.72
CA LEU C 43 -5.24 10.13 12.52
C LEU C 43 -6.00 9.09 13.33
N GLY C 44 -5.97 7.82 12.91
CA GLY C 44 -6.71 6.80 13.62
C GLY C 44 -6.23 6.60 15.04
N LEU C 45 -4.90 6.57 15.23
CA LEU C 45 -4.34 6.33 16.56
C LEU C 45 -4.73 7.44 17.52
N VAL C 46 -4.50 8.69 17.12
CA VAL C 46 -4.82 9.82 17.98
C VAL C 46 -6.32 9.89 18.25
N ALA C 47 -7.14 9.66 17.22
CA ALA C 47 -8.58 9.67 17.41
C ALA C 47 -9.00 8.63 18.43
N GLY C 48 -8.49 7.40 18.29
CA GLY C 48 -8.85 6.35 19.22
C GLY C 48 -8.42 6.64 20.64
N VAL C 49 -7.21 7.17 20.81
CA VAL C 49 -6.70 7.39 22.16
C VAL C 49 -7.41 8.56 22.82
N VAL C 50 -7.63 9.65 22.08
CA VAL C 50 -8.35 10.78 22.66
C VAL C 50 -9.79 10.37 22.98
N GLY C 51 -10.39 9.52 22.14
CA GLY C 51 -11.71 9.02 22.45
C GLY C 51 -11.72 8.15 23.69
N GLY C 52 -10.67 7.33 23.86
CA GLY C 52 -10.56 6.55 25.08
C GLY C 52 -10.45 7.43 26.32
N ILE C 53 -9.68 8.50 26.23
CA ILE C 53 -9.55 9.41 27.37
C ILE C 53 -10.88 10.09 27.66
N VAL C 54 -11.57 10.56 26.62
CA VAL C 54 -12.87 11.19 26.81
C VAL C 54 -13.86 10.22 27.45
N ILE C 55 -13.86 8.96 27.00
CA ILE C 55 -14.76 7.97 27.58
C ILE C 55 -14.39 7.69 29.02
N MET C 56 -13.10 7.69 29.35
CA MET C 56 -12.68 7.47 30.73
C MET C 56 -13.16 8.59 31.63
N PHE C 57 -13.00 9.85 31.20
CA PHE C 57 -13.37 10.96 32.06
C PHE C 57 -14.82 11.39 31.87
N GLY C 58 -15.52 10.86 30.88
CA GLY C 58 -16.95 11.07 30.75
C GLY C 58 -17.78 9.96 31.31
N ALA C 59 -17.16 8.95 31.93
CA ALA C 59 -17.88 7.76 32.39
C ALA C 59 -19.05 8.13 33.31
N SER C 60 -18.86 9.11 34.18
CA SER C 60 -19.94 9.50 35.09
C SER C 60 -21.15 10.01 34.34
N PHE C 61 -20.97 11.03 33.50
CA PHE C 61 -22.10 11.62 32.80
C PHE C 61 -22.64 10.66 31.73
N LEU C 62 -21.76 9.90 31.09
CA LEU C 62 -22.23 8.89 30.14
C LEU C 62 -23.13 7.87 30.83
N GLY C 63 -22.76 7.44 32.03
CA GLY C 63 -23.62 6.52 32.76
C GLY C 63 -24.91 7.16 33.20
N LYS C 64 -24.85 8.44 33.61
CA LYS C 64 -26.07 9.12 34.04
C LYS C 64 -27.05 9.28 32.88
N THR C 65 -26.54 9.57 31.68
CA THR C 65 -27.44 9.82 30.56
C THR C 65 -27.89 8.54 29.87
N LEU C 66 -27.02 7.54 29.77
CA LEU C 66 -27.37 6.31 29.08
C LEU C 66 -28.44 5.52 29.80
N THR C 67 -28.60 5.74 31.11
CA THR C 67 -29.56 5.00 31.91
C THR C 67 -30.81 5.82 32.21
N GLY C 68 -30.99 6.94 31.51
CA GLY C 68 -32.15 7.78 31.74
C GLY C 68 -32.21 8.41 33.12
N GLY C 69 -31.11 8.39 33.85
CA GLY C 69 -31.08 8.95 35.19
C GLY C 69 -30.53 7.98 36.22
N GLY D 1 6.45 -1.46 52.61
CA GLY D 1 5.09 -1.01 52.90
C GLY D 1 4.33 -0.59 51.65
N GLY D 2 5.03 -0.52 50.53
CA GLY D 2 4.42 -0.13 49.28
C GLY D 2 4.15 1.35 49.19
N THR D 3 3.95 1.82 47.96
CA THR D 3 3.68 3.22 47.68
C THR D 3 2.41 3.34 46.86
N ASP D 4 1.69 4.44 47.05
CA ASP D 4 0.44 4.64 46.34
C ASP D 4 0.72 4.92 44.85
N PRO D 5 -0.13 4.41 43.95
CA PRO D 5 0.14 4.58 42.51
C PRO D 5 0.22 6.04 42.08
N ALA D 6 -0.36 6.97 42.83
CA ALA D 6 -0.28 8.38 42.49
C ALA D 6 1.17 8.88 42.47
N THR D 7 2.07 8.19 43.16
CA THR D 7 3.49 8.51 43.10
C THR D 7 4.26 7.66 42.10
N MET D 8 3.87 6.39 41.92
CA MET D 8 4.58 5.53 40.98
C MET D 8 4.35 5.97 39.55
N VAL D 9 3.10 6.27 39.19
CA VAL D 9 2.81 6.74 37.83
C VAL D 9 3.49 8.08 37.59
N ASN D 10 3.54 8.93 38.62
CA ASN D 10 4.22 10.22 38.48
C ASN D 10 5.72 10.01 38.29
N ASN D 11 6.31 9.02 38.98
CA ASN D 11 7.71 8.70 38.75
C ASN D 11 7.93 8.22 37.32
N ILE D 12 7.02 7.40 36.80
CA ILE D 12 7.12 6.94 35.42
C ILE D 12 7.11 8.12 34.47
N CYS D 13 6.18 9.06 34.68
CA CYS D 13 6.08 10.23 33.81
C CYS D 13 7.34 11.09 33.90
N THR D 14 7.86 11.29 35.12
CA THR D 14 9.05 12.11 35.30
C THR D 14 10.25 11.47 34.62
N PHE D 15 10.38 10.15 34.71
CA PHE D 15 11.48 9.46 34.03
C PHE D 15 11.35 9.59 32.52
N ILE D 16 10.16 9.29 31.99
CA ILE D 16 9.97 9.30 30.55
C ILE D 16 9.97 10.70 29.95
N LEU D 17 9.86 11.74 30.78
CA LEU D 17 9.89 13.11 30.29
C LEU D 17 11.11 13.89 30.76
N GLY D 18 12.04 13.24 31.46
CA GLY D 18 13.22 13.92 31.96
C GLY D 18 14.35 13.88 30.97
N PRO D 19 15.50 13.33 31.38
CA PRO D 19 16.65 13.24 30.46
C PRO D 19 16.52 12.15 29.42
N PHE D 20 15.58 11.22 29.58
CA PHE D 20 15.42 10.13 28.62
C PHE D 20 14.72 10.60 27.36
N GLY D 21 13.62 11.35 27.52
CA GLY D 21 12.89 11.85 26.37
C GLY D 21 13.71 12.77 25.49
N GLN D 22 14.66 13.49 26.08
CA GLN D 22 15.54 14.35 25.29
C GLN D 22 16.32 13.52 24.26
N SER D 23 17.02 12.50 24.74
CA SER D 23 17.79 11.65 23.84
C SER D 23 16.88 10.85 22.91
N LEU D 24 15.67 10.52 23.35
CA LEU D 24 14.73 9.85 22.44
C LEU D 24 14.34 10.76 21.28
N ALA D 25 14.07 12.04 21.56
CA ALA D 25 13.79 12.99 20.50
C ALA D 25 15.00 13.20 19.60
N VAL D 26 16.21 13.20 20.19
CA VAL D 26 17.42 13.29 19.39
C VAL D 26 17.51 12.12 18.42
N LEU D 27 17.18 10.92 18.90
CA LEU D 27 17.18 9.75 18.03
C LEU D 27 16.13 9.87 16.94
N GLY D 28 14.97 10.43 17.27
CA GLY D 28 13.96 10.66 16.25
C GLY D 28 14.43 11.61 15.15
N ILE D 29 15.14 12.67 15.54
CA ILE D 29 15.66 13.60 14.55
C ILE D 29 16.75 12.95 13.71
N VAL D 30 17.62 12.17 14.34
CA VAL D 30 18.61 11.39 13.58
C VAL D 30 17.90 10.48 12.58
N ALA D 31 16.79 9.89 12.99
CA ALA D 31 16.05 8.99 12.12
C ALA D 31 15.49 9.72 10.91
N ILE D 32 14.91 10.90 11.11
CA ILE D 32 14.37 11.62 9.97
C ILE D 32 15.50 12.11 9.06
N GLY D 33 16.64 12.47 9.63
CA GLY D 33 17.77 12.84 8.79
C GLY D 33 18.25 11.69 7.93
N ILE D 34 18.38 10.50 8.53
CA ILE D 34 18.81 9.33 7.77
C ILE D 34 17.78 8.97 6.71
N SER D 35 16.48 9.12 7.03
CA SER D 35 15.45 8.82 6.05
C SER D 35 15.44 9.82 4.91
N TRP D 36 15.86 11.06 5.16
CA TRP D 36 16.01 11.99 4.05
C TRP D 36 17.27 11.72 3.23
N MET D 37 18.32 11.20 3.86
CA MET D 37 19.56 10.97 3.13
C MET D 37 19.37 9.94 2.02
N PHE D 38 18.93 8.73 2.39
CA PHE D 38 18.72 7.65 1.43
C PHE D 38 17.24 7.55 1.11
N GLY D 39 16.81 8.34 0.15
CA GLY D 39 15.42 8.29 -0.29
C GLY D 39 14.95 9.66 -0.72
N ARG D 40 13.68 9.93 -0.48
CA ARG D 40 13.01 11.16 -0.90
C ARG D 40 12.63 11.99 0.31
N ALA D 41 12.71 13.31 0.16
CA ALA D 41 12.42 14.25 1.23
C ALA D 41 10.98 14.74 1.08
N SER D 42 10.11 14.32 1.99
CA SER D 42 8.70 14.69 1.96
C SER D 42 8.35 15.42 3.24
N LEU D 43 7.58 16.50 3.13
CA LEU D 43 7.16 17.25 4.30
C LEU D 43 6.34 16.41 5.27
N GLY D 44 5.70 15.34 4.79
CA GLY D 44 4.87 14.54 5.66
C GLY D 44 5.66 13.88 6.77
N LEU D 45 6.83 13.33 6.46
CA LEU D 45 7.63 12.63 7.46
C LEU D 45 8.07 13.58 8.56
N VAL D 46 8.64 14.72 8.19
CA VAL D 46 9.11 15.69 9.18
C VAL D 46 7.95 16.23 9.99
N ALA D 47 6.83 16.53 9.33
CA ALA D 47 5.66 17.03 10.03
C ALA D 47 5.20 16.02 11.07
N GLY D 48 5.07 14.75 10.68
CA GLY D 48 4.62 13.73 11.60
C GLY D 48 5.56 13.54 12.77
N VAL D 49 6.87 13.55 12.51
CA VAL D 49 7.83 13.28 13.59
C VAL D 49 7.91 14.46 14.55
N VAL D 50 7.95 15.68 14.01
CA VAL D 50 7.96 16.86 14.89
C VAL D 50 6.68 16.93 15.69
N GLY D 51 5.54 16.56 15.08
CA GLY D 51 4.31 16.52 15.83
C GLY D 51 4.34 15.46 16.92
N GLY D 52 4.94 14.31 16.64
CA GLY D 52 5.10 13.31 17.69
C GLY D 52 5.94 13.81 18.84
N ILE D 53 7.03 14.52 18.54
CA ILE D 53 7.87 15.06 19.61
C ILE D 53 7.11 16.10 20.42
N VAL D 54 6.38 16.99 19.74
CA VAL D 54 5.59 18.00 20.44
C VAL D 54 4.55 17.34 21.35
N ILE D 55 3.88 16.29 20.85
CA ILE D 55 2.89 15.60 21.66
C ILE D 55 3.54 14.91 22.83
N MET D 56 4.75 14.36 22.64
CA MET D 56 5.45 13.73 23.76
C MET D 56 5.79 14.73 24.85
N PHE D 57 6.31 15.90 24.47
CA PHE D 57 6.72 16.87 25.47
C PHE D 57 5.61 17.83 25.87
N GLY D 58 4.47 17.80 25.18
CA GLY D 58 3.30 18.54 25.61
C GLY D 58 2.30 17.71 26.36
N ALA D 59 2.61 16.44 26.64
CA ALA D 59 1.65 15.54 27.25
C ALA D 59 1.09 16.10 28.56
N SER D 60 1.93 16.74 29.36
CA SER D 60 1.47 17.28 30.64
C SER D 60 0.41 18.35 30.43
N PHE D 61 0.72 19.38 29.65
CA PHE D 61 -0.23 20.48 29.46
C PHE D 61 -1.41 20.03 28.61
N LEU D 62 -1.18 19.15 27.63
CA LEU D 62 -2.30 18.60 26.86
C LEU D 62 -3.27 17.86 27.77
N GLY D 63 -2.76 17.08 28.72
CA GLY D 63 -3.64 16.40 29.66
C GLY D 63 -4.34 17.37 30.60
N LYS D 64 -3.64 18.42 31.03
CA LYS D 64 -4.26 19.39 31.92
C LYS D 64 -5.39 20.13 31.23
N THR D 65 -5.23 20.46 29.94
CA THR D 65 -6.23 21.26 29.25
C THR D 65 -7.37 20.40 28.71
N LEU D 66 -7.07 19.19 28.22
CA LEU D 66 -8.09 18.34 27.63
C LEU D 66 -9.11 17.87 28.66
N THR D 67 -8.75 17.85 29.94
CA THR D 67 -9.61 17.35 30.99
C THR D 67 -10.24 18.49 31.80
N GLY D 68 -10.16 19.72 31.28
CA GLY D 68 -10.73 20.86 31.98
C GLY D 68 -10.08 21.16 33.32
N GLY D 69 -8.92 20.59 33.59
CA GLY D 69 -8.23 20.81 34.85
C GLY D 69 -7.84 19.51 35.54
N GLY E 1 24.99 -5.89 36.30
CA GLY E 1 24.11 -5.06 37.10
C GLY E 1 23.25 -4.13 36.26
N GLY E 2 23.52 -4.10 34.96
CA GLY E 2 22.77 -3.26 34.06
C GLY E 2 23.12 -1.79 34.17
N THR E 3 22.75 -1.04 33.14
CA THR E 3 23.02 0.39 33.07
C THR E 3 21.72 1.13 32.79
N ASP E 4 21.62 2.35 33.31
CA ASP E 4 20.41 3.14 33.12
C ASP E 4 20.30 3.59 31.66
N PRO E 5 19.08 3.62 31.11
CA PRO E 5 18.92 3.99 29.70
C PRO E 5 19.45 5.37 29.35
N ALA E 6 19.59 6.27 30.34
CA ALA E 6 20.14 7.59 30.07
C ALA E 6 21.57 7.53 29.55
N THR E 7 22.28 6.43 29.80
CA THR E 7 23.60 6.22 29.24
C THR E 7 23.58 5.38 27.98
N MET E 8 22.67 4.41 27.87
CA MET E 8 22.63 3.56 26.68
C MET E 8 22.16 4.35 25.47
N VAL E 9 21.09 5.15 25.62
CA VAL E 9 20.62 5.96 24.50
C VAL E 9 21.68 6.99 24.12
N ASN E 10 22.40 7.52 25.11
CA ASN E 10 23.47 8.46 24.81
C ASN E 10 24.60 7.77 24.05
N ASN E 11 24.91 6.53 24.41
CA ASN E 11 25.90 5.77 23.65
C ASN E 11 25.45 5.56 22.21
N ILE E 12 24.16 5.24 22.02
CA ILE E 12 23.62 5.08 20.68
C ILE E 12 23.80 6.36 19.87
N CYS E 13 23.46 7.50 20.48
CA CYS E 13 23.59 8.78 19.79
C CYS E 13 25.04 9.09 19.46
N THR E 14 25.95 8.83 20.40
CA THR E 14 27.38 9.10 20.17
C THR E 14 27.92 8.23 19.05
N PHE E 15 27.52 6.96 19.00
CA PHE E 15 27.95 6.08 17.92
C PHE E 15 27.41 6.56 16.58
N ILE E 16 26.11 6.84 16.52
CA ILE E 16 25.48 7.22 15.26
C ILE E 16 25.89 8.61 14.79
N LEU E 17 26.48 9.42 15.67
CA LEU E 17 26.93 10.76 15.29
C LEU E 17 28.44 10.92 15.33
N GLY E 18 29.19 9.85 15.59
CA GLY E 18 30.62 9.94 15.65
C GLY E 18 31.27 9.69 14.30
N PRO E 19 32.14 8.69 14.22
CA PRO E 19 32.80 8.39 12.94
C PRO E 19 31.91 7.66 11.95
N PHE E 20 30.77 7.13 12.39
CA PHE E 20 29.89 6.39 11.50
C PHE E 20 29.09 7.35 10.61
N GLY E 21 28.50 8.38 11.23
CA GLY E 21 27.72 9.35 10.46
C GLY E 21 28.53 10.08 9.40
N GLN E 22 29.83 10.26 9.64
CA GLN E 22 30.68 10.88 8.63
C GLN E 22 30.67 10.06 7.34
N SER E 23 31.01 8.77 7.45
CA SER E 23 31.02 7.92 6.28
C SER E 23 29.62 7.72 5.71
N LEU E 24 28.59 7.76 6.54
CA LEU E 24 27.23 7.69 6.01
C LEU E 24 26.91 8.89 5.14
N ALA E 25 27.31 10.09 5.59
CA ALA E 25 27.11 11.28 4.76
C ALA E 25 27.95 11.22 3.50
N VAL E 26 29.16 10.66 3.59
CA VAL E 26 29.99 10.47 2.40
C VAL E 26 29.27 9.58 1.40
N LEU E 27 28.65 8.51 1.89
CA LEU E 27 27.89 7.63 1.00
C LEU E 27 26.70 8.35 0.40
N GLY E 28 26.04 9.22 1.17
CA GLY E 28 24.95 10.00 0.62
C GLY E 28 25.40 10.91 -0.51
N ILE E 29 26.56 11.54 -0.35
CA ILE E 29 27.08 12.41 -1.40
C ILE E 29 27.48 11.60 -2.63
N VAL E 30 28.10 10.43 -2.42
CA VAL E 30 28.38 9.54 -3.53
C VAL E 30 27.09 9.17 -4.25
N ALA E 31 26.02 8.95 -3.50
CA ALA E 31 24.74 8.59 -4.09
C ALA E 31 24.18 9.71 -4.95
N ILE E 32 24.25 10.95 -4.47
CA ILE E 32 23.71 12.04 -5.28
C ILE E 32 24.59 12.26 -6.51
N GLY E 33 25.91 12.05 -6.39
CA GLY E 33 26.76 12.15 -7.56
C GLY E 33 26.41 11.11 -8.62
N ILE E 34 26.23 9.87 -8.18
CA ILE E 34 25.87 8.81 -9.13
C ILE E 34 24.50 9.08 -9.74
N SER E 35 23.56 9.62 -8.95
CA SER E 35 22.25 9.91 -9.49
C SER E 35 22.29 11.07 -10.49
N TRP E 36 23.24 11.99 -10.33
CA TRP E 36 23.41 13.02 -11.35
C TRP E 36 24.11 12.49 -12.59
N MET E 37 24.99 11.50 -12.44
CA MET E 37 25.73 10.99 -13.60
C MET E 37 24.79 10.36 -14.61
N PHE E 38 24.03 9.35 -14.19
CA PHE E 38 23.10 8.64 -15.07
C PHE E 38 21.69 9.15 -14.81
N GLY E 39 21.34 10.22 -15.49
CA GLY E 39 20.00 10.78 -15.38
C GLY E 39 20.03 12.29 -15.53
N ARG E 40 19.13 12.94 -14.80
CA ARG E 40 18.93 14.38 -14.86
C ARG E 40 19.34 15.03 -13.54
N ALA E 41 19.92 16.22 -13.63
CA ALA E 41 20.38 16.96 -12.47
C ALA E 41 19.30 17.95 -12.05
N SER E 42 18.68 17.70 -10.90
CA SER E 42 17.62 18.56 -10.38
C SER E 42 18.02 19.07 -9.01
N LEU E 43 17.78 20.36 -8.77
CA LEU E 43 18.10 20.95 -7.47
C LEU E 43 17.36 20.28 -6.33
N GLY E 44 16.22 19.64 -6.61
CA GLY E 44 15.45 19.03 -5.54
C GLY E 44 16.19 17.91 -4.85
N LEU E 45 16.88 17.06 -5.61
CA LEU E 45 17.58 15.92 -5.03
C LEU E 45 18.70 16.40 -4.10
N VAL E 46 19.55 17.30 -4.59
CA VAL E 46 20.66 17.80 -3.79
C VAL E 46 20.15 18.54 -2.57
N ALA E 47 19.11 19.36 -2.75
CA ALA E 47 18.54 20.09 -1.63
C ALA E 47 18.05 19.12 -0.56
N GLY E 48 17.30 18.10 -0.96
CA GLY E 48 16.78 17.14 0.00
C GLY E 48 17.88 16.38 0.73
N VAL E 49 18.92 15.97 -0.01
CA VAL E 49 19.95 15.16 0.62
C VAL E 49 20.83 15.99 1.54
N VAL E 50 21.19 17.21 1.12
CA VAL E 50 21.96 18.08 1.99
C VAL E 50 21.15 18.45 3.23
N GLY E 51 19.84 18.64 3.06
CA GLY E 51 19.00 18.90 4.21
C GLY E 51 18.93 17.71 5.15
N GLY E 52 18.88 16.50 4.58
CA GLY E 52 18.94 15.31 5.42
C GLY E 52 20.22 15.22 6.21
N ILE E 53 21.35 15.54 5.58
CA ILE E 53 22.63 15.49 6.28
C ILE E 53 22.67 16.55 7.39
N VAL E 54 22.19 17.76 7.09
CA VAL E 54 22.16 18.81 8.10
C VAL E 54 21.29 18.41 9.28
N ILE E 55 20.13 17.80 9.00
CA ILE E 55 19.24 17.37 10.07
C ILE E 55 19.90 16.25 10.87
N MET E 56 20.64 15.36 10.22
CA MET E 56 21.33 14.30 10.94
C MET E 56 22.37 14.86 11.89
N PHE E 57 23.18 15.81 11.42
CA PHE E 57 24.25 16.33 12.26
C PHE E 57 23.82 17.52 13.10
N GLY E 58 22.63 18.06 12.88
CA GLY E 58 22.06 19.05 13.76
C GLY E 58 21.11 18.51 14.78
N ALA E 59 20.93 17.18 14.84
CA ALA E 59 19.93 16.58 15.71
C ALA E 59 20.10 17.03 17.16
N SER E 60 21.34 17.13 17.64
CA SER E 60 21.57 17.53 19.02
C SER E 60 21.03 18.92 19.30
N PHE E 61 21.49 19.91 18.53
CA PHE E 61 21.07 21.29 18.77
C PHE E 61 19.60 21.49 18.41
N LEU E 62 19.12 20.81 17.36
CA LEU E 62 17.70 20.88 17.03
C LEU E 62 16.84 20.38 18.18
N GLY E 63 17.27 19.28 18.82
CA GLY E 63 16.53 18.78 19.97
C GLY E 63 16.63 19.72 21.16
N LYS E 64 17.79 20.33 21.37
CA LYS E 64 17.96 21.25 22.48
C LYS E 64 17.07 22.48 22.32
N THR E 65 16.94 22.98 21.08
CA THR E 65 16.19 24.22 20.88
C THR E 65 14.70 23.96 20.73
N LEU E 66 14.30 22.86 20.09
CA LEU E 66 12.89 22.58 19.88
C LEU E 66 12.15 22.30 21.17
N THR E 67 12.86 21.89 22.23
CA THR E 67 12.25 21.54 23.50
C THR E 67 12.43 22.63 24.54
N GLY E 68 12.84 23.82 24.12
CA GLY E 68 13.05 24.92 25.05
C GLY E 68 14.15 24.67 26.07
N GLY E 69 15.00 23.68 25.85
CA GLY E 69 16.07 23.37 26.77
C GLY E 69 16.08 21.91 27.18
N GLY F 1 33.86 -13.23 13.99
CA GLY F 1 33.70 -12.33 15.12
C GLY F 1 33.08 -10.99 14.73
N GLY F 2 32.92 -10.79 13.43
CA GLY F 2 32.34 -9.57 12.92
C GLY F 2 33.28 -8.38 12.99
N THR F 3 32.96 -7.36 12.21
CA THR F 3 33.74 -6.13 12.15
C THR F 3 32.85 -4.93 12.42
N ASP F 4 33.44 -3.90 13.01
CA ASP F 4 32.68 -2.71 13.35
C ASP F 4 32.30 -1.95 12.07
N PRO F 5 31.11 -1.35 12.02
CA PRO F 5 30.68 -0.67 10.79
C PRO F 5 31.60 0.46 10.36
N ALA F 6 32.39 1.03 11.28
CA ALA F 6 33.32 2.08 10.91
C ALA F 6 34.36 1.61 9.89
N THR F 7 34.58 0.31 9.80
CA THR F 7 35.45 -0.25 8.77
C THR F 7 34.69 -0.75 7.54
N MET F 8 33.47 -1.27 7.73
CA MET F 8 32.71 -1.77 6.59
C MET F 8 32.25 -0.63 5.68
N VAL F 9 31.72 0.44 6.28
CA VAL F 9 31.31 1.58 5.47
C VAL F 9 32.51 2.21 4.78
N ASN F 10 33.66 2.24 5.47
CA ASN F 10 34.87 2.76 4.86
C ASN F 10 35.31 1.89 3.69
N ASN F 11 35.17 0.57 3.82
CA ASN F 11 35.46 -0.32 2.70
C ASN F 11 34.53 -0.05 1.52
N ILE F 12 33.25 0.17 1.81
CA ILE F 12 32.30 0.50 0.76
C ILE F 12 32.73 1.77 0.03
N CYS F 13 33.10 2.80 0.79
CA CYS F 13 33.52 4.06 0.18
C CYS F 13 34.78 3.88 -0.65
N THR F 14 35.75 3.12 -0.13
CA THR F 14 37.00 2.90 -0.85
C THR F 14 36.75 2.14 -2.15
N PHE F 15 35.87 1.15 -2.12
CA PHE F 15 35.54 0.42 -3.34
C PHE F 15 34.85 1.33 -4.35
N ILE F 16 33.83 2.07 -3.91
CA ILE F 16 33.06 2.91 -4.82
C ILE F 16 33.83 4.12 -5.31
N LEU F 17 34.95 4.45 -4.68
CA LEU F 17 35.76 5.58 -5.10
C LEU F 17 37.14 5.18 -5.62
N GLY F 18 37.41 3.88 -5.73
CA GLY F 18 38.69 3.43 -6.20
C GLY F 18 38.71 3.25 -7.70
N PRO F 19 39.03 2.04 -8.17
CA PRO F 19 39.06 1.80 -9.61
C PRO F 19 37.69 1.67 -10.24
N PHE F 20 36.63 1.50 -9.45
CA PHE F 20 35.29 1.35 -9.99
C PHE F 20 34.72 2.69 -10.44
N GLY F 21 34.85 3.71 -9.60
CA GLY F 21 34.34 5.03 -9.95
C GLY F 21 34.99 5.62 -11.19
N GLN F 22 36.26 5.26 -11.45
CA GLN F 22 36.92 5.73 -12.65
C GLN F 22 36.17 5.26 -13.90
N SER F 23 35.96 3.95 -14.00
CA SER F 23 35.24 3.41 -15.15
C SER F 23 33.79 3.85 -15.17
N LEU F 24 33.19 4.09 -14.01
CA LEU F 24 31.83 4.63 -14.00
C LEU F 24 31.77 6.02 -14.60
N ALA F 25 32.74 6.88 -14.26
CA ALA F 25 32.81 8.20 -14.88
C ALA F 25 33.11 8.10 -16.37
N VAL F 26 33.94 7.14 -16.76
CA VAL F 26 34.20 6.92 -18.18
C VAL F 26 32.90 6.57 -18.90
N LEU F 27 32.07 5.73 -18.29
CA LEU F 27 30.78 5.38 -18.88
C LEU F 27 29.87 6.60 -18.95
N GLY F 28 29.92 7.46 -17.94
CA GLY F 28 29.13 8.69 -17.98
C GLY F 28 29.54 9.59 -19.14
N ILE F 29 30.85 9.70 -19.38
CA ILE F 29 31.32 10.51 -20.50
C ILE F 29 30.94 9.89 -21.83
N VAL F 30 31.04 8.57 -21.95
CA VAL F 30 30.56 7.88 -23.14
C VAL F 30 29.08 8.17 -23.35
N ALA F 31 28.32 8.21 -22.26
CA ALA F 31 26.88 8.46 -22.36
C ALA F 31 26.60 9.86 -22.88
N ILE F 32 27.32 10.86 -22.37
CA ILE F 32 27.06 12.21 -22.86
C ILE F 32 27.51 12.36 -24.31
N GLY F 33 28.59 11.67 -24.70
CA GLY F 33 28.99 11.69 -26.10
C GLY F 33 27.92 11.10 -27.01
N ILE F 34 27.39 9.95 -26.62
CA ILE F 34 26.35 9.31 -27.43
C ILE F 34 25.10 10.18 -27.47
N SER F 35 24.77 10.84 -26.35
CA SER F 35 23.60 11.71 -26.34
C SER F 35 23.80 12.94 -27.21
N TRP F 36 25.04 13.41 -27.35
CA TRP F 36 25.29 14.49 -28.29
C TRP F 36 25.27 14.01 -29.74
N MET F 37 25.67 12.76 -29.99
CA MET F 37 25.73 12.28 -31.37
C MET F 37 24.33 12.26 -32.01
N PHE F 38 23.40 11.52 -31.38
CA PHE F 38 22.04 11.40 -31.90
C PHE F 38 21.13 12.33 -31.11
N GLY F 39 21.06 13.57 -31.54
CA GLY F 39 20.19 14.53 -30.90
C GLY F 39 20.79 15.93 -30.95
N ARG F 40 20.51 16.69 -29.90
CA ARG F 40 20.93 18.08 -29.80
C ARG F 40 21.95 18.24 -28.68
N ALA F 41 22.91 19.14 -28.90
CA ALA F 41 23.98 19.41 -27.95
C ALA F 41 23.60 20.61 -27.09
N SER F 42 23.33 20.37 -25.82
CA SER F 42 22.94 21.42 -24.88
C SER F 42 23.94 21.45 -23.74
N LEU F 43 24.34 22.65 -23.33
CA LEU F 43 25.26 22.81 -22.22
C LEU F 43 24.71 22.23 -20.93
N GLY F 44 23.39 22.12 -20.79
CA GLY F 44 22.81 21.62 -19.57
C GLY F 44 23.21 20.18 -19.27
N LEU F 45 23.19 19.32 -20.29
CA LEU F 45 23.51 17.92 -20.08
C LEU F 45 24.96 17.74 -19.62
N VAL F 46 25.90 18.36 -20.33
CA VAL F 46 27.30 18.24 -19.97
C VAL F 46 27.55 18.85 -18.60
N ALA F 47 26.95 20.01 -18.32
CA ALA F 47 27.13 20.64 -17.02
C ALA F 47 26.65 19.72 -15.91
N GLY F 48 25.45 19.15 -16.07
CA GLY F 48 24.92 18.26 -15.05
C GLY F 48 25.77 17.02 -14.84
N VAL F 49 26.25 16.43 -15.93
CA VAL F 49 27.00 15.18 -15.79
C VAL F 49 28.39 15.43 -15.21
N VAL F 50 29.06 16.49 -15.66
CA VAL F 50 30.36 16.82 -15.08
C VAL F 50 30.20 17.19 -13.61
N GLY F 51 29.12 17.88 -13.26
CA GLY F 51 28.86 18.17 -11.87
C GLY F 51 28.61 16.92 -11.06
N GLY F 52 27.89 15.96 -11.64
CA GLY F 52 27.71 14.68 -10.95
C GLY F 52 29.02 13.96 -10.71
N ILE F 53 29.92 13.98 -11.70
CA ILE F 53 31.22 13.33 -11.52
C ILE F 53 32.03 14.04 -10.45
N VAL F 54 32.03 15.38 -10.47
CA VAL F 54 32.75 16.14 -9.46
C VAL F 54 32.22 15.83 -8.07
N ILE F 55 30.89 15.76 -7.93
CA ILE F 55 30.29 15.47 -6.64
C ILE F 55 30.64 14.05 -6.21
N MET F 56 30.70 13.11 -7.15
CA MET F 56 31.07 11.74 -6.80
C MET F 56 32.49 11.68 -6.28
N PHE F 57 33.43 12.35 -6.96
CA PHE F 57 34.82 12.25 -6.55
C PHE F 57 35.22 13.31 -5.53
N GLY F 58 34.35 14.27 -5.25
CA GLY F 58 34.56 15.20 -4.17
C GLY F 58 33.84 14.84 -2.90
N ALA F 59 33.16 13.69 -2.86
CA ALA F 59 32.33 13.32 -1.72
C ALA F 59 33.11 13.36 -0.41
N SER F 60 34.37 12.91 -0.43
CA SER F 60 35.16 12.89 0.79
C SER F 60 35.37 14.30 1.34
N PHE F 61 35.93 15.20 0.52
CA PHE F 61 36.21 16.55 0.98
C PHE F 61 34.93 17.34 1.21
N LEU F 62 33.91 17.12 0.38
CA LEU F 62 32.62 17.76 0.61
C LEU F 62 32.04 17.37 1.96
N GLY F 63 32.15 16.09 2.31
CA GLY F 63 31.68 15.66 3.62
C GLY F 63 32.53 16.23 4.76
N LYS F 64 33.84 16.31 4.54
CA LYS F 64 34.72 16.86 5.58
C LYS F 64 34.41 18.33 5.84
N THR F 65 34.12 19.09 4.78
CA THR F 65 33.93 20.53 4.94
C THR F 65 32.50 20.87 5.35
N LEU F 66 31.50 20.14 4.84
CA LEU F 66 30.12 20.45 5.15
C LEU F 66 29.78 20.20 6.61
N THR F 67 30.55 19.34 7.29
CA THR F 67 30.27 18.98 8.67
C THR F 67 31.21 19.69 9.64
N GLY F 68 31.92 20.71 9.17
CA GLY F 68 32.85 21.43 10.02
C GLY F 68 34.01 20.60 10.54
N GLY F 69 34.25 19.44 9.95
CA GLY F 69 35.33 18.57 10.39
C GLY F 69 34.87 17.15 10.67
N GLY G 1 31.82 -18.66 -10.76
CA GLY G 1 32.41 -18.02 -9.61
C GLY G 1 32.28 -16.52 -9.64
N GLY G 2 31.82 -15.98 -10.76
CA GLY G 2 31.63 -14.55 -10.92
C GLY G 2 32.94 -13.82 -11.11
N THR G 3 32.83 -12.60 -11.62
CA THR G 3 33.97 -11.74 -11.90
C THR G 3 33.76 -10.40 -11.22
N ASP G 4 34.87 -9.78 -10.81
CA ASP G 4 34.80 -8.50 -10.12
C ASP G 4 34.37 -7.40 -11.11
N PRO G 5 33.56 -6.44 -10.65
CA PRO G 5 33.08 -5.40 -11.59
C PRO G 5 34.18 -4.59 -12.24
N ALA G 6 35.38 -4.55 -11.65
CA ALA G 6 36.48 -3.83 -12.25
C ALA G 6 36.85 -4.39 -13.62
N THR G 7 36.50 -5.64 -13.90
CA THR G 7 36.69 -6.21 -15.22
C THR G 7 35.45 -6.15 -16.09
N MET G 8 34.25 -6.25 -15.51
CA MET G 8 33.04 -6.20 -16.31
C MET G 8 32.81 -4.81 -16.88
N VAL G 9 32.97 -3.77 -16.06
CA VAL G 9 32.80 -2.41 -16.55
C VAL G 9 33.87 -2.09 -17.60
N ASN G 10 35.09 -2.61 -17.39
CA ASN G 10 36.14 -2.41 -18.38
C ASN G 10 35.80 -3.12 -19.69
N ASN G 11 35.20 -4.30 -19.62
CA ASN G 11 34.73 -4.99 -20.83
C ASN G 11 33.67 -4.16 -21.54
N ILE G 12 32.74 -3.57 -20.77
CA ILE G 12 31.71 -2.72 -21.36
C ILE G 12 32.37 -1.55 -22.10
N CYS G 13 33.34 -0.90 -21.45
CA CYS G 13 34.01 0.23 -22.08
C CYS G 13 34.76 -0.18 -23.34
N THR G 14 35.45 -1.32 -23.29
CA THR G 14 36.20 -1.80 -24.44
C THR G 14 35.27 -2.12 -25.61
N PHE G 15 34.12 -2.74 -25.31
CA PHE G 15 33.16 -3.02 -26.37
C PHE G 15 32.61 -1.74 -26.98
N ILE G 16 32.16 -0.82 -26.12
CA ILE G 16 31.54 0.41 -26.60
C ILE G 16 32.54 1.36 -27.26
N LEU G 17 33.83 1.15 -27.08
CA LEU G 17 34.85 1.99 -27.69
C LEU G 17 35.70 1.27 -28.72
N GLY G 18 35.39 0.01 -29.02
CA GLY G 18 36.16 -0.75 -29.98
C GLY G 18 35.62 -0.58 -31.39
N PRO G 19 35.25 -1.70 -32.02
CA PRO G 19 34.73 -1.62 -33.39
C PRO G 19 33.29 -1.13 -33.46
N PHE G 20 32.58 -1.10 -32.34
CA PHE G 20 31.18 -0.66 -32.34
C PHE G 20 31.09 0.86 -32.45
N GLY G 21 31.87 1.58 -31.64
CA GLY G 21 31.85 3.03 -31.67
C GLY G 21 32.25 3.61 -33.01
N GLN G 22 33.11 2.91 -33.75
CA GLN G 22 33.48 3.36 -35.08
C GLN G 22 32.26 3.45 -35.99
N SER G 23 31.51 2.36 -36.09
CA SER G 23 30.32 2.35 -36.93
C SER G 23 29.23 3.27 -36.36
N LEU G 24 29.18 3.44 -35.05
CA LEU G 24 28.23 4.40 -34.48
C LEU G 24 28.56 5.82 -34.91
N ALA G 25 29.84 6.20 -34.90
CA ALA G 25 30.23 7.51 -35.39
C ALA G 25 29.96 7.64 -36.89
N VAL G 26 30.17 6.56 -37.64
CA VAL G 26 29.84 6.57 -39.06
C VAL G 26 28.35 6.86 -39.26
N LEU G 27 27.50 6.23 -38.45
CA LEU G 27 26.08 6.50 -38.53
C LEU G 27 25.76 7.93 -38.16
N GLY G 28 26.46 8.49 -37.17
CA GLY G 28 26.26 9.89 -36.83
C GLY G 28 26.60 10.82 -37.98
N ILE G 29 27.68 10.53 -38.69
CA ILE G 29 28.07 11.36 -39.84
C ILE G 29 27.06 11.21 -40.96
N VAL G 30 26.59 9.99 -41.22
CA VAL G 30 25.52 9.78 -42.19
C VAL G 30 24.29 10.59 -41.81
N ALA G 31 24.00 10.65 -40.50
CA ALA G 31 22.84 11.40 -40.03
C ALA G 31 22.99 12.89 -40.30
N ILE G 32 24.17 13.45 -40.03
CA ILE G 32 24.32 14.88 -40.28
C ILE G 32 24.31 15.18 -41.77
N GLY G 33 24.83 14.26 -42.60
CA GLY G 33 24.73 14.44 -44.03
C GLY G 33 23.30 14.46 -44.52
N ILE G 34 22.50 13.51 -44.04
CA ILE G 34 21.09 13.45 -44.44
C ILE G 34 20.36 14.69 -43.95
N SER G 35 20.69 15.17 -42.74
CA SER G 35 20.03 16.35 -42.21
C SER G 35 20.42 17.60 -42.99
N TRP G 36 21.63 17.63 -43.57
CA TRP G 36 21.97 18.74 -44.45
C TRP G 36 21.30 18.62 -45.81
N MET G 37 21.06 17.41 -46.29
CA MET G 37 20.47 17.24 -47.61
C MET G 37 19.07 17.82 -47.67
N PHE G 38 18.18 17.35 -46.81
CA PHE G 38 16.79 17.82 -46.78
C PHE G 38 16.64 18.81 -45.62
N GLY G 39 16.94 20.05 -45.90
CA GLY G 39 16.76 21.10 -44.92
C GLY G 39 17.82 22.17 -45.08
N ARG G 40 18.22 22.74 -43.95
CA ARG G 40 19.17 23.85 -43.91
C ARG G 40 20.47 23.41 -43.26
N ALA G 41 21.59 23.95 -43.75
CA ALA G 41 22.91 23.61 -43.26
C ALA G 41 23.35 24.65 -42.24
N SER G 42 23.42 24.25 -40.97
CA SER G 42 23.80 25.14 -39.88
C SER G 42 25.04 24.59 -39.21
N LEU G 43 26.00 25.46 -38.89
CA LEU G 43 27.21 25.04 -38.20
C LEU G 43 26.92 24.43 -36.84
N GLY G 44 25.78 24.75 -36.24
CA GLY G 44 25.48 24.23 -34.92
C GLY G 44 25.34 22.71 -34.90
N LEU G 45 24.66 22.15 -35.90
CA LEU G 45 24.44 20.71 -35.94
C LEU G 45 25.75 19.96 -36.07
N VAL G 46 26.59 20.35 -37.04
CA VAL G 46 27.86 19.68 -37.24
C VAL G 46 28.77 19.86 -36.04
N ALA G 47 28.80 21.07 -35.47
CA ALA G 47 29.62 21.30 -34.28
C ALA G 47 29.18 20.38 -33.14
N GLY G 48 27.88 20.31 -32.89
CA GLY G 48 27.40 19.46 -31.81
C GLY G 48 27.70 18.00 -32.03
N VAL G 49 27.52 17.51 -33.26
CA VAL G 49 27.72 16.08 -33.51
C VAL G 49 29.19 15.72 -33.47
N VAL G 50 30.05 16.54 -34.07
CA VAL G 50 31.49 16.28 -34.01
C VAL G 50 31.97 16.36 -32.56
N GLY G 51 31.42 17.29 -31.78
CA GLY G 51 31.77 17.33 -30.37
C GLY G 51 31.31 16.10 -29.62
N GLY G 52 30.13 15.59 -29.95
CA GLY G 52 29.68 14.34 -29.36
C GLY G 52 30.59 13.18 -29.68
N ILE G 53 31.06 13.11 -30.93
CA ILE G 53 31.97 12.03 -31.32
C ILE G 53 33.29 12.17 -30.57
N VAL G 54 33.82 13.39 -30.49
CA VAL G 54 35.07 13.62 -29.78
C VAL G 54 34.93 13.22 -28.31
N ILE G 55 33.81 13.59 -27.69
CA ILE G 55 33.59 13.24 -26.29
C ILE G 55 33.46 11.74 -26.13
N MET G 56 32.84 11.05 -27.10
CA MET G 56 32.72 9.61 -27.02
C MET G 56 34.09 8.94 -27.08
N PHE G 57 34.94 9.38 -28.01
CA PHE G 57 36.23 8.72 -28.17
C PHE G 57 37.32 9.34 -27.30
N GLY G 58 37.05 10.46 -26.64
CA GLY G 58 37.95 11.00 -25.65
C GLY G 58 37.59 10.64 -24.23
N ALA G 59 36.55 9.82 -24.03
CA ALA G 59 36.06 9.52 -22.68
C ALA G 59 37.17 9.00 -21.77
N SER G 60 38.07 8.17 -22.30
CA SER G 60 39.14 7.61 -21.48
C SER G 60 40.04 8.71 -20.95
N PHE G 61 40.62 9.52 -21.85
CA PHE G 61 41.55 10.55 -21.42
C PHE G 61 40.84 11.67 -20.67
N LEU G 62 39.60 11.99 -21.07
CA LEU G 62 38.84 12.98 -20.32
C LEU G 62 38.61 12.52 -18.89
N GLY G 63 38.31 11.24 -18.69
CA GLY G 63 38.16 10.73 -17.33
C GLY G 63 39.46 10.71 -16.57
N LYS G 64 40.56 10.38 -17.25
CA LYS G 64 41.86 10.36 -16.59
C LYS G 64 42.27 11.76 -16.13
N THR G 65 41.99 12.78 -16.94
CA THR G 65 42.44 14.12 -16.61
C THR G 65 41.49 14.84 -15.66
N LEU G 66 40.18 14.63 -15.81
CA LEU G 66 39.21 15.32 -14.98
C LEU G 66 39.28 14.89 -13.52
N THR G 67 39.82 13.69 -13.25
CA THR G 67 39.88 13.15 -11.91
C THR G 67 41.28 13.27 -11.31
N GLY G 68 42.15 14.06 -11.93
CA GLY G 68 43.50 14.22 -11.44
C GLY G 68 44.34 12.95 -11.47
N GLY G 69 43.90 11.93 -12.19
CA GLY G 69 44.61 10.67 -12.25
C GLY G 69 43.73 9.47 -11.93
N GLY H 1 19.41 -17.32 -32.71
CA GLY H 1 20.55 -17.19 -31.82
C GLY H 1 21.06 -15.76 -31.71
N GLY H 2 20.53 -14.88 -32.54
CA GLY H 2 20.92 -13.49 -32.54
C GLY H 2 22.29 -13.27 -33.17
N THR H 3 22.53 -12.01 -33.53
CA THR H 3 23.79 -11.61 -34.16
C THR H 3 24.39 -10.46 -33.38
N ASP H 4 25.72 -10.39 -33.37
CA ASP H 4 26.41 -9.34 -32.64
C ASP H 4 26.20 -7.99 -33.33
N PRO H 5 26.05 -6.90 -32.56
CA PRO H 5 25.78 -5.59 -33.18
C PRO H 5 26.86 -5.13 -34.15
N ALA H 6 28.08 -5.66 -34.04
CA ALA H 6 29.13 -5.30 -34.98
C ALA H 6 28.78 -5.66 -36.42
N THR H 7 27.86 -6.60 -36.62
CA THR H 7 27.37 -6.93 -37.94
C THR H 7 26.06 -6.23 -38.29
N MET H 8 25.19 -6.00 -37.30
CA MET H 8 23.92 -5.34 -37.59
C MET H 8 24.13 -3.87 -37.95
N VAL H 9 24.96 -3.17 -37.19
CA VAL H 9 25.24 -1.77 -37.51
C VAL H 9 25.94 -1.67 -38.86
N ASN H 10 26.82 -2.63 -39.15
CA ASN H 10 27.48 -2.64 -40.45
C ASN H 10 26.49 -2.88 -41.58
N ASN H 11 25.49 -3.75 -41.35
CA ASN H 11 24.44 -3.94 -42.34
C ASN H 11 23.65 -2.66 -42.55
N ILE H 12 23.36 -1.94 -41.46
CA ILE H 12 22.66 -0.66 -41.57
C ILE H 12 23.46 0.30 -42.44
N CYS H 13 24.76 0.40 -42.17
CA CYS H 13 25.62 1.31 -42.93
C CYS H 13 25.68 0.91 -44.41
N THR H 14 25.81 -0.39 -44.67
CA THR H 14 25.88 -0.86 -46.05
C THR H 14 24.59 -0.57 -46.80
N PHE H 15 23.44 -0.76 -46.14
CA PHE H 15 22.17 -0.45 -46.77
C PHE H 15 22.05 1.04 -47.05
N ILE H 16 22.33 1.87 -46.05
CA ILE H 16 22.16 3.31 -46.20
C ILE H 16 23.20 3.94 -47.12
N LEU H 17 24.27 3.22 -47.45
CA LEU H 17 25.29 3.74 -48.34
C LEU H 17 25.38 2.97 -49.65
N GLY H 18 24.49 2.01 -49.89
CA GLY H 18 24.53 1.24 -51.10
C GLY H 18 23.70 1.88 -52.20
N PRO H 19 22.72 1.12 -52.72
CA PRO H 19 21.87 1.67 -53.78
C PRO H 19 20.83 2.66 -53.28
N PHE H 20 20.59 2.73 -51.97
CA PHE H 20 19.59 3.65 -51.44
C PHE H 20 20.11 5.08 -51.41
N GLY H 21 21.33 5.27 -50.91
CA GLY H 21 21.91 6.59 -50.85
C GLY H 21 22.07 7.25 -52.21
N GLN H 22 22.27 6.44 -53.26
CA GLN H 22 22.36 7.00 -54.60
C GLN H 22 21.07 7.72 -54.98
N SER H 23 19.94 7.02 -54.87
CA SER H 23 18.66 7.63 -55.19
C SER H 23 18.30 8.75 -54.21
N LEU H 24 18.75 8.65 -52.96
CA LEU H 24 18.52 9.75 -52.03
C LEU H 24 19.25 11.01 -52.47
N ALA H 25 20.51 10.87 -52.92
CA ALA H 25 21.24 12.03 -53.45
C ALA H 25 20.59 12.55 -54.72
N VAL H 26 20.07 11.64 -55.55
CA VAL H 26 19.35 12.07 -56.76
C VAL H 26 18.14 12.92 -56.37
N LEU H 27 17.41 12.50 -55.33
CA LEU H 27 16.28 13.29 -54.86
C LEU H 27 16.73 14.63 -54.31
N GLY H 28 17.88 14.67 -53.63
CA GLY H 28 18.40 15.95 -53.17
C GLY H 28 18.72 16.89 -54.30
N ILE H 29 19.29 16.37 -55.38
CA ILE H 29 19.60 17.22 -56.54
C ILE H 29 18.32 17.69 -57.22
N VAL H 30 17.33 16.80 -57.34
CA VAL H 30 16.03 17.21 -57.86
C VAL H 30 15.45 18.32 -56.99
N ALA H 31 15.63 18.23 -55.67
CA ALA H 31 15.11 19.24 -54.77
C ALA H 31 15.77 20.58 -54.99
N ILE H 32 17.10 20.60 -55.14
CA ILE H 32 17.76 21.89 -55.35
C ILE H 32 17.39 22.46 -56.72
N GLY H 33 17.19 21.61 -57.72
CA GLY H 33 16.74 22.10 -59.01
C GLY H 33 15.37 22.75 -58.91
N ILE H 34 14.43 22.08 -58.24
CA ILE H 34 13.09 22.64 -58.08
C ILE H 34 13.14 23.93 -57.27
N SER H 35 14.00 23.99 -56.26
CA SER H 35 14.11 25.21 -55.46
C SER H 35 14.71 26.35 -56.25
N TRP H 36 15.58 26.06 -57.23
CA TRP H 36 16.04 27.11 -58.13
C TRP H 36 15.00 27.53 -59.15
N MET H 37 14.14 26.61 -59.56
CA MET H 37 13.14 26.95 -60.58
C MET H 37 12.18 28.02 -60.08
N PHE H 38 11.49 27.74 -58.97
CA PHE H 38 10.52 28.67 -58.40
C PHE H 38 11.16 29.39 -57.22
N GLY H 39 11.85 30.47 -57.52
CA GLY H 39 12.46 31.26 -56.48
C GLY H 39 13.75 31.88 -56.97
N ARG H 40 14.70 32.02 -56.04
CA ARG H 40 15.98 32.66 -56.29
C ARG H 40 17.12 31.65 -56.20
N ALA H 41 18.13 31.83 -57.04
CA ALA H 41 19.27 30.92 -57.10
C ALA H 41 20.40 31.51 -56.26
N SER H 42 20.70 30.86 -55.13
CA SER H 42 21.74 31.29 -54.22
C SER H 42 22.78 30.19 -54.08
N LEU H 43 24.06 30.57 -54.09
CA LEU H 43 25.13 29.60 -53.93
C LEU H 43 25.05 28.86 -52.61
N GLY H 44 24.41 29.47 -51.59
CA GLY H 44 24.35 28.82 -50.29
C GLY H 44 23.61 27.50 -50.31
N LEU H 45 22.48 27.46 -51.02
CA LEU H 45 21.67 26.25 -51.05
C LEU H 45 22.43 25.10 -51.70
N VAL H 46 23.01 25.34 -52.88
CA VAL H 46 23.74 24.30 -53.59
C VAL H 46 24.97 23.89 -52.79
N ALA H 47 25.68 24.85 -52.21
CA ALA H 47 26.84 24.52 -51.41
C ALA H 47 26.46 23.61 -50.25
N GLY H 48 25.40 23.97 -49.53
CA GLY H 48 24.97 23.17 -48.40
C GLY H 48 24.54 21.77 -48.80
N VAL H 49 23.80 21.65 -49.89
CA VAL H 49 23.29 20.34 -50.29
C VAL H 49 24.40 19.45 -50.82
N VAL H 50 25.30 20.00 -51.65
CA VAL H 50 26.42 19.21 -52.13
C VAL H 50 27.32 18.81 -50.98
N GLY H 51 27.49 19.70 -49.99
CA GLY H 51 28.26 19.32 -48.81
C GLY H 51 27.59 18.22 -48.02
N GLY H 52 26.26 18.27 -47.92
CA GLY H 52 25.55 17.18 -47.27
C GLY H 52 25.73 15.86 -47.98
N ILE H 53 25.70 15.87 -49.30
CA ILE H 53 25.90 14.64 -50.05
C ILE H 53 27.32 14.12 -49.86
N VAL H 54 28.31 15.02 -49.92
CA VAL H 54 29.70 14.61 -49.70
C VAL H 54 29.88 14.01 -48.32
N ILE H 55 29.27 14.63 -47.30
CA ILE H 55 29.39 14.11 -45.95
C ILE H 55 28.69 12.76 -45.83
N MET H 56 27.57 12.58 -46.53
CA MET H 56 26.89 11.29 -46.50
C MET H 56 27.76 10.19 -47.11
N PHE H 57 28.37 10.46 -48.26
CA PHE H 57 29.15 9.42 -48.92
C PHE H 57 30.60 9.39 -48.49
N GLY H 58 31.04 10.38 -47.72
CA GLY H 58 32.35 10.33 -47.11
C GLY H 58 32.35 9.85 -45.67
N ALA H 59 31.19 9.45 -45.15
CA ALA H 59 31.07 9.08 -43.74
C ALA H 59 32.08 8.02 -43.34
N SER H 60 32.32 7.04 -44.20
CA SER H 60 33.27 5.97 -43.87
C SER H 60 34.67 6.52 -43.66
N PHE H 61 35.20 7.22 -44.66
CA PHE H 61 36.57 7.72 -44.55
C PHE H 61 36.66 8.85 -43.53
N LEU H 62 35.62 9.68 -43.42
CA LEU H 62 35.62 10.71 -42.38
C LEU H 62 35.70 10.08 -40.99
N GLY H 63 34.96 8.99 -40.78
CA GLY H 63 35.05 8.31 -39.49
C GLY H 63 36.40 7.66 -39.27
N LYS H 64 36.97 7.08 -40.33
CA LYS H 64 38.29 6.45 -40.20
C LYS H 64 39.36 7.47 -39.85
N THR H 65 39.29 8.67 -40.44
CA THR H 65 40.35 9.65 -40.22
C THR H 65 40.14 10.45 -38.94
N LEU H 66 38.89 10.78 -38.62
CA LEU H 66 38.61 11.60 -37.44
C LEU H 66 38.96 10.88 -36.15
N THR H 67 39.00 9.54 -36.16
CA THR H 67 39.25 8.76 -34.95
C THR H 67 40.68 8.22 -34.93
N GLY H 68 41.56 8.75 -35.78
CA GLY H 68 42.93 8.29 -35.83
C GLY H 68 43.09 6.84 -36.23
N GLY H 69 42.06 6.23 -36.79
CA GLY H 69 42.13 4.83 -37.19
C GLY H 69 40.98 4.00 -36.63
N GLY I 1 -19.57 -22.23 81.76
CA GLY I 1 -21.02 -22.23 81.61
C GLY I 1 -21.47 -22.16 80.16
N GLY I 2 -20.52 -21.94 79.26
CA GLY I 2 -20.82 -21.85 77.85
C GLY I 2 -21.48 -20.54 77.47
N THR I 3 -21.43 -20.24 76.17
CA THR I 3 -22.02 -19.03 75.62
C THR I 3 -22.97 -19.39 74.49
N ASP I 4 -24.00 -18.57 74.32
CA ASP I 4 -24.99 -18.83 73.28
C ASP I 4 -24.38 -18.58 71.90
N PRO I 5 -24.74 -19.39 70.90
CA PRO I 5 -24.14 -19.23 69.57
C PRO I 5 -24.35 -17.85 68.96
N ALA I 6 -25.37 -17.12 69.39
CA ALA I 6 -25.61 -15.78 68.86
C ALA I 6 -24.44 -14.84 69.13
N THR I 7 -23.61 -15.15 70.13
CA THR I 7 -22.41 -14.39 70.39
C THR I 7 -21.17 -15.02 69.76
N MET I 8 -21.09 -16.35 69.69
CA MET I 8 -19.92 -16.98 69.11
C MET I 8 -19.84 -16.74 67.61
N VAL I 9 -20.96 -16.89 66.90
CA VAL I 9 -20.95 -16.63 65.46
C VAL I 9 -20.67 -15.15 65.20
N ASN I 10 -21.17 -14.27 66.07
CA ASN I 10 -20.88 -12.85 65.92
C ASN I 10 -19.41 -12.57 66.14
N ASN I 11 -18.79 -13.26 67.10
CA ASN I 11 -17.35 -13.13 67.29
C ASN I 11 -16.59 -13.60 66.06
N ILE I 12 -17.02 -14.70 65.46
CA ILE I 12 -16.39 -15.19 64.24
C ILE I 12 -16.47 -14.14 63.14
N CYS I 13 -17.65 -13.55 62.96
CA CYS I 13 -17.84 -12.53 61.93
C CYS I 13 -16.97 -11.30 62.21
N THR I 14 -16.91 -10.87 63.47
CA THR I 14 -16.11 -9.70 63.82
C THR I 14 -14.63 -9.95 63.58
N PHE I 15 -14.15 -11.15 63.90
CA PHE I 15 -12.76 -11.48 63.64
C PHE I 15 -12.47 -11.51 62.15
N ILE I 16 -13.31 -12.20 61.38
CA ILE I 16 -13.07 -12.36 59.95
C ILE I 16 -13.30 -11.07 59.17
N LEU I 17 -13.94 -10.07 59.77
CA LEU I 17 -14.17 -8.80 59.11
C LEU I 17 -13.43 -7.64 59.76
N GLY I 18 -12.61 -7.90 60.76
CA GLY I 18 -11.88 -6.85 61.43
C GLY I 18 -10.54 -6.58 60.78
N PRO I 19 -9.46 -6.70 61.55
CA PRO I 19 -8.13 -6.47 60.98
C PRO I 19 -7.61 -7.61 60.12
N PHE I 20 -8.24 -8.78 60.18
CA PHE I 20 -7.79 -9.92 59.40
C PHE I 20 -8.20 -9.78 57.93
N GLY I 21 -9.46 -9.43 57.69
CA GLY I 21 -9.94 -9.26 56.33
C GLY I 21 -9.21 -8.18 55.56
N GLN I 22 -8.72 -7.16 56.25
CA GLN I 22 -7.94 -6.12 55.60
C GLN I 22 -6.70 -6.71 54.94
N SER I 23 -5.88 -7.41 55.74
CA SER I 23 -4.67 -8.03 55.21
C SER I 23 -5.00 -9.13 54.20
N LEU I 24 -6.13 -9.82 54.36
CA LEU I 24 -6.53 -10.81 53.36
C LEU I 24 -6.81 -10.15 52.02
N ALA I 25 -7.50 -9.01 52.02
CA ALA I 25 -7.73 -8.27 50.78
C ALA I 25 -6.43 -7.74 50.21
N VAL I 26 -5.51 -7.31 51.08
CA VAL I 26 -4.20 -6.88 50.61
C VAL I 26 -3.48 -8.02 49.89
N LEU I 27 -3.57 -9.23 50.45
CA LEU I 27 -2.97 -10.39 49.80
C LEU I 27 -3.65 -10.69 48.46
N GLY I 28 -4.97 -10.51 48.39
CA GLY I 28 -5.66 -10.69 47.13
C GLY I 28 -5.18 -9.72 46.06
N ILE I 29 -4.95 -8.46 46.45
CA ILE I 29 -4.47 -7.47 45.50
C ILE I 29 -3.04 -7.79 45.07
N VAL I 30 -2.20 -8.20 46.02
CA VAL I 30 -0.86 -8.66 45.67
C VAL I 30 -0.94 -9.81 44.68
N ALA I 31 -1.90 -10.71 44.87
CA ALA I 31 -2.05 -11.85 43.99
C ALA I 31 -2.42 -11.42 42.58
N ILE I 32 -3.36 -10.49 42.44
CA ILE I 32 -3.72 -10.06 41.09
C ILE I 32 -2.58 -9.29 40.44
N GLY I 33 -1.81 -8.54 41.23
CA GLY I 33 -0.64 -7.88 40.67
C GLY I 33 0.38 -8.87 40.13
N ILE I 34 0.68 -9.90 40.93
CA ILE I 34 1.63 -10.91 40.49
C ILE I 34 1.10 -11.66 39.27
N SER I 35 -0.21 -11.92 39.22
CA SER I 35 -0.77 -12.60 38.07
C SER I 35 -0.74 -11.74 36.82
N TRP I 36 -0.80 -10.42 36.97
CA TRP I 36 -0.61 -9.55 35.82
C TRP I 36 0.86 -9.45 35.40
N MET I 37 1.79 -9.57 36.34
CA MET I 37 3.19 -9.42 36.01
C MET I 37 3.65 -10.53 35.06
N PHE I 38 3.49 -11.79 35.48
CA PHE I 38 3.90 -12.94 34.68
C PHE I 38 2.67 -13.53 34.01
N GLY I 39 2.33 -12.99 32.86
CA GLY I 39 1.21 -13.51 32.10
C GLY I 39 0.51 -12.39 31.34
N ARG I 40 -0.81 -12.55 31.20
CA ARG I 40 -1.64 -11.63 30.45
C ARG I 40 -2.59 -10.90 31.38
N ALA I 41 -2.86 -9.63 31.06
CA ALA I 41 -3.72 -8.77 31.86
C ALA I 41 -5.12 -8.80 31.26
N SER I 42 -6.06 -9.41 31.98
CA SER I 42 -7.44 -9.52 31.53
C SER I 42 -8.36 -8.87 32.56
N LEU I 43 -9.33 -8.10 32.08
CA LEU I 43 -10.29 -7.45 32.97
C LEU I 43 -11.07 -8.45 33.82
N GLY I 44 -11.19 -9.70 33.35
CA GLY I 44 -11.96 -10.67 34.09
C GLY I 44 -11.38 -10.97 35.46
N LEU I 45 -10.06 -11.13 35.54
CA LEU I 45 -9.43 -11.45 36.81
C LEU I 45 -9.63 -10.35 37.84
N VAL I 46 -9.33 -9.11 37.45
CA VAL I 46 -9.47 -7.99 38.37
C VAL I 46 -10.93 -7.79 38.76
N ALA I 47 -11.85 -7.92 37.79
CA ALA I 47 -13.26 -7.78 38.09
C ALA I 47 -13.69 -8.82 39.11
N GLY I 48 -13.31 -10.09 38.90
CA GLY I 48 -13.69 -11.13 39.83
C GLY I 48 -13.12 -10.93 41.22
N VAL I 49 -11.86 -10.51 41.30
CA VAL I 49 -11.23 -10.39 42.61
C VAL I 49 -11.77 -9.18 43.37
N VAL I 50 -11.94 -8.05 42.68
CA VAL I 50 -12.53 -6.89 43.34
C VAL I 50 -13.96 -7.19 43.76
N GLY I 51 -14.70 -7.95 42.95
CA GLY I 51 -16.04 -8.33 43.35
C GLY I 51 -16.03 -9.25 44.56
N GLY I 52 -15.05 -10.15 44.63
CA GLY I 52 -14.91 -10.99 45.81
C GLY I 52 -14.63 -10.17 47.06
N ILE I 53 -13.77 -9.16 46.94
CA ILE I 53 -13.47 -8.31 48.10
C ILE I 53 -14.71 -7.52 48.51
N VAL I 54 -15.43 -6.97 47.54
CA VAL I 54 -16.66 -6.22 47.85
C VAL I 54 -17.67 -7.13 48.55
N ILE I 55 -17.82 -8.36 48.06
CA ILE I 55 -18.76 -9.28 48.68
C ILE I 55 -18.30 -9.65 50.08
N MET I 56 -16.99 -9.78 50.30
CA MET I 56 -16.49 -10.09 51.63
C MET I 56 -16.81 -8.96 52.61
N PHE I 57 -16.56 -7.71 52.19
CA PHE I 57 -16.76 -6.59 53.11
C PHE I 57 -18.17 -6.03 53.06
N GLY I 58 -18.99 -6.46 52.11
CA GLY I 58 -20.39 -6.13 52.11
C GLY I 58 -21.29 -7.18 52.70
N ALA I 59 -20.71 -8.26 53.24
CA ALA I 59 -21.51 -9.39 53.72
C ALA I 59 -22.56 -8.95 54.73
N SER I 60 -22.21 -8.03 55.62
CA SER I 60 -23.17 -7.58 56.63
C SER I 60 -24.39 -6.94 55.99
N PHE I 61 -24.18 -5.91 55.17
CA PHE I 61 -25.31 -5.20 54.57
C PHE I 61 -26.02 -6.06 53.53
N LEU I 62 -25.26 -6.88 52.79
CA LEU I 62 -25.89 -7.81 51.86
C LEU I 62 -26.82 -8.77 52.59
N GLY I 63 -26.40 -9.27 53.75
CA GLY I 63 -27.28 -10.13 54.52
C GLY I 63 -28.47 -9.40 55.09
N LYS I 64 -28.27 -8.14 55.52
CA LYS I 64 -29.38 -7.37 56.06
C LYS I 64 -30.43 -7.09 54.99
N THR I 65 -29.99 -6.81 53.76
CA THR I 65 -30.95 -6.42 52.72
C THR I 65 -31.56 -7.64 52.04
N LEU I 66 -30.80 -8.72 51.84
CA LEU I 66 -31.30 -9.89 51.14
C LEU I 66 -32.39 -10.60 51.93
N THR I 67 -32.43 -10.42 53.25
CA THR I 67 -33.38 -11.09 54.11
C THR I 67 -34.53 -10.18 54.54
N GLY I 68 -34.66 -9.03 53.88
CA GLY I 68 -35.72 -8.09 54.22
C GLY I 68 -35.61 -7.51 55.62
N GLY I 69 -34.46 -7.65 56.27
CA GLY I 69 -34.27 -7.14 57.61
C GLY I 69 -33.74 -8.20 58.56
N GLY J 1 3.39 -21.42 71.64
CA GLY J 1 2.11 -20.88 72.05
C GLY J 1 1.29 -20.34 70.89
N GLY J 2 1.91 -20.29 69.72
CA GLY J 2 1.24 -19.81 68.52
C GLY J 2 1.09 -18.30 68.51
N THR J 3 0.86 -17.78 67.31
CA THR J 3 0.69 -16.35 67.09
C THR J 3 -0.64 -16.09 66.37
N ASP J 4 -1.23 -14.94 66.65
CA ASP J 4 -2.50 -14.60 66.05
C ASP J 4 -2.32 -14.30 64.56
N PRO J 5 -3.28 -14.70 63.71
CA PRO J 5 -3.12 -14.49 62.27
C PRO J 5 -2.93 -13.04 61.87
N ALA J 6 -3.37 -12.09 62.69
CA ALA J 6 -3.18 -10.68 62.38
C ALA J 6 -1.71 -10.31 62.26
N THR J 7 -0.81 -11.10 62.85
CA THR J 7 0.63 -10.91 62.69
C THR J 7 1.22 -11.79 61.61
N MET J 8 0.71 -13.01 61.42
CA MET J 8 1.27 -13.89 60.41
C MET J 8 0.96 -13.37 59.00
N VAL J 9 -0.28 -12.97 58.76
CA VAL J 9 -0.62 -12.43 57.44
C VAL J 9 0.15 -11.14 57.19
N ASN J 10 0.35 -10.34 58.23
CA ASN J 10 1.14 -9.11 58.08
C ASN J 10 2.60 -9.45 57.75
N ASN J 11 3.14 -10.50 58.36
CA ASN J 11 4.48 -10.94 58.01
C ASN J 11 4.56 -11.38 56.56
N ILE J 12 3.53 -12.11 56.09
CA ILE J 12 3.48 -12.52 54.70
C ILE J 12 3.50 -11.30 53.79
N CYS J 13 2.68 -10.30 54.10
CA CYS J 13 2.63 -9.10 53.27
C CYS J 13 3.96 -8.35 53.29
N THR J 14 4.59 -8.24 54.46
CA THR J 14 5.86 -7.54 54.56
C THR J 14 6.94 -8.26 53.77
N PHE J 15 6.96 -9.59 53.82
CA PHE J 15 7.93 -10.34 53.03
C PHE J 15 7.69 -10.16 51.54
N ILE J 16 6.45 -10.33 51.10
CA ILE J 16 6.14 -10.25 49.67
C ILE J 16 6.23 -8.84 49.12
N LEU J 17 6.28 -7.83 49.98
CA LEU J 17 6.40 -6.44 49.54
C LEU J 17 7.72 -5.80 49.93
N GLY J 18 8.63 -6.54 50.54
CA GLY J 18 9.90 -5.99 50.95
C GLY J 18 10.95 -6.10 49.87
N PRO J 19 12.06 -6.76 50.17
CA PRO J 19 13.13 -6.91 49.17
C PRO J 19 12.81 -7.96 48.10
N PHE J 20 11.81 -8.80 48.32
CA PHE J 20 11.48 -9.84 47.35
C PHE J 20 10.73 -9.26 46.16
N GLY J 21 9.72 -8.43 46.43
CA GLY J 21 8.95 -7.82 45.36
C GLY J 21 9.78 -6.94 44.44
N GLN J 22 10.84 -6.34 44.96
CA GLN J 22 11.72 -5.54 44.13
C GLN J 22 12.34 -6.39 43.02
N SER J 23 12.98 -7.49 43.41
CA SER J 23 13.60 -8.37 42.43
C SER J 23 12.55 -9.05 41.55
N LEU J 24 11.35 -9.29 42.08
CA LEU J 24 10.30 -9.84 41.23
C LEU J 24 9.90 -8.86 40.14
N ALA J 25 9.77 -7.57 40.48
CA ALA J 25 9.49 -6.56 39.46
C ALA J 25 10.64 -6.43 38.48
N VAL J 26 11.88 -6.56 38.96
CA VAL J 26 13.04 -6.54 38.07
C VAL J 26 12.95 -7.69 37.07
N LEU J 27 12.55 -8.87 37.54
CA LEU J 27 12.37 -10.01 36.63
C LEU J 27 11.25 -9.75 35.64
N GLY J 28 10.18 -9.10 36.08
CA GLY J 28 9.11 -8.75 35.15
C GLY J 28 9.59 -7.81 34.04
N ILE J 29 10.42 -6.83 34.40
CA ILE J 29 10.94 -5.91 33.40
C ILE J 29 11.90 -6.63 32.45
N VAL J 30 12.74 -7.51 32.99
CA VAL J 30 13.59 -8.34 32.14
C VAL J 30 12.74 -9.15 31.17
N ALA J 31 11.60 -9.65 31.66
CA ALA J 31 10.72 -10.45 30.81
C ALA J 31 10.14 -9.64 29.67
N ILE J 32 9.68 -8.41 29.96
CA ILE J 32 9.12 -7.61 28.88
C ILE J 32 10.21 -7.19 27.90
N GLY J 33 11.43 -6.95 28.39
CA GLY J 33 12.52 -6.66 27.47
C GLY J 33 12.82 -7.81 26.54
N ILE J 34 12.90 -9.02 27.10
CA ILE J 34 13.15 -10.20 26.27
C ILE J 34 12.00 -10.43 25.29
N SER J 35 10.77 -10.18 25.72
CA SER J 35 9.64 -10.36 24.82
C SER J 35 9.63 -9.32 23.70
N TRP J 36 10.17 -8.13 23.96
CA TRP J 36 10.33 -7.17 22.87
C TRP J 36 11.48 -7.53 21.94
N MET J 37 12.53 -8.16 22.46
CA MET J 37 13.69 -8.47 21.63
C MET J 37 13.31 -9.45 20.52
N PHE J 38 12.79 -10.62 20.89
CA PHE J 38 12.41 -11.65 19.91
C PHE J 38 10.91 -11.60 19.72
N GLY J 39 10.47 -10.75 18.81
CA GLY J 39 9.07 -10.65 18.50
C GLY J 39 8.69 -9.23 18.13
N ARG J 40 7.46 -8.86 18.48
CA ARG J 40 6.88 -7.57 18.15
C ARG J 40 6.68 -6.75 19.42
N ALA J 41 6.87 -5.44 19.29
CA ALA J 41 6.73 -4.51 20.41
C ALA J 41 5.34 -3.90 20.38
N SER J 42 4.51 -4.27 21.35
CA SER J 42 3.15 -3.77 21.45
C SER J 42 2.97 -3.06 22.79
N LEU J 43 2.29 -1.91 22.76
CA LEU J 43 2.03 -1.16 23.98
C LEU J 43 1.22 -1.96 24.99
N GLY J 44 0.45 -2.95 24.53
CA GLY J 44 -0.38 -3.72 25.44
C GLY J 44 0.43 -4.48 26.47
N LEU J 45 1.52 -5.12 26.04
CA LEU J 45 2.33 -5.92 26.95
C LEU J 45 2.94 -5.06 28.05
N VAL J 46 3.58 -3.95 27.66
CA VAL J 46 4.21 -3.07 28.64
C VAL J 46 3.16 -2.45 29.56
N ALA J 47 2.04 -2.03 28.99
CA ALA J 47 0.98 -1.45 29.81
C ALA J 47 0.50 -2.46 30.85
N GLY J 48 0.23 -3.70 30.42
CA GLY J 48 -0.24 -4.71 31.36
C GLY J 48 0.77 -5.02 32.44
N VAL J 49 2.05 -5.12 32.08
CA VAL J 49 3.06 -5.51 33.07
C VAL J 49 3.33 -4.38 34.04
N VAL J 50 3.44 -3.14 33.55
CA VAL J 50 3.61 -2.01 34.44
C VAL J 50 2.41 -1.85 35.35
N GLY J 51 1.20 -2.09 34.84
CA GLY J 51 0.03 -2.05 35.68
C GLY J 51 0.05 -3.13 36.74
N GLY J 52 0.52 -4.33 36.37
CA GLY J 52 0.67 -5.39 37.37
C GLY J 52 1.64 -5.00 38.46
N ILE J 53 2.76 -4.38 38.10
CA ILE J 53 3.73 -3.95 39.11
C ILE J 53 3.13 -2.88 40.01
N VAL J 54 2.43 -1.91 39.42
CA VAL J 54 1.79 -0.86 40.21
C VAL J 54 0.78 -1.45 41.17
N ILE J 55 -0.01 -2.42 40.70
CA ILE J 55 -1.00 -3.04 41.57
C ILE J 55 -0.32 -3.83 42.67
N MET J 56 0.81 -4.47 42.37
CA MET J 56 1.53 -5.21 43.40
C MET J 56 2.04 -4.28 44.49
N PHE J 57 2.63 -3.14 44.10
CA PHE J 57 3.21 -2.25 45.09
C PHE J 57 2.22 -1.21 45.61
N GLY J 58 1.04 -1.11 45.01
CA GLY J 58 -0.02 -0.30 45.55
C GLY J 58 -1.02 -1.05 46.36
N ALA J 59 -0.81 -2.36 46.58
CA ALA J 59 -1.81 -3.19 47.25
C ALA J 59 -2.21 -2.64 48.61
N SER J 60 -1.25 -2.09 49.36
CA SER J 60 -1.56 -1.56 50.67
C SER J 60 -2.54 -0.40 50.58
N PHE J 61 -2.19 0.63 49.81
CA PHE J 61 -3.05 1.81 49.73
C PHE J 61 -4.33 1.50 48.97
N LEU J 62 -4.26 0.63 47.95
CA LEU J 62 -5.48 0.22 47.26
C LEU J 62 -6.45 -0.47 48.22
N GLY J 63 -5.93 -1.32 49.10
CA GLY J 63 -6.78 -1.95 50.09
C GLY J 63 -7.33 -0.97 51.11
N LYS J 64 -6.50 0.00 51.51
CA LYS J 64 -6.95 1.00 52.48
C LYS J 64 -8.08 1.86 51.90
N THR J 65 -7.98 2.21 50.61
CA THR J 65 -8.96 3.12 50.03
C THR J 65 -10.20 2.39 49.56
N LEU J 66 -10.05 1.17 49.01
CA LEU J 66 -11.19 0.44 48.49
C LEU J 66 -12.17 0.03 49.58
N THR J 67 -11.71 -0.07 50.83
CA THR J 67 -12.53 -0.53 51.93
C THR J 67 -13.00 0.63 52.81
N GLY J 68 -12.84 1.87 52.32
CA GLY J 68 -13.24 3.02 53.10
C GLY J 68 -12.48 3.22 54.39
N GLY J 69 -11.34 2.55 54.55
CA GLY J 69 -10.55 2.65 55.75
C GLY J 69 -10.23 1.31 56.38
N GLY K 1 20.39 -26.89 53.76
CA GLY K 1 19.66 -26.00 54.65
C GLY K 1 18.82 -24.98 53.92
N GLY K 2 18.98 -24.91 52.61
CA GLY K 2 18.23 -23.99 51.80
C GLY K 2 18.72 -22.56 51.92
N THR K 3 18.34 -21.74 50.94
CA THR K 3 18.72 -20.35 50.89
C THR K 3 17.48 -19.49 50.74
N ASP K 4 17.53 -18.28 51.31
CA ASP K 4 16.39 -17.38 51.25
C ASP K 4 16.19 -16.87 49.82
N PRO K 5 14.93 -16.70 49.39
CA PRO K 5 14.70 -16.27 48.00
C PRO K 5 15.32 -14.94 47.64
N ALA K 6 15.62 -14.09 48.63
CA ALA K 6 16.26 -12.82 48.35
C ALA K 6 17.62 -12.99 47.70
N THR K 7 18.25 -14.15 47.87
CA THR K 7 19.50 -14.46 47.18
C THR K 7 19.29 -15.26 45.90
N MET K 8 18.29 -16.13 45.85
CA MET K 8 18.07 -16.93 44.65
C MET K 8 17.57 -16.06 43.50
N VAL K 9 16.60 -15.19 43.77
CA VAL K 9 16.11 -14.30 42.71
C VAL K 9 17.22 -13.35 42.27
N ASN K 10 18.06 -12.92 43.20
CA ASN K 10 19.18 -12.07 42.83
C ASN K 10 20.17 -12.82 41.96
N ASN K 11 20.40 -14.10 42.25
CA ASN K 11 21.25 -14.92 41.39
C ASN K 11 20.66 -15.04 40.00
N ILE K 12 19.34 -15.23 39.91
CA ILE K 12 18.66 -15.30 38.62
C ILE K 12 18.89 -14.01 37.84
N CYS K 13 18.71 -12.86 38.50
CA CYS K 13 18.89 -11.58 37.84
C CYS K 13 20.33 -11.39 37.38
N THR K 14 21.30 -11.76 38.24
CA THR K 14 22.70 -11.61 37.89
C THR K 14 23.07 -12.49 36.69
N PHE K 15 22.56 -13.71 36.65
CA PHE K 15 22.81 -14.59 35.51
C PHE K 15 22.21 -14.02 34.24
N ILE K 16 20.92 -13.63 34.30
CA ILE K 16 20.24 -13.15 33.11
C ILE K 16 20.72 -11.79 32.65
N LEU K 17 21.46 -11.06 33.48
CA LEU K 17 21.99 -9.76 33.10
C LEU K 17 23.51 -9.73 33.01
N GLY K 18 24.18 -10.87 33.17
CA GLY K 18 25.61 -10.91 33.11
C GLY K 18 26.11 -11.16 31.70
N PRO K 19 26.88 -12.23 31.52
CA PRO K 19 27.40 -12.54 30.18
C PRO K 19 26.36 -13.16 29.25
N PHE K 20 25.22 -13.61 29.78
CA PHE K 20 24.20 -14.23 28.95
C PHE K 20 23.41 -13.18 28.17
N GLY K 21 22.98 -12.12 28.86
CA GLY K 21 22.24 -11.06 28.19
C GLY K 21 23.00 -10.37 27.09
N GLN K 22 24.33 -10.31 27.21
CA GLN K 22 25.14 -9.73 26.14
C GLN K 22 24.96 -10.50 24.84
N SER K 23 25.17 -11.82 24.89
CA SER K 23 25.01 -12.63 23.70
C SER K 23 23.55 -12.68 23.24
N LEU K 24 22.61 -12.58 24.17
CA LEU K 24 21.20 -12.52 23.76
C LEU K 24 20.92 -11.26 22.95
N ALA K 25 21.46 -10.11 23.40
CA ALA K 25 21.31 -8.88 22.63
C ALA K 25 22.02 -8.98 21.29
N VAL K 26 23.18 -9.65 21.26
CA VAL K 26 23.88 -9.87 20.00
C VAL K 26 23.00 -10.66 19.04
N LEU K 27 22.33 -11.70 19.55
CA LEU K 27 21.41 -12.46 18.71
C LEU K 27 20.24 -11.62 18.23
N GLY K 28 19.74 -10.73 19.09
CA GLY K 28 18.68 -9.83 18.66
C GLY K 28 19.11 -8.92 17.51
N ILE K 29 20.34 -8.42 17.60
CA ILE K 29 20.85 -7.55 16.53
C ILE K 29 21.05 -8.35 15.25
N VAL K 30 21.59 -9.57 15.36
CA VAL K 30 21.68 -10.45 14.20
C VAL K 30 20.30 -10.69 13.59
N ALA K 31 19.28 -10.82 14.44
CA ALA K 31 17.93 -11.06 13.96
C ALA K 31 17.41 -9.87 13.17
N ILE K 32 17.63 -8.65 13.68
CA ILE K 32 17.13 -7.49 12.94
C ILE K 32 17.91 -7.30 11.66
N GLY K 33 19.20 -7.63 11.64
CA GLY K 33 19.96 -7.57 10.40
C GLY K 33 19.43 -8.53 9.36
N ILE K 34 19.17 -9.77 9.77
CA ILE K 34 18.64 -10.76 8.84
C ILE K 34 17.25 -10.35 8.36
N SER K 35 16.44 -9.77 9.24
CA SER K 35 15.11 -9.33 8.84
C SER K 35 15.17 -8.15 7.87
N TRP K 36 16.20 -7.32 7.97
CA TRP K 36 16.38 -6.28 6.97
C TRP K 36 16.92 -6.83 5.64
N MET K 37 17.72 -7.89 5.69
CA MET K 37 18.31 -8.42 4.46
C MET K 37 17.22 -8.94 3.52
N PHE K 38 16.42 -9.89 3.98
CA PHE K 38 15.35 -10.48 3.16
C PHE K 38 14.02 -9.85 3.57
N GLY K 39 13.71 -8.73 2.95
CA GLY K 39 12.46 -8.07 3.20
C GLY K 39 12.61 -6.56 3.09
N ARG K 40 11.82 -5.86 3.90
CA ARG K 40 11.77 -4.41 3.90
C ARG K 40 12.34 -3.85 5.19
N ALA K 41 13.01 -2.70 5.08
CA ALA K 41 13.64 -2.05 6.23
C ALA K 41 12.70 -0.98 6.77
N SER K 42 12.15 -1.21 7.95
CA SER K 42 11.23 -0.29 8.60
C SER K 42 11.80 0.15 9.94
N LEU K 43 11.70 1.44 10.24
CA LEU K 43 12.18 1.96 11.51
C LEU K 43 11.49 1.31 12.70
N GLY K 44 10.27 0.79 12.51
CA GLY K 44 9.55 0.21 13.62
C GLY K 44 10.24 -1.00 14.21
N LEU K 45 10.77 -1.88 13.37
CA LEU K 45 11.42 -3.09 13.85
C LEU K 45 12.66 -2.75 14.69
N VAL K 46 13.53 -1.91 14.15
CA VAL K 46 14.75 -1.55 14.86
C VAL K 46 14.41 -0.79 16.13
N ALA K 47 13.44 0.13 16.08
CA ALA K 47 13.04 0.85 17.27
C ALA K 47 12.57 -0.10 18.35
N GLY K 48 11.69 -1.04 17.98
CA GLY K 48 11.18 -1.98 18.97
C GLY K 48 12.26 -2.85 19.57
N VAL K 49 13.19 -3.34 18.74
CA VAL K 49 14.19 -4.26 19.24
C VAL K 49 15.22 -3.53 20.11
N VAL K 50 15.66 -2.34 19.69
CA VAL K 50 16.57 -1.57 20.51
C VAL K 50 15.90 -1.18 21.82
N GLY K 51 14.61 -0.85 21.78
CA GLY K 51 13.90 -0.57 23.01
C GLY K 51 13.80 -1.78 23.91
N GLY K 52 13.60 -2.96 23.32
CA GLY K 52 13.62 -4.17 24.12
C GLY K 52 14.95 -4.41 24.79
N ILE K 53 16.05 -4.17 24.06
CA ILE K 53 17.37 -4.35 24.65
C ILE K 53 17.61 -3.34 25.78
N VAL K 54 17.22 -2.09 25.55
CA VAL K 54 17.37 -1.06 26.59
C VAL K 54 16.57 -1.44 27.82
N ILE K 55 15.34 -1.92 27.64
CA ILE K 55 14.52 -2.32 28.78
C ILE K 55 15.13 -3.52 29.49
N MET K 56 15.73 -4.44 28.74
CA MET K 56 16.37 -5.59 29.38
C MET K 56 17.55 -5.15 30.24
N PHE K 57 18.39 -4.26 29.72
CA PHE K 57 19.57 -3.87 30.47
C PHE K 57 19.34 -2.68 31.39
N GLY K 58 18.18 -2.03 31.29
CA GLY K 58 17.79 -1.02 32.23
C GLY K 58 16.87 -1.51 33.33
N ALA K 59 16.59 -2.82 33.37
CA ALA K 59 15.61 -3.35 34.32
C ALA K 59 15.95 -2.98 35.75
N SER K 60 17.23 -3.00 36.11
CA SER K 60 17.62 -2.67 37.48
C SER K 60 17.23 -1.24 37.84
N PHE K 61 17.71 -0.27 37.06
CA PHE K 61 17.44 1.12 37.37
C PHE K 61 15.97 1.47 37.14
N LEU K 62 15.35 0.87 36.13
CA LEU K 62 13.91 1.08 35.93
C LEU K 62 13.12 0.60 37.14
N GLY K 63 13.49 -0.54 37.71
CA GLY K 63 12.82 -1.01 38.91
C GLY K 63 13.10 -0.13 40.12
N LYS K 64 14.34 0.36 40.23
CA LYS K 64 14.67 1.23 41.36
C LYS K 64 13.89 2.54 41.29
N THR K 65 13.70 3.10 40.10
CA THR K 65 13.05 4.40 39.99
C THR K 65 11.53 4.29 39.98
N LEU K 66 10.99 3.24 39.35
CA LEU K 66 9.54 3.09 39.25
C LEU K 66 8.90 2.84 40.60
N THR K 67 9.66 2.33 41.58
CA THR K 67 9.12 1.98 42.89
C THR K 67 9.49 3.03 43.93
N GLY K 68 9.97 4.19 43.51
CA GLY K 68 10.36 5.22 44.45
C GLY K 68 11.52 4.86 45.36
N GLY K 69 12.25 3.80 45.02
CA GLY K 69 13.37 3.35 45.85
C GLY K 69 13.28 1.88 46.21
N GLY L 1 26.93 -34.33 30.41
CA GLY L 1 26.95 -33.46 31.58
C GLY L 1 26.42 -32.07 31.29
N GLY L 2 26.17 -31.79 30.02
CA GLY L 2 25.64 -30.51 29.62
C GLY L 2 26.70 -29.41 29.65
N THR L 3 26.40 -28.32 28.94
CA THR L 3 27.28 -27.17 28.85
C THR L 3 26.52 -25.91 29.24
N ASP L 4 27.24 -24.96 29.82
CA ASP L 4 26.61 -23.73 30.26
C ASP L 4 26.20 -22.88 29.06
N PRO L 5 25.06 -22.19 29.13
CA PRO L 5 24.59 -21.42 27.98
C PRO L 5 25.56 -20.35 27.51
N ALA L 6 26.46 -19.90 28.37
CA ALA L 6 27.45 -18.90 27.96
C ALA L 6 28.34 -19.41 26.83
N THR L 7 28.45 -20.72 26.66
CA THR L 7 29.18 -21.30 25.54
C THR L 7 28.27 -21.68 24.38
N MET L 8 27.03 -22.12 24.65
CA MET L 8 26.13 -22.50 23.56
C MET L 8 25.69 -21.29 22.75
N VAL L 9 25.31 -20.19 23.43
CA VAL L 9 24.92 -19.00 22.71
C VAL L 9 26.12 -18.43 21.94
N ASN L 10 27.31 -18.53 22.51
CA ASN L 10 28.51 -18.08 21.81
C ASN L 10 28.77 -18.94 20.57
N ASN L 11 28.53 -20.25 20.67
CA ASN L 11 28.64 -21.11 19.50
C ASN L 11 27.65 -20.72 18.42
N ILE L 12 26.42 -20.40 18.84
CA ILE L 12 25.41 -19.94 17.88
C ILE L 12 25.88 -18.68 17.17
N CYS L 13 26.40 -17.72 17.93
CA CYS L 13 26.88 -16.48 17.34
C CYS L 13 28.04 -16.72 16.38
N THR L 14 28.98 -17.58 16.78
CA THR L 14 30.13 -17.87 15.95
C THR L 14 29.71 -18.55 14.65
N PHE L 15 28.76 -19.47 14.72
CA PHE L 15 28.26 -20.11 13.51
C PHE L 15 27.56 -19.11 12.60
N ILE L 16 26.64 -18.31 13.16
CA ILE L 16 25.87 -17.38 12.35
C ILE L 16 26.70 -16.21 11.84
N LEU L 17 27.90 -15.98 12.38
CA LEU L 17 28.77 -14.91 11.93
C LEU L 17 30.04 -15.41 11.27
N GLY L 18 30.20 -16.72 11.09
CA GLY L 18 31.39 -17.25 10.48
C GLY L 18 31.26 -17.36 8.97
N PRO L 19 31.43 -18.57 8.44
CA PRO L 19 31.32 -18.75 6.99
C PRO L 19 29.88 -18.74 6.48
N PHE L 20 28.89 -18.86 7.37
CA PHE L 20 27.50 -18.88 6.94
C PHE L 20 27.01 -17.47 6.59
N GLY L 21 27.30 -16.51 7.46
CA GLY L 21 26.88 -15.13 7.21
C GLY L 21 27.46 -14.55 5.94
N GLN L 22 28.66 -14.99 5.56
CA GLN L 22 29.25 -14.53 4.31
C GLN L 22 28.37 -14.88 3.12
N SER L 23 28.03 -16.17 2.99
CA SER L 23 27.17 -16.59 1.89
C SER L 23 25.77 -16.02 2.02
N LEU L 24 25.29 -15.79 3.24
CA LEU L 24 23.99 -15.14 3.40
C LEU L 24 24.01 -13.72 2.84
N ALA L 25 25.07 -12.96 3.13
CA ALA L 25 25.21 -11.63 2.56
C ALA L 25 25.36 -11.69 1.04
N VAL L 26 26.06 -12.70 0.54
CA VAL L 26 26.17 -12.88 -0.90
C VAL L 26 24.79 -13.08 -1.52
N LEU L 27 23.95 -13.90 -0.86
CA LEU L 27 22.59 -14.09 -1.34
C LEU L 27 21.79 -12.80 -1.29
N GLY L 28 21.99 -12.00 -0.24
CA GLY L 28 21.32 -10.71 -0.18
C GLY L 28 21.70 -9.80 -1.33
N ILE L 29 22.98 -9.78 -1.70
CA ILE L 29 23.43 -8.95 -2.81
C ILE L 29 22.87 -9.49 -4.13
N VAL L 30 22.85 -10.81 -4.30
CA VAL L 30 22.21 -11.39 -5.47
C VAL L 30 20.75 -10.97 -5.53
N ALA L 31 20.09 -10.93 -4.38
CA ALA L 31 18.68 -10.56 -4.33
C ALA L 31 18.48 -9.12 -4.77
N ILE L 32 19.32 -8.20 -4.29
CA ILE L 32 19.13 -6.81 -4.71
C ILE L 32 19.47 -6.64 -6.19
N GLY L 33 20.44 -7.40 -6.70
CA GLY L 33 20.71 -7.34 -8.13
C GLY L 33 19.53 -7.80 -8.95
N ILE L 34 18.93 -8.93 -8.56
CA ILE L 34 17.78 -9.45 -9.29
C ILE L 34 16.60 -8.47 -9.18
N SER L 35 16.44 -7.84 -8.03
CA SER L 35 15.35 -6.88 -7.87
C SER L 35 15.57 -5.63 -8.71
N TRP L 36 16.83 -5.26 -8.95
CA TRP L 36 17.09 -4.15 -9.87
C TRP L 36 16.91 -4.57 -11.33
N MET L 37 17.17 -5.83 -11.66
CA MET L 37 17.06 -6.25 -13.06
C MET L 37 15.63 -6.14 -13.56
N PHE L 38 14.69 -6.82 -12.89
CA PHE L 38 13.29 -6.80 -13.28
C PHE L 38 12.53 -5.84 -12.36
N GLY L 39 12.54 -4.58 -12.75
CA GLY L 39 11.80 -3.58 -12.00
C GLY L 39 12.52 -2.24 -12.05
N ARG L 40 12.39 -1.50 -10.95
CA ARG L 40 12.94 -0.15 -10.84
C ARG L 40 14.07 -0.12 -9.82
N ALA L 41 15.08 0.70 -10.09
CA ALA L 41 16.24 0.82 -9.22
C ALA L 41 16.05 2.02 -8.30
N SER L 42 15.87 1.75 -7.01
CA SER L 42 15.65 2.78 -6.01
C SER L 42 16.75 2.68 -4.96
N LEU L 43 17.29 3.83 -4.55
CA LEU L 43 18.32 3.86 -3.52
C LEU L 43 17.84 3.27 -2.21
N GLY L 44 16.53 3.27 -1.96
CA GLY L 44 16.01 2.76 -0.70
C GLY L 44 16.31 1.28 -0.49
N LEU L 45 16.13 0.47 -1.54
CA LEU L 45 16.35 -0.97 -1.41
C LEU L 45 17.81 -1.27 -1.09
N VAL L 46 18.73 -0.70 -1.86
CA VAL L 46 20.15 -0.96 -1.63
C VAL L 46 20.58 -0.43 -0.27
N ALA L 47 20.10 0.77 0.10
CA ALA L 47 20.43 1.31 1.40
C ALA L 47 19.98 0.38 2.52
N GLY L 48 18.73 -0.07 2.44
CA GLY L 48 18.21 -0.95 3.47
C GLY L 48 18.97 -2.27 3.56
N VAL L 49 19.30 -2.86 2.42
CA VAL L 49 19.95 -4.17 2.43
C VAL L 49 21.40 -4.06 2.91
N VAL L 50 22.12 -3.04 2.43
CA VAL L 50 23.49 -2.84 2.90
C VAL L 50 23.50 -2.52 4.39
N GLY L 51 22.50 -1.76 4.86
CA GLY L 51 22.41 -1.51 6.28
C GLY L 51 22.12 -2.77 7.07
N GLY L 52 21.27 -3.64 6.52
CA GLY L 52 21.04 -4.93 7.17
C GLY L 52 22.30 -5.76 7.27
N ILE L 53 23.10 -5.78 6.20
CA ILE L 53 24.35 -6.54 6.23
C ILE L 53 25.31 -5.95 7.25
N VAL L 54 25.43 -4.62 7.27
CA VAL L 54 26.31 -3.96 8.25
C VAL L 54 25.87 -4.29 9.67
N ILE L 55 24.55 -4.24 9.93
CA ILE L 55 24.05 -4.56 11.25
C ILE L 55 24.31 -6.01 11.60
N MET L 56 24.21 -6.91 10.62
CA MET L 56 24.48 -8.32 10.89
C MET L 56 25.95 -8.53 11.27
N PHE L 57 26.86 -7.91 10.54
CA PHE L 57 28.28 -8.13 10.82
C PHE L 57 28.85 -7.16 11.82
N GLY L 58 28.09 -6.14 12.22
CA GLY L 58 28.48 -5.27 13.31
C GLY L 58 27.84 -5.63 14.63
N ALA L 59 27.07 -6.72 14.69
CA ALA L 59 26.32 -7.07 15.89
C ALA L 59 27.21 -7.16 17.11
N SER L 60 28.42 -7.71 16.96
CA SER L 60 29.32 -7.84 18.10
C SER L 60 29.70 -6.48 18.68
N PHE L 61 30.25 -5.60 17.85
CA PHE L 61 30.69 -4.30 18.34
C PHE L 61 29.51 -3.42 18.71
N LEU L 62 28.40 -3.52 17.97
CA LEU L 62 27.20 -2.78 18.33
C LEU L 62 26.71 -3.18 19.72
N GLY L 63 26.74 -4.48 20.03
CA GLY L 63 26.35 -4.92 21.35
C GLY L 63 27.33 -4.48 22.42
N LYS L 64 28.63 -4.50 22.10
CA LYS L 64 29.63 -4.06 23.06
C LYS L 64 29.48 -2.59 23.39
N THR L 65 29.17 -1.76 22.40
CA THR L 65 29.11 -0.32 22.63
C THR L 65 27.76 0.12 23.18
N LEU L 66 26.67 -0.50 22.73
CA LEU L 66 25.34 -0.09 23.18
C LEU L 66 25.12 -0.39 24.66
N THR L 67 25.86 -1.33 25.23
CA THR L 67 25.68 -1.74 26.62
C THR L 67 26.76 -1.14 27.53
N GLY L 68 27.51 -0.17 27.03
CA GLY L 68 28.57 0.44 27.82
C GLY L 68 29.69 -0.50 28.20
N GLY L 69 29.79 -1.66 27.55
CA GLY L 69 30.81 -2.63 27.86
C GLY L 69 30.25 -4.01 28.13
N GLY M 1 -50.51 -45.63 31.16
CA GLY M 1 -49.99 -46.86 30.62
C GLY M 1 -48.66 -46.68 29.90
N GLY M 2 -48.26 -45.43 29.72
CA GLY M 2 -47.02 -45.12 29.05
C GLY M 2 -47.10 -45.31 27.55
N THR M 3 -46.14 -44.69 26.85
CA THR M 3 -46.06 -44.75 25.40
C THR M 3 -44.67 -45.23 24.99
N ASP M 4 -44.61 -45.93 23.86
CA ASP M 4 -43.33 -46.45 23.39
C ASP M 4 -42.44 -45.30 22.90
N PRO M 5 -41.13 -45.39 23.14
CA PRO M 5 -40.25 -44.28 22.74
C PRO M 5 -40.28 -43.96 21.26
N ALA M 6 -40.69 -44.91 20.41
CA ALA M 6 -40.77 -44.65 18.98
C ALA M 6 -41.76 -43.53 18.66
N THR M 7 -42.69 -43.24 19.57
CA THR M 7 -43.59 -42.12 19.41
C THR M 7 -43.13 -40.88 20.16
N MET M 8 -42.48 -41.04 21.32
CA MET M 8 -42.03 -39.88 22.08
C MET M 8 -40.89 -39.16 21.37
N VAL M 9 -39.91 -39.92 20.87
CA VAL M 9 -38.81 -39.30 20.14
C VAL M 9 -39.33 -38.64 18.87
N ASN M 10 -40.31 -39.27 18.22
CA ASN M 10 -40.91 -38.67 17.02
C ASN M 10 -41.63 -37.38 17.37
N ASN M 11 -42.31 -37.34 18.52
CA ASN M 11 -42.94 -36.10 18.97
C ASN M 11 -41.90 -35.02 19.21
N ILE M 12 -40.77 -35.39 19.82
CA ILE M 12 -39.68 -34.44 20.03
C ILE M 12 -39.21 -33.86 18.71
N CYS M 13 -38.99 -34.74 17.72
CA CYS M 13 -38.52 -34.28 16.42
C CYS M 13 -39.54 -33.38 15.74
N THR M 14 -40.83 -33.75 15.82
CA THR M 14 -41.87 -32.94 15.20
C THR M 14 -41.96 -31.57 15.84
N PHE M 15 -41.83 -31.50 17.17
CA PHE M 15 -41.85 -30.21 17.85
C PHE M 15 -40.65 -29.37 17.44
N ILE M 16 -39.45 -29.95 17.50
CA ILE M 16 -38.24 -29.20 17.22
C ILE M 16 -38.09 -28.84 15.74
N LEU M 17 -38.87 -29.46 14.86
CA LEU M 17 -38.81 -29.16 13.44
C LEU M 17 -40.09 -28.53 12.91
N GLY M 18 -41.06 -28.23 13.77
CA GLY M 18 -42.30 -27.63 13.34
C GLY M 18 -42.24 -26.13 13.35
N PRO M 19 -43.14 -25.49 14.09
CA PRO M 19 -43.14 -24.02 14.15
C PRO M 19 -42.03 -23.45 15.02
N PHE M 20 -41.38 -24.26 15.84
CA PHE M 20 -40.33 -23.76 16.73
C PHE M 20 -39.04 -23.52 15.95
N GLY M 21 -38.64 -24.49 15.12
CA GLY M 21 -37.42 -24.34 14.34
C GLY M 21 -37.45 -23.17 13.38
N GLN M 22 -38.65 -22.81 12.89
CA GLN M 22 -38.77 -21.64 12.04
C GLN M 22 -38.30 -20.38 12.75
N SER M 23 -38.88 -20.12 13.92
CA SER M 23 -38.48 -18.94 14.68
C SER M 23 -37.06 -19.04 15.19
N LEU M 24 -36.57 -20.26 15.45
CA LEU M 24 -35.16 -20.40 15.83
C LEU M 24 -34.24 -19.99 14.69
N ALA M 25 -34.55 -20.40 13.46
CA ALA M 25 -33.77 -19.97 12.31
C ALA M 25 -33.89 -18.46 12.10
N VAL M 26 -35.07 -17.90 12.34
CA VAL M 26 -35.24 -16.46 12.25
C VAL M 26 -34.31 -15.76 13.24
N LEU M 27 -34.22 -16.29 14.46
CA LEU M 27 -33.31 -15.72 15.46
C LEU M 27 -31.87 -15.85 15.02
N GLY M 28 -31.52 -16.98 14.39
CA GLY M 28 -30.16 -17.13 13.86
C GLY M 28 -29.83 -16.08 12.81
N ILE M 29 -30.79 -15.80 11.92
CA ILE M 29 -30.55 -14.79 10.89
C ILE M 29 -30.45 -13.40 11.51
N VAL M 30 -31.30 -13.10 12.50
CA VAL M 30 -31.17 -11.85 13.24
C VAL M 30 -29.80 -11.75 13.87
N ALA M 31 -29.28 -12.87 14.38
CA ALA M 31 -27.98 -12.87 15.02
C ALA M 31 -26.87 -12.55 14.04
N ILE M 32 -26.93 -13.16 12.84
CA ILE M 32 -25.86 -12.87 11.87
C ILE M 32 -25.97 -11.44 11.38
N GLY M 33 -27.19 -10.92 11.26
CA GLY M 33 -27.33 -9.51 10.89
C GLY M 33 -26.72 -8.58 11.92
N ILE M 34 -27.02 -8.83 13.19
CA ILE M 34 -26.45 -8.00 14.26
C ILE M 34 -24.94 -8.13 14.30
N SER M 35 -24.42 -9.34 14.06
CA SER M 35 -22.98 -9.52 14.06
C SER M 35 -22.32 -8.82 12.88
N TRP M 36 -23.02 -8.69 11.76
CA TRP M 36 -22.47 -7.88 10.67
C TRP M 36 -22.57 -6.39 10.94
N MET M 37 -23.59 -5.95 11.69
CA MET M 37 -23.76 -4.52 11.93
C MET M 37 -22.58 -3.96 12.74
N PHE M 38 -22.33 -4.52 13.92
CA PHE M 38 -21.25 -4.05 14.78
C PHE M 38 -20.07 -5.01 14.64
N GLY M 39 -19.23 -4.75 13.66
CA GLY M 39 -18.05 -5.55 13.46
C GLY M 39 -17.71 -5.66 11.99
N ARG M 40 -17.16 -6.81 11.61
CA ARG M 40 -16.70 -7.08 10.27
C ARG M 40 -17.55 -8.16 9.62
N ALA M 41 -17.78 -8.02 8.31
CA ALA M 41 -18.60 -8.95 7.54
C ALA M 41 -17.69 -9.97 6.87
N SER M 42 -17.76 -11.21 7.34
CA SER M 42 -16.95 -12.30 6.80
C SER M 42 -17.86 -13.40 6.27
N LEU M 43 -17.52 -13.94 5.10
CA LEU M 43 -18.31 -15.02 4.51
C LEU M 43 -18.36 -16.25 5.41
N GLY M 44 -17.38 -16.42 6.29
CA GLY M 44 -17.35 -17.59 7.14
C GLY M 44 -18.54 -17.68 8.07
N LEU M 45 -18.91 -16.55 8.69
CA LEU M 45 -20.01 -16.55 9.64
C LEU M 45 -21.33 -16.92 8.96
N VAL M 46 -21.64 -16.26 7.85
CA VAL M 46 -22.88 -16.54 7.14
C VAL M 46 -22.88 -17.96 6.61
N ALA M 47 -21.76 -18.41 6.06
CA ALA M 47 -21.68 -19.77 5.56
C ALA M 47 -21.97 -20.77 6.67
N GLY M 48 -21.32 -20.60 7.83
CA GLY M 48 -21.53 -21.51 8.94
C GLY M 48 -22.96 -21.52 9.44
N VAL M 49 -23.57 -20.33 9.54
CA VAL M 49 -24.92 -20.27 10.11
C VAL M 49 -25.94 -20.82 9.13
N VAL M 50 -25.82 -20.48 7.84
CA VAL M 50 -26.74 -21.04 6.86
C VAL M 50 -26.57 -22.55 6.77
N GLY M 51 -25.33 -23.04 6.89
CA GLY M 51 -25.13 -24.47 6.91
C GLY M 51 -25.75 -25.12 8.14
N GLY M 52 -25.67 -24.44 9.29
CA GLY M 52 -26.34 -24.96 10.47
C GLY M 52 -27.84 -25.04 10.29
N ILE M 53 -28.43 -24.03 9.66
CA ILE M 53 -29.88 -24.04 9.43
C ILE M 53 -30.24 -25.17 8.46
N VAL M 54 -29.47 -25.33 7.39
CA VAL M 54 -29.71 -26.40 6.43
C VAL M 54 -29.62 -27.76 7.10
N ILE M 55 -28.62 -27.95 7.96
CA ILE M 55 -28.46 -29.22 8.66
C ILE M 55 -29.62 -29.44 9.62
N MET M 56 -30.11 -28.37 10.26
CA MET M 56 -31.25 -28.52 11.16
C MET M 56 -32.49 -28.96 10.41
N PHE M 57 -32.77 -28.33 9.27
CA PHE M 57 -33.99 -28.66 8.54
C PHE M 57 -33.81 -29.79 7.55
N GLY M 58 -32.58 -30.23 7.31
CA GLY M 58 -32.34 -31.43 6.53
C GLY M 58 -32.12 -32.67 7.35
N ALA M 59 -32.25 -32.58 8.68
CA ALA M 59 -31.93 -33.70 9.55
C ALA M 59 -32.69 -34.97 9.17
N SER M 60 -33.96 -34.82 8.78
CA SER M 60 -34.75 -35.99 8.42
C SER M 60 -34.16 -36.72 7.21
N PHE M 61 -33.99 -36.00 6.10
CA PHE M 61 -33.48 -36.63 4.89
C PHE M 61 -32.02 -37.02 5.03
N LEU M 62 -31.23 -36.21 5.75
CA LEU M 62 -29.85 -36.58 6.02
C LEU M 62 -29.77 -37.90 6.78
N GLY M 63 -30.65 -38.07 7.77
CA GLY M 63 -30.67 -39.34 8.49
C GLY M 63 -31.15 -40.49 7.64
N LYS M 64 -32.14 -40.23 6.77
CA LYS M 64 -32.64 -41.29 5.90
C LYS M 64 -31.56 -41.76 4.91
N THR M 65 -30.76 -40.82 4.39
CA THR M 65 -29.79 -41.18 3.38
C THR M 65 -28.48 -41.71 3.98
N LEU M 66 -28.05 -41.14 5.12
CA LEU M 66 -26.79 -41.56 5.72
C LEU M 66 -26.84 -42.98 6.23
N THR M 67 -28.03 -43.52 6.52
CA THR M 67 -28.19 -44.84 7.09
C THR M 67 -28.65 -45.85 6.04
N GLY M 68 -28.57 -45.49 4.76
CA GLY M 68 -28.99 -46.38 3.70
C GLY M 68 -30.46 -46.73 3.72
N GLY M 69 -31.27 -45.99 4.46
CA GLY M 69 -32.69 -46.26 4.55
C GLY M 69 -33.18 -46.36 5.98
N GLY N 1 21.84 -38.47 6.13
CA GLY N 1 22.56 -37.92 7.25
C GLY N 1 22.58 -36.40 7.27
N GLY N 2 22.09 -35.81 6.20
CA GLY N 2 22.03 -34.37 6.09
C GLY N 2 23.39 -33.74 5.81
N THR N 3 23.35 -32.50 5.33
CA THR N 3 24.55 -31.75 5.00
C THR N 3 24.53 -30.41 5.72
N ASP N 4 25.72 -29.91 6.05
CA ASP N 4 25.82 -28.65 6.78
C ASP N 4 25.43 -27.49 5.85
N PRO N 5 24.75 -26.47 6.39
CA PRO N 5 24.30 -25.37 5.52
C PRO N 5 25.43 -24.65 4.81
N ALA N 6 26.66 -24.73 5.31
CA ALA N 6 27.78 -24.10 4.63
C ALA N 6 27.99 -24.65 3.23
N THR N 7 27.51 -25.85 2.95
CA THR N 7 27.55 -26.41 1.60
C THR N 7 26.25 -26.20 0.83
N MET N 8 25.11 -26.20 1.50
CA MET N 8 23.84 -26.02 0.79
C MET N 8 23.70 -24.59 0.28
N VAL N 9 24.03 -23.60 1.11
CA VAL N 9 23.96 -22.21 0.66
C VAL N 9 24.97 -21.97 -0.45
N ASN N 10 26.14 -22.62 -0.36
CA ASN N 10 27.13 -22.49 -1.41
C ASN N 10 26.64 -23.10 -2.72
N ASN N 11 25.92 -24.23 -2.62
CA ASN N 11 25.31 -24.83 -3.81
C ASN N 11 24.29 -23.89 -4.42
N ILE N 12 23.47 -23.25 -3.57
CA ILE N 12 22.50 -22.27 -4.06
C ILE N 12 23.19 -21.15 -4.82
N CYS N 13 24.27 -20.62 -4.23
CA CYS N 13 25.00 -19.52 -4.89
C CYS N 13 25.62 -19.98 -6.21
N THR N 14 26.20 -21.18 -6.23
CA THR N 14 26.82 -21.69 -7.45
C THR N 14 25.77 -21.89 -8.54
N PHE N 15 24.59 -22.41 -8.19
CA PHE N 15 23.53 -22.57 -9.17
C PHE N 15 23.07 -21.22 -9.70
N ILE N 16 22.78 -20.28 -8.80
CA ILE N 16 22.24 -18.98 -9.21
C ILE N 16 23.27 -18.11 -9.91
N LEU N 17 24.55 -18.45 -9.83
CA LEU N 17 25.60 -17.68 -10.50
C LEU N 17 26.30 -18.47 -11.61
N GLY N 18 25.84 -19.67 -11.91
CA GLY N 18 26.46 -20.47 -12.94
C GLY N 18 25.85 -20.21 -14.30
N PRO N 19 25.33 -21.27 -14.94
CA PRO N 19 24.71 -21.10 -16.26
C PRO N 19 23.33 -20.47 -16.21
N PHE N 20 22.70 -20.41 -15.03
CA PHE N 20 21.36 -19.84 -14.93
C PHE N 20 21.41 -18.32 -14.99
N GLY N 21 22.31 -17.71 -14.22
CA GLY N 21 22.43 -16.26 -14.21
C GLY N 21 22.78 -15.69 -15.56
N GLN N 22 23.51 -16.43 -16.39
CA GLN N 22 23.83 -15.98 -17.74
C GLN N 22 22.56 -15.74 -18.54
N SER N 23 21.70 -16.77 -18.62
CA SER N 23 20.46 -16.63 -19.35
C SER N 23 19.51 -15.62 -18.69
N LEU N 24 19.58 -15.49 -17.37
CA LEU N 24 18.76 -14.47 -16.71
C LEU N 24 19.19 -13.07 -17.14
N ALA N 25 20.50 -12.82 -17.21
CA ALA N 25 20.98 -11.54 -17.70
C ALA N 25 20.62 -11.33 -19.17
N VAL N 26 20.67 -12.41 -19.96
CA VAL N 26 20.24 -12.31 -21.35
C VAL N 26 18.78 -11.89 -21.43
N LEU N 27 17.94 -12.45 -20.57
CA LEU N 27 16.54 -12.05 -20.54
C LEU N 27 16.38 -10.60 -20.12
N GLY N 28 17.21 -10.15 -19.17
CA GLY N 28 17.17 -8.74 -18.78
C GLY N 28 17.51 -7.82 -19.93
N ILE N 29 18.50 -8.19 -20.74
CA ILE N 29 18.88 -7.37 -21.88
C ILE N 29 17.79 -7.39 -22.93
N VAL N 30 17.18 -8.55 -23.17
CA VAL N 30 16.03 -8.62 -24.07
C VAL N 30 14.92 -7.71 -23.58
N ALA N 31 14.73 -7.66 -22.26
CA ALA N 31 13.68 -6.83 -21.68
C ALA N 31 13.95 -5.34 -21.92
N ILE N 32 15.20 -4.91 -21.73
CA ILE N 32 15.48 -3.49 -21.95
C ILE N 32 15.38 -3.16 -23.44
N GLY N 33 15.75 -4.09 -24.32
CA GLY N 33 15.57 -3.86 -25.74
C GLY N 33 14.11 -3.68 -26.11
N ILE N 34 13.26 -4.58 -25.60
CA ILE N 34 11.82 -4.49 -25.89
C ILE N 34 11.24 -3.20 -25.31
N SER N 35 11.71 -2.80 -24.13
CA SER N 35 11.21 -1.57 -23.53
C SER N 35 11.66 -0.34 -24.31
N TRP N 36 12.82 -0.40 -24.97
CA TRP N 36 13.20 0.69 -25.85
C TRP N 36 12.43 0.68 -27.16
N MET N 37 12.04 -0.49 -27.65
CA MET N 37 11.34 -0.57 -28.93
C MET N 37 10.01 0.16 -28.87
N PHE N 38 9.14 -0.27 -27.94
CA PHE N 38 7.80 0.33 -27.80
C PHE N 38 7.83 1.29 -26.62
N GLY N 39 8.23 2.52 -26.90
CA GLY N 39 8.23 3.54 -25.87
C GLY N 39 9.37 4.52 -26.09
N ARG N 40 9.91 5.01 -24.98
CA ARG N 40 10.96 6.02 -24.98
C ARG N 40 12.26 5.45 -24.44
N ALA N 41 13.38 5.89 -25.00
CA ALA N 41 14.70 5.41 -24.62
C ALA N 41 15.30 6.38 -23.62
N SER N 42 15.42 5.94 -22.36
CA SER N 42 15.98 6.76 -21.29
C SER N 42 17.20 6.06 -20.72
N LEU N 43 18.25 6.84 -20.46
CA LEU N 43 19.46 6.28 -19.88
C LEU N 43 19.22 5.65 -18.52
N GLY N 44 18.17 6.07 -17.81
CA GLY N 44 17.91 5.53 -16.49
C GLY N 44 17.63 4.04 -16.50
N LEU N 45 16.83 3.58 -17.45
CA LEU N 45 16.46 2.16 -17.51
C LEU N 45 17.69 1.29 -17.75
N VAL N 46 18.48 1.64 -18.77
CA VAL N 46 19.67 0.85 -19.09
C VAL N 46 20.67 0.91 -17.95
N ALA N 47 20.86 2.10 -17.36
CA ALA N 47 21.77 2.21 -16.23
C ALA N 47 21.34 1.30 -15.09
N GLY N 48 20.06 1.35 -14.73
CA GLY N 48 19.57 0.52 -13.64
C GLY N 48 19.72 -0.97 -13.91
N VAL N 49 19.42 -1.39 -15.14
CA VAL N 49 19.44 -2.82 -15.44
C VAL N 49 20.88 -3.33 -15.53
N VAL N 50 21.77 -2.57 -16.16
CA VAL N 50 23.18 -2.97 -16.22
C VAL N 50 23.77 -2.98 -14.81
N GLY N 51 23.37 -2.03 -13.97
CA GLY N 51 23.83 -2.05 -12.58
C GLY N 51 23.30 -3.26 -11.82
N GLY N 52 22.06 -3.65 -12.09
CA GLY N 52 21.53 -4.86 -11.49
C GLY N 52 22.31 -6.09 -11.91
N ILE N 53 22.66 -6.18 -13.19
CA ILE N 53 23.44 -7.32 -13.66
C ILE N 53 24.82 -7.33 -13.02
N VAL N 54 25.47 -6.17 -12.95
CA VAL N 54 26.79 -6.07 -12.33
C VAL N 54 26.72 -6.50 -10.86
N ILE N 55 25.69 -6.05 -10.15
CA ILE N 55 25.54 -6.43 -8.75
C ILE N 55 25.27 -7.91 -8.62
N MET N 56 24.52 -8.50 -9.55
CA MET N 56 24.27 -9.93 -9.50
C MET N 56 25.55 -10.73 -9.68
N PHE N 57 26.38 -10.34 -10.65
CA PHE N 57 27.59 -11.10 -10.92
C PHE N 57 28.78 -10.63 -10.12
N GLY N 58 28.67 -9.51 -9.43
CA GLY N 58 29.69 -9.08 -8.49
C GLY N 58 29.40 -9.45 -7.06
N ALA N 59 28.32 -10.18 -6.79
CA ALA N 59 27.90 -10.47 -5.42
C ALA N 59 29.01 -11.11 -4.61
N SER N 60 29.78 -12.01 -5.23
CA SER N 60 30.85 -12.68 -4.50
C SER N 60 31.90 -11.70 -4.02
N PHE N 61 32.48 -10.92 -4.94
CA PHE N 61 33.53 -9.99 -4.55
C PHE N 61 32.99 -8.84 -3.73
N LEU N 62 31.76 -8.39 -4.03
CA LEU N 62 31.14 -7.36 -3.20
C LEU N 62 30.98 -7.83 -1.77
N GLY N 63 30.58 -9.09 -1.57
CA GLY N 63 30.48 -9.62 -0.23
C GLY N 63 31.83 -9.79 0.44
N LYS N 64 32.84 -10.20 -0.33
CA LYS N 64 34.17 -10.35 0.23
C LYS N 64 34.75 -9.03 0.69
N THR N 65 34.50 -7.96 -0.07
CA THR N 65 35.11 -6.67 0.26
C THR N 65 34.30 -5.90 1.29
N LEU N 66 32.97 -5.98 1.23
CA LEU N 66 32.13 -5.23 2.15
C LEU N 66 32.27 -5.70 3.59
N THR N 67 32.71 -6.95 3.79
CA THR N 67 32.81 -7.53 5.12
C THR N 67 34.26 -7.57 5.61
N GLY N 68 35.15 -6.84 4.94
CA GLY N 68 36.55 -6.83 5.33
C GLY N 68 37.25 -8.17 5.21
N GLY N 69 36.66 -9.12 4.50
CA GLY N 69 37.25 -10.44 4.35
C GLY N 69 36.28 -11.56 4.72
N GLY O 1 8.17 -35.41 -14.97
CA GLY O 1 9.38 -35.43 -14.17
C GLY O 1 10.03 -34.07 -14.06
N GLY O 2 9.51 -33.10 -14.82
CA GLY O 2 10.03 -31.76 -14.80
C GLY O 2 11.36 -31.64 -15.54
N THR O 3 11.68 -30.39 -15.88
CA THR O 3 12.91 -30.08 -16.59
C THR O 3 13.69 -29.00 -15.82
N ASP O 4 15.01 -29.06 -15.93
CA ASP O 4 15.85 -28.10 -15.23
C ASP O 4 15.71 -26.71 -15.85
N PRO O 5 15.72 -25.65 -15.04
CA PRO O 5 15.53 -24.29 -15.58
C PRO O 5 16.56 -23.90 -16.63
N ALA O 6 17.73 -24.54 -16.64
CA ALA O 6 18.73 -24.22 -17.64
C ALA O 6 18.23 -24.50 -19.06
N THR O 7 17.22 -25.35 -19.21
CA THR O 7 16.60 -25.58 -20.50
C THR O 7 15.34 -24.76 -20.71
N MET O 8 14.57 -24.48 -19.66
CA MET O 8 13.35 -23.71 -19.82
C MET O 8 13.66 -22.26 -20.15
N VAL O 9 14.62 -21.65 -19.44
CA VAL O 9 14.99 -20.27 -19.73
C VAL O 9 15.60 -20.18 -21.13
N ASN O 10 16.36 -21.21 -21.53
CA ASN O 10 16.91 -21.23 -22.87
C ASN O 10 15.82 -21.33 -23.93
N ASN O 11 14.77 -22.12 -23.64
CA ASN O 11 13.62 -22.18 -24.55
C ASN O 11 12.94 -20.82 -24.65
N ILE O 12 12.80 -20.13 -23.53
CA ILE O 12 12.22 -18.79 -23.53
C ILE O 12 13.03 -17.86 -24.43
N CYS O 13 14.36 -17.89 -24.26
CA CYS O 13 15.23 -17.03 -25.06
C CYS O 13 15.14 -17.37 -26.55
N THR O 14 15.12 -18.67 -26.87
CA THR O 14 15.04 -19.10 -28.26
C THR O 14 13.73 -18.66 -28.89
N PHE O 15 12.62 -18.78 -28.15
CA PHE O 15 11.33 -18.33 -28.67
C PHE O 15 11.33 -16.82 -28.89
N ILE O 16 11.77 -16.06 -27.88
CA ILE O 16 11.72 -14.60 -27.97
C ILE O 16 12.73 -14.04 -28.95
N LEU O 17 13.71 -14.83 -29.39
CA LEU O 17 14.70 -14.37 -30.35
C LEU O 17 14.62 -15.09 -31.69
N GLY O 18 13.63 -15.96 -31.88
CA GLY O 18 13.50 -16.69 -33.11
C GLY O 18 12.65 -15.94 -34.12
N PRO O 19 11.56 -16.58 -34.58
CA PRO O 19 10.68 -15.91 -35.56
C PRO O 19 9.78 -14.86 -34.94
N PHE O 20 9.66 -14.81 -33.62
CA PHE O 20 8.78 -13.84 -32.98
C PHE O 20 9.43 -12.46 -32.94
N GLY O 21 10.71 -12.41 -32.54
CA GLY O 21 11.41 -11.13 -32.49
C GLY O 21 11.52 -10.44 -33.83
N GLN O 22 11.56 -11.21 -34.91
CA GLN O 22 11.59 -10.62 -36.24
C GLN O 22 10.35 -9.78 -36.48
N SER O 23 9.17 -10.37 -36.31
CA SER O 23 7.93 -9.64 -36.50
C SER O 23 7.76 -8.54 -35.47
N LEU O 24 8.30 -8.71 -34.26
CA LEU O 24 8.24 -7.64 -33.27
C LEU O 24 9.05 -6.43 -33.74
N ALA O 25 10.24 -6.67 -34.29
CA ALA O 25 11.04 -5.56 -34.84
C ALA O 25 10.34 -4.94 -36.04
N VAL O 26 9.67 -5.76 -36.86
CA VAL O 26 8.90 -5.23 -37.98
C VAL O 26 7.81 -4.28 -37.47
N LEU O 27 7.14 -4.68 -36.38
CA LEU O 27 6.12 -3.81 -35.81
C LEU O 27 6.74 -2.53 -35.26
N GLY O 28 7.92 -2.63 -34.66
CA GLY O 28 8.59 -1.42 -34.20
C GLY O 28 8.91 -0.45 -35.33
N ILE O 29 9.35 -0.98 -36.47
CA ILE O 29 9.64 -0.13 -37.62
C ILE O 29 8.36 0.48 -38.18
N VAL O 30 7.28 -0.31 -38.25
CA VAL O 30 5.99 0.24 -38.64
C VAL O 30 5.58 1.36 -37.69
N ALA O 31 5.87 1.19 -36.40
CA ALA O 31 5.50 2.21 -35.42
C ALA O 31 6.27 3.50 -35.65
N ILE O 32 7.57 3.40 -35.91
CA ILE O 32 8.33 4.63 -36.13
C ILE O 32 7.91 5.30 -37.45
N GLY O 33 7.56 4.50 -38.45
CA GLY O 33 7.05 5.08 -39.69
C GLY O 33 5.76 5.85 -39.46
N ILE O 34 4.83 5.24 -38.73
CA ILE O 34 3.55 5.90 -38.44
C ILE O 34 3.78 7.15 -37.61
N SER O 35 4.73 7.09 -36.66
CA SER O 35 5.00 8.27 -35.84
C SER O 35 5.65 9.39 -36.65
N TRP O 36 6.39 9.05 -37.70
CA TRP O 36 6.90 10.09 -38.58
C TRP O 36 5.82 10.64 -39.50
N MET O 37 4.83 9.82 -39.88
CA MET O 37 3.80 10.29 -40.80
C MET O 37 2.98 11.41 -40.19
N PHE O 38 2.36 11.15 -39.04
CA PHE O 38 1.53 12.14 -38.37
C PHE O 38 2.32 12.75 -37.22
N GLY O 39 3.09 13.78 -37.54
CA GLY O 39 3.84 14.48 -36.53
C GLY O 39 5.14 15.00 -37.10
N ARG O 40 6.17 15.03 -36.25
CA ARG O 40 7.48 15.56 -36.57
C ARG O 40 8.51 14.44 -36.61
N ALA O 41 9.47 14.56 -37.52
CA ALA O 41 10.52 13.56 -37.71
C ALA O 41 11.76 14.01 -36.94
N SER O 42 12.09 13.30 -35.87
CA SER O 42 13.23 13.60 -35.03
C SER O 42 14.17 12.41 -35.01
N LEU O 43 15.48 12.68 -35.12
CA LEU O 43 16.46 11.61 -35.08
C LEU O 43 16.42 10.83 -33.77
N GLY O 44 15.93 11.43 -32.70
CA GLY O 44 15.91 10.76 -31.41
C GLY O 44 15.05 9.52 -31.41
N LEU O 45 13.86 9.59 -32.03
CA LEU O 45 12.95 8.45 -32.03
C LEU O 45 13.55 7.27 -32.78
N VAL O 46 14.04 7.52 -33.99
CA VAL O 46 14.62 6.43 -34.79
C VAL O 46 15.87 5.88 -34.12
N ALA O 47 16.71 6.76 -33.56
CA ALA O 47 17.90 6.29 -32.87
C ALA O 47 17.53 5.38 -31.70
N GLY O 48 16.56 5.81 -30.89
CA GLY O 48 16.15 5.00 -29.75
C GLY O 48 15.57 3.66 -30.16
N VAL O 49 14.74 3.65 -31.21
CA VAL O 49 14.08 2.41 -31.59
C VAL O 49 15.06 1.44 -32.24
N VAL O 50 15.93 1.94 -33.12
CA VAL O 50 16.94 1.08 -33.72
C VAL O 50 17.89 0.55 -32.65
N GLY O 51 18.21 1.38 -31.66
CA GLY O 51 19.03 0.89 -30.56
C GLY O 51 18.33 -0.17 -29.75
N GLY O 52 17.03 -0.01 -29.54
CA GLY O 52 16.27 -1.05 -28.87
C GLY O 52 16.28 -2.37 -29.63
N ILE O 53 16.14 -2.29 -30.95
CA ILE O 53 16.17 -3.51 -31.76
C ILE O 53 17.55 -4.16 -31.70
N VAL O 54 18.60 -3.35 -31.80
CA VAL O 54 19.96 -3.88 -31.72
C VAL O 54 20.19 -4.56 -30.37
N ILE O 55 19.73 -3.92 -29.29
CA ILE O 55 19.90 -4.50 -27.96
C ILE O 55 19.10 -5.79 -27.83
N MET O 56 17.91 -5.85 -28.45
CA MET O 56 17.12 -7.07 -28.40
C MET O 56 17.83 -8.21 -29.11
N PHE O 57 18.38 -7.96 -30.30
CA PHE O 57 18.99 -9.03 -31.06
C PHE O 57 20.48 -9.21 -30.75
N GLY O 58 21.07 -8.30 -29.98
CA GLY O 58 22.41 -8.49 -29.48
C GLY O 58 22.47 -9.02 -28.07
N ALA O 59 21.33 -9.34 -27.47
CA ALA O 59 21.28 -9.75 -26.06
C ALA O 59 22.22 -10.91 -25.78
N SER O 60 22.31 -11.87 -26.70
CA SER O 60 23.17 -13.03 -26.47
C SER O 60 24.63 -12.61 -26.36
N PHE O 61 25.15 -11.93 -27.38
CA PHE O 61 26.55 -11.55 -27.37
C PHE O 61 26.83 -10.48 -26.32
N LEU O 62 25.89 -9.57 -26.10
CA LEU O 62 26.06 -8.59 -25.04
C LEU O 62 26.19 -9.27 -23.68
N GLY O 63 25.38 -10.30 -23.43
CA GLY O 63 25.50 -11.03 -22.18
C GLY O 63 26.80 -11.82 -22.10
N LYS O 64 27.24 -12.39 -23.21
CA LYS O 64 28.49 -13.14 -23.22
C LYS O 64 29.68 -12.24 -22.92
N THR O 65 29.67 -11.02 -23.46
CA THR O 65 30.84 -10.14 -23.31
C THR O 65 30.79 -9.37 -21.99
N LEU O 66 29.61 -8.95 -21.55
CA LEU O 66 29.49 -8.16 -20.33
C LEU O 66 29.88 -8.95 -19.09
N THR O 67 29.79 -10.28 -19.15
CA THR O 67 30.07 -11.14 -18.00
C THR O 67 31.45 -11.80 -18.10
N GLY O 68 32.29 -11.32 -19.01
CA GLY O 68 33.61 -11.90 -19.18
C GLY O 68 33.61 -13.34 -19.64
N GLY O 69 32.48 -13.83 -20.14
CA GLY O 69 32.39 -15.22 -20.59
C GLY O 69 31.22 -15.96 -19.96
N GLY P 1 -8.88 -23.30 -29.21
CA GLY P 1 -7.60 -23.91 -28.92
C GLY P 1 -6.45 -22.92 -28.97
N GLY P 2 -6.73 -21.71 -29.42
CA GLY P 2 -5.72 -20.67 -29.50
C GLY P 2 -4.77 -20.88 -30.66
N THR P 3 -4.08 -19.80 -31.02
CA THR P 3 -3.13 -19.80 -32.11
C THR P 3 -1.80 -19.27 -31.63
N ASP P 4 -0.72 -19.77 -32.21
CA ASP P 4 0.62 -19.34 -31.81
C ASP P 4 0.87 -17.91 -32.24
N PRO P 5 1.58 -17.12 -31.42
CA PRO P 5 1.80 -15.70 -31.76
C PRO P 5 2.52 -15.49 -33.08
N ALA P 6 3.25 -16.49 -33.57
CA ALA P 6 3.93 -16.35 -34.86
C ALA P 6 2.95 -16.12 -36.00
N THR P 7 1.68 -16.50 -35.82
CA THR P 7 0.64 -16.21 -36.80
C THR P 7 -0.15 -14.97 -36.47
N MET P 8 -0.37 -14.67 -35.19
CA MET P 8 -1.15 -13.49 -34.83
C MET P 8 -0.38 -12.21 -35.15
N VAL P 9 0.91 -12.15 -34.80
CA VAL P 9 1.70 -10.98 -35.12
C VAL P 9 1.82 -10.82 -36.64
N ASN P 10 1.92 -11.94 -37.36
CA ASN P 10 1.96 -11.86 -38.82
C ASN P 10 0.65 -11.34 -39.38
N ASN P 11 -0.48 -11.73 -38.78
CA ASN P 11 -1.77 -11.19 -39.19
C ASN P 11 -1.82 -9.69 -38.95
N ILE P 12 -1.31 -9.25 -37.80
CA ILE P 12 -1.26 -7.81 -37.51
C ILE P 12 -0.46 -7.07 -38.57
N CYS P 13 0.72 -7.62 -38.92
CA CYS P 13 1.56 -6.98 -39.92
C CYS P 13 0.88 -6.95 -41.28
N THR P 14 0.22 -8.05 -41.66
CA THR P 14 -0.46 -8.11 -42.96
C THR P 14 -1.60 -7.11 -43.02
N PHE P 15 -2.36 -6.98 -41.92
CA PHE P 15 -3.43 -6.00 -41.89
C PHE P 15 -2.89 -4.57 -41.99
N ILE P 16 -1.88 -4.25 -41.17
CA ILE P 16 -1.35 -2.90 -41.14
C ILE P 16 -0.57 -2.54 -42.38
N LEU P 17 -0.18 -3.52 -43.20
CA LEU P 17 0.54 -3.25 -44.43
C LEU P 17 -0.24 -3.59 -45.69
N GLY P 18 -1.50 -3.98 -45.56
CA GLY P 18 -2.30 -4.33 -46.70
C GLY P 18 -3.05 -3.13 -47.26
N PRO P 19 -4.37 -3.22 -47.33
CA PRO P 19 -5.17 -2.09 -47.86
C PRO P 19 -5.30 -0.94 -46.88
N PHE P 20 -4.98 -1.15 -45.61
CA PHE P 20 -5.12 -0.08 -44.61
C PHE P 20 -3.99 0.93 -44.73
N GLY P 21 -2.75 0.44 -44.82
CA GLY P 21 -1.60 1.33 -44.96
C GLY P 21 -1.65 2.20 -46.19
N GLN P 22 -2.27 1.71 -47.26
CA GLN P 22 -2.42 2.53 -48.47
C GLN P 22 -3.22 3.79 -48.17
N SER P 23 -4.40 3.63 -47.61
CA SER P 23 -5.23 4.79 -47.27
C SER P 23 -4.59 5.63 -46.17
N LEU P 24 -3.84 5.01 -45.27
CA LEU P 24 -3.13 5.81 -44.27
C LEU P 24 -2.09 6.71 -44.91
N ALA P 25 -1.34 6.19 -45.88
CA ALA P 25 -0.38 7.02 -46.61
C ALA P 25 -1.08 8.10 -47.42
N VAL P 26 -2.26 7.76 -47.98
CA VAL P 26 -3.05 8.77 -48.69
C VAL P 26 -3.43 9.90 -47.76
N LEU P 27 -3.83 9.56 -46.53
CA LEU P 27 -4.17 10.59 -45.55
C LEU P 27 -2.94 11.41 -45.18
N GLY P 28 -1.77 10.77 -45.09
CA GLY P 28 -0.56 11.53 -44.83
C GLY P 28 -0.24 12.53 -45.92
N ILE P 29 -0.45 12.13 -47.17
CA ILE P 29 -0.21 13.06 -48.29
C ILE P 29 -1.23 14.18 -48.28
N VAL P 30 -2.49 13.87 -48.00
CA VAL P 30 -3.50 14.92 -47.85
C VAL P 30 -3.08 15.89 -46.75
N ALA P 31 -2.51 15.35 -45.66
CA ALA P 31 -2.09 16.20 -44.55
C ALA P 31 -0.97 17.14 -44.96
N ILE P 32 0.02 16.64 -45.70
CA ILE P 32 1.11 17.54 -46.10
C ILE P 32 0.61 18.56 -47.11
N GLY P 33 -0.35 18.19 -47.97
CA GLY P 33 -0.93 19.16 -48.87
C GLY P 33 -1.65 20.28 -48.14
N ILE P 34 -2.46 19.90 -47.15
CA ILE P 34 -3.19 20.90 -46.37
C ILE P 34 -2.22 21.77 -45.59
N SER P 35 -1.13 21.19 -45.08
CA SER P 35 -0.15 21.97 -44.34
C SER P 35 0.60 22.93 -45.24
N TRP P 36 0.77 22.58 -46.52
CA TRP P 36 1.36 23.53 -47.46
C TRP P 36 0.37 24.62 -47.86
N MET P 37 -0.93 24.30 -47.91
CA MET P 37 -1.91 25.29 -48.35
C MET P 37 -1.95 26.48 -47.39
N PHE P 38 -2.23 26.22 -46.11
CA PHE P 38 -2.33 27.28 -45.11
C PHE P 38 -1.03 27.31 -44.30
N GLY P 39 -0.06 28.04 -44.81
CA GLY P 39 1.20 28.18 -44.12
C GLY P 39 2.36 28.31 -45.09
N ARG P 40 3.50 27.77 -44.68
CA ARG P 40 4.73 27.86 -45.44
C ARG P 40 5.15 26.48 -45.94
N ALA P 41 5.73 26.44 -47.13
CA ALA P 41 6.16 25.19 -47.76
C ALA P 41 7.64 24.99 -47.48
N SER P 42 7.97 23.99 -46.66
CA SER P 42 9.34 23.68 -46.29
C SER P 42 9.66 22.26 -46.71
N LEU P 43 10.84 22.06 -47.27
CA LEU P 43 11.27 20.73 -47.68
C LEU P 43 11.32 19.75 -46.51
N GLY P 44 11.48 20.26 -45.28
CA GLY P 44 11.59 19.37 -44.14
C GLY P 44 10.34 18.55 -43.90
N LEU P 45 9.17 19.18 -44.02
CA LEU P 45 7.92 18.48 -43.76
C LEU P 45 7.71 17.34 -44.76
N VAL P 46 7.85 17.64 -46.06
CA VAL P 46 7.65 16.63 -47.09
C VAL P 46 8.71 15.53 -46.96
N ALA P 47 9.96 15.91 -46.70
CA ALA P 47 11.00 14.91 -46.53
C ALA P 47 10.67 13.97 -45.39
N GLY P 48 10.28 14.53 -44.24
CA GLY P 48 9.95 13.70 -43.08
C GLY P 48 8.77 12.79 -43.34
N VAL P 49 7.73 13.29 -44.00
CA VAL P 49 6.53 12.47 -44.19
C VAL P 49 6.76 11.39 -45.23
N VAL P 50 7.45 11.72 -46.33
CA VAL P 50 7.77 10.70 -47.32
C VAL P 50 8.70 9.65 -46.73
N GLY P 51 9.63 10.08 -45.87
CA GLY P 51 10.48 9.11 -45.19
C GLY P 51 9.69 8.22 -44.25
N GLY P 52 8.70 8.79 -43.56
CA GLY P 52 7.84 7.98 -42.73
C GLY P 52 7.07 6.95 -43.53
N ILE P 53 6.56 7.33 -44.69
CA ILE P 53 5.83 6.39 -45.53
C ILE P 53 6.76 5.29 -46.03
N VAL P 54 7.97 5.66 -46.48
CA VAL P 54 8.94 4.67 -46.94
C VAL P 54 9.28 3.70 -45.82
N ILE P 55 9.48 4.20 -44.61
CA ILE P 55 9.80 3.33 -43.49
C ILE P 55 8.62 2.43 -43.16
N MET P 56 7.40 2.94 -43.29
CA MET P 56 6.23 2.10 -43.03
C MET P 56 6.14 0.95 -44.03
N PHE P 57 6.34 1.24 -45.32
CA PHE P 57 6.19 0.21 -46.33
C PHE P 57 7.48 -0.54 -46.60
N GLY P 58 8.61 -0.10 -46.05
CA GLY P 58 9.83 -0.85 -46.10
C GLY P 58 10.11 -1.67 -44.85
N ALA P 59 9.19 -1.67 -43.89
CA ALA P 59 9.43 -2.33 -42.61
C ALA P 59 9.84 -3.78 -42.78
N SER P 60 9.22 -4.49 -43.72
CA SER P 60 9.55 -5.90 -43.92
C SER P 60 11.01 -6.07 -44.33
N PHE P 61 11.42 -5.42 -45.41
CA PHE P 61 12.78 -5.59 -45.90
C PHE P 61 13.79 -4.94 -44.97
N LEU P 62 13.43 -3.81 -44.34
CA LEU P 62 14.31 -3.20 -43.35
C LEU P 62 14.57 -4.16 -42.19
N GLY P 63 13.52 -4.85 -41.73
CA GLY P 63 13.71 -5.84 -40.68
C GLY P 63 14.54 -7.02 -41.14
N LYS P 64 14.32 -7.47 -42.37
CA LYS P 64 15.08 -8.61 -42.89
C LYS P 64 16.56 -8.28 -43.00
N THR P 65 16.90 -7.05 -43.41
CA THR P 65 18.29 -6.71 -43.64
C THR P 65 18.99 -6.27 -42.35
N LEU P 66 18.29 -5.55 -41.48
CA LEU P 66 18.90 -5.05 -40.25
C LEU P 66 19.30 -6.18 -39.30
N THR P 67 18.65 -7.34 -39.42
CA THR P 67 18.91 -8.46 -38.52
C THR P 67 19.77 -9.53 -39.16
N GLY P 68 20.41 -9.21 -40.30
CA GLY P 68 21.24 -10.18 -40.98
C GLY P 68 20.50 -11.39 -41.51
N GLY P 69 19.18 -11.33 -41.59
CA GLY P 69 18.39 -12.45 -42.05
C GLY P 69 17.29 -12.84 -41.09
N GLY Q 1 -22.87 -3.05 -35.03
CA GLY Q 1 -21.94 -4.13 -35.29
C GLY Q 1 -20.57 -3.65 -35.71
N GLY Q 2 -20.45 -2.34 -35.93
CA GLY Q 2 -19.19 -1.75 -36.33
C GLY Q 2 -18.83 -2.04 -37.78
N THR Q 3 -17.91 -1.23 -38.30
CA THR Q 3 -17.45 -1.35 -39.67
C THR Q 3 -15.93 -1.45 -39.68
N ASP Q 4 -15.41 -2.17 -40.67
CA ASP Q 4 -13.97 -2.36 -40.77
C ASP Q 4 -13.28 -1.05 -41.18
N PRO Q 5 -12.10 -0.78 -40.64
CA PRO Q 5 -11.44 0.51 -40.94
C PRO Q 5 -11.17 0.72 -42.42
N ALA Q 6 -11.11 -0.35 -43.22
CA ALA Q 6 -10.89 -0.20 -44.65
C ALA Q 6 -11.99 0.59 -45.32
N THR Q 7 -13.17 0.67 -44.70
CA THR Q 7 -14.25 1.52 -45.19
C THR Q 7 -14.31 2.88 -44.51
N MET Q 8 -13.96 2.95 -43.23
CA MET Q 8 -14.02 4.23 -42.53
C MET Q 8 -12.94 5.18 -43.03
N VAL Q 9 -11.71 4.70 -43.20
CA VAL Q 9 -10.65 5.55 -43.71
C VAL Q 9 -10.96 5.96 -45.15
N ASN Q 10 -11.57 5.06 -45.92
CA ASN Q 10 -11.97 5.41 -47.28
C ASN Q 10 -13.05 6.48 -47.28
N ASN Q 11 -13.98 6.40 -46.33
CA ASN Q 11 -14.99 7.46 -46.19
C ASN Q 11 -14.34 8.79 -45.85
N ILE Q 12 -13.34 8.77 -44.96
CA ILE Q 12 -12.62 9.98 -44.61
C ILE Q 12 -11.97 10.58 -45.85
N CYS Q 13 -11.30 9.75 -46.64
CA CYS Q 13 -10.64 10.23 -47.85
C CYS Q 13 -11.65 10.80 -48.85
N THR Q 14 -12.78 10.10 -49.03
CA THR Q 14 -13.79 10.56 -49.96
C THR Q 14 -14.38 11.90 -49.53
N PHE Q 15 -14.62 12.07 -48.23
CA PHE Q 15 -15.12 13.34 -47.73
C PHE Q 15 -14.11 14.45 -47.94
N ILE Q 16 -12.85 14.21 -47.53
CA ILE Q 16 -11.82 15.24 -47.62
C ILE Q 16 -11.40 15.55 -49.04
N LEU Q 17 -11.75 14.69 -50.01
CA LEU Q 17 -11.41 14.93 -51.41
C LEU Q 17 -12.62 15.17 -52.29
N GLY Q 18 -13.82 15.24 -51.72
CA GLY Q 18 -15.02 15.46 -52.50
C GLY Q 18 -15.33 16.93 -52.66
N PRO Q 19 -16.52 17.34 -52.22
CA PRO Q 19 -16.89 18.76 -52.34
C PRO Q 19 -16.22 19.65 -51.31
N PHE Q 20 -15.62 19.08 -50.27
CA PHE Q 20 -14.98 19.89 -49.24
C PHE Q 20 -13.64 20.43 -49.72
N GLY Q 21 -12.82 19.56 -50.30
CA GLY Q 21 -11.52 19.98 -50.79
C GLY Q 21 -11.58 21.04 -51.86
N GLN Q 22 -12.66 21.05 -52.65
CA GLN Q 22 -12.84 22.09 -53.66
C GLN Q 22 -12.89 23.47 -53.00
N SER Q 23 -13.80 23.63 -52.04
CA SER Q 23 -13.92 24.91 -51.35
C SER Q 23 -12.67 25.23 -50.52
N LEU Q 24 -12.00 24.20 -50.01
CA LEU Q 24 -10.74 24.45 -49.30
C LEU Q 24 -9.68 25.03 -50.24
N ALA Q 25 -9.56 24.48 -51.44
CA ALA Q 25 -8.64 25.04 -52.43
C ALA Q 25 -9.06 26.45 -52.84
N VAL Q 26 -10.37 26.69 -52.94
CA VAL Q 26 -10.86 28.03 -53.24
C VAL Q 26 -10.42 29.00 -52.16
N LEU Q 27 -10.51 28.58 -50.89
CA LEU Q 27 -10.06 29.43 -49.80
C LEU Q 27 -8.56 29.66 -49.87
N GLY Q 28 -7.80 28.64 -50.26
CA GLY Q 28 -6.36 28.83 -50.43
C GLY Q 28 -6.03 29.86 -51.50
N ILE Q 29 -6.77 29.84 -52.61
CA ILE Q 29 -6.54 30.81 -53.67
C ILE Q 29 -6.93 32.21 -53.21
N VAL Q 30 -8.05 32.32 -52.49
CA VAL Q 30 -8.43 33.61 -51.91
C VAL Q 30 -7.32 34.10 -50.98
N ALA Q 31 -6.71 33.19 -50.24
CA ALA Q 31 -5.65 33.57 -49.31
C ALA Q 31 -4.44 34.11 -50.05
N ILE Q 32 -4.03 33.44 -51.14
CA ILE Q 32 -2.86 33.96 -51.86
C ILE Q 32 -3.18 35.28 -52.54
N GLY Q 33 -4.43 35.45 -53.01
CA GLY Q 33 -4.81 36.74 -53.56
C GLY Q 33 -4.72 37.86 -52.53
N ILE Q 34 -5.26 37.61 -51.34
CA ILE Q 34 -5.22 38.62 -50.28
C ILE Q 34 -3.78 38.90 -49.87
N SER Q 35 -2.94 37.87 -49.84
CA SER Q 35 -1.55 38.06 -49.48
C SER Q 35 -0.79 38.86 -50.54
N TRP Q 36 -1.19 38.74 -51.81
CA TRP Q 36 -0.60 39.60 -52.83
C TRP Q 36 -1.13 41.02 -52.77
N MET Q 37 -2.37 41.21 -52.34
CA MET Q 37 -2.94 42.56 -52.31
C MET Q 37 -2.19 43.46 -51.34
N PHE Q 38 -2.12 43.06 -50.07
CA PHE Q 38 -1.44 43.84 -49.04
C PHE Q 38 -0.07 43.22 -48.78
N GLY Q 39 0.89 43.64 -49.58
CA GLY Q 39 2.25 43.17 -49.39
C GLY Q 39 2.97 43.07 -50.73
N ARG Q 40 3.86 42.08 -50.81
CA ARG Q 40 4.71 41.88 -51.98
C ARG Q 40 4.33 40.58 -52.67
N ALA Q 41 4.43 40.58 -54.00
CA ALA Q 41 4.08 39.43 -54.82
C ALA Q 41 5.35 38.64 -55.13
N SER Q 42 5.47 37.45 -54.56
CA SER Q 42 6.63 36.59 -54.76
C SER Q 42 6.18 35.27 -55.35
N LEU Q 43 6.93 34.78 -56.33
CA LEU Q 43 6.61 33.49 -56.95
C LEU Q 43 6.63 32.34 -55.95
N GLY Q 44 7.38 32.49 -54.84
CA GLY Q 44 7.46 31.41 -53.88
C GLY Q 44 6.14 31.07 -53.24
N LEU Q 45 5.36 32.08 -52.88
CA LEU Q 45 4.07 31.85 -52.21
C LEU Q 45 3.11 31.11 -53.13
N VAL Q 46 2.95 31.59 -54.36
CA VAL Q 46 2.03 30.97 -55.29
C VAL Q 46 2.51 29.56 -55.64
N ALA Q 47 3.81 29.39 -55.85
CA ALA Q 47 4.34 28.07 -56.15
C ALA Q 47 4.03 27.10 -55.02
N GLY Q 48 4.31 27.51 -53.78
CA GLY Q 48 4.04 26.63 -52.65
C GLY Q 48 2.59 26.28 -52.49
N VAL Q 49 1.70 27.25 -52.67
CA VAL Q 49 0.27 26.99 -52.46
C VAL Q 49 -0.30 26.13 -53.57
N VAL Q 50 0.05 26.42 -54.82
CA VAL Q 50 -0.41 25.58 -55.92
C VAL Q 50 0.14 24.17 -55.79
N GLY Q 51 1.39 24.04 -55.33
CA GLY Q 51 1.92 22.71 -55.08
C GLY Q 51 1.19 21.99 -53.97
N GLY Q 52 0.80 22.72 -52.92
CA GLY Q 52 -0.01 22.12 -51.87
C GLY Q 52 -1.34 21.63 -52.39
N ILE Q 53 -1.99 22.41 -53.25
CA ILE Q 53 -3.27 22.00 -53.82
C ILE Q 53 -3.09 20.77 -54.70
N VAL Q 54 -2.05 20.76 -55.54
CA VAL Q 54 -1.77 19.61 -56.40
C VAL Q 54 -1.53 18.36 -55.55
N ILE Q 55 -0.76 18.50 -54.46
CA ILE Q 55 -0.49 17.35 -53.60
C ILE Q 55 -1.77 16.89 -52.91
N MET Q 56 -2.64 17.82 -52.53
CA MET Q 56 -3.90 17.42 -51.92
C MET Q 56 -4.77 16.63 -52.88
N PHE Q 57 -4.89 17.09 -54.13
CA PHE Q 57 -5.77 16.41 -55.07
C PHE Q 57 -5.06 15.32 -55.86
N GLY Q 58 -3.74 15.21 -55.74
CA GLY Q 58 -3.03 14.08 -56.29
C GLY Q 58 -2.73 12.98 -55.30
N ALA Q 59 -3.21 13.11 -54.07
CA ALA Q 59 -2.87 12.17 -53.00
C ALA Q 59 -3.18 10.73 -53.40
N SER Q 60 -4.29 10.50 -54.10
CA SER Q 60 -4.66 9.15 -54.49
C SER Q 60 -3.61 8.55 -55.43
N PHE Q 61 -3.35 9.22 -56.55
CA PHE Q 61 -2.41 8.67 -57.51
C PHE Q 61 -0.98 8.71 -57.00
N LEU Q 62 -0.63 9.73 -56.21
CA LEU Q 62 0.69 9.76 -55.59
C LEU Q 62 0.88 8.55 -54.68
N GLY Q 63 -0.14 8.20 -53.90
CA GLY Q 63 -0.04 7.02 -53.06
C GLY Q 63 0.01 5.74 -53.86
N LYS Q 64 -0.75 5.67 -54.95
CA LYS Q 64 -0.73 4.47 -55.79
C LYS Q 64 0.63 4.26 -56.43
N THR Q 65 1.28 5.34 -56.86
CA THR Q 65 2.55 5.19 -57.57
C THR Q 65 3.73 5.07 -56.62
N LEU Q 66 3.71 5.79 -55.50
CA LEU Q 66 4.84 5.76 -54.57
C LEU Q 66 5.01 4.40 -53.91
N THR Q 67 3.94 3.60 -53.85
CA THR Q 67 3.98 2.30 -53.18
C THR Q 67 4.07 1.16 -54.17
N GLY Q 68 4.38 1.45 -55.43
CA GLY Q 68 4.48 0.42 -56.44
C GLY Q 68 3.18 -0.31 -56.73
N GLY Q 69 2.05 0.24 -56.29
CA GLY Q 69 0.76 -0.39 -56.51
C GLY Q 69 -0.04 -0.54 -55.22
N GLY R 1 14.76 -48.00 70.99
CA GLY R 1 14.18 -47.09 71.96
C GLY R 1 13.38 -45.97 71.32
N GLY R 2 13.46 -45.88 70.00
CA GLY R 2 12.74 -44.86 69.26
C GLY R 2 13.37 -43.49 69.40
N THR R 3 13.00 -42.61 68.47
CA THR R 3 13.50 -41.24 68.43
C THR R 3 12.33 -40.27 68.40
N ASP R 4 12.54 -39.10 68.99
CA ASP R 4 11.48 -38.10 69.04
C ASP R 4 11.22 -37.52 67.64
N PRO R 5 9.97 -37.23 67.30
CA PRO R 5 9.67 -36.74 65.95
C PRO R 5 10.40 -35.45 65.59
N ALA R 6 10.83 -34.66 66.58
CA ALA R 6 11.56 -33.44 66.29
C ALA R 6 12.86 -33.71 65.54
N THR R 7 13.39 -34.94 65.62
CA THR R 7 14.55 -35.32 64.85
C THR R 7 14.19 -36.05 63.56
N MET R 8 13.11 -36.84 63.56
CA MET R 8 12.73 -37.57 62.35
C MET R 8 12.23 -36.63 61.27
N VAL R 9 11.37 -35.67 61.63
CA VAL R 9 10.89 -34.71 60.65
C VAL R 9 12.04 -33.85 60.14
N ASN R 10 12.99 -33.52 61.03
CA ASN R 10 14.15 -32.76 60.61
C ASN R 10 15.02 -33.57 59.64
N ASN R 11 15.14 -34.87 59.88
CA ASN R 11 15.85 -35.74 58.94
C ASN R 11 15.16 -35.76 57.58
N ILE R 12 13.82 -35.82 57.59
CA ILE R 12 13.06 -35.79 56.35
C ILE R 12 13.35 -34.50 55.59
N CYS R 13 13.32 -33.37 56.29
CA CYS R 13 13.57 -32.08 55.65
C CYS R 13 15.00 -32.00 55.11
N THR R 14 15.97 -32.48 55.88
CA THR R 14 17.36 -32.44 55.44
C THR R 14 17.56 -33.31 54.20
N PHE R 15 16.94 -34.48 54.16
CA PHE R 15 17.03 -35.34 52.98
C PHE R 15 16.40 -34.67 51.77
N ILE R 16 15.17 -34.18 51.92
CA ILE R 16 14.44 -33.60 50.80
C ILE R 16 15.02 -32.26 50.35
N LEU R 17 15.87 -31.64 51.15
CA LEU R 17 16.49 -30.38 50.77
C LEU R 17 18.00 -30.48 50.58
N GLY R 18 18.56 -31.67 50.66
CA GLY R 18 19.99 -31.84 50.48
C GLY R 18 20.36 -32.09 49.04
N PRO R 19 21.02 -33.22 48.77
CA PRO R 19 21.41 -33.53 47.38
C PRO R 19 20.26 -34.01 46.52
N PHE R 20 19.13 -34.38 47.11
CA PHE R 20 17.99 -34.88 46.34
C PHE R 20 17.26 -33.74 45.65
N GLY R 21 16.97 -32.66 46.39
CA GLY R 21 16.27 -31.52 45.82
C GLY R 21 17.03 -30.87 44.68
N GLN R 22 18.36 -30.93 44.70
CA GLN R 22 19.15 -30.39 43.61
C GLN R 22 18.80 -31.09 42.30
N SER R 23 18.91 -32.42 42.29
CA SER R 23 18.58 -33.18 41.08
C SER R 23 17.10 -33.09 40.74
N LEU R 24 16.23 -32.93 41.73
CA LEU R 24 14.81 -32.73 41.43
C LEU R 24 14.59 -31.42 40.69
N ALA R 25 15.26 -30.34 41.12
CA ALA R 25 15.16 -29.08 40.39
C ALA R 25 15.78 -29.19 39.01
N VAL R 26 16.87 -29.95 38.88
CA VAL R 26 17.45 -30.19 37.56
C VAL R 26 16.45 -30.87 36.65
N LEU R 27 15.72 -31.85 37.17
CA LEU R 27 14.69 -32.52 36.38
C LEU R 27 13.57 -31.55 36.02
N GLY R 28 13.20 -30.65 36.93
CA GLY R 28 12.20 -29.65 36.60
C GLY R 28 12.64 -28.75 35.46
N ILE R 29 13.91 -28.34 35.46
CA ILE R 29 14.42 -27.50 34.38
C ILE R 29 14.47 -28.27 33.07
N VAL R 30 14.88 -29.53 33.12
CA VAL R 30 14.82 -30.38 31.93
C VAL R 30 13.39 -30.47 31.40
N ALA R 31 12.43 -30.54 32.32
CA ALA R 31 11.04 -30.64 31.93
C ALA R 31 10.56 -29.38 31.22
N ILE R 32 10.93 -28.21 31.75
CA ILE R 32 10.49 -26.98 31.08
C ILE R 32 11.19 -26.82 29.74
N GLY R 33 12.45 -27.26 29.64
CA GLY R 33 13.12 -27.22 28.35
C GLY R 33 12.42 -28.09 27.32
N ILE R 34 12.08 -29.32 27.71
CA ILE R 34 11.40 -30.23 26.79
C ILE R 34 10.03 -29.68 26.42
N SER R 35 9.34 -29.06 27.38
CA SER R 35 8.03 -28.49 27.07
C SER R 35 8.13 -27.29 26.14
N TRP R 36 9.23 -26.56 26.19
CA TRP R 36 9.44 -25.50 25.21
C TRP R 36 9.83 -26.05 23.84
N MET R 37 10.54 -27.18 23.80
CA MET R 37 10.99 -27.72 22.52
C MET R 37 9.79 -28.11 21.64
N PHE R 38 8.93 -29.00 22.13
CA PHE R 38 7.78 -29.47 21.38
C PHE R 38 6.54 -28.73 21.88
N GLY R 39 6.29 -27.57 21.33
CA GLY R 39 5.11 -26.81 21.68
C GLY R 39 5.40 -25.31 21.60
N ARG R 40 4.75 -24.57 22.49
CA ARG R 40 4.82 -23.12 22.53
C ARG R 40 5.52 -22.66 23.80
N ALA R 41 6.29 -21.58 23.68
CA ALA R 41 7.05 -21.02 24.79
C ALA R 41 6.24 -19.89 25.42
N SER R 42 5.77 -20.12 26.64
CA SER R 42 4.97 -19.14 27.37
C SER R 42 5.68 -18.81 28.68
N LEU R 43 5.70 -17.52 29.03
CA LEU R 43 6.33 -17.09 30.27
C LEU R 43 5.66 -17.71 31.49
N GLY R 44 4.39 -18.12 31.37
CA GLY R 44 3.69 -18.67 32.52
C GLY R 44 4.31 -19.95 33.03
N LEU R 45 4.70 -20.85 32.12
CA LEU R 45 5.27 -22.13 32.52
C LEU R 45 6.59 -21.93 33.27
N VAL R 46 7.50 -21.15 32.70
CA VAL R 46 8.80 -20.92 33.33
C VAL R 46 8.62 -20.18 34.66
N ALA R 47 7.73 -19.18 34.69
CA ALA R 47 7.48 -18.46 35.92
C ALA R 47 6.99 -19.40 37.01
N GLY R 48 6.01 -20.26 36.69
CA GLY R 48 5.47 -21.18 37.67
C GLY R 48 6.51 -22.17 38.17
N VAL R 49 7.34 -22.70 37.25
CA VAL R 49 8.29 -23.72 37.66
C VAL R 49 9.43 -23.12 38.47
N VAL R 50 9.95 -21.96 38.05
CA VAL R 50 10.98 -21.30 38.84
C VAL R 50 10.45 -20.89 40.20
N GLY R 51 9.18 -20.46 40.26
CA GLY R 51 8.60 -20.16 41.54
C GLY R 51 8.45 -21.39 42.42
N GLY R 52 8.10 -22.52 41.81
CA GLY R 52 8.06 -23.77 42.57
C GLY R 52 9.41 -24.14 43.14
N ILE R 53 10.47 -23.97 42.34
CA ILE R 53 11.81 -24.29 42.82
C ILE R 53 12.21 -23.34 43.96
N VAL R 54 11.93 -22.05 43.80
CA VAL R 54 12.24 -21.08 44.85
C VAL R 54 11.49 -21.43 46.14
N ILE R 55 10.22 -21.80 46.02
CA ILE R 55 9.45 -22.16 47.20
C ILE R 55 9.99 -23.42 47.83
N MET R 56 10.45 -24.38 47.02
CA MET R 56 11.03 -25.59 47.57
C MET R 56 12.30 -25.30 48.36
N PHE R 57 13.18 -24.46 47.82
CA PHE R 57 14.45 -24.21 48.48
C PHE R 57 14.38 -23.03 49.45
N GLY R 58 13.28 -22.28 49.45
CA GLY R 58 13.04 -21.27 50.46
C GLY R 58 12.17 -21.72 51.59
N ALA R 59 11.77 -23.00 51.62
CA ALA R 59 10.82 -23.48 52.62
C ALA R 59 11.29 -23.18 54.03
N SER R 60 12.58 -23.33 54.30
CA SER R 60 13.08 -23.09 55.65
C SER R 60 12.86 -21.64 56.08
N PHE R 61 13.37 -20.69 55.29
CA PHE R 61 13.25 -19.28 55.67
C PHE R 61 11.81 -18.81 55.56
N LEU R 62 11.06 -19.32 54.56
CA LEU R 62 9.64 -18.98 54.48
C LEU R 62 8.88 -19.42 55.73
N GLY R 63 9.20 -20.61 56.23
CA GLY R 63 8.57 -21.05 57.47
C GLY R 63 9.01 -20.25 58.67
N LYS R 64 10.30 -19.87 58.71
CA LYS R 64 10.78 -19.07 59.84
C LYS R 64 10.12 -17.70 59.87
N THR R 65 9.90 -17.10 58.70
CA THR R 65 9.37 -15.73 58.67
C THR R 65 7.85 -15.71 58.77
N LEU R 66 7.16 -16.68 58.15
CA LEU R 66 5.71 -16.69 58.16
C LEU R 66 5.14 -16.93 59.54
N THR R 67 5.91 -17.55 60.44
CA THR R 67 5.44 -17.88 61.77
C THR R 67 5.98 -16.92 62.83
N GLY R 68 6.53 -15.79 62.40
CA GLY R 68 7.08 -14.83 63.34
C GLY R 68 8.25 -15.33 64.15
N GLY R 69 8.86 -16.44 63.74
CA GLY R 69 9.98 -17.00 64.47
C GLY R 69 9.79 -18.47 64.80
N GLY S 1 18.79 -55.03 47.21
CA GLY S 1 18.96 -54.20 48.39
C GLY S 1 18.55 -52.76 48.17
N GLY S 2 18.23 -52.43 46.93
CA GLY S 2 17.79 -51.09 46.60
C GLY S 2 18.94 -50.09 46.57
N THR S 3 18.69 -48.96 45.91
CA THR S 3 19.67 -47.89 45.79
C THR S 3 19.06 -46.58 46.27
N ASP S 4 19.90 -45.71 46.81
CA ASP S 4 19.42 -44.44 47.33
C ASP S 4 19.00 -43.52 46.17
N PRO S 5 17.93 -42.74 46.35
CA PRO S 5 17.46 -41.89 45.25
C PRO S 5 18.49 -40.91 44.73
N ALA S 6 19.49 -40.56 45.54
CA ALA S 6 20.54 -39.65 45.08
C ALA S 6 21.29 -40.20 43.88
N THR S 7 21.27 -41.52 43.67
CA THR S 7 21.86 -42.12 42.49
C THR S 7 20.84 -42.38 41.39
N MET S 8 19.60 -42.71 41.74
CA MET S 8 18.59 -42.98 40.71
C MET S 8 18.21 -41.71 39.96
N VAL S 9 17.98 -40.61 40.69
CA VAL S 9 17.65 -39.35 40.03
C VAL S 9 18.83 -38.88 39.18
N ASN S 10 20.05 -39.11 39.67
CA ASN S 10 21.23 -38.74 38.89
C ASN S 10 21.32 -39.57 37.62
N ASN S 11 20.97 -40.87 37.70
CA ASN S 11 20.92 -41.70 36.50
C ASN S 11 19.89 -41.18 35.52
N ILE S 12 18.73 -40.76 36.02
CA ILE S 12 17.69 -40.19 35.16
C ILE S 12 18.23 -38.96 34.45
N CYS S 13 18.90 -38.07 35.18
CA CYS S 13 19.44 -36.86 34.58
C CYS S 13 20.51 -37.18 33.55
N THR S 14 21.38 -38.14 33.86
CA THR S 14 22.45 -38.50 32.93
C THR S 14 21.87 -39.09 31.65
N PHE S 15 20.84 -39.93 31.77
CA PHE S 15 20.20 -40.49 30.59
C PHE S 15 19.54 -39.39 29.76
N ILE S 16 18.75 -38.54 30.40
CA ILE S 16 18.00 -37.51 29.68
C ILE S 16 18.90 -36.42 29.13
N LEU S 17 20.15 -36.32 29.59
CA LEU S 17 21.08 -35.31 29.09
C LEU S 17 22.25 -35.90 28.34
N GLY S 18 22.28 -37.20 28.12
CA GLY S 18 23.36 -37.83 27.41
C GLY S 18 23.13 -37.88 25.92
N PRO S 19 23.14 -39.09 25.34
CA PRO S 19 22.90 -39.21 23.90
C PRO S 19 21.45 -39.06 23.50
N PHE S 20 20.52 -39.11 24.45
CA PHE S 20 19.10 -38.99 24.12
C PHE S 20 18.72 -37.54 23.85
N GLY S 21 19.16 -36.62 24.71
CA GLY S 21 18.85 -35.22 24.52
C GLY S 21 19.39 -34.65 23.23
N GLN S 22 20.52 -35.19 22.74
CA GLN S 22 21.06 -34.74 21.47
C GLN S 22 20.06 -34.98 20.35
N SER S 23 19.60 -36.22 20.21
CA SER S 23 18.63 -36.54 19.17
C SER S 23 17.30 -35.85 19.41
N LEU S 24 16.93 -35.62 20.67
CA LEU S 24 15.71 -34.86 20.94
C LEU S 24 15.82 -33.43 20.42
N ALA S 25 16.97 -32.78 20.64
CA ALA S 25 17.18 -31.44 20.09
C ALA S 25 17.22 -31.47 18.58
N VAL S 26 17.80 -32.52 18.00
CA VAL S 26 17.77 -32.67 16.55
C VAL S 26 16.35 -32.73 16.03
N LEU S 27 15.49 -33.48 16.72
CA LEU S 27 14.08 -33.54 16.33
C LEU S 27 13.40 -32.18 16.49
N GLY S 28 13.76 -31.43 17.53
CA GLY S 28 13.21 -30.09 17.67
C GLY S 28 13.58 -29.19 16.51
N ILE S 29 14.84 -29.27 16.06
CA ILE S 29 15.27 -28.45 14.94
C ILE S 29 14.57 -28.90 13.65
N VAL S 30 14.43 -30.20 13.45
CA VAL S 30 13.66 -30.69 12.31
C VAL S 30 12.24 -30.15 12.36
N ALA S 31 11.67 -30.07 13.57
CA ALA S 31 10.31 -29.58 13.72
C ALA S 31 10.21 -28.11 13.33
N ILE S 32 11.16 -27.29 13.76
CA ILE S 32 11.07 -25.88 13.40
C ILE S 32 11.32 -25.69 11.91
N GLY S 33 12.18 -26.51 11.31
CA GLY S 33 12.36 -26.45 9.87
C GLY S 33 11.08 -26.77 9.11
N ILE S 34 10.41 -27.85 9.52
CA ILE S 34 9.16 -28.24 8.87
C ILE S 34 8.09 -27.17 9.08
N SER S 35 8.06 -26.56 10.27
CA SER S 35 7.08 -25.52 10.52
C SER S 35 7.36 -24.26 9.70
N TRP S 36 8.63 -24.00 9.37
CA TRP S 36 8.93 -22.90 8.46
C TRP S 36 8.60 -23.24 7.02
N MET S 37 8.73 -24.52 6.63
CA MET S 37 8.48 -24.90 5.25
C MET S 37 7.02 -24.63 4.86
N PHE S 38 6.09 -25.25 5.57
CA PHE S 38 4.66 -25.09 5.29
C PHE S 38 4.07 -24.09 6.27
N GLY S 39 4.16 -22.83 5.92
CA GLY S 39 3.58 -21.79 6.75
C GLY S 39 4.40 -20.52 6.67
N ARG S 40 4.42 -19.80 7.80
CA ARG S 40 5.10 -18.51 7.90
C ARG S 40 6.30 -18.62 8.83
N ALA S 41 7.35 -17.88 8.52
CA ALA S 41 8.59 -17.89 9.29
C ALA S 41 8.57 -16.71 10.25
N SER S 42 8.45 -17.01 11.55
CA SER S 42 8.41 -15.99 12.59
C SER S 42 9.56 -16.21 13.56
N LEU S 43 10.23 -15.13 13.95
CA LEU S 43 11.33 -15.22 14.90
C LEU S 43 10.88 -15.81 16.23
N GLY S 44 9.60 -15.69 16.57
CA GLY S 44 9.13 -16.20 17.85
C GLY S 44 9.30 -17.70 18.01
N LEU S 45 8.98 -18.45 16.95
CA LEU S 45 9.07 -19.91 17.03
C LEU S 45 10.52 -20.36 17.24
N VAL S 46 11.44 -19.85 16.42
CA VAL S 46 12.83 -20.24 16.54
C VAL S 46 13.41 -19.78 17.87
N ALA S 47 13.07 -18.57 18.30
CA ALA S 47 13.55 -18.09 19.60
C ALA S 47 13.09 -19.00 20.71
N GLY S 48 11.79 -19.35 20.72
CA GLY S 48 11.27 -20.22 21.76
C GLY S 48 11.92 -21.59 21.77
N VAL S 49 12.11 -22.18 20.58
CA VAL S 49 12.63 -23.53 20.53
C VAL S 49 14.12 -23.57 20.89
N VAL S 50 14.89 -22.61 20.39
CA VAL S 50 16.31 -22.55 20.76
C VAL S 50 16.44 -22.27 22.26
N GLY S 51 15.56 -21.44 22.81
CA GLY S 51 15.59 -21.23 24.25
C GLY S 51 15.24 -22.48 25.02
N GLY S 52 14.28 -23.26 24.52
CA GLY S 52 13.97 -24.54 25.14
C GLY S 52 15.16 -25.48 25.14
N ILE S 53 15.88 -25.54 24.01
CA ILE S 53 17.05 -26.41 23.94
C ILE S 53 18.13 -25.94 24.90
N VAL S 54 18.38 -24.62 24.95
CA VAL S 54 19.37 -24.08 25.87
C VAL S 54 19.00 -24.40 27.31
N ILE S 55 17.73 -24.26 27.66
CA ILE S 55 17.30 -24.55 29.01
C ILE S 55 17.43 -26.04 29.30
N MET S 56 17.18 -26.90 28.31
CA MET S 56 17.35 -28.33 28.53
C MET S 56 18.81 -28.69 28.80
N PHE S 57 19.73 -28.13 28.01
CA PHE S 57 21.13 -28.48 28.18
C PHE S 57 21.87 -27.59 29.17
N GLY S 58 21.24 -26.52 29.64
CA GLY S 58 21.77 -25.74 30.73
C GLY S 58 21.20 -26.07 32.08
N ALA S 59 20.35 -27.09 32.16
CA ALA S 59 19.65 -27.40 33.41
C ALA S 59 20.61 -27.61 34.56
N SER S 60 21.75 -28.26 34.32
CA SER S 60 22.71 -28.51 35.39
C SER S 60 23.24 -27.21 35.96
N PHE S 61 23.82 -26.35 35.11
CA PHE S 61 24.41 -25.11 35.60
C PHE S 61 23.34 -24.13 36.07
N LEU S 62 22.18 -24.12 35.41
CA LEU S 62 21.08 -23.29 35.88
C LEU S 62 20.65 -23.68 37.29
N GLY S 63 20.59 -24.99 37.56
CA GLY S 63 20.26 -25.43 38.90
C GLY S 63 21.35 -25.11 39.90
N LYS S 64 22.61 -25.24 39.49
CA LYS S 64 23.71 -24.93 40.39
C LYS S 64 23.73 -23.44 40.77
N THR S 65 23.42 -22.57 39.82
CA THR S 65 23.51 -21.14 40.08
C THR S 65 22.25 -20.59 40.74
N LEU S 66 21.07 -21.10 40.37
CA LEU S 66 19.83 -20.59 40.91
C LEU S 66 19.68 -20.90 42.40
N THR S 67 20.37 -21.93 42.89
CA THR S 67 20.26 -22.36 44.28
C THR S 67 21.45 -21.89 45.12
N GLY S 68 22.24 -20.98 44.59
CA GLY S 68 23.40 -20.49 45.32
C GLY S 68 24.47 -21.54 45.59
N GLY S 69 24.41 -22.68 44.91
CA GLY S 69 25.36 -23.75 45.12
C GLY S 69 24.70 -25.08 45.39
N GLY T 1 11.85 -58.03 23.00
CA GLY T 1 12.72 -57.59 24.08
C GLY T 1 12.88 -56.08 24.13
N GLY T 2 12.35 -55.40 23.12
CA GLY T 2 12.41 -53.96 23.07
C GLY T 2 13.80 -53.45 22.68
N THR T 3 13.83 -52.19 22.25
CA THR T 3 15.06 -51.54 21.84
C THR T 3 15.22 -50.23 22.59
N ASP T 4 16.47 -49.85 22.84
CA ASP T 4 16.74 -48.63 23.57
C ASP T 4 16.38 -47.40 22.74
N PRO T 5 15.85 -46.34 23.35
CA PRO T 5 15.43 -45.17 22.57
C PRO T 5 16.54 -44.53 21.77
N ALA T 6 17.80 -44.74 22.16
CA ALA T 6 18.93 -44.18 21.41
C ALA T 6 18.96 -44.70 19.97
N THR T 7 18.34 -45.85 19.70
CA THR T 7 18.22 -46.35 18.34
C THR T 7 16.89 -46.00 17.69
N MET T 8 15.81 -45.93 18.47
CA MET T 8 14.51 -45.61 17.88
C MET T 8 14.45 -44.15 17.42
N VAL T 9 14.94 -43.23 18.24
CA VAL T 9 14.96 -41.83 17.84
C VAL T 9 15.88 -41.64 16.66
N ASN T 10 17.00 -42.37 16.63
CA ASN T 10 17.90 -42.29 15.49
C ASN T 10 17.24 -42.82 14.22
N ASN T 11 16.44 -43.89 14.34
CA ASN T 11 15.68 -44.39 13.20
C ASN T 11 14.69 -43.34 12.71
N ILE T 12 14.02 -42.65 13.65
CA ILE T 12 13.10 -41.58 13.28
C ILE T 12 13.82 -40.50 12.48
N CYS T 13 14.99 -40.09 12.99
CA CYS T 13 15.76 -39.04 12.31
C CYS T 13 16.21 -39.49 10.93
N THR T 14 16.67 -40.74 10.82
CA THR T 14 17.14 -41.25 9.53
C THR T 14 16.00 -41.32 8.53
N PHE T 15 14.81 -41.75 8.98
CA PHE T 15 13.67 -41.78 8.09
C PHE T 15 13.28 -40.37 7.64
N ILE T 16 13.14 -39.45 8.59
CA ILE T 16 12.70 -38.10 8.27
C ILE T 16 13.74 -37.29 7.50
N LEU T 17 14.99 -37.75 7.46
CA LEU T 17 16.03 -37.05 6.72
C LEU T 17 16.57 -37.85 5.54
N GLY T 18 15.98 -39.00 5.23
CA GLY T 18 16.43 -39.81 4.14
C GLY T 18 15.73 -39.45 2.85
N PRO T 19 15.07 -40.44 2.23
CA PRO T 19 14.36 -40.17 0.97
C PRO T 19 13.05 -39.42 1.16
N PHE T 20 12.53 -39.34 2.38
CA PHE T 20 11.26 -38.66 2.62
C PHE T 20 11.43 -37.16 2.61
N GLY T 21 12.46 -36.65 3.31
CA GLY T 21 12.70 -35.22 3.35
C GLY T 21 12.99 -34.62 1.98
N GLN T 22 13.58 -35.41 1.07
CA GLN T 22 13.82 -34.93 -0.28
C GLN T 22 12.51 -34.56 -0.95
N SER T 23 11.56 -35.50 -0.99
CA SER T 23 10.27 -35.22 -1.61
C SER T 23 9.48 -34.17 -0.84
N LEU T 24 9.68 -34.09 0.48
CA LEU T 24 9.02 -33.03 1.23
C LEU T 24 9.53 -31.66 0.82
N ALA T 25 10.84 -31.52 0.63
CA ALA T 25 11.40 -30.26 0.14
C ALA T 25 10.93 -29.97 -1.28
N VAL T 26 10.80 -31.02 -2.10
CA VAL T 26 10.27 -30.85 -3.45
C VAL T 26 8.86 -30.28 -3.39
N LEU T 27 8.04 -30.80 -2.47
CA LEU T 27 6.68 -30.29 -2.31
C LEU T 27 6.71 -28.84 -1.83
N GLY T 28 7.64 -28.50 -0.95
CA GLY T 28 7.76 -27.11 -0.51
C GLY T 28 8.09 -26.17 -1.67
N ILE T 29 8.98 -26.61 -2.57
CA ILE T 29 9.33 -25.78 -3.72
C ILE T 29 8.15 -25.66 -4.67
N VAL T 30 7.42 -26.76 -4.89
CA VAL T 30 6.19 -26.70 -5.68
C VAL T 30 5.21 -25.71 -5.06
N ALA T 31 5.14 -25.69 -3.72
CA ALA T 31 4.23 -24.79 -3.03
C ALA T 31 4.61 -23.33 -3.26
N ILE T 32 5.90 -23.02 -3.17
CA ILE T 32 6.29 -21.62 -3.37
C ILE T 32 6.09 -21.22 -4.83
N GLY T 33 6.30 -22.15 -5.77
CA GLY T 33 6.02 -21.85 -7.16
C GLY T 33 4.55 -21.54 -7.40
N ILE T 34 3.67 -22.37 -6.84
CA ILE T 34 2.24 -22.15 -7.00
C ILE T 34 1.83 -20.84 -6.33
N SER T 35 2.43 -20.52 -5.18
CA SER T 35 2.09 -19.27 -4.51
C SER T 35 2.58 -18.06 -5.29
N TRP T 36 3.67 -18.19 -6.04
CA TRP T 36 4.07 -17.11 -6.93
C TRP T 36 3.20 -17.01 -8.17
N MET T 37 2.66 -18.13 -8.65
CA MET T 37 1.86 -18.09 -9.87
C MET T 37 0.59 -17.25 -9.67
N PHE T 38 -0.23 -17.63 -8.69
CA PHE T 38 -1.48 -16.93 -8.41
C PHE T 38 -1.27 -16.01 -7.20
N GLY T 39 -0.79 -14.82 -7.47
CA GLY T 39 -0.60 -13.84 -6.42
C GLY T 39 0.59 -12.96 -6.72
N ARG T 40 1.27 -12.55 -5.65
CA ARG T 40 2.40 -11.64 -5.71
C ARG T 40 3.69 -12.35 -5.31
N ALA T 41 4.79 -11.99 -5.95
CA ALA T 41 6.09 -12.59 -5.70
C ALA T 41 6.85 -11.71 -4.73
N SER T 42 7.05 -12.21 -3.51
CA SER T 42 7.76 -11.49 -2.46
C SER T 42 8.96 -12.31 -2.01
N LEU T 43 10.10 -11.63 -1.82
CA LEU T 43 11.31 -12.31 -1.36
C LEU T 43 11.12 -12.97 -0.01
N GLY T 44 10.17 -12.48 0.79
CA GLY T 44 9.98 -13.05 2.11
C GLY T 44 9.57 -14.51 2.09
N LEU T 45 8.64 -14.87 1.19
CA LEU T 45 8.16 -16.24 1.13
C LEU T 45 9.28 -17.20 0.75
N VAL T 46 10.01 -16.89 -0.32
CA VAL T 46 11.08 -17.76 -0.76
C VAL T 46 12.18 -17.83 0.28
N ALA T 47 12.53 -16.69 0.89
CA ALA T 47 13.54 -16.70 1.93
C ALA T 47 13.14 -17.61 3.08
N GLY T 48 11.89 -17.47 3.56
CA GLY T 48 11.43 -18.29 4.65
C GLY T 48 11.41 -19.77 4.33
N VAL T 49 10.97 -20.12 3.12
CA VAL T 49 10.84 -21.54 2.78
C VAL T 49 12.22 -22.16 2.56
N VAL T 50 13.12 -21.47 1.86
CA VAL T 50 14.47 -21.98 1.68
C VAL T 50 15.18 -22.10 3.02
N GLY T 51 14.93 -21.14 3.92
CA GLY T 51 15.50 -21.25 5.26
C GLY T 51 14.95 -22.45 6.02
N GLY T 52 13.65 -22.71 5.87
CA GLY T 52 13.07 -23.89 6.47
C GLY T 52 13.69 -25.18 5.95
N ILE T 53 13.94 -25.24 4.64
CA ILE T 53 14.56 -26.43 4.07
C ILE T 53 15.98 -26.58 4.58
N VAL T 54 16.74 -25.48 4.62
CA VAL T 54 18.10 -25.53 5.13
C VAL T 54 18.12 -26.01 6.58
N ILE T 55 17.20 -25.49 7.40
CA ILE T 55 17.14 -25.90 8.79
C ILE T 55 16.75 -27.37 8.92
N MET T 56 15.87 -27.84 8.03
CA MET T 56 15.50 -29.26 8.07
C MET T 56 16.69 -30.15 7.74
N PHE T 57 17.46 -29.80 6.71
CA PHE T 57 18.56 -30.66 6.31
C PHE T 57 19.87 -30.32 7.02
N GLY T 58 19.92 -29.21 7.76
CA GLY T 58 21.04 -28.92 8.61
C GLY T 58 20.85 -29.31 10.05
N ALA T 59 19.72 -29.95 10.38
CA ALA T 59 19.40 -30.25 11.78
C ALA T 59 20.51 -31.03 12.47
N SER T 60 21.14 -31.96 11.76
CA SER T 60 22.20 -32.75 12.37
C SER T 60 23.37 -31.87 12.79
N PHE T 61 23.94 -31.13 11.85
CA PHE T 61 25.11 -30.31 12.17
C PHE T 61 24.74 -29.14 13.06
N LEU T 62 23.54 -28.58 12.89
CA LEU T 62 23.09 -27.52 13.80
C LEU T 62 23.01 -28.03 15.23
N GLY T 63 22.52 -29.26 15.42
CA GLY T 63 22.48 -29.83 16.76
C GLY T 63 23.86 -30.13 17.29
N LYS T 64 24.76 -30.61 16.42
CA LYS T 64 26.12 -30.90 16.87
C LYS T 64 26.85 -29.64 17.31
N THR T 65 26.64 -28.53 16.60
CA THR T 65 27.39 -27.31 16.91
C THR T 65 26.74 -26.51 18.04
N LEU T 66 25.41 -26.47 18.09
CA LEU T 66 24.72 -25.69 19.11
C LEU T 66 24.94 -26.23 20.50
N THR T 67 25.28 -27.51 20.63
CA THR T 67 25.44 -28.15 21.93
C THR T 67 26.92 -28.33 22.29
N GLY T 68 27.81 -27.66 21.56
CA GLY T 68 29.23 -27.78 21.83
C GLY T 68 29.80 -29.17 21.61
N GLY T 69 29.06 -30.05 20.93
CA GLY T 69 29.52 -31.40 20.69
C GLY T 69 28.49 -32.44 21.11
N GLY U 1 -3.21 -52.81 3.63
CA GLY U 1 -1.94 -52.95 4.33
C GLY U 1 -1.15 -51.65 4.41
N GLY U 2 -1.64 -50.64 3.71
CA GLY U 2 -1.00 -49.34 3.70
C GLY U 2 0.27 -49.32 2.86
N THR U 3 0.68 -48.10 2.51
CA THR U 3 1.87 -47.88 1.69
C THR U 3 2.79 -46.91 2.40
N ASP U 4 4.09 -47.08 2.18
CA ASP U 4 5.07 -46.22 2.84
C ASP U 4 5.01 -44.80 2.24
N PRO U 5 5.19 -43.77 3.07
CA PRO U 5 5.07 -42.40 2.56
C PRO U 5 6.04 -42.07 1.44
N ALA U 6 7.15 -42.80 1.32
CA ALA U 6 8.09 -42.56 0.23
C ALA U 6 7.46 -42.76 -1.14
N THR U 7 6.36 -43.52 -1.21
CA THR U 7 5.61 -43.67 -2.45
C THR U 7 4.42 -42.72 -2.54
N MET U 8 3.77 -42.41 -1.42
CA MET U 8 2.62 -41.51 -1.46
C MET U 8 3.03 -40.09 -1.80
N VAL U 9 4.10 -39.60 -1.16
CA VAL U 9 4.57 -38.25 -1.47
C VAL U 9 5.06 -38.18 -2.91
N ASN U 10 5.69 -39.26 -3.38
CA ASN U 10 6.13 -39.30 -4.78
C ASN U 10 4.93 -39.28 -5.73
N ASN U 11 3.85 -39.98 -5.37
CA ASN U 11 2.63 -39.91 -6.17
C ASN U 11 2.08 -38.50 -6.20
N ILE U 12 2.09 -37.81 -5.05
CA ILE U 12 1.63 -36.43 -5.00
C ILE U 12 2.45 -35.56 -5.94
N CYS U 13 3.78 -35.71 -5.90
CA CYS U 13 4.66 -34.92 -6.75
C CYS U 13 4.41 -35.22 -8.23
N THR U 14 4.24 -36.50 -8.57
CA THR U 14 4.02 -36.89 -9.96
C THR U 14 2.69 -36.32 -10.46
N PHE U 15 1.66 -36.35 -9.63
CA PHE U 15 0.38 -35.78 -10.03
C PHE U 15 0.49 -34.27 -10.23
N ILE U 16 1.07 -33.57 -9.25
CA ILE U 16 1.15 -32.12 -9.32
C ILE U 16 2.13 -31.62 -10.38
N LEU U 17 3.00 -32.49 -10.89
CA LEU U 17 3.93 -32.10 -11.93
C LEU U 17 3.67 -32.78 -13.27
N GLY U 18 2.60 -33.55 -13.39
CA GLY U 18 2.30 -34.24 -14.62
C GLY U 18 1.43 -33.40 -15.54
N PRO U 19 0.26 -33.92 -15.92
CA PRO U 19 -0.63 -33.15 -16.79
C PRO U 19 -1.37 -32.04 -16.10
N PHE U 20 -1.39 -32.01 -14.76
CA PHE U 20 -2.11 -30.98 -14.04
C PHE U 20 -1.33 -29.67 -14.03
N GLY U 21 -0.03 -29.74 -13.75
CA GLY U 21 0.79 -28.53 -13.73
C GLY U 21 0.85 -27.83 -15.07
N GLN U 22 0.74 -28.58 -16.16
CA GLN U 22 0.70 -27.96 -17.49
C GLN U 22 -0.47 -27.00 -17.61
N SER U 23 -1.68 -27.49 -17.34
CA SER U 23 -2.85 -26.64 -17.42
C SER U 23 -2.84 -25.56 -16.35
N LEU U 24 -2.23 -25.81 -15.20
CA LEU U 24 -2.10 -24.76 -14.20
C LEU U 24 -1.22 -23.62 -14.71
N ALA U 25 -0.10 -23.94 -15.36
CA ALA U 25 0.73 -22.91 -15.96
C ALA U 25 0.00 -22.19 -17.09
N VAL U 26 -0.80 -22.93 -17.87
CA VAL U 26 -1.61 -22.30 -18.91
C VAL U 26 -2.56 -21.28 -18.29
N LEU U 27 -3.18 -21.63 -17.16
CA LEU U 27 -4.07 -20.69 -16.47
C LEU U 27 -3.29 -19.49 -15.97
N GLY U 28 -2.06 -19.71 -15.48
CA GLY U 28 -1.25 -18.58 -15.06
C GLY U 28 -0.94 -17.61 -16.20
N ILE U 29 -0.65 -18.16 -17.38
CA ILE U 29 -0.38 -17.31 -18.53
C ILE U 29 -1.64 -16.57 -18.98
N VAL U 30 -2.79 -17.26 -18.96
CA VAL U 30 -4.05 -16.59 -19.23
C VAL U 30 -4.27 -15.45 -18.25
N ALA U 31 -3.90 -15.68 -16.99
CA ALA U 31 -4.08 -14.65 -15.96
C ALA U 31 -3.22 -13.43 -16.23
N ILE U 32 -1.96 -13.64 -16.61
CA ILE U 32 -1.12 -12.48 -16.87
C ILE U 32 -1.58 -11.76 -18.14
N GLY U 33 -2.09 -12.50 -19.13
CA GLY U 33 -2.65 -11.83 -20.30
C GLY U 33 -3.83 -10.96 -19.96
N ILE U 34 -4.76 -11.49 -19.15
CA ILE U 34 -5.93 -10.73 -18.76
C ILE U 34 -5.52 -9.52 -17.92
N SER U 35 -4.50 -9.69 -17.06
CA SER U 35 -4.06 -8.56 -16.25
C SER U 35 -3.38 -7.49 -17.09
N TRP U 36 -2.76 -7.87 -18.20
CA TRP U 36 -2.24 -6.86 -19.11
C TRP U 36 -3.34 -6.19 -19.93
N MET U 37 -4.42 -6.91 -20.23
CA MET U 37 -5.47 -6.34 -21.06
C MET U 37 -6.14 -5.15 -20.37
N PHE U 38 -6.69 -5.38 -19.16
CA PHE U 38 -7.36 -4.34 -18.40
C PHE U 38 -6.42 -3.82 -17.32
N GLY U 39 -5.59 -2.86 -17.69
CA GLY U 39 -4.69 -2.26 -16.74
C GLY U 39 -3.40 -1.85 -17.41
N ARG U 40 -2.31 -1.94 -16.65
CA ARG U 40 -0.98 -1.52 -17.08
C ARG U 40 -0.07 -2.72 -17.22
N ALA U 41 0.82 -2.67 -18.21
CA ALA U 41 1.75 -3.75 -18.50
C ALA U 41 3.08 -3.44 -17.83
N SER U 42 3.43 -4.20 -16.80
CA SER U 42 4.67 -4.02 -16.07
C SER U 42 5.49 -5.29 -16.14
N LEU U 43 6.80 -5.15 -16.35
CA LEU U 43 7.69 -6.30 -16.41
C LEU U 43 7.69 -7.10 -15.12
N GLY U 44 7.34 -6.47 -13.99
CA GLY U 44 7.37 -7.17 -12.73
C GLY U 44 6.39 -8.33 -12.68
N LEU U 45 5.18 -8.13 -13.18
CA LEU U 45 4.17 -9.19 -13.13
C LEU U 45 4.60 -10.40 -13.94
N VAL U 46 5.01 -10.18 -15.19
CA VAL U 46 5.41 -11.28 -16.05
C VAL U 46 6.65 -11.97 -15.49
N ALA U 47 7.61 -11.18 -14.99
CA ALA U 47 8.81 -11.76 -14.41
C ALA U 47 8.45 -12.66 -13.24
N GLY U 48 7.60 -12.18 -12.33
CA GLY U 48 7.22 -12.97 -11.17
C GLY U 48 6.48 -14.24 -11.56
N VAL U 49 5.57 -14.15 -12.53
CA VAL U 49 4.76 -15.32 -12.87
C VAL U 49 5.60 -16.35 -13.62
N VAL U 50 6.43 -15.91 -14.56
CA VAL U 50 7.30 -16.85 -15.25
C VAL U 50 8.28 -17.49 -14.28
N GLY U 51 8.77 -16.72 -13.31
CA GLY U 51 9.63 -17.29 -12.30
C GLY U 51 8.90 -18.31 -11.44
N GLY U 52 7.64 -18.04 -11.12
CA GLY U 52 6.85 -19.02 -10.39
C GLY U 52 6.67 -20.30 -11.17
N ILE U 53 6.42 -20.19 -12.48
CA ILE U 53 6.28 -21.40 -13.30
C ILE U 53 7.59 -22.17 -13.37
N VAL U 54 8.71 -21.46 -13.55
CA VAL U 54 10.02 -22.11 -13.59
C VAL U 54 10.29 -22.83 -12.28
N ILE U 55 9.98 -22.19 -11.16
CA ILE U 55 10.20 -22.81 -9.86
C ILE U 55 9.30 -24.02 -9.68
N MET U 56 8.07 -23.96 -10.19
CA MET U 56 7.18 -25.11 -10.10
C MET U 56 7.71 -26.29 -10.88
N PHE U 57 8.18 -26.05 -12.11
CA PHE U 57 8.64 -27.17 -12.93
C PHE U 57 10.11 -27.49 -12.75
N GLY U 58 10.84 -26.64 -12.02
CA GLY U 58 12.20 -26.96 -11.63
C GLY U 58 12.33 -27.53 -10.25
N ALA U 59 11.21 -27.76 -9.55
CA ALA U 59 11.26 -28.20 -8.16
C ALA U 59 12.10 -29.45 -7.97
N SER U 60 12.02 -30.39 -8.90
CA SER U 60 12.78 -31.63 -8.78
C SER U 60 14.28 -31.35 -8.78
N PHE U 61 14.77 -30.69 -9.83
CA PHE U 61 16.22 -30.44 -9.93
C PHE U 61 16.67 -29.42 -8.90
N LEU U 62 15.84 -28.43 -8.58
CA LEU U 62 16.18 -27.49 -7.52
C LEU U 62 16.35 -28.22 -6.19
N GLY U 63 15.49 -29.17 -5.89
CA GLY U 63 15.64 -29.94 -4.67
C GLY U 63 16.86 -30.84 -4.71
N LYS U 64 17.15 -31.43 -5.87
CA LYS U 64 18.32 -32.30 -5.98
C LYS U 64 19.62 -31.51 -5.78
N THR U 65 19.67 -30.28 -6.30
CA THR U 65 20.92 -29.51 -6.23
C THR U 65 21.06 -28.78 -4.90
N LEU U 66 19.96 -28.25 -4.36
CA LEU U 66 20.03 -27.49 -3.11
C LEU U 66 20.43 -28.34 -1.93
N THR U 67 20.23 -29.66 -2.00
CA THR U 67 20.52 -30.56 -0.90
C THR U 67 21.81 -31.34 -1.12
N GLY U 68 22.62 -30.92 -2.10
CA GLY U 68 23.86 -31.61 -2.39
C GLY U 68 23.69 -33.04 -2.86
N GLY U 69 22.48 -33.42 -3.27
CA GLY U 69 22.23 -34.77 -3.73
C GLY U 69 21.05 -35.42 -3.02
N GLY V 1 -19.94 -38.79 -8.73
CA GLY V 1 -18.69 -39.52 -8.57
C GLY V 1 -17.47 -38.63 -8.71
N GLY V 2 -17.68 -37.39 -9.11
CA GLY V 2 -16.60 -36.45 -9.27
C GLY V 2 -15.78 -36.71 -10.52
N THR V 3 -15.03 -35.68 -10.92
CA THR V 3 -14.18 -35.74 -12.11
C THR V 3 -12.77 -35.33 -11.73
N ASP V 4 -11.80 -35.92 -12.43
CA ASP V 4 -10.40 -35.63 -12.14
C ASP V 4 -10.06 -34.19 -12.57
N PRO V 5 -9.20 -33.50 -11.80
CA PRO V 5 -8.90 -32.11 -12.15
C PRO V 5 -8.30 -31.92 -13.53
N ALA V 6 -7.69 -32.97 -14.10
CA ALA V 6 -7.13 -32.86 -15.44
C ALA V 6 -8.19 -32.52 -16.48
N THR V 7 -9.46 -32.80 -16.19
CA THR V 7 -10.55 -32.40 -17.07
C THR V 7 -11.20 -31.10 -16.65
N MET V 8 -11.28 -30.81 -15.34
CA MET V 8 -11.90 -29.57 -14.90
C MET V 8 -11.06 -28.36 -15.26
N VAL V 9 -9.76 -28.42 -15.04
CA VAL V 9 -8.89 -27.31 -15.42
C VAL V 9 -8.89 -27.13 -16.94
N ASN V 10 -8.96 -28.23 -17.67
CA ASN V 10 -9.04 -28.14 -19.13
C ASN V 10 -10.35 -27.48 -19.56
N ASN V 11 -11.45 -27.80 -18.87
CA ASN V 11 -12.71 -27.14 -19.16
C ASN V 11 -12.62 -25.64 -18.89
N ILE V 12 -11.96 -25.26 -17.79
CA ILE V 12 -11.75 -23.86 -17.47
C ILE V 12 -10.99 -23.16 -18.60
N CYS V 13 -9.91 -23.79 -19.06
CA CYS V 13 -9.11 -23.21 -20.13
C CYS V 13 -9.91 -23.09 -21.42
N THR V 14 -10.68 -24.12 -21.75
CA THR V 14 -11.47 -24.10 -22.98
C THR V 14 -12.53 -23.00 -22.92
N PHE V 15 -13.17 -22.82 -21.77
CA PHE V 15 -14.15 -21.75 -21.62
C PHE V 15 -13.49 -20.39 -21.76
N ILE V 16 -12.39 -20.17 -21.02
CA ILE V 16 -11.74 -18.86 -21.01
C ILE V 16 -11.03 -18.55 -22.32
N LEU V 17 -10.83 -19.54 -23.19
CA LEU V 17 -10.19 -19.31 -24.47
C LEU V 17 -11.12 -19.56 -25.66
N GLY V 18 -12.39 -19.84 -25.42
CA GLY V 18 -13.32 -20.09 -26.49
C GLY V 18 -14.00 -18.82 -26.96
N PRO V 19 -15.33 -18.80 -26.91
CA PRO V 19 -16.06 -17.59 -27.34
C PRO V 19 -16.01 -16.45 -26.34
N PHE V 20 -15.59 -16.70 -25.10
CA PHE V 20 -15.55 -15.66 -24.09
C PHE V 20 -14.34 -14.74 -24.30
N GLY V 21 -13.16 -15.34 -24.51
CA GLY V 21 -11.96 -14.55 -24.73
C GLY V 21 -12.05 -13.65 -25.95
N GLN V 22 -12.80 -14.06 -26.97
CA GLN V 22 -12.99 -13.21 -28.14
C GLN V 22 -13.63 -11.89 -27.76
N SER V 23 -14.78 -11.95 -27.09
CA SER V 23 -15.46 -10.74 -26.67
C SER V 23 -14.66 -9.98 -25.61
N LEU V 24 -13.88 -10.67 -24.79
CA LEU V 24 -13.02 -9.97 -23.85
C LEU V 24 -11.96 -9.15 -24.57
N ALA V 25 -11.35 -9.71 -25.62
CA ALA V 25 -10.39 -8.95 -26.41
C ALA V 25 -11.07 -7.80 -27.14
N VAL V 26 -12.31 -8.01 -27.60
CA VAL V 26 -13.07 -6.93 -28.22
C VAL V 26 -13.27 -5.79 -27.24
N LEU V 27 -13.59 -6.12 -25.99
CA LEU V 27 -13.74 -5.09 -24.96
C LEU V 27 -12.41 -4.39 -24.70
N GLY V 28 -11.30 -5.12 -24.72
CA GLY V 28 -10.01 -4.49 -24.56
C GLY V 28 -9.71 -3.48 -25.66
N ILE V 29 -10.06 -3.84 -26.91
CA ILE V 29 -9.83 -2.92 -28.02
C ILE V 29 -10.75 -1.71 -27.91
N VAL V 30 -12.01 -1.92 -27.52
CA VAL V 30 -12.89 -0.79 -27.25
C VAL V 30 -12.30 0.11 -26.18
N ALA V 31 -11.68 -0.49 -25.17
CA ALA V 31 -11.09 0.29 -24.09
C ALA V 31 -9.94 1.15 -24.58
N ILE V 32 -9.06 0.58 -25.41
CA ILE V 32 -7.94 1.38 -25.90
C ILE V 32 -8.44 2.47 -26.84
N GLY V 33 -9.49 2.19 -27.62
CA GLY V 33 -10.07 3.24 -28.45
C GLY V 33 -10.61 4.39 -27.64
N ILE V 34 -11.37 4.07 -26.59
CA ILE V 34 -11.93 5.11 -25.73
C ILE V 34 -10.81 5.88 -25.03
N SER V 35 -9.74 5.19 -24.62
CA SER V 35 -8.64 5.87 -23.97
C SER V 35 -7.88 6.78 -24.93
N TRP V 36 -7.86 6.44 -26.22
CA TRP V 36 -7.28 7.36 -27.19
C TRP V 36 -8.21 8.53 -27.49
N MET V 37 -9.52 8.33 -27.42
CA MET V 37 -10.45 9.42 -27.75
C MET V 37 -10.30 10.59 -26.78
N PHE V 38 -10.48 10.33 -25.49
CA PHE V 38 -10.39 11.36 -24.46
C PHE V 38 -9.03 11.25 -23.78
N GLY V 39 -8.05 11.90 -24.36
CA GLY V 39 -6.73 11.93 -23.78
C GLY V 39 -5.66 11.98 -24.87
N ARG V 40 -4.53 11.34 -24.56
CA ARG V 40 -3.36 11.33 -25.43
C ARG V 40 -3.12 9.93 -25.98
N ALA V 41 -2.66 9.87 -27.23
CA ALA V 41 -2.40 8.61 -27.91
C ALA V 41 -0.92 8.27 -27.78
N SER V 42 -0.61 7.23 -27.00
CA SER V 42 0.76 6.80 -26.76
C SER V 42 0.90 5.35 -27.22
N LEU V 43 2.02 5.06 -27.90
CA LEU V 43 2.28 3.70 -28.36
C LEU V 43 2.36 2.71 -27.21
N GLY V 44 2.67 3.16 -26.00
CA GLY V 44 2.80 2.25 -24.89
C GLY V 44 1.51 1.54 -24.55
N LEU V 45 0.39 2.27 -24.55
CA LEU V 45 -0.89 1.67 -24.19
C LEU V 45 -1.28 0.58 -25.18
N VAL V 46 -1.23 0.90 -26.48
CA VAL V 46 -1.61 -0.07 -27.50
C VAL V 46 -0.66 -1.26 -27.48
N ALA V 47 0.64 -1.00 -27.33
CA ALA V 47 1.61 -2.09 -27.28
C ALA V 47 1.29 -3.02 -26.12
N GLY V 48 1.06 -2.46 -24.93
CA GLY V 48 0.76 -3.28 -23.77
C GLY V 48 -0.51 -4.08 -23.92
N VAL V 49 -1.56 -3.46 -24.47
CA VAL V 49 -2.84 -4.17 -24.57
C VAL V 49 -2.79 -5.26 -25.64
N VAL V 50 -2.19 -4.96 -26.80
CA VAL V 50 -2.05 -5.98 -27.82
C VAL V 50 -1.17 -7.12 -27.33
N GLY V 51 -0.13 -6.80 -26.56
CA GLY V 51 0.69 -7.85 -25.98
C GLY V 51 -0.09 -8.68 -24.98
N GLY V 52 -0.95 -8.05 -24.19
CA GLY V 52 -1.81 -8.81 -23.29
C GLY V 52 -2.74 -9.74 -24.03
N ILE V 53 -3.31 -9.29 -25.14
CA ILE V 53 -4.19 -10.15 -25.93
C ILE V 53 -3.41 -11.31 -26.53
N VAL V 54 -2.22 -11.03 -27.06
CA VAL V 54 -1.39 -12.09 -27.63
C VAL V 54 -1.04 -13.12 -26.57
N ILE V 55 -0.68 -12.66 -25.37
CA ILE V 55 -0.34 -13.58 -24.29
C ILE V 55 -1.56 -14.38 -23.87
N MET V 56 -2.74 -13.77 -23.88
CA MET V 56 -3.94 -14.51 -23.53
C MET V 56 -4.23 -15.62 -24.53
N PHE V 57 -4.12 -15.31 -25.83
CA PHE V 57 -4.45 -16.32 -26.84
C PHE V 57 -3.26 -17.18 -27.23
N GLY V 58 -2.06 -16.84 -26.79
CA GLY V 58 -0.91 -17.70 -26.95
C GLY V 58 -0.60 -18.55 -25.75
N ALA V 59 -1.43 -18.50 -24.70
CA ALA V 59 -1.13 -19.20 -23.46
C ALA V 59 -0.87 -20.68 -23.69
N SER V 60 -1.63 -21.32 -24.58
CA SER V 60 -1.44 -22.75 -24.83
C SER V 60 -0.05 -23.04 -25.37
N PHE V 61 0.31 -22.39 -26.48
CA PHE V 61 1.61 -22.67 -27.09
C PHE V 61 2.76 -22.13 -26.24
N LEU V 62 2.55 -20.99 -25.58
CA LEU V 62 3.57 -20.49 -24.67
C LEU V 62 3.85 -21.48 -23.54
N GLY V 63 2.79 -22.10 -23.01
CA GLY V 63 3.00 -23.11 -21.98
C GLY V 63 3.65 -24.36 -22.53
N LYS V 64 3.29 -24.75 -23.75
CA LYS V 64 3.90 -25.94 -24.35
C LYS V 64 5.39 -25.74 -24.59
N THR V 65 5.79 -24.54 -25.02
CA THR V 65 7.18 -24.32 -25.36
C THR V 65 8.03 -23.96 -24.14
N LEU V 66 7.47 -23.21 -23.20
CA LEU V 66 8.24 -22.80 -22.02
C LEU V 66 8.61 -23.96 -21.13
N THR V 67 7.87 -25.07 -21.20
CA THR V 67 8.10 -26.22 -20.35
C THR V 67 8.80 -27.35 -21.09
N GLY V 68 9.36 -27.06 -22.26
CA GLY V 68 10.03 -28.08 -23.04
C GLY V 68 9.16 -29.22 -23.51
N GLY V 69 7.84 -29.04 -23.46
CA GLY V 69 6.92 -30.07 -23.88
C GLY V 69 5.87 -30.39 -22.82
N GLY W 1 -32.69 -17.33 -13.33
CA GLY W 1 -31.89 -18.48 -13.69
C GLY W 1 -30.50 -18.10 -14.19
N GLY W 2 -30.29 -16.80 -14.40
CA GLY W 2 -29.02 -16.31 -14.87
C GLY W 2 -28.80 -16.58 -16.35
N THR W 3 -27.85 -15.84 -16.93
CA THR W 3 -27.50 -15.96 -18.33
C THR W 3 -26.01 -16.19 -18.47
N ASP W 4 -25.63 -16.93 -19.51
CA ASP W 4 -24.23 -17.24 -19.73
C ASP W 4 -23.46 -15.98 -20.15
N PRO W 5 -22.22 -15.81 -19.69
CA PRO W 5 -21.47 -14.59 -20.02
C PRO W 5 -21.29 -14.36 -21.51
N ALA W 6 -21.39 -15.40 -22.34
CA ALA W 6 -21.26 -15.23 -23.77
C ALA W 6 -22.35 -14.31 -24.34
N THR W 7 -23.46 -14.15 -23.62
CA THR W 7 -24.49 -13.21 -24.02
C THR W 7 -24.38 -11.87 -23.29
N MET W 8 -23.93 -11.87 -22.04
CA MET W 8 -23.82 -10.61 -21.31
C MET W 8 -22.70 -9.74 -21.87
N VAL W 9 -21.54 -10.32 -22.14
CA VAL W 9 -20.44 -9.55 -22.72
C VAL W 9 -20.83 -9.06 -24.11
N ASN W 10 -21.57 -9.88 -24.87
CA ASN W 10 -22.04 -9.46 -26.17
C ASN W 10 -23.02 -8.30 -26.06
N ASN W 11 -23.88 -8.32 -25.04
CA ASN W 11 -24.77 -7.20 -24.80
C ASN W 11 -23.98 -5.93 -24.48
N ILE W 12 -22.94 -6.07 -23.67
CA ILE W 12 -22.08 -4.93 -23.35
C ILE W 12 -21.48 -4.35 -24.61
N CYS W 13 -20.95 -5.22 -25.48
CA CYS W 13 -20.33 -4.76 -26.72
C CYS W 13 -21.36 -4.07 -27.63
N THR W 14 -22.55 -4.66 -27.73
CA THR W 14 -23.60 -4.09 -28.58
C THR W 14 -24.02 -2.71 -28.06
N PHE W 15 -24.15 -2.57 -26.74
CA PHE W 15 -24.50 -1.27 -26.17
C PHE W 15 -23.40 -0.25 -26.44
N ILE W 16 -22.15 -0.61 -26.13
CA ILE W 16 -21.05 0.33 -26.28
C ILE W 16 -20.70 0.64 -27.72
N LEU W 17 -21.20 -0.15 -28.68
CA LEU W 17 -20.95 0.10 -30.09
C LEU W 17 -22.19 0.47 -30.87
N GLY W 18 -23.34 0.63 -30.21
CA GLY W 18 -24.57 0.97 -30.88
C GLY W 18 -24.75 2.47 -30.98
N PRO W 19 -25.87 2.97 -30.45
CA PRO W 19 -26.11 4.41 -30.50
C PRO W 19 -25.30 5.22 -29.51
N PHE W 20 -24.68 4.57 -28.52
CA PHE W 20 -23.89 5.29 -27.53
C PHE W 20 -22.54 5.72 -28.09
N GLY W 21 -21.85 4.79 -28.76
CA GLY W 21 -20.55 5.12 -29.34
C GLY W 21 -20.61 6.21 -30.37
N GLN W 22 -21.74 6.34 -31.07
CA GLN W 22 -21.89 7.43 -32.04
C GLN W 22 -21.78 8.78 -31.35
N SER W 23 -22.59 9.00 -30.31
CA SER W 23 -22.54 10.25 -29.59
C SER W 23 -21.22 10.43 -28.85
N LEU W 24 -20.58 9.34 -28.42
CA LEU W 24 -19.28 9.45 -27.80
C LEU W 24 -18.24 9.97 -28.80
N ALA W 25 -18.27 9.46 -30.03
CA ALA W 25 -17.37 9.96 -31.08
C ALA W 25 -17.70 11.41 -31.41
N VAL W 26 -18.98 11.77 -31.41
CA VAL W 26 -19.37 13.15 -31.63
C VAL W 26 -18.76 14.06 -30.56
N LEU W 27 -18.80 13.60 -29.30
CA LEU W 27 -18.18 14.37 -28.23
C LEU W 27 -16.68 14.47 -28.41
N GLY W 28 -16.04 13.40 -28.89
CA GLY W 28 -14.62 13.46 -29.17
C GLY W 28 -14.28 14.49 -30.22
N ILE W 29 -15.10 14.57 -31.27
CA ILE W 29 -14.86 15.56 -32.33
C ILE W 29 -15.10 16.97 -31.80
N VAL W 30 -16.15 17.16 -30.99
CA VAL W 30 -16.36 18.45 -30.35
C VAL W 30 -15.14 18.82 -29.50
N ALA W 31 -14.56 17.83 -28.82
CA ALA W 31 -13.40 18.09 -27.98
C ALA W 31 -12.20 18.55 -28.80
N ILE W 32 -11.95 17.89 -29.93
CA ILE W 32 -10.79 18.32 -30.73
C ILE W 32 -11.06 19.68 -31.35
N GLY W 33 -12.30 19.99 -31.70
CA GLY W 33 -12.61 21.31 -32.20
C GLY W 33 -12.35 22.38 -31.16
N ILE W 34 -12.82 22.15 -29.92
CA ILE W 34 -12.60 23.11 -28.85
C ILE W 34 -11.11 23.25 -28.55
N SER W 35 -10.37 22.15 -28.62
CA SER W 35 -8.93 22.22 -28.35
C SER W 35 -8.20 22.96 -29.45
N TRP W 36 -8.71 22.92 -30.69
CA TRP W 36 -8.12 23.76 -31.73
C TRP W 36 -8.51 25.22 -31.59
N MET W 37 -9.70 25.52 -31.06
CA MET W 37 -10.14 26.90 -30.96
C MET W 37 -9.23 27.70 -30.03
N PHE W 38 -9.11 27.26 -28.77
CA PHE W 38 -8.29 27.94 -27.78
C PHE W 38 -6.96 27.20 -27.65
N GLY W 39 -6.02 27.55 -28.50
CA GLY W 39 -4.70 26.96 -28.43
C GLY W 39 -4.10 26.85 -29.83
N ARG W 40 -3.31 25.79 -30.00
CA ARG W 40 -2.58 25.55 -31.24
C ARG W 40 -3.12 24.30 -31.93
N ALA W 41 -3.12 24.35 -33.27
CA ALA W 41 -3.63 23.25 -34.09
C ALA W 41 -2.47 22.37 -34.52
N SER W 42 -2.40 21.15 -33.98
CA SER W 42 -1.35 20.21 -34.29
C SER W 42 -1.96 18.95 -34.88
N LEU W 43 -1.33 18.42 -35.93
CA LEU W 43 -1.81 17.19 -36.55
C LEU W 43 -1.82 16.02 -35.59
N GLY W 44 -0.99 16.07 -34.54
CA GLY W 44 -0.92 14.95 -33.62
C GLY W 44 -2.22 14.70 -32.88
N LEU W 45 -2.88 15.77 -32.43
CA LEU W 45 -4.11 15.62 -31.68
C LEU W 45 -5.21 14.99 -32.53
N VAL W 46 -5.42 15.54 -33.73
CA VAL W 46 -6.47 15.02 -34.61
C VAL W 46 -6.14 13.59 -35.02
N ALA W 47 -4.87 13.32 -35.35
CA ALA W 47 -4.48 11.97 -35.72
C ALA W 47 -4.79 10.99 -34.59
N GLY W 48 -4.40 11.33 -33.36
CA GLY W 48 -4.64 10.44 -32.24
C GLY W 48 -6.11 10.21 -31.99
N VAL W 49 -6.93 11.27 -32.07
CA VAL W 49 -8.35 11.13 -31.74
C VAL W 49 -9.08 10.36 -32.83
N VAL W 50 -8.79 10.65 -34.10
CA VAL W 50 -9.41 9.90 -35.19
C VAL W 50 -8.98 8.44 -35.13
N GLY W 51 -7.72 8.18 -34.77
CA GLY W 51 -7.29 6.80 -34.60
C GLY W 51 -8.00 6.12 -33.45
N GLY W 52 -8.24 6.85 -32.36
CA GLY W 52 -9.01 6.28 -31.27
C GLY W 52 -10.42 5.93 -31.68
N ILE W 53 -11.06 6.80 -32.48
CA ILE W 53 -12.42 6.51 -32.95
C ILE W 53 -12.41 5.30 -33.87
N VAL W 54 -11.44 5.22 -34.78
CA VAL W 54 -11.34 4.08 -35.69
C VAL W 54 -11.14 2.79 -34.91
N ILE W 55 -10.28 2.82 -33.89
CA ILE W 55 -10.05 1.64 -33.07
C ILE W 55 -11.30 1.26 -32.30
N MET W 56 -12.07 2.26 -31.83
CA MET W 56 -13.31 1.95 -31.13
C MET W 56 -14.31 1.26 -32.04
N PHE W 57 -14.49 1.78 -33.26
CA PHE W 57 -15.49 1.21 -34.14
C PHE W 57 -14.95 0.08 -35.01
N GLY W 58 -13.64 -0.15 -35.00
CA GLY W 58 -13.07 -1.31 -35.64
C GLY W 58 -12.80 -2.47 -34.70
N ALA W 59 -13.17 -2.33 -33.42
CA ALA W 59 -12.84 -3.34 -32.42
C ALA W 59 -13.29 -4.74 -32.84
N SER W 60 -14.47 -4.84 -33.43
CA SER W 60 -14.99 -6.15 -33.83
C SER W 60 -14.08 -6.80 -34.86
N PHE W 61 -13.84 -6.12 -35.98
CA PHE W 61 -13.03 -6.72 -37.04
C PHE W 61 -11.57 -6.83 -36.63
N LEU W 62 -11.07 -5.86 -35.86
CA LEU W 62 -9.70 -5.97 -35.33
C LEU W 62 -9.55 -7.22 -34.47
N GLY W 63 -10.54 -7.50 -33.63
CA GLY W 63 -10.49 -8.72 -32.82
C GLY W 63 -10.61 -9.97 -33.66
N LYS W 64 -11.46 -9.93 -34.69
CA LYS W 64 -11.61 -11.10 -35.56
C LYS W 64 -10.32 -11.42 -36.31
N THR W 65 -9.61 -10.38 -36.76
CA THR W 65 -8.42 -10.61 -37.58
C THR W 65 -7.18 -10.87 -36.72
N LEU W 66 -7.06 -10.18 -35.58
CA LEU W 66 -5.86 -10.34 -34.75
C LEU W 66 -5.78 -11.73 -34.14
N THR W 67 -6.89 -12.44 -34.01
CA THR W 67 -6.93 -13.75 -33.38
C THR W 67 -7.01 -14.87 -34.40
N GLY W 68 -6.78 -14.56 -35.68
CA GLY W 68 -6.85 -15.57 -36.72
C GLY W 68 -8.22 -16.17 -36.92
N GLY W 69 -9.26 -15.54 -36.38
CA GLY W 69 -10.62 -16.05 -36.50
C GLY W 69 -11.32 -16.17 -35.17
N GLY X 1 -48.69 -20.87 34.87
CA GLY X 1 -48.91 -22.07 34.08
C GLY X 1 -47.94 -22.23 32.93
N GLY X 2 -47.14 -21.21 32.70
CA GLY X 2 -46.16 -21.23 31.64
C GLY X 2 -46.78 -21.06 30.26
N THR X 3 -45.93 -20.70 29.30
CA THR X 3 -46.34 -20.48 27.93
C THR X 3 -45.48 -21.33 27.00
N ASP X 4 -46.07 -21.76 25.88
CA ASP X 4 -45.35 -22.59 24.94
C ASP X 4 -44.27 -21.77 24.23
N PRO X 5 -43.11 -22.38 23.94
CA PRO X 5 -42.02 -21.61 23.32
C PRO X 5 -42.39 -21.00 21.98
N ALA X 6 -43.39 -21.53 21.29
CA ALA X 6 -43.81 -20.96 20.01
C ALA X 6 -44.28 -19.52 20.16
N THR X 7 -44.68 -19.11 21.36
CA THR X 7 -45.03 -17.72 21.63
C THR X 7 -43.88 -16.93 22.23
N MET X 8 -43.03 -17.56 23.05
CA MET X 8 -41.93 -16.83 23.66
C MET X 8 -40.88 -16.44 22.62
N VAL X 9 -40.51 -17.38 21.74
CA VAL X 9 -39.55 -17.05 20.70
C VAL X 9 -40.12 -16.01 19.75
N ASN X 10 -41.42 -16.08 19.49
CA ASN X 10 -42.06 -15.07 18.64
C ASN X 10 -42.04 -13.71 19.31
N ASN X 11 -42.24 -13.67 20.64
CA ASN X 11 -42.12 -12.42 21.37
C ASN X 11 -40.70 -11.86 21.27
N ILE X 12 -39.70 -12.73 21.39
CA ILE X 12 -38.32 -12.30 21.24
C ILE X 12 -38.09 -11.68 19.87
N CYS X 13 -38.58 -12.34 18.82
CA CYS X 13 -38.40 -11.84 17.46
C CYS X 13 -39.12 -10.50 17.28
N THR X 14 -40.33 -10.38 17.81
CA THR X 14 -41.09 -9.15 17.67
C THR X 14 -40.40 -8.00 18.40
N PHE X 15 -39.85 -8.26 19.58
CA PHE X 15 -39.11 -7.23 20.30
C PHE X 15 -37.87 -6.81 19.53
N ILE X 16 -37.07 -7.78 19.10
CA ILE X 16 -35.80 -7.48 18.43
C ILE X 16 -35.99 -6.90 17.04
N LEU X 17 -37.20 -7.00 16.47
CA LEU X 17 -37.47 -6.45 15.15
C LEU X 17 -38.47 -5.30 15.18
N GLY X 18 -38.90 -4.86 16.36
CA GLY X 18 -39.86 -3.78 16.45
C GLY X 18 -39.17 -2.44 16.53
N PRO X 19 -39.45 -1.68 17.61
CA PRO X 19 -38.82 -0.36 17.75
C PRO X 19 -37.37 -0.42 18.18
N PHE X 20 -36.88 -1.57 18.65
CA PHE X 20 -35.50 -1.68 19.11
C PHE X 20 -34.54 -1.77 17.93
N GLY X 21 -34.87 -2.62 16.95
CA GLY X 21 -34.02 -2.77 15.78
C GLY X 21 -33.86 -1.48 14.98
N GLN X 22 -34.87 -0.63 15.00
CA GLN X 22 -34.77 0.66 14.32
C GLN X 22 -33.62 1.48 14.89
N SER X 23 -33.64 1.69 16.20
CA SER X 23 -32.57 2.45 16.84
C SER X 23 -31.23 1.73 16.77
N LEU X 24 -31.23 0.40 16.75
CA LEU X 24 -29.98 -0.32 16.57
C LEU X 24 -29.38 -0.05 15.19
N ALA X 25 -30.21 -0.04 14.14
CA ALA X 25 -29.72 0.31 12.82
C ALA X 25 -29.27 1.76 12.76
N VAL X 26 -29.97 2.65 13.46
CA VAL X 26 -29.54 4.04 13.54
C VAL X 26 -28.15 4.13 14.15
N LEU X 27 -27.91 3.36 15.21
CA LEU X 27 -26.58 3.34 15.83
C LEU X 27 -25.53 2.79 14.87
N GLY X 28 -25.91 1.77 14.09
CA GLY X 28 -24.98 1.26 13.09
C GLY X 28 -24.59 2.30 12.05
N ILE X 29 -25.57 3.10 11.61
CA ILE X 29 -25.28 4.14 10.64
C ILE X 29 -24.42 5.24 11.27
N VAL X 30 -24.71 5.60 12.51
CA VAL X 30 -23.85 6.55 13.23
C VAL X 30 -22.43 6.01 13.31
N ALA X 31 -22.30 4.70 13.52
CA ALA X 31 -20.98 4.08 13.62
C ALA X 31 -20.22 4.18 12.31
N ILE X 32 -20.89 3.90 11.19
CA ILE X 32 -20.17 3.98 9.92
C ILE X 32 -19.83 5.42 9.59
N GLY X 33 -20.69 6.36 9.97
CA GLY X 33 -20.35 7.77 9.77
C GLY X 33 -19.11 8.18 10.56
N ILE X 34 -19.06 7.79 11.84
CA ILE X 34 -17.91 8.12 12.66
C ILE X 34 -16.66 7.44 12.13
N SER X 35 -16.79 6.20 11.63
CA SER X 35 -15.63 5.51 11.08
C SER X 35 -15.14 6.16 9.79
N TRP X 36 -16.04 6.77 9.02
CA TRP X 36 -15.59 7.53 7.86
C TRP X 36 -14.97 8.87 8.24
N MET X 37 -15.42 9.49 9.34
CA MET X 37 -14.90 10.79 9.73
C MET X 37 -13.40 10.71 10.06
N PHE X 38 -13.05 9.86 11.03
CA PHE X 38 -11.66 9.71 11.46
C PHE X 38 -11.09 8.44 10.83
N GLY X 39 -10.59 8.57 9.61
CA GLY X 39 -9.97 7.46 8.94
C GLY X 39 -10.20 7.55 7.45
N ARG X 40 -10.31 6.38 6.82
CA ARG X 40 -10.46 6.25 5.39
C ARG X 40 -11.84 5.72 5.03
N ALA X 41 -12.38 6.19 3.91
CA ALA X 41 -13.71 5.82 3.45
C ALA X 41 -13.57 4.70 2.42
N SER X 42 -14.00 3.49 2.80
CA SER X 42 -13.92 2.32 1.93
C SER X 42 -15.32 1.78 1.70
N LEU X 43 -15.62 1.41 0.47
CA LEU X 43 -16.92 0.83 0.15
C LEU X 43 -17.20 -0.45 0.92
N GLY X 44 -16.15 -1.15 1.36
CA GLY X 44 -16.35 -2.41 2.05
C GLY X 44 -17.10 -2.25 3.35
N LEU X 45 -16.76 -1.22 4.14
CA LEU X 45 -17.40 -1.02 5.43
C LEU X 45 -18.89 -0.74 5.27
N VAL X 46 -19.23 0.21 4.40
CA VAL X 46 -20.63 0.56 4.19
C VAL X 46 -21.40 -0.62 3.61
N ALA X 47 -20.79 -1.33 2.65
CA ALA X 47 -21.45 -2.49 2.07
C ALA X 47 -21.75 -3.53 3.14
N GLY X 48 -20.76 -3.84 3.99
CA GLY X 48 -20.97 -4.83 5.03
C GLY X 48 -22.04 -4.42 6.02
N VAL X 49 -22.03 -3.15 6.42
CA VAL X 49 -22.97 -2.71 7.45
C VAL X 49 -24.39 -2.63 6.90
N VAL X 50 -24.55 -2.10 5.68
CA VAL X 50 -25.88 -2.07 5.08
C VAL X 50 -26.39 -3.48 4.84
N GLY X 51 -25.49 -4.41 4.46
CA GLY X 51 -25.91 -5.78 4.30
C GLY X 51 -26.32 -6.41 5.62
N GLY X 52 -25.61 -6.07 6.70
CA GLY X 52 -26.02 -6.53 8.02
C GLY X 52 -27.40 -6.02 8.41
N ILE X 53 -27.68 -4.76 8.11
CA ILE X 53 -28.99 -4.21 8.43
C ILE X 53 -30.07 -4.88 7.60
N VAL X 54 -29.82 -5.09 6.31
CA VAL X 54 -30.78 -5.77 5.45
C VAL X 54 -31.05 -7.18 5.95
N ILE X 55 -30.00 -7.90 6.35
CA ILE X 55 -30.17 -9.25 6.86
C ILE X 55 -30.94 -9.23 8.17
N MET X 56 -30.71 -8.23 9.01
CA MET X 56 -31.46 -8.13 10.26
C MET X 56 -32.94 -7.92 10.00
N PHE X 57 -33.29 -7.01 9.09
CA PHE X 57 -34.69 -6.72 8.85
C PHE X 57 -35.32 -7.60 7.79
N GLY X 58 -34.53 -8.40 7.09
CA GLY X 58 -35.06 -9.41 6.20
C GLY X 58 -35.13 -10.79 6.79
N ALA X 59 -34.79 -10.94 8.08
CA ALA X 59 -34.70 -12.25 8.70
C ALA X 59 -35.99 -13.05 8.55
N SER X 60 -37.14 -12.38 8.66
CA SER X 60 -38.42 -13.08 8.55
C SER X 60 -38.59 -13.69 7.17
N PHE X 61 -38.49 -12.87 6.12
CA PHE X 61 -38.71 -13.37 4.77
C PHE X 61 -37.57 -14.29 4.33
N LEU X 62 -36.34 -13.98 4.75
CA LEU X 62 -35.23 -14.89 4.46
C LEU X 62 -35.46 -16.27 5.06
N GLY X 63 -35.97 -16.32 6.28
CA GLY X 63 -36.28 -17.61 6.88
C GLY X 63 -37.44 -18.31 6.19
N LYS X 64 -38.46 -17.53 5.77
CA LYS X 64 -39.59 -18.13 5.09
C LYS X 64 -39.18 -18.73 3.75
N THR X 65 -38.27 -18.06 3.03
CA THR X 65 -37.92 -18.54 1.69
C THR X 65 -36.83 -19.61 1.74
N LEU X 66 -35.87 -19.49 2.66
CA LEU X 66 -34.77 -20.45 2.72
C LEU X 66 -35.24 -21.84 3.12
N THR X 67 -36.39 -21.94 3.81
CA THR X 67 -36.89 -23.21 4.30
C THR X 67 -38.03 -23.74 3.44
N GLY X 68 -38.21 -23.18 2.24
CA GLY X 68 -39.28 -23.62 1.36
C GLY X 68 -40.68 -23.40 1.91
N GLY X 69 -40.82 -22.58 2.94
CA GLY X 69 -42.12 -22.33 3.54
C GLY X 69 -42.13 -22.55 5.04
N GLY Y 1 -35.81 7.69 -11.24
CA GLY Y 1 -35.71 6.43 -11.95
C GLY Y 1 -34.54 6.38 -12.93
N GLY Y 2 -33.89 7.53 -13.11
CA GLY Y 2 -32.75 7.62 -14.00
C GLY Y 2 -33.15 7.61 -15.45
N THR Y 3 -32.22 8.07 -16.29
CA THR Y 3 -32.42 8.14 -17.73
C THR Y 3 -31.29 7.42 -18.44
N ASP Y 4 -31.60 6.85 -19.60
CA ASP Y 4 -30.60 6.10 -20.35
C ASP Y 4 -29.58 7.06 -20.95
N PRO Y 5 -28.30 6.65 -21.00
CA PRO Y 5 -27.26 7.57 -21.49
C PRO Y 5 -27.48 8.04 -22.92
N ALA Y 6 -28.27 7.31 -23.72
CA ALA Y 6 -28.55 7.73 -25.08
C ALA Y 6 -29.26 9.08 -25.12
N THR Y 7 -29.92 9.47 -24.03
CA THR Y 7 -30.53 10.79 -23.93
C THR Y 7 -29.65 11.80 -23.21
N MET Y 8 -28.86 11.37 -22.22
CA MET Y 8 -28.01 12.31 -21.51
C MET Y 8 -26.88 12.82 -22.39
N VAL Y 9 -26.22 11.93 -23.12
CA VAL Y 9 -25.16 12.36 -24.02
C VAL Y 9 -25.72 13.24 -25.13
N ASN Y 10 -26.93 12.93 -25.59
CA ASN Y 10 -27.57 13.77 -26.59
C ASN Y 10 -27.89 15.15 -26.03
N ASN Y 11 -28.31 15.22 -24.77
CA ASN Y 11 -28.53 16.51 -24.13
C ASN Y 11 -27.22 17.29 -24.03
N ILE Y 12 -26.13 16.61 -23.70
CA ILE Y 12 -24.82 17.27 -23.65
C ILE Y 12 -24.47 17.86 -25.01
N CYS Y 13 -24.66 17.07 -26.07
CA CYS Y 13 -24.35 17.54 -27.42
C CYS Y 13 -25.22 18.72 -27.81
N THR Y 14 -26.52 18.65 -27.49
CA THR Y 14 -27.44 19.73 -27.84
C THR Y 14 -27.07 21.01 -27.11
N PHE Y 15 -26.69 20.90 -25.83
CA PHE Y 15 -26.27 22.08 -25.08
C PHE Y 15 -25.00 22.67 -25.67
N ILE Y 16 -23.98 21.82 -25.89
CA ILE Y 16 -22.69 22.31 -26.38
C ILE Y 16 -22.74 22.79 -27.82
N LEU Y 17 -23.79 22.45 -28.56
CA LEU Y 17 -23.92 22.89 -29.95
C LEU Y 17 -25.09 23.85 -30.17
N GLY Y 18 -25.78 24.26 -29.11
CA GLY Y 18 -26.89 25.16 -29.24
C GLY Y 18 -26.47 26.61 -29.16
N PRO Y 19 -27.04 27.35 -28.21
CA PRO Y 19 -26.66 28.76 -28.06
C PRO Y 19 -25.32 28.98 -27.40
N PHE Y 20 -24.74 27.96 -26.78
CA PHE Y 20 -23.46 28.10 -26.10
C PHE Y 20 -22.31 28.13 -27.11
N GLY Y 21 -22.31 27.19 -28.05
CA GLY Y 21 -21.27 27.14 -29.06
C GLY Y 21 -21.19 28.38 -29.92
N GLN Y 22 -22.32 29.06 -30.12
CA GLN Y 22 -22.32 30.30 -30.88
C GLN Y 22 -21.43 31.34 -30.19
N SER Y 23 -21.70 31.60 -28.91
CA SER Y 23 -20.90 32.57 -28.17
C SER Y 23 -19.46 32.09 -27.99
N LEU Y 24 -19.25 30.77 -27.90
CA LEU Y 24 -17.88 30.28 -27.82
C LEU Y 24 -17.11 30.59 -29.11
N ALA Y 25 -17.74 30.40 -30.27
CA ALA Y 25 -17.10 30.76 -31.53
C ALA Y 25 -16.88 32.27 -31.62
N VAL Y 26 -17.83 33.05 -31.10
CA VAL Y 26 -17.65 34.50 -31.07
C VAL Y 26 -16.42 34.86 -30.24
N LEU Y 27 -16.23 34.19 -29.10
CA LEU Y 27 -15.05 34.43 -28.29
C LEU Y 27 -13.78 34.02 -29.02
N GLY Y 28 -13.84 32.93 -29.78
CA GLY Y 28 -12.69 32.54 -30.57
C GLY Y 28 -12.31 33.57 -31.61
N ILE Y 29 -13.31 34.17 -32.26
CA ILE Y 29 -13.03 35.20 -33.25
C ILE Y 29 -12.49 36.46 -32.58
N VAL Y 30 -13.04 36.83 -31.42
CA VAL Y 30 -12.48 37.94 -30.66
C VAL Y 30 -11.01 37.65 -30.31
N ALA Y 31 -10.72 36.40 -29.98
CA ALA Y 31 -9.36 36.03 -29.62
C ALA Y 31 -8.40 36.18 -30.81
N ILE Y 32 -8.82 35.74 -31.99
CA ILE Y 32 -7.92 35.89 -33.14
C ILE Y 32 -7.77 37.35 -33.51
N GLY Y 33 -8.82 38.15 -33.35
CA GLY Y 33 -8.69 39.58 -33.60
C GLY Y 33 -7.69 40.24 -32.65
N ILE Y 34 -7.79 39.92 -31.36
CA ILE Y 34 -6.86 40.48 -30.39
C ILE Y 34 -5.44 40.01 -30.67
N SER Y 35 -5.29 38.75 -31.08
CA SER Y 35 -3.95 38.23 -31.39
C SER Y 35 -3.37 38.89 -32.62
N TRP Y 36 -4.21 39.31 -33.57
CA TRP Y 36 -3.70 40.08 -34.70
C TRP Y 36 -3.38 41.52 -34.32
N MET Y 37 -4.10 42.10 -33.36
CA MET Y 37 -3.87 43.49 -33.00
C MET Y 37 -2.47 43.68 -32.43
N PHE Y 38 -2.15 42.96 -31.36
CA PHE Y 38 -0.84 43.07 -30.71
C PHE Y 38 0.02 41.89 -31.14
N GLY Y 39 0.70 42.06 -32.25
CA GLY Y 39 1.59 41.03 -32.74
C GLY Y 39 1.62 41.01 -34.26
N ARG Y 40 1.79 39.81 -34.81
CA ARG Y 40 1.92 39.59 -36.23
C ARG Y 40 0.72 38.81 -36.76
N ALA Y 41 0.30 39.13 -37.98
CA ALA Y 41 -0.84 38.51 -38.62
C ALA Y 41 -0.36 37.39 -39.52
N SER Y 42 -0.63 36.15 -39.13
CA SER Y 42 -0.23 34.97 -39.89
C SER Y 42 -1.46 34.18 -40.28
N LEU Y 43 -1.49 33.70 -41.53
CA LEU Y 43 -2.61 32.90 -42.01
C LEU Y 43 -2.79 31.62 -41.20
N GLY Y 44 -1.73 31.14 -40.55
CA GLY Y 44 -1.84 29.90 -39.79
C GLY Y 44 -2.82 29.99 -38.64
N LEU Y 45 -2.78 31.09 -37.90
CA LEU Y 45 -3.66 31.24 -36.74
C LEU Y 45 -5.12 31.26 -37.16
N VAL Y 46 -5.46 32.09 -38.14
CA VAL Y 46 -6.84 32.18 -38.59
C VAL Y 46 -7.29 30.86 -39.20
N ALA Y 47 -6.43 30.22 -40.00
CA ALA Y 47 -6.79 28.94 -40.58
C ALA Y 47 -7.09 27.91 -39.50
N GLY Y 48 -6.22 27.82 -38.49
CA GLY Y 48 -6.44 26.86 -37.42
C GLY Y 48 -7.70 27.13 -36.64
N VAL Y 49 -7.98 28.40 -36.34
CA VAL Y 49 -9.14 28.71 -35.50
C VAL Y 49 -10.44 28.52 -36.28
N VAL Y 50 -10.48 28.95 -37.54
CA VAL Y 50 -11.67 28.72 -38.36
C VAL Y 50 -11.89 27.23 -38.57
N GLY Y 51 -10.81 26.47 -38.74
CA GLY Y 51 -10.95 25.03 -38.84
C GLY Y 51 -11.48 24.41 -37.55
N GLY Y 52 -11.04 24.91 -36.41
CA GLY Y 52 -11.57 24.45 -35.15
C GLY Y 52 -13.06 24.73 -35.02
N ILE Y 53 -13.50 25.91 -35.45
CA ILE Y 53 -14.91 26.25 -35.39
C ILE Y 53 -15.71 25.34 -36.33
N VAL Y 54 -15.21 25.14 -37.55
CA VAL Y 54 -15.89 24.26 -38.50
C VAL Y 54 -16.00 22.85 -37.94
N ILE Y 55 -14.93 22.34 -37.32
CA ILE Y 55 -14.97 21.00 -36.75
C ILE Y 55 -15.94 20.95 -35.58
N MET Y 56 -16.03 22.02 -34.79
CA MET Y 56 -16.99 22.04 -33.69
C MET Y 56 -18.41 21.98 -34.19
N PHE Y 57 -18.74 22.77 -35.21
CA PHE Y 57 -20.12 22.81 -35.69
C PHE Y 57 -20.41 21.78 -36.77
N GLY Y 58 -19.38 21.10 -37.28
CA GLY Y 58 -19.58 19.97 -38.17
C GLY Y 58 -19.53 18.64 -37.48
N ALA Y 59 -19.39 18.60 -36.15
CA ALA Y 59 -19.20 17.35 -35.43
C ALA Y 59 -20.30 16.35 -35.73
N SER Y 60 -21.54 16.81 -35.84
CA SER Y 60 -22.65 15.90 -36.10
C SER Y 60 -22.48 15.19 -37.44
N PHE Y 61 -22.35 15.97 -38.52
CA PHE Y 61 -22.24 15.38 -39.85
C PHE Y 61 -20.91 14.65 -40.04
N LEU Y 62 -19.84 15.18 -39.44
CA LEU Y 62 -18.57 14.47 -39.50
C LEU Y 62 -18.67 13.10 -38.84
N GLY Y 63 -19.37 13.01 -37.70
CA GLY Y 63 -19.57 11.73 -37.07
C GLY Y 63 -20.46 10.81 -37.88
N LYS Y 64 -21.49 11.37 -38.51
CA LYS Y 64 -22.39 10.55 -39.33
C LYS Y 64 -21.65 9.97 -40.53
N THR Y 65 -20.77 10.75 -41.15
CA THR Y 65 -20.12 10.29 -42.36
C THR Y 65 -18.89 9.42 -42.07
N LEU Y 66 -18.13 9.75 -41.02
CA LEU Y 66 -16.92 9.00 -40.71
C LEU Y 66 -17.22 7.57 -40.28
N THR Y 67 -18.44 7.30 -39.79
CA THR Y 67 -18.81 5.99 -39.29
C THR Y 67 -19.67 5.22 -40.28
N GLY Y 68 -19.74 5.70 -41.52
CA GLY Y 68 -20.56 5.04 -42.52
C GLY Y 68 -22.05 5.04 -42.23
N GLY Y 69 -22.50 5.86 -41.29
CA GLY Y 69 -23.90 5.91 -40.93
C GLY Y 69 -24.13 5.76 -39.44
N GLY Z 1 -27.19 30.91 -6.27
CA GLY Z 1 -27.86 29.88 -7.05
C GLY Z 1 -27.20 29.62 -8.40
N GLY Z 2 -26.23 30.46 -8.74
CA GLY Z 2 -25.52 30.31 -9.98
C GLY Z 2 -26.33 30.76 -11.18
N THR Z 3 -25.62 31.02 -12.29
CA THR Z 3 -26.23 31.46 -13.53
C THR Z 3 -25.79 30.54 -14.66
N ASP Z 4 -26.67 30.37 -15.65
CA ASP Z 4 -26.38 29.50 -16.76
C ASP Z 4 -25.28 30.12 -17.65
N PRO Z 5 -24.38 29.30 -18.20
CA PRO Z 5 -23.29 29.86 -19.01
C PRO Z 5 -23.75 30.67 -20.20
N ALA Z 6 -24.97 30.45 -20.69
CA ALA Z 6 -25.48 31.23 -21.81
C ALA Z 6 -25.55 32.71 -21.49
N THR Z 7 -25.59 33.08 -20.21
CA THR Z 7 -25.53 34.47 -19.81
C THR Z 7 -24.13 34.93 -19.42
N MET Z 8 -23.32 34.04 -18.84
CA MET Z 8 -21.97 34.44 -18.44
C MET Z 8 -21.08 34.67 -19.65
N VAL Z 9 -21.13 33.78 -20.64
CA VAL Z 9 -20.34 33.97 -21.85
C VAL Z 9 -20.82 35.22 -22.59
N ASN Z 10 -22.13 35.47 -22.58
CA ASN Z 10 -22.64 36.68 -23.21
C ASN Z 10 -22.16 37.92 -22.48
N ASN Z 11 -22.08 37.88 -21.16
CA ASN Z 11 -21.52 38.99 -20.40
C ASN Z 11 -20.06 39.21 -20.77
N ILE Z 12 -19.30 38.13 -20.92
CA ILE Z 12 -17.91 38.24 -21.33
C ILE Z 12 -17.81 38.94 -22.68
N CYS Z 13 -18.64 38.51 -23.64
CA CYS Z 13 -18.60 39.10 -24.97
C CYS Z 13 -18.99 40.57 -24.92
N THR Z 14 -20.02 40.91 -24.14
CA THR Z 14 -20.47 42.30 -24.05
C THR Z 14 -19.38 43.17 -23.44
N PHE Z 15 -18.70 42.67 -22.40
CA PHE Z 15 -17.61 43.44 -21.81
C PHE Z 15 -16.47 43.63 -22.80
N ILE Z 16 -16.03 42.54 -23.44
CA ILE Z 16 -14.89 42.62 -24.35
C ILE Z 16 -15.20 43.37 -25.64
N LEU Z 17 -16.47 43.60 -25.94
CA LEU Z 17 -16.85 44.34 -27.14
C LEU Z 17 -17.52 45.68 -26.84
N GLY Z 18 -17.59 46.08 -25.58
CA GLY Z 18 -18.21 47.33 -25.22
C GLY Z 18 -17.23 48.47 -25.21
N PRO Z 19 -17.09 49.16 -24.07
CA PRO Z 19 -16.15 50.27 -23.99
C PRO Z 19 -14.69 49.85 -23.89
N PHE Z 20 -14.43 48.57 -23.60
CA PHE Z 20 -13.06 48.10 -23.44
C PHE Z 20 -12.40 47.92 -24.82
N GLY Z 21 -13.10 47.27 -25.74
CA GLY Z 21 -12.55 47.05 -27.07
C GLY Z 21 -12.25 48.33 -27.81
N GLN Z 22 -13.00 49.40 -27.54
CA GLN Z 22 -12.72 50.69 -28.15
C GLN Z 22 -11.32 51.17 -27.80
N SER Z 23 -11.02 51.23 -26.50
CA SER Z 23 -9.70 51.67 -26.06
C SER Z 23 -8.62 50.67 -26.46
N LEU Z 24 -8.95 49.39 -26.56
CA LEU Z 24 -7.97 48.42 -27.04
C LEU Z 24 -7.60 48.69 -28.49
N ALA Z 25 -8.59 48.99 -29.33
CA ALA Z 25 -8.31 49.35 -30.72
C ALA Z 25 -7.52 50.66 -30.80
N VAL Z 26 -7.84 51.61 -29.90
CA VAL Z 26 -7.07 52.85 -29.85
C VAL Z 26 -5.61 52.56 -29.54
N LEU Z 27 -5.36 51.65 -28.59
CA LEU Z 27 -3.99 51.27 -28.28
C LEU Z 27 -3.32 50.59 -29.47
N GLY Z 28 -4.07 49.77 -30.21
CA GLY Z 28 -3.51 49.16 -31.42
C GLY Z 28 -3.09 50.19 -32.45
N ILE Z 29 -3.90 51.23 -32.63
CA ILE Z 29 -3.56 52.28 -33.58
C ILE Z 29 -2.36 53.07 -33.10
N VAL Z 30 -2.31 53.37 -31.79
CA VAL Z 30 -1.12 54.01 -31.23
C VAL Z 30 0.12 53.16 -31.49
N ALA Z 31 -0.04 51.83 -31.38
CA ALA Z 31 1.09 50.93 -31.59
C ALA Z 31 1.58 50.98 -33.03
N ILE Z 32 0.65 50.98 -33.99
CA ILE Z 32 1.11 51.03 -35.38
C ILE Z 32 1.72 52.38 -35.71
N GLY Z 33 1.21 53.46 -35.09
CA GLY Z 33 1.84 54.75 -35.29
C GLY Z 33 3.26 54.79 -34.77
N ILE Z 34 3.46 54.27 -33.56
CA ILE Z 34 4.80 54.24 -32.97
C ILE Z 34 5.72 53.35 -33.80
N SER Z 35 5.20 52.24 -34.32
CA SER Z 35 6.02 51.36 -35.14
C SER Z 35 6.38 52.00 -36.47
N TRP Z 36 5.54 52.88 -36.99
CA TRP Z 36 5.93 53.64 -38.18
C TRP Z 36 6.91 54.75 -37.87
N MET Z 37 6.85 55.33 -36.67
CA MET Z 37 7.74 56.43 -36.34
C MET Z 37 9.20 55.98 -36.33
N PHE Z 38 9.53 54.99 -35.51
CA PHE Z 38 10.89 54.48 -35.40
C PHE Z 38 11.00 53.19 -36.20
N GLY Z 39 11.28 53.33 -37.48
CA GLY Z 39 11.47 52.18 -38.33
C GLY Z 39 10.98 52.46 -39.74
N ARG Z 40 10.45 51.42 -40.38
CA ARG Z 40 10.01 51.47 -41.76
C ARG Z 40 8.50 51.32 -41.84
N ALA Z 41 7.88 52.01 -42.79
CA ALA Z 41 6.44 51.99 -42.98
C ALA Z 41 6.09 50.99 -44.07
N SER Z 42 5.47 49.88 -43.67
CA SER Z 42 5.09 48.81 -44.60
C SER Z 42 3.58 48.63 -44.54
N LEU Z 43 2.96 48.47 -45.71
CA LEU Z 43 1.52 48.24 -45.77
C LEU Z 43 1.10 46.98 -45.03
N GLY Z 44 2.01 46.02 -44.87
CA GLY Z 44 1.65 44.77 -44.21
C GLY Z 44 1.23 44.97 -42.76
N LEU Z 45 1.96 45.80 -42.03
CA LEU Z 45 1.65 46.01 -40.62
C LEU Z 45 0.27 46.64 -40.44
N VAL Z 46 0.01 47.73 -41.17
CA VAL Z 46 -1.28 48.41 -41.05
C VAL Z 46 -2.40 47.51 -41.53
N ALA Z 47 -2.19 46.78 -42.62
CA ALA Z 47 -3.22 45.86 -43.11
C ALA Z 47 -3.54 44.81 -42.06
N GLY Z 48 -2.52 44.20 -41.46
CA GLY Z 48 -2.75 43.19 -40.45
C GLY Z 48 -3.47 43.72 -39.23
N VAL Z 49 -3.08 44.92 -38.77
CA VAL Z 49 -3.67 45.44 -37.54
C VAL Z 49 -5.11 45.89 -37.78
N VAL Z 50 -5.36 46.57 -38.89
CA VAL Z 50 -6.74 46.96 -39.21
C VAL Z 50 -7.60 45.74 -39.41
N GLY Z 51 -7.06 44.68 -40.02
CA GLY Z 51 -7.81 43.45 -40.15
C GLY Z 51 -8.10 42.82 -38.80
N GLY Z 52 -7.13 42.86 -37.88
CA GLY Z 52 -7.39 42.38 -36.54
C GLY Z 52 -8.50 43.14 -35.85
N ILE Z 53 -8.51 44.47 -36.00
CA ILE Z 53 -9.56 45.27 -35.39
C ILE Z 53 -10.92 44.94 -36.00
N VAL Z 54 -10.97 44.81 -37.32
CA VAL Z 54 -12.21 44.47 -38.00
C VAL Z 54 -12.72 43.10 -37.53
N ILE Z 55 -11.82 42.13 -37.40
CA ILE Z 55 -12.21 40.81 -36.93
C ILE Z 55 -12.69 40.87 -35.49
N MET Z 56 -12.06 41.71 -34.66
CA MET Z 56 -12.51 41.84 -33.27
C MET Z 56 -13.91 42.41 -33.20
N PHE Z 57 -14.20 43.46 -33.97
CA PHE Z 57 -15.51 44.08 -33.89
C PHE Z 57 -16.53 43.49 -34.84
N GLY Z 58 -16.11 42.61 -35.73
CA GLY Z 58 -17.02 41.84 -36.54
C GLY Z 58 -17.32 40.45 -36.02
N ALA Z 59 -16.78 40.10 -34.86
CA ALA Z 59 -16.89 38.74 -34.33
C ALA Z 59 -18.35 38.29 -34.26
N SER Z 60 -19.25 39.19 -33.85
CA SER Z 60 -20.66 38.82 -33.73
C SER Z 60 -21.24 38.40 -35.08
N PHE Z 61 -21.16 39.27 -36.07
CA PHE Z 61 -21.74 38.98 -37.37
C PHE Z 61 -20.96 37.88 -38.10
N LEU Z 62 -19.64 37.85 -37.93
CA LEU Z 62 -18.86 36.75 -38.50
C LEU Z 62 -19.31 35.41 -37.94
N GLY Z 63 -19.57 35.34 -36.63
CA GLY Z 63 -20.06 34.11 -36.05
C GLY Z 63 -21.47 33.77 -36.52
N LYS Z 64 -22.32 34.79 -36.66
CA LYS Z 64 -23.68 34.54 -37.12
C LYS Z 64 -23.70 34.00 -38.55
N THR Z 65 -22.81 34.52 -39.41
CA THR Z 65 -22.85 34.11 -40.82
C THR Z 65 -22.07 32.82 -41.06
N LEU Z 66 -20.95 32.63 -40.36
CA LEU Z 66 -20.12 31.44 -40.58
C LEU Z 66 -20.83 30.16 -40.16
N THR Z 67 -21.82 30.26 -39.26
CA THR Z 67 -22.52 29.09 -38.73
C THR Z 67 -23.89 28.92 -39.36
N GLY Z 68 -24.16 29.63 -40.46
CA GLY Z 68 -25.45 29.54 -41.11
C GLY Z 68 -26.62 30.01 -40.27
N GLY Z 69 -26.35 30.73 -39.18
CA GLY Z 69 -27.40 31.21 -38.31
C GLY Z 69 -27.18 30.84 -36.86
N GLY AA 1 1.07 -76.98 40.46
CA GLY AA 1 2.06 -76.64 41.46
C GLY AA 1 2.36 -75.16 41.53
N GLY AA 2 1.83 -74.41 40.58
CA GLY AA 2 2.04 -72.98 40.54
C GLY AA 2 3.42 -72.60 40.06
N THR AA 3 3.55 -71.33 39.65
CA THR AA 3 4.80 -70.79 39.14
C THR AA 3 5.15 -69.52 39.91
N ASP AA 4 6.45 -69.28 40.06
CA ASP AA 4 6.89 -68.11 40.80
C ASP AA 4 6.60 -66.83 40.00
N PRO AA 5 6.22 -65.74 40.68
CA PRO AA 5 5.86 -64.52 39.95
C PRO AA 5 6.97 -63.97 39.08
N ALA AA 6 8.23 -64.31 39.36
CA ALA AA 6 9.34 -63.85 38.53
C ALA AA 6 9.21 -64.33 37.09
N THR AA 7 8.46 -65.40 36.85
CA THR AA 7 8.19 -65.87 35.50
C THR AA 7 6.85 -65.36 34.96
N MET AA 8 5.84 -65.21 35.82
CA MET AA 8 4.54 -64.75 35.35
C MET AA 8 4.60 -63.29 34.92
N VAL AA 9 5.23 -62.44 35.72
CA VAL AA 9 5.36 -61.03 35.33
C VAL AA 9 6.21 -60.90 34.08
N ASN AA 10 7.24 -61.74 33.96
CA ASN AA 10 8.05 -61.73 32.75
C ASN AA 10 7.24 -62.16 31.53
N ASN AA 11 6.35 -63.14 31.70
CA ASN AA 11 5.46 -63.53 30.61
C ASN AA 11 4.55 -62.38 30.22
N ILE AA 12 4.02 -61.66 31.21
CA ILE AA 12 3.19 -60.50 30.94
C ILE AA 12 3.96 -59.47 30.11
N CYS AA 13 5.19 -59.18 30.52
CA CYS AA 13 6.01 -58.20 29.81
C CYS AA 13 6.30 -58.67 28.38
N THR AA 14 6.63 -59.94 28.22
CA THR AA 14 6.93 -60.47 26.89
C THR AA 14 5.72 -60.40 25.98
N PHE AA 15 4.54 -60.71 26.51
CA PHE AA 15 3.32 -60.62 25.71
C PHE AA 15 3.04 -59.17 25.32
N ILE AA 16 3.08 -58.25 26.30
CA ILE AA 16 2.75 -56.86 26.03
C ILE AA 16 3.80 -56.14 25.20
N LEU AA 17 4.99 -56.72 25.05
CA LEU AA 17 6.04 -56.12 24.25
C LEU AA 17 6.39 -56.93 23.01
N GLY AA 18 5.68 -58.01 22.74
CA GLY AA 18 5.96 -58.83 21.59
C GLY AA 18 5.20 -58.38 20.36
N PRO AA 19 4.40 -59.28 19.78
CA PRO AA 19 3.62 -58.90 18.59
C PRO AA 19 2.41 -58.05 18.90
N PHE AA 20 2.00 -57.94 20.16
CA PHE AA 20 0.82 -57.15 20.52
C PHE AA 20 1.15 -55.67 20.51
N GLY AA 21 2.26 -55.29 21.13
CA GLY AA 21 2.65 -53.88 21.17
C GLY AA 21 2.89 -53.29 19.80
N GLN AA 22 3.33 -54.10 18.84
CA GLN AA 22 3.51 -53.62 17.48
C GLN AA 22 2.19 -53.09 16.92
N SER AA 23 1.16 -53.93 16.94
CA SER AA 23 -0.14 -53.52 16.43
C SER AA 23 -0.76 -52.43 17.28
N LEU AA 24 -0.46 -52.39 18.58
CA LEU AA 24 -0.95 -51.29 19.40
C LEU AA 24 -0.34 -49.97 18.96
N ALA AA 25 0.97 -49.95 18.68
CA ALA AA 25 1.60 -48.74 18.16
C ALA AA 25 1.05 -48.38 16.79
N VAL AA 26 0.77 -49.38 15.96
CA VAL AA 26 0.15 -49.12 14.66
C VAL AA 26 -1.20 -48.43 14.84
N LEU AA 27 -1.98 -48.89 15.82
CA LEU AA 27 -3.27 -48.25 16.10
C LEU AA 27 -3.06 -46.82 16.60
N GLY AA 28 -2.03 -46.59 17.41
CA GLY AA 28 -1.74 -45.24 17.85
C GLY AA 28 -1.42 -44.31 16.69
N ILE AA 29 -0.64 -44.80 15.72
CA ILE AA 29 -0.31 -43.98 14.56
C ILE AA 29 -1.54 -43.72 13.71
N VAL AA 30 -2.38 -44.74 13.53
CA VAL AA 30 -3.65 -44.55 12.84
C VAL AA 30 -4.48 -43.49 13.55
N ALA AA 31 -4.44 -43.49 14.89
CA ALA AA 31 -5.21 -42.52 15.65
C ALA AA 31 -4.71 -41.10 15.43
N ILE AA 32 -3.38 -40.92 15.43
CA ILE AA 32 -2.88 -39.56 15.21
C ILE AA 32 -3.15 -39.11 13.78
N GLY AA 33 -3.11 -40.03 12.83
CA GLY AA 33 -3.46 -39.67 11.46
C GLY AA 33 -4.90 -39.21 11.34
N ILE AA 34 -5.82 -39.97 11.95
CA ILE AA 34 -7.23 -39.59 11.91
C ILE AA 34 -7.45 -38.27 12.64
N SER AA 35 -6.74 -38.05 13.73
CA SER AA 35 -6.89 -36.78 14.46
C SER AA 35 -6.35 -35.61 13.66
N TRP AA 36 -5.34 -35.83 12.82
CA TRP AA 36 -4.90 -34.77 11.93
C TRP AA 36 -5.86 -34.55 10.76
N MET AA 37 -6.54 -35.60 10.30
CA MET AA 37 -7.42 -35.45 9.16
C MET AA 37 -8.58 -34.51 9.47
N PHE AA 38 -9.36 -34.83 10.51
CA PHE AA 38 -10.51 -34.01 10.90
C PHE AA 38 -10.11 -33.15 12.09
N GLY AA 39 -9.54 -32.00 11.80
CA GLY AA 39 -9.18 -31.07 12.85
C GLY AA 39 -7.92 -30.30 12.47
N ARG AA 40 -7.13 -29.99 13.50
CA ARG AA 40 -5.93 -29.19 13.36
C ARG AA 40 -4.69 -30.04 13.65
N ALA AA 41 -3.61 -29.76 12.93
CA ALA AA 41 -2.36 -30.50 13.06
C ALA AA 41 -1.43 -29.72 13.99
N SER AA 42 -1.20 -30.27 15.18
CA SER AA 42 -0.34 -29.65 16.17
C SER AA 42 0.81 -30.59 16.51
N LEU AA 43 2.01 -30.03 16.62
CA LEU AA 43 3.18 -30.84 16.97
C LEU AA 43 3.04 -31.51 18.32
N GLY AA 44 2.20 -30.96 19.21
CA GLY AA 44 2.07 -31.53 20.53
C GLY AA 44 1.51 -32.94 20.52
N LEU AA 45 0.49 -33.18 19.69
CA LEU AA 45 -0.13 -34.50 19.64
C LEU AA 45 0.85 -35.56 19.16
N VAL AA 46 1.52 -35.29 18.04
CA VAL AA 46 2.47 -36.26 17.49
C VAL AA 46 3.63 -36.46 18.46
N ALA AA 47 4.13 -35.38 19.05
CA ALA AA 47 5.22 -35.50 20.01
C ALA AA 47 4.82 -36.39 21.17
N GLY AA 48 3.63 -36.15 21.74
CA GLY AA 48 3.18 -36.95 22.87
C GLY AA 48 2.99 -38.41 22.51
N VAL AA 49 2.42 -38.68 21.34
CA VAL AA 49 2.13 -40.07 20.98
C VAL AA 49 3.41 -40.82 20.64
N VAL AA 50 4.31 -40.19 19.89
CA VAL AA 50 5.59 -40.85 19.59
C VAL AA 50 6.39 -41.06 20.87
N GLY AA 51 6.32 -40.12 21.81
CA GLY AA 51 6.98 -40.31 23.09
C GLY AA 51 6.36 -41.46 23.87
N GLY AA 52 5.04 -41.59 23.81
CA GLY AA 52 4.39 -42.73 24.45
C GLY AA 52 4.84 -44.04 23.86
N ILE AA 53 4.96 -44.11 22.53
CA ILE AA 53 5.42 -45.34 21.90
C ILE AA 53 6.86 -45.64 22.29
N VAL AA 54 7.72 -44.63 22.29
CA VAL AA 54 9.11 -44.81 22.69
C VAL AA 54 9.20 -45.32 24.13
N ILE AA 55 8.39 -44.74 25.02
CA ILE AA 55 8.41 -45.17 26.41
C ILE AA 55 7.88 -46.60 26.53
N MET AA 56 6.89 -46.97 25.72
CA MET AA 56 6.39 -48.34 25.76
C MET AA 56 7.46 -49.34 25.33
N PHE AA 57 8.17 -49.04 24.24
CA PHE AA 57 9.15 -49.99 23.74
C PHE AA 57 10.53 -49.80 24.34
N GLY AA 58 10.74 -48.72 25.10
CA GLY AA 58 11.96 -48.55 25.87
C GLY AA 58 11.85 -48.96 27.30
N ALA AA 59 10.69 -49.50 27.72
CA ALA AA 59 10.45 -49.80 29.12
C ALA AA 59 11.53 -50.69 29.71
N SER AA 60 12.01 -51.67 28.95
CA SER AA 60 13.03 -52.58 29.46
C SER AA 60 14.31 -51.83 29.80
N PHE AA 61 14.88 -51.12 28.83
CA PHE AA 61 16.13 -50.42 29.06
C PHE AA 61 15.96 -49.25 30.01
N LEU AA 62 14.81 -48.56 29.93
CA LEU AA 62 14.54 -47.50 30.89
C LEU AA 62 14.52 -48.04 32.32
N GLY AA 63 13.92 -49.20 32.52
CA GLY AA 63 13.93 -49.80 33.85
C GLY AA 63 15.31 -50.25 34.27
N LYS AA 64 16.09 -50.78 33.32
CA LYS AA 64 17.45 -51.23 33.65
C LYS AA 64 18.33 -50.05 34.05
N THR AA 65 18.18 -48.91 33.38
CA THR AA 65 19.06 -47.78 33.65
C THR AA 65 18.59 -46.95 34.84
N LEU AA 66 17.27 -46.79 35.00
CA LEU AA 66 16.75 -45.96 36.08
C LEU AA 66 17.02 -46.55 37.45
N THR AA 67 17.24 -47.87 37.53
CA THR AA 67 17.44 -48.55 38.80
C THR AA 67 18.91 -48.88 39.04
N GLY AA 68 19.81 -48.28 38.25
CA GLY AA 68 21.23 -48.55 38.40
C GLY AA 68 21.64 -49.98 38.12
N GLY AA 69 20.76 -50.76 37.48
CA GLY AA 69 21.06 -52.14 37.19
C GLY AA 69 19.98 -53.09 37.66
N GLY BA 1 -14.66 -69.98 22.19
CA GLY BA 1 -13.36 -70.25 22.78
C GLY BA 1 -12.47 -69.03 22.83
N GLY BA 2 -12.91 -67.96 22.20
CA GLY BA 2 -12.15 -66.73 22.17
C GLY BA 2 -10.97 -66.78 21.23
N THR BA 3 -10.47 -65.59 20.88
CA THR BA 3 -9.33 -65.45 19.99
C THR BA 3 -8.27 -64.58 20.65
N ASP BA 4 -7.01 -64.86 20.32
CA ASP BA 4 -5.91 -64.12 20.91
C ASP BA 4 -5.89 -62.68 20.37
N PRO BA 5 -5.55 -61.70 21.20
CA PRO BA 5 -5.58 -60.30 20.74
C PRO BA 5 -4.67 -60.02 19.56
N ALA BA 6 -3.66 -60.84 19.33
CA ALA BA 6 -2.79 -60.65 18.17
C ALA BA 6 -3.54 -60.75 16.86
N THR BA 7 -4.70 -61.40 16.85
CA THR BA 7 -5.56 -61.44 15.67
C THR BA 7 -6.66 -60.39 15.70
N MET BA 8 -7.19 -60.06 16.89
CA MET BA 8 -8.26 -59.07 16.96
C MET BA 8 -7.74 -57.67 16.63
N VAL BA 9 -6.60 -57.30 17.19
CA VAL BA 9 -6.03 -55.99 16.88
C VAL BA 9 -5.64 -55.91 15.41
N ASN BA 10 -5.15 -57.03 14.85
CA ASN BA 10 -4.83 -57.05 13.43
C ASN BA 10 -6.08 -56.90 12.59
N ASN BA 11 -7.20 -57.51 13.01
CA ASN BA 11 -8.46 -57.31 12.31
C ASN BA 11 -8.89 -55.85 12.36
N ILE BA 12 -8.73 -55.21 13.52
CA ILE BA 12 -9.04 -53.79 13.66
C ILE BA 12 -8.22 -52.97 12.68
N CYS BA 13 -6.92 -53.24 12.61
CA CYS BA 13 -6.05 -52.49 11.71
C CYS BA 13 -6.43 -52.72 10.25
N THR BA 14 -6.73 -53.97 9.89
CA THR BA 14 -7.11 -54.28 8.52
C THR BA 14 -8.40 -53.59 8.13
N PHE BA 15 -9.38 -53.55 9.04
CA PHE BA 15 -10.63 -52.86 8.76
C PHE BA 15 -10.39 -51.36 8.60
N ILE BA 16 -9.67 -50.75 9.54
CA ILE BA 16 -9.46 -49.31 9.51
C ILE BA 16 -8.53 -48.86 8.40
N LEU BA 17 -7.80 -49.79 7.78
CA LEU BA 17 -6.91 -49.45 6.68
C LEU BA 17 -7.33 -50.05 5.36
N GLY BA 18 -8.48 -50.73 5.30
CA GLY BA 18 -8.94 -51.33 4.07
C GLY BA 18 -9.79 -50.39 3.26
N PRO BA 19 -11.03 -50.79 2.96
CA PRO BA 19 -11.91 -49.93 2.17
C PRO BA 19 -12.50 -48.77 2.96
N PHE BA 20 -12.41 -48.79 4.29
CA PHE BA 20 -12.97 -47.72 5.11
C PHE BA 20 -12.07 -46.48 5.09
N GLY BA 21 -10.77 -46.67 5.26
CA GLY BA 21 -9.85 -45.55 5.25
C GLY BA 21 -9.82 -44.81 3.93
N GLN BA 22 -10.10 -45.50 2.82
CA GLN BA 22 -10.17 -44.84 1.53
C GLN BA 22 -11.26 -43.78 1.53
N SER BA 23 -12.48 -44.17 1.88
CA SER BA 23 -13.59 -43.22 1.92
C SER BA 23 -13.39 -42.18 3.01
N LEU BA 24 -12.70 -42.52 4.10
CA LEU BA 24 -12.41 -41.52 5.11
C LEU BA 24 -11.48 -40.44 4.57
N ALA BA 25 -10.45 -40.85 3.82
CA ALA BA 25 -9.56 -39.87 3.18
C ALA BA 25 -10.32 -39.05 2.14
N VAL BA 26 -11.24 -39.69 1.41
CA VAL BA 26 -12.07 -38.95 0.46
C VAL BA 26 -12.87 -37.87 1.18
N LEU BA 27 -13.44 -38.21 2.34
CA LEU BA 27 -14.17 -37.22 3.12
C LEU BA 27 -13.25 -36.12 3.60
N GLY BA 28 -12.02 -36.45 3.98
CA GLY BA 28 -11.07 -35.42 4.36
C GLY BA 28 -10.77 -34.44 3.23
N ILE BA 29 -10.63 -34.97 2.01
CA ILE BA 29 -10.37 -34.10 0.87
C ILE BA 29 -11.58 -33.24 0.56
N VAL BA 30 -12.78 -33.82 0.64
CA VAL BA 30 -14.00 -33.04 0.49
C VAL BA 30 -14.04 -31.92 1.52
N ALA BA 31 -13.59 -32.22 2.74
CA ALA BA 31 -13.60 -31.23 3.81
C ALA BA 31 -12.66 -30.08 3.50
N ILE BA 32 -11.45 -30.38 3.01
CA ILE BA 32 -10.53 -29.28 2.71
C ILE BA 32 -11.03 -28.49 1.52
N GLY BA 33 -11.67 -29.14 0.55
CA GLY BA 33 -12.25 -28.40 -0.55
C GLY BA 33 -13.34 -27.43 -0.09
N ILE BA 34 -14.24 -27.91 0.77
CA ILE BA 34 -15.30 -27.06 1.28
C ILE BA 34 -14.71 -25.92 2.12
N SER BA 35 -13.66 -26.20 2.89
CA SER BA 35 -13.05 -25.16 3.69
C SER BA 35 -12.34 -24.12 2.83
N TRP BA 36 -11.84 -24.51 1.66
CA TRP BA 36 -11.32 -23.52 0.73
C TRP BA 36 -12.41 -22.73 0.03
N MET BA 37 -13.57 -23.35 -0.21
CA MET BA 37 -14.63 -22.64 -0.93
C MET BA 37 -15.12 -21.44 -0.14
N PHE BA 38 -15.59 -21.66 1.08
CA PHE BA 38 -16.11 -20.58 1.92
C PHE BA 38 -15.04 -20.19 2.94
N GLY BA 39 -14.17 -19.30 2.53
CA GLY BA 39 -13.14 -18.81 3.43
C GLY BA 39 -11.87 -18.49 2.67
N ARG BA 40 -10.74 -18.70 3.33
CA ARG BA 40 -9.42 -18.39 2.80
C ARG BA 40 -8.63 -19.66 2.56
N ALA BA 41 -7.82 -19.65 1.50
CA ALA BA 41 -7.02 -20.80 1.11
C ALA BA 41 -5.61 -20.63 1.67
N SER BA 42 -5.26 -21.46 2.65
CA SER BA 42 -3.95 -21.41 3.30
C SER BA 42 -3.26 -22.75 3.12
N LEU BA 43 -1.96 -22.71 2.80
CA LEU BA 43 -1.19 -23.94 2.64
C LEU BA 43 -1.17 -24.77 3.90
N GLY BA 44 -1.37 -24.16 5.07
CA GLY BA 44 -1.31 -24.90 6.31
C GLY BA 44 -2.36 -25.98 6.41
N LEU BA 45 -3.59 -25.65 6.01
CA LEU BA 45 -4.70 -26.61 6.11
C LEU BA 45 -4.44 -27.83 5.24
N VAL BA 46 -4.11 -27.60 3.96
CA VAL BA 46 -3.87 -28.71 3.04
C VAL BA 46 -2.66 -29.51 3.49
N ALA BA 47 -1.60 -28.84 3.92
CA ALA BA 47 -0.42 -29.54 4.39
C ALA BA 47 -0.77 -30.45 5.56
N GLY BA 48 -1.49 -29.92 6.55
CA GLY BA 48 -1.86 -30.72 7.70
C GLY BA 48 -2.74 -31.90 7.35
N VAL BA 49 -3.71 -31.70 6.46
CA VAL BA 49 -4.64 -32.78 6.15
C VAL BA 49 -3.96 -33.85 5.31
N VAL BA 50 -3.16 -33.46 4.32
CA VAL BA 50 -2.44 -34.44 3.53
C VAL BA 50 -1.45 -35.20 4.40
N GLY BA 51 -0.82 -34.51 5.36
CA GLY BA 51 0.06 -35.19 6.28
C GLY BA 51 -0.69 -36.17 7.16
N GLY BA 52 -1.89 -35.80 7.59
CA GLY BA 52 -2.72 -36.74 8.35
C GLY BA 52 -3.06 -37.98 7.55
N ILE BA 53 -3.40 -37.80 6.27
CA ILE BA 53 -3.72 -38.94 5.43
C ILE BA 53 -2.49 -39.83 5.23
N VAL BA 54 -1.34 -39.22 4.98
CA VAL BA 54 -0.10 -39.98 4.82
C VAL BA 54 0.22 -40.77 6.08
N ILE BA 55 0.05 -40.14 7.25
CA ILE BA 55 0.32 -40.82 8.51
C ILE BA 55 -0.67 -41.95 8.72
N MET BA 56 -1.93 -41.76 8.31
CA MET BA 56 -2.92 -42.83 8.45
C MET BA 56 -2.55 -44.03 7.59
N PHE BA 57 -2.16 -43.79 6.34
CA PHE BA 57 -1.87 -44.91 5.45
C PHE BA 57 -0.42 -45.36 5.50
N GLY BA 58 0.45 -44.62 6.19
CA GLY BA 58 1.79 -45.07 6.46
C GLY BA 58 1.97 -45.70 7.81
N ALA BA 59 0.90 -45.86 8.59
CA ALA BA 59 1.01 -46.33 9.96
C ALA BA 59 1.75 -47.66 10.05
N SER BA 60 1.50 -48.56 9.09
CA SER BA 60 2.17 -49.87 9.13
C SER BA 60 3.68 -49.72 9.02
N PHE BA 61 4.15 -49.07 7.95
CA PHE BA 61 5.59 -48.94 7.73
C PHE BA 61 6.22 -48.02 8.75
N LEU BA 62 5.50 -46.96 9.16
CA LEU BA 62 6.02 -46.10 10.22
C LEU BA 62 6.23 -46.88 11.51
N GLY BA 63 5.30 -47.76 11.85
CA GLY BA 63 5.48 -48.59 13.03
C GLY BA 63 6.61 -49.59 12.87
N LYS BA 64 6.75 -50.15 11.67
CA LYS BA 64 7.82 -51.11 11.45
C LYS BA 64 9.20 -50.45 11.57
N THR BA 65 9.32 -49.22 11.08
CA THR BA 65 10.63 -48.58 11.07
C THR BA 65 10.94 -47.89 12.40
N LEU BA 66 9.94 -47.30 13.05
CA LEU BA 66 10.17 -46.58 14.29
C LEU BA 66 10.59 -47.50 15.42
N THR BA 67 10.27 -48.80 15.34
CA THR BA 67 10.55 -49.76 16.38
C THR BA 67 11.75 -50.64 16.03
N GLY BA 68 12.52 -50.26 15.01
CA GLY BA 68 13.66 -51.05 14.60
C GLY BA 68 13.33 -52.43 14.10
N GLY BA 69 12.06 -52.70 13.78
CA GLY BA 69 11.65 -54.00 13.30
C GLY BA 69 10.47 -54.57 14.09
N GLY CA 1 -30.97 -54.11 11.62
CA GLY CA 1 -29.79 -54.95 11.65
C GLY CA 1 -28.50 -54.18 11.44
N GLY CA 2 -28.63 -52.90 11.10
CA GLY CA 2 -27.49 -52.05 10.88
C GLY CA 2 -26.79 -52.34 9.55
N THR CA 3 -25.98 -51.37 9.12
CA THR CA 3 -25.24 -51.46 7.87
C THR CA 3 -23.77 -51.20 8.14
N ASP CA 4 -22.90 -51.84 7.35
CA ASP CA 4 -21.48 -51.69 7.54
C ASP CA 4 -21.04 -50.28 7.12
N PRO CA 5 -20.08 -49.68 7.83
CA PRO CA 5 -19.67 -48.31 7.51
C PRO CA 5 -19.16 -48.13 6.09
N ALA CA 6 -18.69 -49.20 5.44
CA ALA CA 6 -18.23 -49.10 4.06
C ALA CA 6 -19.34 -48.63 3.12
N THR CA 7 -20.60 -48.81 3.50
CA THR CA 7 -21.72 -48.28 2.73
C THR CA 7 -22.21 -46.94 3.24
N MET CA 8 -22.15 -46.70 4.55
CA MET CA 8 -22.64 -45.43 5.08
C MET CA 8 -21.72 -44.28 4.68
N VAL CA 9 -20.41 -44.47 4.79
CA VAL CA 9 -19.48 -43.42 4.38
C VAL CA 9 -19.59 -43.19 2.87
N ASN CA 10 -19.80 -44.25 2.11
CA ASN CA 10 -19.98 -44.10 0.67
C ASN CA 10 -21.27 -43.33 0.36
N ASN CA 11 -22.33 -43.56 1.13
CA ASN CA 11 -23.55 -42.78 0.97
C ASN CA 11 -23.29 -41.31 1.27
N ILE CA 12 -22.53 -41.03 2.33
CA ILE CA 12 -22.17 -39.66 2.66
C ILE CA 12 -21.44 -39.00 1.50
N CYS CA 13 -20.45 -39.70 0.94
CA CYS CA 13 -19.69 -39.15 -0.18
C CYS CA 13 -20.57 -38.92 -1.40
N THR CA 14 -21.46 -39.86 -1.70
CA THR CA 14 -22.34 -39.73 -2.86
C THR CA 14 -23.28 -38.55 -2.68
N PHE CA 15 -23.81 -38.35 -1.47
CA PHE CA 15 -24.68 -37.21 -1.22
C PHE CA 15 -23.91 -35.90 -1.37
N ILE CA 16 -22.74 -35.81 -0.72
CA ILE CA 16 -21.98 -34.56 -0.73
C ILE CA 16 -21.36 -34.26 -2.08
N LEU CA 17 -21.30 -35.24 -2.99
CA LEU CA 17 -20.75 -35.03 -4.32
C LEU CA 17 -21.78 -35.15 -5.42
N GLY CA 18 -23.05 -35.32 -5.09
CA GLY CA 18 -24.08 -35.45 -6.09
C GLY CA 18 -24.68 -34.12 -6.47
N PRO CA 19 -26.00 -33.97 -6.31
CA PRO CA 19 -26.64 -32.69 -6.65
C PRO CA 19 -26.42 -31.60 -5.62
N PHE CA 20 -25.93 -31.94 -4.43
CA PHE CA 20 -25.71 -30.93 -3.40
C PHE CA 20 -24.44 -30.12 -3.67
N GLY CA 21 -23.35 -30.81 -4.01
CA GLY CA 21 -22.10 -30.13 -4.30
C GLY CA 21 -22.19 -29.17 -5.48
N GLN CA 22 -23.06 -29.48 -6.44
CA GLN CA 22 -23.25 -28.58 -7.57
C GLN CA 22 -23.75 -27.22 -7.10
N SER CA 23 -24.84 -27.21 -6.34
CA SER CA 23 -25.38 -25.96 -5.83
C SER CA 23 -24.43 -25.31 -4.83
N LEU CA 24 -23.65 -26.10 -4.09
CA LEU CA 24 -22.66 -25.50 -3.20
C LEU CA 24 -21.59 -24.75 -3.98
N ALA CA 25 -21.11 -25.33 -5.09
CA ALA CA 25 -20.16 -24.63 -5.94
C ALA CA 25 -20.79 -23.40 -6.58
N VAL CA 26 -22.08 -23.49 -6.95
CA VAL CA 26 -22.78 -22.32 -7.47
C VAL CA 26 -22.80 -21.20 -6.44
N LEU CA 27 -23.04 -21.55 -5.18
CA LEU CA 27 -23.02 -20.55 -4.11
C LEU CA 27 -21.62 -19.96 -3.94
N GLY CA 28 -20.60 -20.80 -4.07
CA GLY CA 28 -19.23 -20.29 -4.00
C GLY CA 28 -18.93 -19.28 -5.10
N ILE CA 29 -19.41 -19.55 -6.31
CA ILE CA 29 -19.19 -18.62 -7.41
C ILE CA 29 -19.98 -17.33 -7.20
N VAL CA 30 -21.22 -17.45 -6.71
CA VAL CA 30 -21.98 -16.26 -6.34
C VAL CA 30 -21.22 -15.44 -5.30
N ALA CA 31 -20.58 -16.13 -4.36
CA ALA CA 31 -19.83 -15.45 -3.31
C ALA CA 31 -18.65 -14.68 -3.87
N ILE CA 32 -17.90 -15.30 -4.78
CA ILE CA 32 -16.76 -14.58 -5.33
C ILE CA 32 -17.22 -13.42 -6.21
N GLY CA 33 -18.35 -13.58 -6.90
CA GLY CA 33 -18.89 -12.45 -7.66
C GLY CA 33 -19.27 -11.29 -6.77
N ILE CA 34 -19.96 -11.57 -5.67
CA ILE CA 34 -20.36 -10.52 -4.74
C ILE CA 34 -19.13 -9.88 -4.12
N SER CA 35 -18.10 -10.68 -3.81
CA SER CA 35 -16.89 -10.11 -3.23
C SER CA 35 -16.13 -9.24 -4.22
N TRP CA 36 -16.24 -9.54 -5.52
CA TRP CA 36 -15.66 -8.64 -6.51
C TRP CA 36 -16.49 -7.37 -6.70
N MET CA 37 -17.81 -7.45 -6.53
CA MET CA 37 -18.66 -6.29 -6.76
C MET CA 37 -18.33 -5.17 -5.77
N PHE CA 38 -18.43 -5.47 -4.47
CA PHE CA 38 -18.17 -4.48 -3.43
C PHE CA 38 -16.77 -4.72 -2.86
N GLY CA 39 -15.78 -4.14 -3.50
CA GLY CA 39 -14.42 -4.25 -3.02
C GLY CA 39 -13.45 -4.27 -4.19
N ARG CA 40 -12.36 -5.01 -4.00
CA ARG CA 40 -11.27 -5.09 -4.97
C ARG CA 40 -11.19 -6.49 -5.57
N ALA CA 41 -10.83 -6.55 -6.85
CA ALA CA 41 -10.76 -7.80 -7.59
C ALA CA 41 -9.30 -8.27 -7.58
N SER CA 42 -9.04 -9.36 -6.86
CA SER CA 42 -7.69 -9.92 -6.75
C SER CA 42 -7.71 -11.35 -7.26
N LEU CA 43 -6.69 -11.72 -8.03
CA LEU CA 43 -6.59 -13.08 -8.55
C LEU CA 43 -6.51 -14.12 -7.44
N GLY CA 44 -6.06 -13.73 -6.25
CA GLY CA 44 -5.92 -14.69 -5.16
C GLY CA 44 -7.25 -15.29 -4.75
N LEU CA 45 -8.29 -14.47 -4.64
CA LEU CA 45 -9.59 -14.97 -4.19
C LEU CA 45 -10.16 -15.99 -5.18
N VAL CA 46 -10.18 -15.63 -6.47
CA VAL CA 46 -10.73 -16.52 -7.48
C VAL CA 46 -9.89 -17.79 -7.57
N ALA CA 47 -8.56 -17.65 -7.52
CA ALA CA 47 -7.70 -18.82 -7.57
C ALA CA 47 -8.00 -19.76 -6.42
N GLY CA 48 -8.10 -19.22 -5.20
CA GLY CA 48 -8.37 -20.05 -4.04
C GLY CA 48 -9.72 -20.74 -4.12
N VAL CA 49 -10.74 -20.02 -4.57
CA VAL CA 49 -12.08 -20.60 -4.58
C VAL CA 49 -12.22 -21.65 -5.68
N VAL CA 50 -11.68 -21.37 -6.87
CA VAL CA 50 -11.73 -22.35 -7.93
C VAL CA 50 -10.91 -23.58 -7.54
N GLY CA 51 -9.79 -23.38 -6.85
CA GLY CA 51 -9.03 -24.52 -6.37
C GLY CA 51 -9.80 -25.32 -5.34
N GLY CA 52 -10.53 -24.64 -4.46
CA GLY CA 52 -11.38 -25.35 -3.51
C GLY CA 52 -12.44 -26.18 -4.21
N ILE CA 53 -13.07 -25.63 -5.26
CA ILE CA 53 -14.08 -26.38 -5.99
C ILE CA 53 -13.45 -27.59 -6.69
N VAL CA 54 -12.29 -27.39 -7.31
CA VAL CA 54 -11.61 -28.51 -7.97
C VAL CA 54 -11.27 -29.59 -6.96
N ILE CA 55 -10.78 -29.21 -5.79
CA ILE CA 55 -10.43 -30.19 -4.77
C ILE CA 55 -11.68 -30.90 -4.28
N MET CA 56 -12.80 -30.20 -4.17
CA MET CA 56 -14.04 -30.83 -3.74
C MET CA 56 -14.50 -31.87 -4.75
N PHE CA 57 -14.46 -31.54 -6.04
CA PHE CA 57 -14.96 -32.47 -7.04
C PHE CA 57 -13.89 -33.42 -7.56
N GLY CA 58 -12.63 -33.20 -7.20
CA GLY CA 58 -11.58 -34.15 -7.48
C GLY CA 58 -11.25 -35.07 -6.34
N ALA CA 59 -11.99 -34.99 -5.23
CA ALA CA 59 -11.67 -35.75 -4.04
C ALA CA 59 -11.56 -37.24 -4.31
N SER CA 60 -12.44 -37.77 -5.16
CA SER CA 60 -12.40 -39.20 -5.46
C SER CA 60 -11.09 -39.60 -6.13
N PHE CA 61 -10.75 -38.95 -7.24
CA PHE CA 61 -9.54 -39.32 -7.97
C PHE CA 61 -8.29 -38.91 -7.20
N LEU CA 62 -8.34 -37.79 -6.49
CA LEU CA 62 -7.22 -37.40 -5.65
C LEU CA 62 -6.95 -38.46 -4.58
N GLY CA 63 -8.00 -39.00 -3.98
CA GLY CA 63 -7.82 -40.06 -3.00
C GLY CA 63 -7.31 -41.35 -3.64
N LYS CA 64 -7.81 -41.66 -4.83
CA LYS CA 64 -7.35 -42.87 -5.50
C LYS CA 64 -5.88 -42.79 -5.87
N THR CA 65 -5.40 -41.62 -6.29
CA THR CA 65 -4.03 -41.51 -6.74
C THR CA 65 -3.06 -41.28 -5.59
N LEU CA 66 -3.46 -40.52 -4.57
CA LEU CA 66 -2.57 -40.21 -3.46
C LEU CA 66 -2.24 -41.43 -2.63
N THR CA 67 -3.09 -42.47 -2.67
CA THR CA 67 -2.90 -43.67 -1.87
C THR CA 67 -2.36 -44.83 -2.70
N GLY CA 68 -1.87 -44.55 -3.91
CA GLY CA 68 -1.35 -45.59 -4.76
C GLY CA 68 -2.36 -46.62 -5.19
N GLY CA 69 -3.65 -46.33 -5.03
CA GLY CA 69 -4.69 -47.27 -5.40
C GLY CA 69 -5.68 -47.53 -4.27
N GLY DA 1 -41.67 -31.57 8.93
CA GLY DA 1 -40.99 -32.77 8.47
C GLY DA 1 -39.64 -32.49 7.84
N GLY DA 2 -39.34 -31.21 7.65
CA GLY DA 2 -38.08 -30.81 7.08
C GLY DA 2 -38.02 -31.04 5.57
N THR DA 3 -37.07 -30.36 4.94
CA THR DA 3 -36.86 -30.46 3.50
C THR DA 3 -35.41 -30.81 3.22
N ASP DA 4 -35.19 -31.54 2.13
CA ASP DA 4 -33.85 -31.96 1.77
C ASP DA 4 -33.02 -30.75 1.31
N PRO DA 5 -31.73 -30.71 1.65
CA PRO DA 5 -30.91 -29.54 1.29
C PRO DA 5 -30.85 -29.26 -0.21
N ALA DA 6 -31.11 -30.27 -1.05
CA ALA DA 6 -31.11 -30.06 -2.49
C ALA DA 6 -32.15 -29.03 -2.92
N THR DA 7 -33.18 -28.81 -2.11
CA THR DA 7 -34.16 -27.77 -2.37
C THR DA 7 -33.87 -26.47 -1.63
N MET DA 8 -33.30 -26.55 -0.42
CA MET DA 8 -33.02 -25.33 0.33
C MET DA 8 -31.90 -24.54 -0.31
N VAL DA 9 -30.81 -25.21 -0.70
CA VAL DA 9 -29.72 -24.51 -1.37
C VAL DA 9 -30.19 -23.94 -2.70
N ASN DA 10 -31.06 -24.67 -3.39
CA ASN DA 10 -31.61 -24.17 -4.66
C ASN DA 10 -32.47 -22.94 -4.41
N ASN DA 11 -33.24 -22.93 -3.32
CA ASN DA 11 -34.00 -21.74 -2.96
C ASN DA 11 -33.09 -20.56 -2.69
N ILE DA 12 -31.98 -20.81 -1.98
CA ILE DA 12 -31.00 -19.76 -1.71
C ILE DA 12 -30.48 -19.18 -3.02
N CYS DA 13 -30.10 -20.06 -3.95
CA CYS DA 13 -29.57 -19.61 -5.23
C CYS DA 13 -30.61 -18.82 -6.02
N THR DA 14 -31.86 -19.29 -6.02
CA THR DA 14 -32.92 -18.61 -6.75
C THR DA 14 -33.18 -17.23 -6.16
N PHE DA 15 -33.17 -17.11 -4.84
CA PHE DA 15 -33.36 -15.81 -4.21
C PHE DA 15 -32.20 -14.87 -4.54
N ILE DA 16 -30.97 -15.34 -4.37
CA ILE DA 16 -29.81 -14.49 -4.59
C ILE DA 16 -29.58 -14.16 -6.06
N LEU DA 17 -30.22 -14.88 -6.98
CA LEU DA 17 -30.08 -14.61 -8.40
C LEU DA 17 -31.35 -14.11 -9.05
N GLY DA 18 -32.42 -13.88 -8.28
CA GLY DA 18 -33.67 -13.41 -8.83
C GLY DA 18 -33.73 -11.90 -8.86
N PRO DA 19 -34.75 -11.33 -8.22
CA PRO DA 19 -34.88 -9.87 -8.21
C PRO DA 19 -33.90 -9.17 -7.27
N PHE DA 20 -33.25 -9.90 -6.38
CA PHE DA 20 -32.32 -9.28 -5.43
C PHE DA 20 -31.01 -8.95 -6.11
N GLY DA 21 -30.45 -9.90 -6.87
CA GLY DA 21 -29.19 -9.67 -7.56
C GLY DA 21 -29.25 -8.53 -8.56
N GLN DA 22 -30.43 -8.29 -9.15
CA GLN DA 22 -30.58 -7.17 -10.06
C GLN DA 22 -30.29 -5.85 -9.36
N SER DA 23 -30.98 -5.59 -8.24
CA SER DA 23 -30.75 -4.38 -7.49
C SER DA 23 -29.36 -4.33 -6.87
N LEU DA 24 -28.79 -5.49 -6.53
CA LEU DA 24 -27.41 -5.50 -6.04
C LEU DA 24 -26.44 -5.04 -7.12
N ALA DA 25 -26.62 -5.51 -8.35
CA ALA DA 25 -25.79 -5.03 -9.45
C ALA DA 25 -26.01 -3.56 -9.73
N VAL DA 26 -27.26 -3.10 -9.60
CA VAL DA 26 -27.55 -1.67 -9.74
C VAL DA 26 -26.78 -0.86 -8.71
N LEU DA 27 -26.73 -1.36 -7.48
CA LEU DA 27 -25.96 -0.68 -6.44
C LEU DA 27 -24.48 -0.70 -6.76
N GLY DA 28 -23.98 -1.80 -7.31
CA GLY DA 28 -22.58 -1.84 -7.73
C GLY DA 28 -22.26 -0.80 -8.79
N ILE DA 29 -23.16 -0.62 -9.75
CA ILE DA 29 -22.94 0.38 -10.79
C ILE DA 29 -23.01 1.79 -10.22
N VAL DA 30 -23.95 2.03 -9.31
CA VAL DA 30 -24.00 3.31 -8.61
C VAL DA 30 -22.68 3.55 -7.88
N ALA DA 31 -22.12 2.49 -7.29
CA ALA DA 31 -20.88 2.63 -6.55
C ALA DA 31 -19.73 3.01 -7.46
N ILE DA 32 -19.63 2.37 -8.63
CA ILE DA 32 -18.53 2.73 -9.52
C ILE DA 32 -18.72 4.14 -10.08
N GLY DA 33 -19.97 4.55 -10.30
CA GLY DA 33 -20.21 5.92 -10.74
C GLY DA 33 -19.76 6.93 -9.69
N ILE DA 34 -20.13 6.69 -8.44
CA ILE DA 34 -19.74 7.60 -7.36
C ILE DA 34 -18.22 7.61 -7.20
N SER DA 35 -17.59 6.44 -7.35
CA SER DA 35 -16.13 6.39 -7.24
C SER DA 35 -15.44 7.11 -8.38
N TRP DA 36 -16.06 7.16 -9.56
CA TRP DA 36 -15.51 7.97 -10.63
C TRP DA 36 -15.75 9.46 -10.42
N MET DA 37 -16.86 9.82 -9.77
CA MET DA 37 -17.17 11.24 -9.59
C MET DA 37 -16.12 11.93 -8.73
N PHE DA 38 -15.93 11.43 -7.50
CA PHE DA 38 -14.96 12.01 -6.57
C PHE DA 38 -13.69 11.17 -6.59
N GLY DA 39 -12.81 11.47 -7.52
CA GLY DA 39 -11.54 10.77 -7.59
C GLY DA 39 -11.08 10.65 -9.03
N ARG DA 40 -10.40 9.55 -9.31
CA ARG DA 40 -9.81 9.28 -10.61
C ARG DA 40 -10.51 8.11 -11.29
N ALA DA 41 -10.63 8.20 -12.61
CA ALA DA 41 -11.31 7.18 -13.41
C ALA DA 41 -10.27 6.22 -13.97
N SER DA 42 -10.26 4.99 -13.48
CA SER DA 42 -9.31 3.97 -13.91
C SER DA 42 -10.08 2.79 -14.46
N LEU DA 43 -9.60 2.24 -15.58
CA LEU DA 43 -10.24 1.08 -16.19
C LEU DA 43 -10.25 -0.12 -15.26
N GLY DA 44 -9.34 -0.18 -14.30
CA GLY DA 44 -9.28 -1.33 -13.41
C GLY DA 44 -10.52 -1.49 -12.57
N LEU DA 45 -11.03 -0.39 -12.02
CA LEU DA 45 -12.21 -0.46 -11.16
C LEU DA 45 -13.43 -0.97 -11.93
N VAL DA 46 -13.70 -0.37 -13.08
CA VAL DA 46 -14.87 -0.77 -13.88
C VAL DA 46 -14.70 -2.21 -14.36
N ALA DA 47 -13.49 -2.57 -14.80
CA ALA DA 47 -13.26 -3.94 -15.25
C ALA DA 47 -13.54 -4.92 -14.12
N GLY DA 48 -13.01 -4.66 -12.93
CA GLY DA 48 -13.22 -5.56 -11.81
C GLY DA 48 -14.69 -5.68 -11.42
N VAL DA 49 -15.40 -4.55 -11.40
CA VAL DA 49 -16.79 -4.59 -10.95
C VAL DA 49 -17.69 -5.26 -11.98
N VAL DA 50 -17.49 -4.94 -13.26
CA VAL DA 50 -18.27 -5.62 -14.30
C VAL DA 50 -17.96 -7.11 -14.33
N GLY DA 51 -16.70 -7.48 -14.09
CA GLY DA 51 -16.37 -8.88 -14.00
C GLY DA 51 -17.03 -9.55 -12.81
N GLY DA 52 -17.10 -8.85 -11.68
CA GLY DA 52 -17.82 -9.38 -10.53
C GLY DA 52 -19.29 -9.60 -10.83
N ILE DA 53 -19.92 -8.67 -11.53
CA ILE DA 53 -21.33 -8.83 -11.88
C ILE DA 53 -21.51 -10.00 -12.84
N VAL DA 54 -20.64 -10.12 -13.84
CA VAL DA 54 -20.72 -11.24 -14.77
C VAL DA 54 -20.56 -12.56 -14.04
N ILE DA 55 -19.61 -12.63 -13.10
CA ILE DA 55 -19.41 -13.86 -12.36
C ILE DA 55 -20.61 -14.16 -11.48
N MET DA 56 -21.25 -13.13 -10.91
CA MET DA 56 -22.43 -13.35 -10.11
C MET DA 56 -23.57 -13.92 -10.93
N PHE DA 57 -23.81 -13.35 -12.11
CA PHE DA 57 -24.94 -13.81 -12.92
C PHE DA 57 -24.58 -14.95 -13.86
N GLY DA 58 -23.31 -15.29 -13.99
CA GLY DA 58 -22.89 -16.47 -14.70
C GLY DA 58 -22.62 -17.67 -13.82
N ALA DA 59 -22.87 -17.56 -12.51
CA ALA DA 59 -22.53 -18.61 -11.57
C ALA DA 59 -23.14 -19.95 -11.97
N SER DA 60 -24.38 -19.94 -12.46
CA SER DA 60 -25.03 -21.18 -12.84
C SER DA 60 -24.29 -21.88 -13.97
N PHE DA 61 -24.09 -21.18 -15.10
CA PHE DA 61 -23.44 -21.80 -16.25
C PHE DA 61 -21.96 -22.05 -15.97
N LEU DA 62 -21.31 -21.15 -15.22
CA LEU DA 62 -19.92 -21.40 -14.84
C LEU DA 62 -19.79 -22.67 -14.02
N GLY DA 63 -20.72 -22.90 -13.10
CA GLY DA 63 -20.69 -24.14 -12.34
C GLY DA 63 -21.00 -25.36 -13.19
N LYS DA 64 -21.93 -25.22 -14.14
CA LYS DA 64 -22.26 -26.34 -15.01
C LYS DA 64 -21.07 -26.73 -15.88
N THR DA 65 -20.32 -25.74 -16.37
CA THR DA 65 -19.24 -26.04 -17.31
C THR DA 65 -17.95 -26.43 -16.58
N LEU DA 66 -17.66 -25.80 -15.45
CA LEU DA 66 -16.42 -26.08 -14.72
C LEU DA 66 -16.39 -27.49 -14.16
N THR DA 67 -17.55 -28.11 -13.95
CA THR DA 67 -17.64 -29.43 -13.35
C THR DA 67 -17.91 -30.51 -14.39
N GLY DA 68 -17.76 -30.18 -15.68
CA GLY DA 68 -18.02 -31.14 -16.73
C GLY DA 68 -19.45 -31.62 -16.82
N GLY DA 69 -20.38 -30.93 -16.17
CA GLY DA 69 -21.78 -31.32 -16.18
C GLY DA 69 -22.36 -31.43 -14.79
N GLY EA 1 -42.56 -6.44 11.85
CA GLY EA 1 -42.61 -7.69 11.10
C GLY EA 1 -41.54 -7.80 10.04
N GLY EA 2 -40.81 -6.72 9.84
CA GLY EA 2 -39.74 -6.69 8.87
C GLY EA 2 -40.24 -6.62 7.44
N THR EA 3 -39.34 -6.23 6.54
CA THR EA 3 -39.65 -6.10 5.12
C THR EA 3 -38.64 -6.90 4.31
N ASP EA 4 -39.08 -7.41 3.18
CA ASP EA 4 -38.21 -8.21 2.33
C ASP EA 4 -37.15 -7.34 1.67
N PRO EA 5 -35.92 -7.84 1.52
CA PRO EA 5 -34.85 -6.99 0.96
C PRO EA 5 -35.14 -6.48 -0.43
N ALA EA 6 -36.04 -7.12 -1.18
CA ALA EA 6 -36.39 -6.64 -2.50
C ALA EA 6 -36.99 -5.25 -2.47
N THR EA 7 -37.53 -4.82 -1.32
CA THR EA 7 -38.01 -3.47 -1.16
C THR EA 7 -37.00 -2.55 -0.49
N MET EA 8 -36.18 -3.06 0.43
CA MET EA 8 -35.21 -2.22 1.09
C MET EA 8 -34.10 -1.78 0.14
N VAL EA 9 -33.57 -2.71 -0.66
CA VAL EA 9 -32.55 -2.34 -1.64
C VAL EA 9 -33.12 -1.38 -2.67
N ASN EA 10 -34.39 -1.59 -3.04
CA ASN EA 10 -35.03 -0.67 -3.98
C ASN EA 10 -35.19 0.72 -3.38
N ASN EA 11 -35.50 0.78 -2.08
CA ASN EA 11 -35.56 2.07 -1.39
C ASN EA 11 -34.20 2.74 -1.40
N ILE EA 12 -33.14 1.97 -1.15
CA ILE EA 12 -31.78 2.52 -1.20
C ILE EA 12 -31.50 3.11 -2.57
N CYS EA 13 -31.83 2.36 -3.63
CA CYS EA 13 -31.57 2.84 -4.99
C CYS EA 13 -32.38 4.09 -5.29
N THR EA 14 -33.65 4.13 -4.87
CA THR EA 14 -34.50 5.28 -5.12
C THR EA 14 -33.97 6.52 -4.40
N PHE EA 15 -33.51 6.34 -3.16
CA PHE EA 15 -32.93 7.47 -2.43
C PHE EA 15 -31.66 7.96 -3.10
N ILE EA 16 -30.74 7.04 -3.41
CA ILE EA 16 -29.46 7.44 -3.99
C ILE EA 16 -29.57 7.95 -5.42
N LEU EA 17 -30.71 7.72 -6.08
CA LEU EA 17 -30.91 8.20 -7.45
C LEU EA 17 -31.99 9.26 -7.55
N GLY EA 18 -32.57 9.69 -6.44
CA GLY EA 18 -33.62 10.68 -6.46
C GLY EA 18 -33.07 12.09 -6.39
N PRO EA 19 -33.50 12.85 -5.38
CA PRO EA 19 -32.99 14.23 -5.24
C PRO EA 19 -31.59 14.32 -4.68
N PHE EA 20 -31.06 13.23 -4.13
CA PHE EA 20 -29.72 13.26 -3.55
C PHE EA 20 -28.65 13.21 -4.64
N GLY EA 21 -28.81 12.30 -5.60
CA GLY EA 21 -27.85 12.20 -6.68
C GLY EA 21 -27.73 13.45 -7.52
N GLN EA 22 -28.81 14.22 -7.63
CA GLN EA 22 -28.76 15.49 -8.36
C GLN EA 22 -27.74 16.42 -7.72
N SER EA 23 -27.90 16.68 -6.43
CA SER EA 23 -26.96 17.56 -5.73
C SER EA 23 -25.57 16.96 -5.66
N LEU EA 24 -25.45 15.64 -5.62
CA LEU EA 24 -24.13 15.02 -5.66
C LEU EA 24 -23.43 15.30 -6.99
N ALA EA 25 -24.16 15.19 -8.11
CA ALA EA 25 -23.59 15.53 -9.40
C ALA EA 25 -23.25 17.02 -9.48
N VAL EA 26 -24.09 17.86 -8.87
CA VAL EA 26 -23.79 19.29 -8.83
C VAL EA 26 -22.48 19.53 -8.10
N LEU EA 27 -22.26 18.81 -6.98
CA LEU EA 27 -21.01 18.95 -6.26
C LEU EA 27 -19.83 18.45 -7.10
N GLY EA 28 -20.04 17.38 -7.87
CA GLY EA 28 -18.98 16.92 -8.76
C GLY EA 28 -18.60 17.95 -9.79
N ILE EA 29 -19.60 18.63 -10.36
CA ILE EA 29 -19.32 19.67 -11.35
C ILE EA 29 -18.61 20.86 -10.70
N VAL EA 30 -19.04 21.25 -9.50
CA VAL EA 30 -18.34 22.28 -8.76
C VAL EA 30 -16.89 21.88 -8.53
N ALA EA 31 -16.67 20.59 -8.25
CA ALA EA 31 -15.31 20.10 -8.00
C ALA EA 31 -14.45 20.21 -9.25
N ILE EA 32 -14.99 19.84 -10.41
CA ILE EA 32 -14.17 19.93 -11.61
C ILE EA 32 -13.92 21.39 -11.97
N GLY EA 33 -14.89 22.27 -11.72
CA GLY EA 33 -14.65 23.69 -11.95
C GLY EA 33 -13.54 24.23 -11.07
N ILE EA 34 -13.57 23.90 -9.79
CA ILE EA 34 -12.52 24.36 -8.88
C ILE EA 34 -11.18 23.77 -9.27
N SER EA 35 -11.15 22.52 -9.72
CA SER EA 35 -9.89 21.91 -10.14
C SER EA 35 -9.35 22.55 -11.40
N TRP EA 36 -10.23 23.06 -12.28
CA TRP EA 36 -9.74 23.82 -13.42
C TRP EA 36 -9.28 25.21 -13.05
N MET EA 37 -9.87 25.82 -12.03
CA MET EA 37 -9.49 27.18 -11.65
C MET EA 37 -8.05 27.24 -11.19
N PHE EA 38 -7.70 26.47 -10.16
CA PHE EA 38 -6.35 26.46 -9.61
C PHE EA 38 -5.62 25.22 -10.13
N GLY EA 39 -5.03 25.36 -11.29
CA GLY EA 39 -4.26 24.28 -11.86
C GLY EA 39 -4.35 24.30 -13.38
N ARG EA 40 -4.32 23.09 -13.95
CA ARG EA 40 -4.32 22.90 -15.39
C ARG EA 40 -5.61 22.24 -15.84
N ALA EA 41 -6.08 22.63 -17.02
CA ALA EA 41 -7.33 22.10 -17.58
C ALA EA 41 -7.01 20.97 -18.54
N SER EA 42 -7.35 19.75 -18.16
CA SER EA 42 -7.10 18.56 -18.96
C SER EA 42 -8.43 17.88 -19.27
N LEU EA 43 -8.58 17.44 -20.51
CA LEU EA 43 -9.79 16.74 -20.92
C LEU EA 43 -10.02 15.46 -20.12
N GLY EA 44 -8.96 14.87 -19.56
CA GLY EA 44 -9.11 13.63 -18.83
C GLY EA 44 -10.00 13.77 -17.60
N LEU EA 45 -9.81 14.86 -16.85
CA LEU EA 45 -10.58 15.05 -15.62
C LEU EA 45 -12.06 15.19 -15.92
N VAL EA 46 -12.42 16.07 -16.86
CA VAL EA 46 -13.82 16.28 -17.20
C VAL EA 46 -14.42 15.02 -17.80
N ALA EA 47 -13.67 14.34 -18.67
CA ALA EA 47 -14.17 13.10 -19.26
C ALA EA 47 -14.48 12.08 -18.17
N GLY EA 48 -13.54 11.89 -17.23
CA GLY EA 48 -13.76 10.92 -16.16
C GLY EA 48 -14.94 11.27 -15.29
N VAL EA 49 -15.09 12.55 -14.94
CA VAL EA 49 -16.15 12.93 -14.02
C VAL EA 49 -17.52 12.87 -14.70
N VAL EA 50 -17.61 13.33 -15.94
CA VAL EA 50 -18.88 13.23 -16.66
C VAL EA 50 -19.23 11.77 -16.88
N GLY EA 51 -18.23 10.92 -17.15
CA GLY EA 51 -18.50 9.50 -17.26
C GLY EA 51 -18.99 8.90 -15.96
N GLY EA 52 -18.41 9.33 -14.84
CA GLY EA 52 -18.90 8.88 -13.55
C GLY EA 52 -20.34 9.27 -13.31
N ILE EA 53 -20.71 10.50 -13.67
CA ILE EA 53 -22.08 10.95 -13.50
C ILE EA 53 -23.03 10.14 -14.39
N VAL EA 54 -22.63 9.92 -15.64
CA VAL EA 54 -23.45 9.12 -16.56
C VAL EA 54 -23.64 7.71 -16.01
N ILE EA 55 -22.57 7.11 -15.49
CA ILE EA 55 -22.67 5.76 -14.94
C ILE EA 55 -23.56 5.76 -13.70
N MET EA 56 -23.49 6.82 -12.89
CA MET EA 56 -24.36 6.88 -11.72
C MET EA 56 -25.82 6.96 -12.11
N PHE EA 57 -26.16 7.79 -13.10
CA PHE EA 57 -27.56 7.95 -13.46
C PHE EA 57 -28.01 6.98 -14.54
N GLY EA 58 -27.09 6.22 -15.13
CA GLY EA 58 -27.45 5.15 -16.02
C GLY EA 58 -27.46 3.78 -15.37
N ALA EA 59 -27.21 3.71 -14.06
CA ALA EA 59 -27.08 2.43 -13.38
C ALA EA 59 -28.28 1.53 -13.60
N SER EA 60 -29.48 2.09 -13.61
CA SER EA 60 -30.68 1.28 -13.80
C SER EA 60 -30.66 0.60 -15.17
N PHE EA 61 -30.55 1.38 -16.24
CA PHE EA 61 -30.60 0.81 -17.57
C PHE EA 61 -29.35 -0.01 -17.88
N LEU EA 62 -28.20 0.42 -17.36
CA LEU EA 62 -26.99 -0.39 -17.52
C LEU EA 62 -27.16 -1.76 -16.89
N GLY EA 63 -27.78 -1.81 -15.70
CA GLY EA 63 -28.03 -3.10 -15.08
C GLY EA 63 -29.05 -3.92 -15.84
N LYS EA 64 -30.09 -3.26 -16.37
CA LYS EA 64 -31.10 -3.99 -17.13
C LYS EA 64 -30.52 -4.59 -18.40
N THR EA 65 -29.61 -3.88 -19.06
CA THR EA 65 -29.09 -4.36 -20.35
C THR EA 65 -27.93 -5.33 -20.16
N LEU EA 66 -27.07 -5.09 -19.17
CA LEU EA 66 -25.90 -5.95 -18.96
C LEU EA 66 -26.29 -7.36 -18.53
N THR EA 67 -27.47 -7.53 -17.96
CA THR EA 67 -27.92 -8.82 -17.45
C THR EA 67 -28.91 -9.50 -18.38
N GLY EA 68 -29.04 -8.99 -19.61
CA GLY EA 68 -29.99 -9.56 -20.56
C GLY EA 68 -31.44 -9.45 -20.16
N GLY EA 69 -31.75 -8.60 -19.17
CA GLY EA 69 -33.10 -8.45 -18.70
C GLY EA 69 -33.24 -8.62 -17.19
N GLY FA 1 -31.65 15.59 16.48
CA GLY FA 1 -32.46 14.64 15.72
C GLY FA 1 -31.93 14.39 14.33
N GLY FA 2 -30.92 15.16 13.94
CA GLY FA 2 -30.31 15.00 12.64
C GLY FA 2 -31.17 15.57 11.52
N THR FA 3 -30.53 15.80 10.38
CA THR FA 3 -31.19 16.33 9.20
C THR FA 3 -30.92 15.43 8.00
N ASP FA 4 -31.88 15.37 7.09
CA ASP FA 4 -31.74 14.51 5.92
C ASP FA 4 -30.67 15.08 4.97
N PRO FA 5 -29.89 14.21 4.33
CA PRO FA 5 -28.80 14.71 3.47
C PRO FA 5 -29.28 15.60 2.33
N ALA FA 6 -30.55 15.50 1.93
CA ALA FA 6 -31.07 16.36 0.88
C ALA FA 6 -31.00 17.83 1.24
N THR FA 7 -30.92 18.15 2.54
CA THR FA 7 -30.72 19.52 2.98
C THR FA 7 -29.26 19.84 3.27
N MET FA 8 -28.48 18.88 3.77
CA MET FA 8 -27.08 19.15 4.07
C MET FA 8 -26.26 19.36 2.79
N VAL FA 9 -26.46 18.51 1.80
CA VAL FA 9 -25.75 18.69 0.54
C VAL FA 9 -26.17 19.99 -0.13
N ASN FA 10 -27.45 20.34 -0.01
CA ASN FA 10 -27.92 21.60 -0.56
C ASN FA 10 -27.28 22.79 0.16
N ASN FA 11 -27.11 22.68 1.48
CA ASN FA 11 -26.41 23.72 2.23
C ASN FA 11 -24.96 23.85 1.75
N ILE FA 12 -24.30 22.71 1.52
CA ILE FA 12 -22.94 22.72 1.00
C ILE FA 12 -22.88 23.46 -0.33
N CYS FA 13 -23.82 23.13 -1.24
CA CYS FA 13 -23.84 23.77 -2.55
C CYS FA 13 -24.10 25.27 -2.43
N THR FA 14 -25.03 25.66 -1.56
CA THR FA 14 -25.36 27.07 -1.39
C THR FA 14 -24.17 27.83 -0.83
N PHE FA 15 -23.45 27.25 0.12
CA PHE FA 15 -22.26 27.89 0.66
C PHE FA 15 -21.18 28.04 -0.41
N ILE FA 16 -20.89 26.95 -1.12
CA ILE FA 16 -19.81 26.97 -2.11
C ILE FA 16 -20.16 27.79 -3.34
N LEU FA 17 -21.42 28.13 -3.54
CA LEU FA 17 -21.83 28.94 -4.68
C LEU FA 17 -22.35 30.31 -4.29
N GLY FA 18 -22.31 30.67 -3.01
CA GLY FA 18 -22.79 31.95 -2.57
C GLY FA 18 -21.72 33.01 -2.60
N PRO FA 19 -21.45 33.64 -1.45
CA PRO FA 19 -20.41 34.68 -1.41
C PRO FA 19 -18.99 34.12 -1.43
N PHE FA 20 -18.81 32.83 -1.20
CA PHE FA 20 -17.48 32.24 -1.18
C PHE FA 20 -16.94 32.06 -2.59
N GLY FA 21 -17.76 31.50 -3.49
CA GLY FA 21 -17.33 31.30 -4.86
C GLY FA 21 -16.97 32.58 -5.59
N GLN FA 22 -17.62 33.69 -5.22
CA GLN FA 22 -17.28 34.97 -5.81
C GLN FA 22 -15.82 35.32 -5.55
N SER FA 23 -15.42 35.32 -4.27
CA SER FA 23 -14.05 35.63 -3.93
C SER FA 23 -13.08 34.57 -4.43
N LEU FA 24 -13.52 33.32 -4.54
CA LEU FA 24 -12.66 32.30 -5.13
C LEU FA 24 -12.38 32.59 -6.59
N ALA FA 25 -13.39 33.00 -7.35
CA ALA FA 25 -13.19 33.39 -8.74
C ALA FA 25 -12.31 34.64 -8.84
N VAL FA 26 -12.48 35.57 -7.90
CA VAL FA 26 -11.62 36.75 -7.86
C VAL FA 26 -10.17 36.33 -7.68
N LEU FA 27 -9.92 35.37 -6.79
CA LEU FA 27 -8.56 34.87 -6.59
C LEU FA 27 -8.04 34.18 -7.84
N GLY FA 28 -8.90 33.46 -8.56
CA GLY FA 28 -8.49 32.85 -9.81
C GLY FA 28 -8.06 33.88 -10.84
N ILE FA 29 -8.80 34.98 -10.93
CA ILE FA 29 -8.45 36.04 -11.87
C ILE FA 29 -7.15 36.72 -11.46
N VAL FA 30 -6.97 36.96 -10.16
CA VAL FA 30 -5.71 37.49 -9.66
C VAL FA 30 -4.57 36.55 -10.04
N ALA FA 31 -4.82 35.24 -9.96
CA ALA FA 31 -3.79 34.26 -10.29
C ALA FA 31 -3.40 34.33 -11.75
N ILE FA 32 -4.39 34.42 -12.65
CA ILE FA 32 -4.04 34.49 -14.06
C ILE FA 32 -3.34 35.81 -14.38
N GLY FA 33 -3.72 36.89 -13.71
CA GLY FA 33 -3.01 38.14 -13.90
C GLY FA 33 -1.55 38.04 -13.49
N ILE FA 34 -1.30 37.47 -12.31
CA ILE FA 34 0.07 37.32 -11.84
C ILE FA 34 0.85 36.38 -12.76
N SER FA 35 0.20 35.34 -13.27
CA SER FA 35 0.89 34.42 -14.18
C SER FA 35 1.21 35.09 -15.51
N TRP FA 36 0.40 36.05 -15.95
CA TRP FA 36 0.75 36.82 -17.13
C TRP FA 36 1.85 37.84 -16.86
N MET FA 37 1.92 38.37 -15.64
CA MET FA 37 2.92 39.39 -15.35
C MET FA 37 4.34 38.83 -15.48
N PHE FA 38 4.64 37.78 -14.70
CA PHE FA 38 5.96 37.16 -14.72
C PHE FA 38 5.91 35.89 -15.56
N GLY FA 39 6.10 36.06 -16.86
CA GLY FA 39 6.13 34.93 -17.75
C GLY FA 39 5.56 35.31 -19.12
N ARG FA 40 4.91 34.34 -19.74
CA ARG FA 40 4.37 34.48 -21.08
C ARG FA 40 2.84 34.44 -21.05
N ALA FA 41 2.23 35.22 -21.93
CA ALA FA 41 0.77 35.32 -22.00
C ALA FA 41 0.27 34.39 -23.09
N SER FA 42 -0.41 33.32 -22.69
CA SER FA 42 -0.94 32.33 -23.62
C SER FA 42 -2.45 32.25 -23.46
N LEU FA 43 -3.17 32.18 -24.58
CA LEU FA 43 -4.63 32.08 -24.53
C LEU FA 43 -5.09 30.82 -23.81
N GLY FA 44 -4.25 29.79 -23.73
CA GLY FA 44 -4.66 28.55 -23.09
C GLY FA 44 -4.96 28.72 -21.62
N LEU FA 45 -4.12 29.48 -20.91
CA LEU FA 45 -4.30 29.65 -19.47
C LEU FA 45 -5.60 30.38 -19.18
N VAL FA 46 -5.84 31.51 -19.84
CA VAL FA 46 -7.04 32.28 -19.62
C VAL FA 46 -8.28 31.49 -20.03
N ALA FA 47 -8.20 30.79 -21.16
CA ALA FA 47 -9.33 29.97 -21.59
C ALA FA 47 -9.66 28.92 -20.55
N GLY FA 48 -8.64 28.20 -20.05
CA GLY FA 48 -8.89 27.17 -19.06
C GLY FA 48 -9.47 27.72 -17.77
N VAL FA 49 -8.95 28.86 -17.31
CA VAL FA 49 -9.40 29.38 -16.03
C VAL FA 49 -10.81 29.96 -16.14
N VAL FA 50 -11.09 30.70 -17.21
CA VAL FA 50 -12.45 31.21 -17.40
C VAL FA 50 -13.43 30.06 -17.58
N GLY FA 51 -13.02 28.99 -18.26
CA GLY FA 51 -13.87 27.83 -18.37
C GLY FA 51 -14.12 27.17 -17.03
N GLY FA 52 -13.08 27.11 -16.19
CA GLY FA 52 -13.28 26.59 -14.84
C GLY FA 52 -14.26 27.42 -14.04
N ILE FA 53 -14.17 28.74 -14.15
CA ILE FA 53 -15.11 29.59 -13.42
C ILE FA 53 -16.54 29.40 -13.95
N VAL FA 54 -16.69 29.33 -15.27
CA VAL FA 54 -18.01 29.10 -15.85
C VAL FA 54 -18.59 27.77 -15.39
N ILE FA 55 -17.76 26.72 -15.36
CA ILE FA 55 -18.23 25.42 -14.91
C ILE FA 55 -18.59 25.46 -13.43
N MET FA 56 -17.84 26.22 -12.63
CA MET FA 56 -18.17 26.34 -11.21
C MET FA 56 -19.52 27.01 -11.01
N PHE FA 57 -19.76 28.11 -11.73
CA PHE FA 57 -21.01 28.84 -11.52
C PHE FA 57 -22.14 28.35 -12.41
N GLY FA 58 -21.87 27.47 -13.36
CA GLY FA 58 -22.90 26.81 -14.12
C GLY FA 58 -23.27 25.44 -13.62
N ALA FA 59 -22.67 25.00 -12.51
CA ALA FA 59 -22.86 23.64 -12.03
C ALA FA 59 -24.33 23.30 -11.85
N SER FA 60 -25.13 24.25 -11.35
CA SER FA 60 -26.55 23.98 -11.13
C SER FA 60 -27.26 23.66 -12.44
N PHE FA 61 -27.18 24.57 -13.42
CA PHE FA 61 -27.88 24.36 -14.68
C PHE FA 61 -27.25 23.23 -15.48
N LEU FA 62 -25.93 23.09 -15.42
CA LEU FA 62 -25.28 21.96 -16.08
C LEU FA 62 -25.80 20.64 -15.53
N GLY FA 63 -25.96 20.55 -14.22
CA GLY FA 63 -26.51 19.33 -13.63
C GLY FA 63 -27.97 19.13 -14.00
N LYS FA 64 -28.74 20.22 -14.05
CA LYS FA 64 -30.15 20.10 -14.42
C LYS FA 64 -30.31 19.61 -15.85
N THR FA 65 -29.46 20.08 -16.77
CA THR FA 65 -29.63 19.73 -18.18
C THR FA 65 -28.98 18.40 -18.52
N LEU FA 66 -27.83 18.08 -17.91
CA LEU FA 66 -27.13 16.85 -18.23
C LEU FA 66 -27.90 15.62 -17.79
N THR FA 67 -28.80 15.75 -16.82
CA THR FA 67 -29.55 14.63 -16.28
C THR FA 67 -30.99 14.59 -16.81
N GLY FA 68 -31.27 15.36 -17.86
CA GLY FA 68 -32.61 15.40 -18.41
C GLY FA 68 -33.67 15.92 -17.48
N GLY FA 69 -33.27 16.58 -16.39
CA GLY FA 69 -34.22 17.11 -15.42
C GLY FA 69 -33.91 16.67 -14.00
N GLY GA 1 -11.78 31.33 18.35
CA GLY GA 1 -13.10 30.94 17.91
C GLY GA 1 -13.20 30.79 16.40
N GLY GA 2 -12.15 31.19 15.70
CA GLY GA 2 -12.12 31.09 14.26
C GLY GA 2 -12.97 32.15 13.59
N THR GA 3 -12.69 32.36 12.29
CA THR GA 3 -13.40 33.33 11.49
C THR GA 3 -13.93 32.67 10.24
N ASP GA 4 -15.07 33.16 9.75
CA ASP GA 4 -15.70 32.58 8.57
C ASP GA 4 -14.85 32.89 7.33
N PRO GA 5 -14.76 31.94 6.38
CA PRO GA 5 -13.91 32.16 5.21
C PRO GA 5 -14.30 33.38 4.38
N ALA GA 6 -15.55 33.85 4.49
CA ALA GA 6 -15.96 35.04 3.76
C ALA GA 6 -15.15 36.27 4.15
N THR GA 7 -14.53 36.26 5.33
CA THR GA 7 -13.63 37.33 5.74
C THR GA 7 -12.17 37.01 5.47
N MET GA 8 -11.77 35.74 5.58
CA MET GA 8 -10.36 35.39 5.35
C MET GA 8 -9.99 35.54 3.88
N VAL GA 9 -10.85 35.06 2.98
CA VAL GA 9 -10.57 35.21 1.55
C VAL GA 9 -10.59 36.67 1.17
N ASN GA 10 -11.48 37.45 1.78
CA ASN GA 10 -11.52 38.89 1.52
C ASN GA 10 -10.25 39.57 2.01
N ASN GA 11 -9.72 39.13 3.16
CA ASN GA 11 -8.44 39.64 3.64
C ASN GA 11 -7.32 39.31 2.66
N ILE GA 12 -7.33 38.09 2.13
CA ILE GA 12 -6.33 37.70 1.13
C ILE GA 12 -6.40 38.61 -0.08
N CYS GA 13 -7.61 38.86 -0.57
CA CYS GA 13 -7.78 39.72 -1.74
C CYS GA 13 -7.32 41.15 -1.45
N THR GA 14 -7.66 41.66 -0.27
CA THR GA 14 -7.28 43.03 0.08
C THR GA 14 -5.77 43.15 0.19
N PHE GA 15 -5.11 42.15 0.77
CA PHE GA 15 -3.65 42.17 0.85
C PHE GA 15 -3.02 42.11 -0.54
N ILE GA 16 -3.47 41.17 -1.36
CA ILE GA 16 -2.87 40.98 -2.68
C ILE GA 16 -3.21 42.11 -3.65
N LEU GA 17 -4.20 42.94 -3.33
CA LEU GA 17 -4.55 44.06 -4.19
C LEU GA 17 -4.29 45.42 -3.56
N GLY GA 18 -3.69 45.46 -2.37
CA GLY GA 18 -3.41 46.70 -1.71
C GLY GA 18 -2.05 47.26 -2.09
N PRO GA 19 -1.19 47.49 -1.10
CA PRO GA 19 0.14 48.02 -1.40
C PRO GA 19 1.10 47.00 -1.98
N PHE GA 20 0.77 45.71 -1.91
CA PHE GA 20 1.66 44.67 -2.43
C PHE GA 20 1.58 44.60 -3.94
N GLY GA 21 0.37 44.59 -4.49
CA GLY GA 21 0.20 44.53 -5.93
C GLY GA 21 0.81 45.70 -6.67
N GLN GA 22 0.86 46.86 -6.02
CA GLN GA 22 1.51 48.02 -6.63
C GLN GA 22 2.97 47.73 -6.92
N SER GA 23 3.71 47.32 -5.90
CA SER GA 23 5.12 47.00 -6.08
C SER GA 23 5.32 45.79 -6.98
N LEU GA 24 4.38 44.85 -6.97
CA LEU GA 24 4.48 43.72 -7.89
C LEU GA 24 4.37 44.18 -9.34
N ALA GA 25 3.45 45.10 -9.63
CA ALA GA 25 3.35 45.66 -10.98
C ALA GA 25 4.59 46.47 -11.33
N VAL GA 26 5.14 47.19 -10.34
CA VAL GA 26 6.39 47.92 -10.57
C VAL GA 26 7.50 46.95 -10.97
N LEU GA 27 7.58 45.81 -10.30
CA LEU GA 27 8.58 44.80 -10.66
C LEU GA 27 8.31 44.24 -12.05
N GLY GA 28 7.05 44.06 -12.42
CA GLY GA 28 6.74 43.62 -13.77
C GLY GA 28 7.21 44.60 -14.83
N ILE GA 29 7.03 45.89 -14.56
CA ILE GA 29 7.47 46.91 -15.51
C ILE GA 29 9.00 46.95 -15.59
N VAL GA 30 9.66 46.83 -14.44
CA VAL GA 30 11.12 46.72 -14.44
C VAL GA 30 11.56 45.52 -15.26
N ALA GA 31 10.82 44.42 -15.17
CA ALA GA 31 11.15 43.22 -15.91
C ALA GA 31 11.04 43.43 -17.41
N ILE GA 32 9.96 44.09 -17.85
CA ILE GA 32 9.83 44.30 -19.30
C ILE GA 32 10.89 45.30 -19.79
N GLY GA 33 11.24 46.28 -18.96
CA GLY GA 33 12.32 47.18 -19.34
C GLY GA 33 13.65 46.46 -19.52
N ILE GA 34 13.98 45.60 -18.56
CA ILE GA 34 15.22 44.84 -18.64
C ILE GA 34 15.20 43.90 -19.84
N SER GA 35 14.04 43.31 -20.13
CA SER GA 35 13.94 42.41 -21.28
C SER GA 35 14.06 43.17 -22.59
N TRP GA 36 13.65 44.43 -22.63
CA TRP GA 36 13.89 45.23 -23.82
C TRP GA 36 15.34 45.68 -23.94
N MET GA 37 16.03 45.89 -22.80
CA MET GA 37 17.40 46.37 -22.86
C MET GA 37 18.31 45.35 -23.54
N PHE GA 38 18.37 44.13 -23.00
CA PHE GA 38 19.21 43.07 -23.54
C PHE GA 38 18.35 42.12 -24.37
N GLY GA 39 18.17 42.48 -25.64
CA GLY GA 39 17.43 41.63 -26.53
C GLY GA 39 16.67 42.47 -27.56
N ARG GA 40 15.51 41.97 -27.94
CA ARG GA 40 14.68 42.58 -28.97
C ARG GA 40 13.39 43.10 -28.36
N ALA GA 41 12.91 44.24 -28.89
CA ALA GA 41 11.71 44.88 -28.41
C ALA GA 41 10.53 44.46 -29.29
N SER GA 42 9.62 43.67 -28.72
CA SER GA 42 8.46 43.17 -29.42
C SER GA 42 7.20 43.63 -28.69
N LEU GA 43 6.20 44.08 -29.46
CA LEU GA 43 4.94 44.52 -28.88
C LEU GA 43 4.25 43.41 -28.10
N GLY GA 44 4.53 42.15 -28.41
CA GLY GA 44 3.87 41.06 -27.72
C GLY GA 44 4.17 41.02 -26.25
N LEU GA 45 5.42 41.23 -25.87
CA LEU GA 45 5.81 41.16 -24.46
C LEU GA 45 5.11 42.25 -23.65
N VAL GA 46 5.19 43.49 -24.12
CA VAL GA 46 4.56 44.60 -23.41
C VAL GA 46 3.06 44.43 -23.37
N ALA GA 47 2.46 44.01 -24.48
CA ALA GA 47 1.02 43.79 -24.50
C ALA GA 47 0.62 42.75 -23.46
N GLY GA 48 1.33 41.63 -23.43
CA GLY GA 48 1.00 40.57 -22.48
C GLY GA 48 1.16 41.02 -21.04
N VAL GA 49 2.24 41.75 -20.74
CA VAL GA 49 2.48 42.13 -19.35
C VAL GA 49 1.51 43.20 -18.89
N VAL GA 50 1.24 44.20 -19.74
CA VAL GA 50 0.25 45.21 -19.37
C VAL GA 50 -1.13 44.58 -19.23
N GLY GA 51 -1.46 43.60 -20.07
CA GLY GA 51 -2.71 42.90 -19.91
C GLY GA 51 -2.77 42.11 -18.62
N GLY GA 52 -1.65 41.50 -18.23
CA GLY GA 52 -1.60 40.82 -16.95
C GLY GA 52 -1.82 41.77 -15.79
N ILE GA 53 -1.22 42.95 -15.85
CA ILE GA 53 -1.42 43.94 -14.78
C ILE GA 53 -2.87 44.40 -14.73
N VAL GA 54 -3.45 44.67 -15.90
CA VAL GA 54 -4.86 45.09 -15.95
C VAL GA 54 -5.76 44.01 -15.38
N ILE GA 55 -5.49 42.75 -15.73
CA ILE GA 55 -6.31 41.66 -15.20
C ILE GA 55 -6.12 41.52 -13.69
N MET GA 56 -4.90 41.75 -13.20
CA MET GA 56 -4.68 41.69 -11.76
C MET GA 56 -5.46 42.76 -11.02
N PHE GA 57 -5.44 44.00 -11.53
CA PHE GA 57 -6.11 45.08 -10.82
C PHE GA 57 -7.56 45.26 -11.25
N GLY GA 58 -8.00 44.56 -12.28
CA GLY GA 58 -9.40 44.51 -12.63
C GLY GA 58 -10.13 43.30 -12.10
N ALA GA 59 -9.46 42.45 -11.32
CA ALA GA 59 -10.05 41.20 -10.87
C ALA GA 59 -11.39 41.41 -10.17
N SER GA 60 -11.50 42.46 -9.36
CA SER GA 60 -12.73 42.71 -8.64
C SER GA 60 -13.90 42.96 -9.60
N PHE GA 61 -13.75 43.95 -10.48
CA PHE GA 61 -14.84 44.30 -11.38
C PHE GA 61 -15.05 43.21 -12.43
N LEU GA 62 -13.98 42.57 -12.88
CA LEU GA 62 -14.12 41.44 -13.81
C LEU GA 62 -14.94 40.32 -13.16
N GLY GA 63 -14.70 40.03 -11.89
CA GLY GA 63 -15.50 39.02 -11.21
C GLY GA 63 -16.94 39.46 -11.01
N LYS GA 64 -17.14 40.75 -10.70
CA LYS GA 64 -18.50 41.25 -10.52
C LYS GA 64 -19.31 41.17 -11.81
N THR GA 65 -18.68 41.46 -12.95
CA THR GA 65 -19.41 41.51 -14.20
C THR GA 65 -19.55 40.13 -14.84
N LEU GA 66 -18.52 39.29 -14.74
CA LEU GA 66 -18.56 37.97 -15.37
C LEU GA 66 -19.60 37.06 -14.73
N THR GA 67 -19.99 37.32 -13.49
CA THR GA 67 -20.93 36.47 -12.76
C THR GA 67 -22.32 37.09 -12.71
N GLY GA 68 -22.57 38.11 -13.53
CA GLY GA 68 -23.87 38.77 -13.53
C GLY GA 68 -24.24 39.44 -12.23
N GLY GA 69 -23.27 39.66 -11.35
CA GLY GA 69 -23.53 40.29 -10.07
C GLY GA 69 -23.00 39.49 -8.89
N GLY HA 1 12.11 37.35 13.37
CA GLY HA 1 10.69 37.58 13.43
C GLY HA 1 10.06 37.82 12.07
N GLY HA 2 10.90 37.95 11.06
CA GLY HA 2 10.44 38.17 9.71
C GLY HA 2 9.94 39.59 9.48
N THR HA 3 9.86 39.96 8.20
CA THR HA 3 9.43 41.28 7.80
C THR HA 3 8.29 41.15 6.79
N ASP HA 4 7.39 42.13 6.82
CA ASP HA 4 6.24 42.09 5.92
C ASP HA 4 6.68 42.34 4.47
N PRO HA 5 6.07 41.66 3.50
CA PRO HA 5 6.51 41.81 2.11
C PRO HA 5 6.43 43.24 1.59
N ALA HA 6 5.61 44.10 2.20
CA ALA HA 6 5.53 45.48 1.77
C ALA HA 6 6.86 46.21 1.91
N THR HA 7 7.75 45.71 2.77
CA THR HA 7 9.09 46.25 2.88
C THR HA 7 10.12 45.49 2.05
N MET HA 8 9.97 44.17 1.91
CA MET HA 8 10.93 43.41 1.14
C MET HA 8 10.85 43.73 -0.34
N VAL HA 9 9.64 43.79 -0.89
CA VAL HA 9 9.49 44.15 -2.30
C VAL HA 9 9.97 45.58 -2.53
N ASN HA 10 9.73 46.47 -1.57
CA ASN HA 10 10.23 47.83 -1.69
C ASN HA 10 11.76 47.87 -1.68
N ASN HA 11 12.37 47.03 -0.85
CA ASN HA 11 13.83 46.91 -0.85
C ASN HA 11 14.33 46.42 -2.20
N ILE HA 12 13.64 45.44 -2.78
CA ILE HA 12 14.02 44.93 -4.10
C ILE HA 12 13.96 46.06 -5.13
N CYS HA 13 12.88 46.84 -5.11
CA CYS HA 13 12.73 47.94 -6.05
C CYS HA 13 13.81 48.99 -5.85
N THR HA 14 14.10 49.33 -4.60
CA THR HA 14 15.12 50.35 -4.32
C THR HA 14 16.50 49.88 -4.79
N PHE HA 15 16.82 48.60 -4.57
CA PHE HA 15 18.09 48.07 -5.04
C PHE HA 15 18.16 48.10 -6.57
N ILE HA 16 17.13 47.59 -7.23
CA ILE HA 16 17.14 47.50 -8.69
C ILE HA 16 17.02 48.85 -9.37
N LEU HA 17 16.64 49.90 -8.64
CA LEU HA 17 16.52 51.23 -9.22
C LEU HA 17 17.53 52.22 -8.62
N GLY HA 18 18.44 51.77 -7.76
CA GLY HA 18 19.40 52.65 -7.16
C GLY HA 18 20.67 52.75 -7.99
N PRO HA 19 21.80 52.41 -7.39
CA PRO HA 19 23.08 52.46 -8.12
C PRO HA 19 23.27 51.32 -9.10
N PHE HA 20 22.48 50.26 -9.00
CA PHE HA 20 22.63 49.11 -9.90
C PHE HA 20 22.06 49.41 -11.27
N GLY HA 21 20.85 49.97 -11.31
CA GLY HA 21 20.22 50.30 -12.59
C GLY HA 21 21.01 51.30 -13.41
N GLN HA 22 21.75 52.19 -12.75
CA GLN HA 22 22.59 53.14 -13.46
C GLN HA 22 23.63 52.41 -14.31
N SER HA 23 24.40 51.53 -13.67
CA SER HA 23 25.41 50.77 -14.40
C SER HA 23 24.78 49.81 -15.39
N LEU HA 24 23.59 49.29 -15.10
CA LEU HA 24 22.91 48.45 -16.07
C LEU HA 24 22.56 49.23 -17.34
N ALA HA 25 22.06 50.46 -17.19
CA ALA HA 25 21.79 51.30 -18.35
C ALA HA 25 23.08 51.66 -19.08
N VAL HA 26 24.16 51.88 -18.33
CA VAL HA 26 25.45 52.13 -18.96
C VAL HA 26 25.87 50.94 -19.83
N LEU HA 27 25.66 49.73 -19.30
CA LEU HA 27 25.98 48.54 -20.10
C LEU HA 27 25.08 48.45 -21.32
N GLY HA 28 23.81 48.82 -21.19
CA GLY HA 28 22.94 48.83 -22.36
C GLY HA 28 23.42 49.79 -23.44
N ILE HA 29 23.90 50.96 -23.03
CA ILE HA 29 24.40 51.93 -24.00
C ILE HA 29 25.69 51.42 -24.65
N VAL HA 30 26.57 50.81 -23.84
CA VAL HA 30 27.76 50.19 -24.41
C VAL HA 30 27.37 49.12 -25.42
N ALA HA 31 26.29 48.38 -25.13
CA ALA HA 31 25.85 47.33 -26.04
C ALA HA 31 25.37 47.91 -27.36
N ILE HA 32 24.59 48.98 -27.31
CA ILE HA 32 24.12 49.55 -28.58
C ILE HA 32 25.28 50.17 -29.35
N GLY HA 33 26.26 50.75 -28.65
CA GLY HA 33 27.43 51.25 -29.35
C GLY HA 33 28.19 50.15 -30.06
N ILE HA 34 28.42 49.04 -29.37
CA ILE HA 34 29.13 47.91 -29.98
C ILE HA 34 28.33 47.35 -31.14
N SER HA 35 27.01 47.30 -31.01
CA SER HA 35 26.19 46.78 -32.09
C SER HA 35 26.19 47.71 -33.30
N TRP HA 36 26.36 49.02 -33.09
CA TRP HA 36 26.54 49.92 -34.22
C TRP HA 36 27.92 49.81 -34.84
N MET HA 37 28.95 49.50 -34.04
CA MET HA 37 30.30 49.44 -34.57
C MET HA 37 30.43 48.33 -35.62
N PHE HA 38 30.14 47.10 -35.23
CA PHE HA 38 30.25 45.95 -36.14
C PHE HA 38 28.85 45.60 -36.64
N GLY HA 39 28.45 46.26 -37.72
CA GLY HA 39 27.17 45.97 -38.33
C GLY HA 39 26.56 47.22 -38.92
N ARG HA 40 25.24 47.29 -38.87
CA ARG HA 40 24.47 48.37 -39.47
C ARG HA 40 23.78 49.19 -38.38
N ALA HA 41 23.68 50.49 -38.61
CA ALA HA 41 23.09 51.42 -37.65
C ALA HA 41 21.63 51.66 -38.05
N SER HA 42 20.71 51.15 -37.24
CA SER HA 42 19.28 51.29 -37.48
C SER HA 42 18.64 52.00 -36.30
N LEU HA 43 17.74 52.94 -36.60
CA LEU HA 43 17.04 53.67 -35.56
C LEU HA 43 16.22 52.76 -34.66
N GLY HA 44 15.83 51.57 -35.15
CA GLY HA 44 15.03 50.68 -34.34
C GLY HA 44 15.73 50.20 -33.09
N LEU HA 45 17.00 49.85 -33.20
CA LEU HA 45 17.75 49.33 -32.05
C LEU HA 45 17.86 50.39 -30.96
N VAL HA 46 18.31 51.59 -31.33
CA VAL HA 46 18.48 52.66 -30.35
C VAL HA 46 17.13 53.05 -29.76
N ALA HA 47 16.09 53.14 -30.59
CA ALA HA 47 14.76 53.47 -30.09
C ALA HA 47 14.31 52.44 -29.05
N GLY HA 48 14.45 51.16 -29.37
CA GLY HA 48 14.03 50.12 -28.45
C GLY HA 48 14.80 50.14 -27.15
N VAL HA 49 16.12 50.35 -27.22
CA VAL HA 49 16.94 50.28 -26.01
C VAL HA 49 16.71 51.51 -25.14
N VAL HA 50 16.62 52.69 -25.75
CA VAL HA 50 16.33 53.89 -24.96
C VAL HA 50 14.93 53.80 -24.35
N GLY HA 51 13.98 53.22 -25.08
CA GLY HA 51 12.67 53.01 -24.50
C GLY HA 51 12.69 52.03 -23.34
N GLY HA 52 13.51 50.98 -23.46
CA GLY HA 52 13.67 50.06 -22.35
C GLY HA 52 14.25 50.74 -21.12
N ILE HA 53 15.23 51.61 -21.31
CA ILE HA 53 15.82 52.33 -20.19
C ILE HA 53 14.79 53.27 -19.55
N VAL HA 54 14.04 53.99 -20.39
CA VAL HA 54 13.01 54.89 -19.89
C VAL HA 54 11.97 54.12 -19.08
N ILE HA 55 11.55 52.95 -19.59
CA ILE HA 55 10.57 52.14 -18.89
C ILE HA 55 11.14 51.62 -17.58
N MET HA 56 12.43 51.28 -17.56
CA MET HA 56 13.05 50.81 -16.33
C MET HA 56 13.07 51.91 -15.27
N PHE HA 57 13.45 53.13 -15.66
CA PHE HA 57 13.56 54.19 -14.67
C PHE HA 57 12.27 54.98 -14.50
N GLY HA 58 11.27 54.74 -15.34
CA GLY HA 58 9.94 55.29 -15.12
C GLY HA 58 8.98 54.35 -14.46
N ALA HA 59 9.44 53.15 -14.06
CA ALA HA 59 8.54 52.13 -13.51
C ALA HA 59 7.72 52.66 -12.35
N SER HA 60 8.33 53.48 -11.48
CA SER HA 60 7.61 53.99 -10.33
C SER HA 60 6.42 54.86 -10.75
N PHE HA 61 6.69 55.89 -11.55
CA PHE HA 61 5.62 56.81 -11.94
C PHE HA 61 4.66 56.13 -12.91
N LEU HA 62 5.16 55.26 -13.79
CA LEU HA 62 4.26 54.50 -14.66
C LEU HA 62 3.30 53.65 -13.85
N GLY HA 63 3.78 53.01 -12.78
CA GLY HA 63 2.89 52.25 -11.93
C GLY HA 63 1.92 53.12 -11.17
N LYS HA 64 2.38 54.29 -10.71
CA LYS HA 64 1.50 55.20 -9.99
C LYS HA 64 0.37 55.71 -10.88
N THR HA 65 0.68 55.99 -12.15
CA THR HA 65 -0.34 56.59 -13.02
C THR HA 65 -1.23 55.53 -13.66
N LEU HA 66 -0.67 54.37 -14.02
CA LEU HA 66 -1.46 53.34 -14.69
C LEU HA 66 -2.54 52.75 -13.77
N THR HA 67 -2.36 52.86 -12.46
CA THR HA 67 -3.29 52.27 -11.50
C THR HA 67 -4.20 53.33 -10.88
N GLY HA 68 -4.24 54.53 -11.45
CA GLY HA 68 -5.07 55.59 -10.92
C GLY HA 68 -4.68 56.06 -9.54
N GLY HA 69 -3.49 55.70 -9.06
CA GLY HA 69 -3.04 56.07 -7.74
C GLY HA 69 -2.57 54.89 -6.92
N GLY IA 1 -35.65 0.44 39.35
CA GLY IA 1 -36.61 -0.41 38.64
C GLY IA 1 -36.22 -0.67 37.20
N GLY IA 2 -35.18 0.01 36.74
CA GLY IA 2 -34.70 -0.16 35.40
C GLY IA 2 -35.59 0.51 34.36
N THR IA 3 -35.02 0.71 33.18
CA THR IA 3 -35.73 1.35 32.07
C THR IA 3 -35.64 0.46 30.84
N ASP IA 4 -36.67 0.52 30.01
CA ASP IA 4 -36.71 -0.31 28.81
C ASP IA 4 -35.69 0.18 27.80
N PRO IA 5 -35.04 -0.74 27.06
CA PRO IA 5 -33.99 -0.32 26.12
C PRO IA 5 -34.47 0.65 25.05
N ALA IA 6 -35.78 0.67 24.76
CA ALA IA 6 -36.29 1.62 23.77
C ALA IA 6 -36.05 3.06 24.17
N THR IA 7 -35.83 3.33 25.46
CA THR IA 7 -35.46 4.67 25.91
C THR IA 7 -33.95 4.84 26.09
N MET IA 8 -33.24 3.79 26.48
CA MET IA 8 -31.80 3.91 26.68
C MET IA 8 -31.08 4.09 25.34
N VAL IA 9 -31.43 3.28 24.34
CA VAL IA 9 -30.81 3.44 23.03
C VAL IA 9 -31.16 4.79 22.42
N ASN IA 10 -32.39 5.26 22.67
CA ASN IA 10 -32.77 6.58 22.19
C ASN IA 10 -31.97 7.67 22.88
N ASN IA 11 -31.69 7.51 24.18
CA ASN IA 11 -30.83 8.45 24.88
C ASN IA 11 -29.43 8.45 24.29
N ILE IA 12 -28.90 7.26 23.96
CA ILE IA 12 -27.60 7.16 23.34
C ILE IA 12 -27.58 7.93 22.02
N CYS IA 13 -28.61 7.72 21.20
CA CYS IA 13 -28.68 8.40 19.91
C CYS IA 13 -28.78 9.91 20.08
N THR IA 14 -29.60 10.37 21.04
CA THR IA 14 -29.76 11.79 21.27
C THR IA 14 -28.46 12.43 21.73
N PHE IA 15 -27.72 11.74 22.61
CA PHE IA 15 -26.44 12.24 23.06
C PHE IA 15 -25.45 12.33 21.90
N ILE IA 16 -25.32 11.24 21.15
CA ILE IA 16 -24.34 11.18 20.07
C ILE IA 16 -24.69 12.06 18.89
N LEU IA 17 -25.93 12.54 18.81
CA LEU IA 17 -26.35 13.42 17.73
C LEU IA 17 -26.71 14.82 18.20
N GLY IA 18 -26.51 15.13 19.47
CA GLY IA 18 -26.84 16.44 19.99
C GLY IA 18 -25.67 17.39 19.88
N PRO IA 19 -25.24 17.96 21.01
CA PRO IA 19 -24.11 18.88 20.99
C PRO IA 19 -22.76 18.21 20.84
N PHE IA 20 -22.69 16.89 21.02
CA PHE IA 20 -21.41 16.18 20.92
C PHE IA 20 -21.02 15.99 19.45
N GLY IA 21 -21.96 15.53 18.62
CA GLY IA 21 -21.67 15.33 17.22
C GLY IA 21 -21.25 16.59 16.49
N GLN IA 22 -21.75 17.75 16.95
CA GLN IA 22 -21.34 19.02 16.35
C GLN IA 22 -19.84 19.22 16.49
N SER IA 23 -19.34 19.14 17.73
CA SER IA 23 -17.91 19.30 17.96
C SER IA 23 -17.10 18.17 17.34
N LEU IA 24 -17.67 16.98 17.25
CA LEU IA 24 -16.96 15.89 16.57
C LEU IA 24 -16.78 16.21 15.09
N ALA IA 25 -17.81 16.72 14.43
CA ALA IA 25 -17.68 17.14 13.04
C ALA IA 25 -16.70 18.30 12.90
N VAL IA 26 -16.70 19.21 13.87
CA VAL IA 26 -15.73 20.30 13.85
C VAL IA 26 -14.30 19.74 13.91
N LEU IA 27 -14.08 18.73 14.75
CA LEU IA 27 -12.77 18.10 14.82
C LEU IA 27 -12.43 17.40 13.51
N GLY IA 28 -13.42 16.79 12.86
CA GLY IA 28 -13.16 16.18 11.57
C GLY IA 28 -12.73 17.19 10.52
N ILE IA 29 -13.36 18.37 10.52
CA ILE IA 29 -12.98 19.41 9.57
C ILE IA 29 -11.60 19.95 9.90
N VAL IA 30 -11.29 20.14 11.18
CA VAL IA 30 -9.94 20.52 11.57
C VAL IA 30 -8.93 19.49 11.08
N ALA IA 31 -9.30 18.21 11.15
CA ALA IA 31 -8.41 17.14 10.72
C ALA IA 31 -8.15 17.22 9.22
N ILE IA 32 -9.18 17.44 8.42
CA ILE IA 32 -8.94 17.52 6.98
C ILE IA 32 -8.15 18.77 6.63
N GLY IA 33 -8.36 19.86 7.36
CA GLY IA 33 -7.55 21.05 7.14
C GLY IA 33 -6.07 20.79 7.42
N ILE IA 34 -5.79 20.15 8.56
CA ILE IA 34 -4.41 19.86 8.91
C ILE IA 34 -3.80 18.89 7.90
N SER IA 35 -4.59 17.93 7.42
CA SER IA 35 -4.07 16.98 6.44
C SER IA 35 -3.81 17.65 5.09
N TRP IA 36 -4.55 18.70 4.76
CA TRP IA 36 -4.22 19.46 3.56
C TRP IA 36 -3.00 20.36 3.76
N MET IA 37 -2.78 20.85 4.98
CA MET IA 37 -1.66 21.75 5.21
C MET IA 37 -0.33 21.06 4.95
N PHE IA 38 -0.07 19.97 5.67
CA PHE IA 38 1.18 19.23 5.53
C PHE IA 38 0.93 17.99 4.67
N GLY IA 39 1.03 18.19 3.37
CA GLY IA 39 0.88 17.08 2.45
C GLY IA 39 0.24 17.55 1.14
N ARG IA 40 -0.55 16.67 0.55
CA ARG IA 40 -1.18 16.91 -0.73
C ARG IA 40 -2.69 17.01 -0.57
N ALA IA 41 -3.31 17.87 -1.37
CA ALA IA 41 -4.75 18.12 -1.32
C ALA IA 41 -5.43 17.27 -2.39
N SER IA 42 -6.18 16.25 -1.96
CA SER IA 42 -6.89 15.36 -2.85
C SER IA 42 -8.37 15.42 -2.56
N LEU IA 43 -9.18 15.45 -3.61
CA LEU IA 43 -10.63 15.49 -3.46
C LEU IA 43 -11.16 14.26 -2.71
N GLY IA 44 -10.42 13.15 -2.75
CA GLY IA 44 -10.90 11.94 -2.10
C GLY IA 44 -11.06 12.10 -0.60
N LEU IA 45 -10.08 12.74 0.05
CA LEU IA 45 -10.13 12.89 1.51
C LEU IA 45 -11.33 13.74 1.93
N VAL IA 46 -11.50 14.90 1.31
CA VAL IA 46 -12.61 15.78 1.66
C VAL IA 46 -13.94 15.11 1.34
N ALA IA 47 -14.03 14.45 0.19
CA ALA IA 47 -15.26 13.76 -0.17
C ALA IA 47 -15.61 12.71 0.88
N GLY IA 48 -14.63 11.89 1.27
CA GLY IA 48 -14.89 10.85 2.25
C GLY IA 48 -15.30 11.41 3.60
N VAL IA 49 -14.64 12.48 4.05
CA VAL IA 49 -14.93 13.00 5.37
C VAL IA 49 -16.28 13.72 5.40
N VAL IA 50 -16.58 14.51 4.37
CA VAL IA 50 -17.88 15.16 4.30
C VAL IA 50 -18.99 14.12 4.19
N GLY IA 51 -18.74 13.03 3.45
CA GLY IA 51 -19.71 11.96 3.39
C GLY IA 51 -19.91 11.29 4.73
N GLY IA 52 -18.82 11.11 5.48
CA GLY IA 52 -18.94 10.57 6.82
C GLY IA 52 -19.77 11.45 7.73
N ILE IA 53 -19.57 12.77 7.64
CA ILE IA 53 -20.36 13.69 8.46
C ILE IA 53 -21.83 13.64 8.06
N VAL IA 54 -22.10 13.63 6.75
CA VAL IA 54 -23.48 13.55 6.27
C VAL IA 54 -24.14 12.27 6.76
N ILE IA 55 -23.42 11.15 6.70
CA ILE IA 55 -23.98 9.88 7.15
C ILE IA 55 -24.21 9.91 8.66
N MET IA 56 -23.32 10.57 9.41
CA MET IA 56 -23.52 10.68 10.85
C MET IA 56 -24.77 11.47 11.18
N PHE IA 57 -24.98 12.60 10.51
CA PHE IA 57 -26.12 13.44 10.84
C PHE IA 57 -27.36 13.09 10.05
N GLY IA 58 -27.25 12.22 9.05
CA GLY IA 58 -28.41 11.69 8.37
C GLY IA 58 -28.86 10.35 8.87
N ALA IA 59 -28.22 9.81 9.92
CA ALA IA 59 -28.51 8.46 10.38
C ALA IA 59 -29.99 8.26 10.68
N SER IA 60 -30.65 9.27 11.26
CA SER IA 60 -32.06 9.13 11.60
C SER IA 60 -32.90 8.93 10.34
N PHE IA 61 -32.81 9.84 9.39
CA PHE IA 61 -33.64 9.76 8.19
C PHE IA 61 -33.19 8.59 7.30
N LEU IA 62 -31.89 8.31 7.25
CA LEU IA 62 -31.41 7.15 6.50
C LEU IA 62 -32.01 5.87 7.07
N GLY IA 63 -32.07 5.76 8.40
CA GLY IA 63 -32.69 4.58 9.00
C GLY IA 63 -34.18 4.53 8.75
N LYS IA 64 -34.85 5.69 8.79
CA LYS IA 64 -36.29 5.71 8.55
C LYS IA 64 -36.61 5.29 7.12
N THR IA 65 -35.79 5.70 6.14
CA THR IA 65 -36.11 5.42 4.75
C THR IA 65 -35.63 4.04 4.32
N LEU IA 66 -34.48 3.59 4.82
CA LEU IA 66 -33.93 2.31 4.41
C LEU IA 66 -34.78 1.14 4.89
N THR IA 67 -35.58 1.33 5.94
CA THR IA 67 -36.38 0.27 6.51
C THR IA 67 -37.85 0.39 6.11
N GLY IA 68 -38.14 1.22 5.11
CA GLY IA 68 -39.52 1.39 4.67
C GLY IA 68 -40.44 1.99 5.71
N GLY IA 69 -39.89 2.58 6.77
CA GLY IA 69 -40.69 3.16 7.83
C GLY IA 69 -40.31 2.65 9.20
N GLY JA 1 -14.49 13.76 39.77
CA GLY JA 1 -15.87 13.49 39.42
C GLY JA 1 -16.10 13.41 37.92
N GLY JA 2 -15.07 13.75 37.16
CA GLY JA 2 -15.15 13.71 35.71
C GLY JA 2 -15.95 14.86 35.14
N THR JA 3 -15.76 15.09 33.84
CA THR JA 3 -16.44 16.15 33.12
C THR JA 3 -17.12 15.57 31.88
N ASP JA 4 -18.24 16.18 31.50
CA ASP JA 4 -18.99 15.69 30.35
C ASP JA 4 -18.21 15.98 29.06
N PRO JA 5 -18.27 15.07 28.09
CA PRO JA 5 -17.49 15.27 26.85
C PRO JA 5 -17.85 16.55 26.10
N ALA JA 6 -19.03 17.11 26.32
CA ALA JA 6 -19.40 18.35 25.66
C ALA JA 6 -18.47 19.50 26.04
N THR JA 7 -17.77 19.39 27.16
CA THR JA 7 -16.76 20.37 27.54
C THR JA 7 -15.35 19.96 27.16
N MET JA 8 -15.05 18.66 27.19
CA MET JA 8 -13.70 18.21 26.84
C MET JA 8 -13.43 18.39 25.35
N VAL JA 9 -14.37 18.00 24.51
CA VAL JA 9 -14.19 18.18 23.07
C VAL JA 9 -14.12 19.67 22.74
N ASN JA 10 -14.89 20.49 23.44
CA ASN JA 10 -14.83 21.93 23.23
C ASN JA 10 -13.48 22.49 23.65
N ASN JA 11 -12.91 21.96 24.74
CA ASN JA 11 -11.56 22.36 25.14
C ASN JA 11 -10.54 21.98 24.07
N ILE JA 12 -10.69 20.79 23.50
CA ILE JA 12 -9.80 20.36 22.42
C ILE JA 12 -9.88 21.33 21.25
N CYS JA 13 -11.11 21.68 20.85
CA CYS JA 13 -11.29 22.60 19.74
C CYS JA 13 -10.70 23.97 20.03
N THR JA 14 -10.91 24.47 21.25
CA THR JA 14 -10.40 25.78 21.63
C THR JA 14 -8.88 25.79 21.62
N PHE JA 15 -8.25 24.71 22.12
CA PHE JA 15 -6.81 24.62 22.09
C PHE JA 15 -6.28 24.58 20.66
N ILE JA 16 -6.85 23.69 19.84
CA ILE JA 16 -6.37 23.52 18.47
C ILE JA 16 -6.68 24.71 17.58
N LEU JA 17 -7.58 25.60 17.98
CA LEU JA 17 -7.91 26.77 17.20
C LEU JA 17 -7.49 28.09 17.86
N GLY JA 18 -6.80 28.03 18.99
CA GLY JA 18 -6.38 29.23 19.68
C GLY JA 18 -5.02 29.69 19.22
N PRO JA 19 -4.08 29.80 20.14
CA PRO JA 19 -2.73 30.24 19.77
C PRO JA 19 -1.89 29.18 19.09
N PHE JA 20 -2.32 27.91 19.14
CA PHE JA 20 -1.55 26.84 18.51
C PHE JA 20 -1.74 26.83 17.00
N GLY JA 21 -3.00 26.93 16.55
CA GLY JA 21 -3.27 26.94 15.12
C GLY JA 21 -2.62 28.09 14.39
N GLN JA 22 -2.43 29.22 15.07
CA GLN JA 22 -1.74 30.35 14.45
C GLN JA 22 -0.32 29.96 14.04
N SER JA 23 0.44 29.45 15.00
CA SER JA 23 1.82 29.04 14.70
C SER JA 23 1.85 27.85 13.75
N LEU JA 24 0.84 26.99 13.79
CA LEU JA 24 0.79 25.89 12.83
C LEU JA 24 0.61 26.42 11.41
N ALA JA 25 -0.26 27.41 11.22
CA ALA JA 25 -0.41 28.03 9.90
C ALA JA 25 0.87 28.76 9.50
N VAL JA 26 1.55 29.38 10.45
CA VAL JA 26 2.82 30.02 10.16
C VAL JA 26 3.82 28.99 9.64
N LEU JA 27 3.86 27.82 10.27
CA LEU JA 27 4.75 26.75 9.80
C LEU JA 27 4.35 26.28 8.41
N GLY JA 28 3.04 26.21 8.14
CA GLY JA 28 2.60 25.84 6.80
C GLY JA 28 3.08 26.83 5.75
N ILE JA 29 3.02 28.12 6.07
CA ILE JA 29 3.47 29.14 5.11
C ILE JA 29 4.99 29.06 4.94
N VAL JA 30 5.72 28.85 6.03
CA VAL JA 30 7.16 28.63 5.92
C VAL JA 30 7.44 27.43 5.02
N ALA JA 31 6.62 26.39 5.13
CA ALA JA 31 6.81 25.19 4.33
C ALA JA 31 6.60 25.47 2.85
N ILE JA 32 5.56 26.23 2.50
CA ILE JA 32 5.34 26.51 1.09
C ILE JA 32 6.43 27.43 0.56
N GLY JA 33 6.93 28.36 1.39
CA GLY JA 33 8.04 29.19 0.96
C GLY JA 33 9.28 28.37 0.66
N ILE JA 34 9.63 27.45 1.56
CA ILE JA 34 10.79 26.60 1.36
C ILE JA 34 10.60 25.71 0.13
N SER JA 35 9.38 25.22 -0.09
CA SER JA 35 9.13 24.38 -1.25
C SER JA 35 9.21 25.17 -2.55
N TRP JA 36 8.90 26.47 -2.52
CA TRP JA 36 9.13 27.30 -3.69
C TRP JA 36 10.60 27.64 -3.90
N MET JA 37 11.37 27.74 -2.81
CA MET JA 37 12.78 28.12 -2.95
C MET JA 37 13.55 27.06 -3.73
N PHE JA 38 13.55 25.82 -3.24
CA PHE JA 38 14.27 24.73 -3.88
C PHE JA 38 13.28 23.89 -4.67
N GLY JA 39 13.04 24.29 -5.91
CA GLY JA 39 12.17 23.54 -6.78
C GLY JA 39 11.41 24.48 -7.72
N ARG JA 40 10.18 24.09 -8.03
CA ARG JA 40 9.33 24.79 -8.97
C ARG JA 40 8.14 25.40 -8.26
N ALA JA 41 7.72 26.57 -8.71
CA ALA JA 41 6.60 27.30 -8.11
C ALA JA 41 5.34 27.00 -8.92
N SER JA 42 4.42 26.25 -8.30
CA SER JA 42 3.16 25.88 -8.94
C SER JA 42 2.00 26.42 -8.11
N LEU JA 43 0.99 26.96 -8.79
CA LEU JA 43 -0.18 27.47 -8.09
C LEU JA 43 -0.91 26.40 -7.30
N GLY JA 44 -0.74 25.12 -7.68
CA GLY JA 44 -1.44 24.07 -6.99
C GLY JA 44 -1.05 23.95 -5.53
N LEU JA 45 0.25 24.04 -5.24
CA LEU JA 45 0.73 23.90 -3.87
C LEU JA 45 0.18 25.00 -2.97
N VAL JA 46 0.32 26.25 -3.41
CA VAL JA 46 -0.16 27.37 -2.61
C VAL JA 46 -1.68 27.31 -2.46
N ALA JA 47 -2.38 26.98 -3.54
CA ALA JA 47 -3.84 26.87 -3.46
C ALA JA 47 -4.24 25.83 -2.44
N GLY JA 48 -3.62 24.65 -2.49
CA GLY JA 48 -3.96 23.59 -1.56
C GLY JA 48 -3.67 23.96 -0.12
N VAL JA 49 -2.52 24.61 0.13
CA VAL JA 49 -2.14 24.91 1.51
C VAL JA 49 -3.00 26.03 2.07
N VAL JA 50 -3.25 27.08 1.27
CA VAL JA 50 -4.11 28.15 1.75
C VAL JA 50 -5.52 27.62 1.97
N GLY JA 51 -5.99 26.71 1.12
CA GLY JA 51 -7.28 26.10 1.36
C GLY JA 51 -7.31 25.26 2.63
N GLY JA 52 -6.22 24.55 2.90
CA GLY JA 52 -6.13 23.82 4.16
C GLY JA 52 -6.20 24.74 5.36
N ILE JA 53 -5.51 25.88 5.29
CA ILE JA 53 -5.55 26.83 6.40
C ILE JA 53 -6.96 27.39 6.58
N VAL JA 54 -7.60 27.76 5.46
CA VAL JA 54 -8.96 28.28 5.53
C VAL JA 54 -9.91 27.26 6.14
N ILE JA 55 -9.77 25.99 5.74
CA ILE JA 55 -10.63 24.95 6.28
C ILE JA 55 -10.34 24.74 7.76
N MET JA 56 -9.08 24.86 8.17
CA MET JA 56 -8.76 24.72 9.59
C MET JA 56 -9.40 25.82 10.42
N PHE JA 57 -9.31 27.06 9.95
CA PHE JA 57 -9.84 28.16 10.74
C PHE JA 57 -11.30 28.48 10.43
N GLY JA 58 -11.88 27.85 9.41
CA GLY JA 58 -13.29 27.92 9.17
C GLY JA 58 -14.08 26.76 9.70
N ALA JA 59 -13.42 25.83 10.40
CA ALA JA 59 -14.08 24.60 10.85
C ALA JA 59 -15.34 24.89 11.66
N SER JA 60 -15.31 25.92 12.50
CA SER JA 60 -16.47 26.23 13.33
C SER JA 60 -17.66 26.61 12.47
N PHE JA 61 -17.51 27.62 11.61
CA PHE JA 61 -18.62 28.08 10.80
C PHE JA 61 -19.00 27.05 9.73
N LEU JA 62 -18.01 26.34 9.19
CA LEU JA 62 -18.32 25.27 8.24
C LEU JA 62 -19.18 24.20 8.89
N GLY JA 63 -18.86 23.84 10.13
CA GLY JA 63 -19.69 22.88 10.84
C GLY JA 63 -21.06 23.41 11.16
N LYS JA 64 -21.15 24.69 11.52
CA LYS JA 64 -22.45 25.29 11.83
C LYS JA 64 -23.35 25.32 10.60
N THR JA 65 -22.78 25.61 9.42
CA THR JA 65 -23.60 25.76 8.23
C THR JA 65 -23.89 24.42 7.56
N LEU JA 66 -22.92 23.50 7.56
CA LEU JA 66 -23.11 22.22 6.89
C LEU JA 66 -24.17 21.36 7.57
N THR JA 67 -24.46 21.61 8.85
CA THR JA 67 -25.40 20.81 9.61
C THR JA 67 -26.74 21.52 9.78
N GLY JA 68 -26.96 22.59 9.03
CA GLY JA 68 -28.20 23.35 9.14
C GLY JA 68 -28.42 24.00 10.48
N GLY JA 69 -27.38 24.11 11.30
CA GLY JA 69 -27.50 24.71 12.62
C GLY JA 69 -26.95 23.82 13.72
N GLY KA 1 29.78 15.03 18.54
CA GLY KA 1 28.79 15.80 19.25
C GLY KA 1 27.91 16.63 18.33
N GLY KA 2 28.26 16.66 17.06
CA GLY KA 2 27.49 17.39 16.07
C GLY KA 2 27.72 18.89 16.16
N THR KA 3 27.37 19.58 15.08
CA THR KA 3 27.51 21.02 14.98
C THR KA 3 26.17 21.64 14.59
N ASP KA 4 25.94 22.86 15.06
CA ASP KA 4 24.69 23.54 14.77
C ASP KA 4 24.62 23.94 13.29
N PRO KA 5 23.44 23.85 12.68
CA PRO KA 5 23.35 24.17 11.24
C PRO KA 5 23.79 25.58 10.88
N ALA KA 6 23.79 26.51 11.83
CA ALA KA 6 24.24 27.86 11.56
C ALA KA 6 25.70 27.90 11.13
N THR KA 7 26.48 26.87 11.46
CA THR KA 7 27.85 26.76 10.98
C THR KA 7 27.98 25.88 9.75
N MET KA 8 27.16 24.83 9.63
CA MET KA 8 27.26 23.95 8.47
C MET KA 8 26.81 24.66 7.19
N VAL KA 9 25.68 25.37 7.26
CA VAL KA 9 25.21 26.11 6.09
C VAL KA 9 26.20 27.21 5.73
N ASN KA 10 26.80 27.83 6.74
CA ASN KA 10 27.82 28.85 6.47
C ASN KA 10 29.05 28.24 5.81
N ASN KA 11 29.44 27.03 6.22
CA ASN KA 11 30.53 26.33 5.56
C ASN KA 11 30.19 26.04 4.10
N ILE KA 12 28.95 25.62 3.85
CA ILE KA 12 28.50 25.36 2.48
C ILE KA 12 28.63 26.64 1.65
N CYS KA 13 28.16 27.76 2.19
CA CYS KA 13 28.23 29.02 1.46
C CYS KA 13 29.68 29.44 1.21
N THR KA 14 30.53 29.29 2.21
CA THR KA 14 31.94 29.66 2.06
C THR KA 14 32.62 28.81 1.01
N PHE KA 15 32.33 27.51 0.98
CA PHE KA 15 32.89 26.64 -0.04
C PHE KA 15 32.41 27.03 -1.42
N ILE KA 16 31.09 27.19 -1.58
CA ILE KA 16 30.52 27.48 -2.89
C ILE KA 16 30.83 28.89 -3.37
N LEU KA 17 31.31 29.77 -2.50
CA LEU KA 17 31.67 31.13 -2.90
C LEU KA 17 33.15 31.42 -2.78
N GLY KA 18 33.97 30.42 -2.44
CA GLY KA 18 35.38 30.63 -2.29
C GLY KA 18 36.13 30.40 -3.59
N PRO KA 19 37.09 29.47 -3.58
CA PRO KA 19 37.85 29.19 -4.81
C PRO KA 19 37.08 28.36 -5.82
N PHE KA 20 35.97 27.74 -5.42
CA PHE KA 20 35.20 26.91 -6.35
C PHE KA 20 34.38 27.77 -7.31
N GLY KA 21 33.68 28.77 -6.77
CA GLY KA 21 32.88 29.64 -7.61
C GLY KA 21 33.68 30.40 -8.65
N GLN KA 22 34.95 30.70 -8.35
CA GLN KA 22 35.80 31.36 -9.32
C GLN KA 22 35.95 30.50 -10.57
N SER KA 23 36.37 29.25 -10.40
CA SER KA 23 36.53 28.36 -11.54
C SER KA 23 35.20 28.03 -12.19
N LEU KA 24 34.11 28.02 -11.42
CA LEU KA 24 32.79 27.81 -12.03
C LEU KA 24 32.43 28.96 -12.96
N ALA KA 25 32.70 30.21 -12.53
CA ALA KA 25 32.46 31.34 -13.41
C ALA KA 25 33.38 31.32 -14.61
N VAL KA 26 34.62 30.86 -14.43
CA VAL KA 26 35.54 30.71 -15.56
C VAL KA 26 34.96 29.72 -16.56
N LEU KA 27 34.40 28.62 -16.08
CA LEU KA 27 33.77 27.65 -16.98
C LEU KA 27 32.57 28.26 -17.68
N GLY KA 28 31.79 29.08 -16.98
CA GLY KA 28 30.68 29.77 -17.62
C GLY KA 28 31.12 30.67 -18.75
N ILE KA 29 32.22 31.40 -18.55
CA ILE KA 29 32.73 32.28 -19.59
C ILE KA 29 33.26 31.46 -20.76
N VAL KA 30 33.96 30.36 -20.47
CA VAL KA 30 34.39 29.46 -21.54
C VAL KA 30 33.18 28.96 -22.33
N ALA KA 31 32.08 28.68 -21.63
CA ALA KA 31 30.88 28.19 -22.28
C ALA KA 31 30.29 29.23 -23.22
N ILE KA 32 30.22 30.49 -22.78
CA ILE KA 32 29.66 31.50 -23.66
C ILE KA 32 30.58 31.76 -24.84
N GLY KA 33 31.90 31.67 -24.63
CA GLY KA 33 32.82 31.80 -25.75
C GLY KA 33 32.61 30.71 -26.79
N ILE KA 34 32.51 29.46 -26.33
CA ILE KA 34 32.30 28.34 -27.24
C ILE KA 34 30.95 28.49 -27.95
N SER KA 35 29.93 28.96 -27.24
CA SER KA 35 28.63 29.13 -27.86
C SER KA 35 28.64 30.26 -28.90
N TRP KA 36 29.49 31.27 -28.72
CA TRP KA 36 29.65 32.27 -29.76
C TRP KA 36 30.46 31.76 -30.95
N MET KA 37 31.41 30.86 -30.70
CA MET KA 37 32.26 30.38 -31.80
C MET KA 37 31.44 29.63 -32.85
N PHE KA 38 30.74 28.58 -32.42
CA PHE KA 38 29.93 27.77 -33.33
C PHE KA 38 28.47 28.18 -33.18
N GLY KA 39 28.08 29.19 -33.92
CA GLY KA 39 26.70 29.62 -33.90
C GLY KA 39 26.61 31.13 -34.10
N ARG KA 40 25.61 31.72 -33.46
CA ARG KA 40 25.31 33.15 -33.59
C ARG KA 40 25.57 33.86 -32.27
N ALA KA 41 26.05 35.10 -32.37
CA ALA KA 41 26.39 35.91 -31.20
C ALA KA 41 25.21 36.82 -30.89
N SER KA 42 24.53 36.56 -29.77
CA SER KA 42 23.37 37.33 -29.34
C SER KA 42 23.66 37.92 -27.97
N LEU KA 43 23.29 39.19 -27.79
CA LEU KA 43 23.48 39.85 -26.50
C LEU KA 43 22.72 39.15 -25.37
N GLY KA 44 21.66 38.42 -25.70
CA GLY KA 44 20.88 37.77 -24.66
C GLY KA 44 21.66 36.73 -23.88
N LEU KA 45 22.46 35.92 -24.58
CA LEU KA 45 23.22 34.87 -23.91
C LEU KA 45 24.24 35.46 -22.94
N VAL KA 46 25.03 36.43 -23.41
CA VAL KA 46 26.05 37.03 -22.55
C VAL KA 46 25.40 37.77 -21.40
N ALA KA 47 24.31 38.50 -21.67
CA ALA KA 47 23.62 39.20 -20.61
C ALA KA 47 23.15 38.24 -19.53
N GLY KA 48 22.50 37.14 -19.95
CA GLY KA 48 22.01 36.17 -18.99
C GLY KA 48 23.12 35.53 -18.17
N VAL KA 49 24.23 35.18 -18.83
CA VAL KA 49 25.29 34.47 -18.11
C VAL KA 49 26.03 35.42 -17.16
N VAL KA 50 26.31 36.64 -17.61
CA VAL KA 50 26.96 37.60 -16.72
C VAL KA 50 26.05 37.94 -15.55
N GLY KA 51 24.73 38.02 -15.80
CA GLY KA 51 23.80 38.23 -14.71
C GLY KA 51 23.78 37.07 -13.73
N GLY KA 52 23.86 35.85 -14.26
CA GLY KA 52 23.96 34.70 -13.38
C GLY KA 52 25.20 34.73 -12.52
N ILE KA 53 26.33 35.13 -13.09
CA ILE KA 53 27.57 35.21 -12.31
C ILE KA 53 27.45 36.30 -11.25
N VAL KA 54 26.89 37.46 -11.62
CA VAL KA 54 26.71 38.54 -10.65
C VAL KA 54 25.81 38.09 -9.50
N ILE KA 55 24.73 37.39 -9.83
CA ILE KA 55 23.81 36.91 -8.81
C ILE KA 55 24.49 35.88 -7.92
N MET KA 56 25.35 35.04 -8.50
CA MET KA 56 26.07 34.06 -7.69
C MET KA 56 27.01 34.73 -6.71
N PHE KA 57 27.77 35.73 -7.16
CA PHE KA 57 28.73 36.36 -6.28
C PHE KA 57 28.16 37.53 -5.51
N GLY KA 58 26.94 37.96 -5.82
CA GLY KA 58 26.25 38.93 -5.02
C GLY KA 58 25.27 38.35 -4.03
N ALA KA 59 25.20 37.02 -3.94
CA ALA KA 59 24.21 36.36 -3.10
C ALA KA 59 24.24 36.85 -1.66
N SER KA 60 25.43 37.09 -1.12
CA SER KA 60 25.55 37.54 0.26
C SER KA 60 24.88 38.89 0.45
N PHE KA 61 25.30 39.89 -0.32
CA PHE KA 61 24.75 41.24 -0.16
C PHE KA 61 23.30 41.31 -0.62
N LEU KA 62 22.95 40.55 -1.66
CA LEU KA 62 21.55 40.50 -2.08
C LEU KA 62 20.68 39.95 -0.96
N GLY KA 63 21.15 38.92 -0.26
CA GLY KA 63 20.38 38.40 0.86
C GLY KA 63 20.32 39.37 2.02
N LYS KA 64 21.42 40.08 2.27
CA LYS KA 64 21.43 41.05 3.36
C LYS KA 64 20.46 42.20 3.10
N THR KA 65 20.37 42.65 1.85
CA THR KA 65 19.54 43.81 1.55
C THR KA 65 18.08 43.43 1.33
N LEU KA 66 17.81 42.27 0.71
CA LEU KA 66 16.45 41.87 0.41
C LEU KA 66 15.66 41.57 1.68
N THR KA 67 16.33 41.25 2.78
CA THR KA 67 15.66 40.88 4.03
C THR KA 67 15.69 42.03 5.04
N GLY KA 68 16.04 43.23 4.60
CA GLY KA 68 16.10 44.36 5.50
C GLY KA 68 17.13 44.25 6.59
N GLY KA 69 18.08 43.33 6.45
CA GLY KA 69 19.11 43.12 7.45
C GLY KA 69 19.21 41.69 7.91
N GLY LA 1 40.62 7.85 -2.74
CA GLY LA 1 40.29 8.77 -1.67
C GLY LA 1 39.60 10.02 -2.16
N GLY LA 2 39.53 10.18 -3.46
CA GLY LA 2 38.88 11.33 -4.06
C GLY LA 2 39.71 12.59 -3.96
N THR LA 3 39.35 13.57 -4.79
CA THR LA 3 40.04 14.85 -4.84
C THR LA 3 39.03 15.98 -4.68
N ASP LA 4 39.47 17.08 -4.07
CA ASP LA 4 38.58 18.20 -3.85
C ASP LA 4 38.24 18.89 -5.18
N PRO LA 5 37.01 19.36 -5.35
CA PRO LA 5 36.62 19.97 -6.63
C PRO LA 5 37.47 21.17 -7.02
N ALA LA 6 38.13 21.83 -6.06
CA ALA LA 6 39.00 22.96 -6.39
C ALA LA 6 40.14 22.55 -7.32
N THR LA 7 40.49 21.27 -7.34
CA THR LA 7 41.48 20.77 -8.29
C THR LA 7 40.87 20.18 -9.54
N MET LA 8 39.70 19.54 -9.44
CA MET LA 8 39.07 18.94 -10.62
C MET LA 8 38.60 20.02 -11.59
N VAL LA 9 37.93 21.05 -11.07
CA VAL LA 9 37.47 22.13 -11.95
C VAL LA 9 38.67 22.85 -12.56
N ASN LA 10 39.75 22.99 -11.79
CA ASN LA 10 40.96 23.61 -12.34
C ASN LA 10 41.57 22.75 -13.43
N ASN LA 11 41.53 21.42 -13.26
CA ASN LA 11 41.99 20.52 -14.32
C ASN LA 11 41.14 20.68 -15.58
N ILE LA 12 39.83 20.79 -15.40
CA ILE LA 12 38.93 21.01 -16.53
C ILE LA 12 39.31 22.29 -17.27
N CYS LA 13 39.52 23.38 -16.52
CA CYS LA 13 39.88 24.65 -17.13
C CYS LA 13 41.22 24.56 -17.85
N THR LA 14 42.21 23.90 -17.24
CA THR LA 14 43.53 23.77 -17.86
C THR LA 14 43.45 22.96 -19.14
N PHE LA 15 42.66 21.90 -19.15
CA PHE LA 15 42.49 21.10 -20.37
C PHE LA 15 41.82 21.93 -21.45
N ILE LA 16 40.70 22.57 -21.12
CA ILE LA 16 39.93 23.31 -22.12
C ILE LA 16 40.63 24.58 -22.59
N LEU LA 17 41.66 25.03 -21.88
CA LEU LA 17 42.40 26.21 -22.28
C LEU LA 17 43.84 25.93 -22.68
N GLY LA 18 44.24 24.65 -22.72
CA GLY LA 18 45.59 24.30 -23.07
C GLY LA 18 45.75 24.09 -24.56
N PRO LA 19 46.20 22.90 -24.96
CA PRO LA 19 46.37 22.62 -26.39
C PRO LA 19 45.07 22.35 -27.12
N PHE LA 20 43.97 22.11 -26.40
CA PHE LA 20 42.70 21.82 -27.04
C PHE LA 20 42.06 23.09 -27.59
N GLY LA 21 42.02 24.14 -26.77
CA GLY LA 21 41.43 25.40 -27.20
C GLY LA 21 42.13 26.01 -28.41
N GLN LA 22 43.43 25.76 -28.55
CA GLN LA 22 44.14 26.25 -29.72
C GLN LA 22 43.55 25.69 -31.00
N SER LA 23 43.46 24.36 -31.08
CA SER LA 23 42.89 23.72 -32.25
C SER LA 23 41.41 24.03 -32.41
N LEU LA 24 40.69 24.25 -31.30
CA LEU LA 24 39.29 24.66 -31.42
C LEU LA 24 39.17 26.03 -32.07
N ALA LA 25 40.03 26.98 -31.69
CA ALA LA 25 40.04 28.28 -32.34
C ALA LA 25 40.45 28.17 -33.80
N VAL LA 26 41.40 27.28 -34.09
CA VAL LA 26 41.79 27.04 -35.48
C VAL LA 26 40.58 26.56 -36.29
N LEU LA 27 39.79 25.66 -35.71
CA LEU LA 27 38.59 25.18 -36.39
C LEU LA 27 37.58 26.31 -36.57
N GLY LA 28 37.46 27.19 -35.58
CA GLY LA 28 36.59 28.34 -35.74
C GLY LA 28 37.00 29.25 -36.89
N ILE LA 29 38.31 29.47 -37.04
CA ILE LA 29 38.80 30.30 -38.14
C ILE LA 29 38.57 29.61 -39.48
N VAL LA 30 38.81 28.29 -39.54
CA VAL LA 30 38.49 27.53 -40.74
C VAL LA 30 37.01 27.68 -41.08
N ALA LA 31 36.16 27.67 -40.05
CA ALA LA 31 34.73 27.79 -40.27
C ALA LA 31 34.36 29.15 -40.86
N ILE LA 32 34.95 30.22 -40.33
CA ILE LA 32 34.60 31.54 -40.88
C ILE LA 32 35.16 31.68 -42.29
N GLY LA 33 36.32 31.08 -42.58
CA GLY LA 33 36.83 31.10 -43.94
C GLY LA 33 35.90 30.39 -44.91
N ILE LA 34 35.44 29.19 -44.53
CA ILE LA 34 34.53 28.45 -45.39
C ILE LA 34 33.21 29.20 -45.56
N SER LA 35 32.74 29.85 -44.50
CA SER LA 35 31.49 30.61 -44.61
C SER LA 35 31.66 31.84 -45.49
N TRP LA 36 32.86 32.41 -45.56
CA TRP LA 36 33.09 33.49 -46.51
C TRP LA 36 33.23 32.97 -47.95
N MET LA 37 33.75 31.76 -48.13
CA MET LA 37 33.96 31.24 -49.47
C MET LA 37 32.63 31.07 -50.21
N PHE LA 38 31.73 30.28 -49.64
CA PHE LA 38 30.43 30.02 -50.25
C PHE LA 38 29.38 30.88 -49.57
N GLY LA 39 29.23 32.10 -50.05
CA GLY LA 39 28.23 32.99 -49.51
C GLY LA 39 28.71 34.44 -49.56
N ARG LA 40 28.28 35.20 -48.57
CA ARG LA 40 28.56 36.63 -48.48
C ARG LA 40 29.48 36.91 -47.29
N ALA LA 41 30.36 37.89 -47.46
CA ALA LA 41 31.33 38.27 -46.44
C ALA LA 41 30.78 39.46 -45.67
N SER LA 42 30.42 39.23 -44.41
CA SER LA 42 29.87 40.26 -43.55
C SER LA 42 30.77 40.42 -42.32
N LEU LA 43 31.02 41.67 -41.93
CA LEU LA 43 31.84 41.93 -40.76
C LEU LA 43 31.24 41.34 -39.49
N GLY LA 44 29.93 41.12 -39.46
CA GLY LA 44 29.29 40.60 -38.26
C GLY LA 44 29.79 39.22 -37.89
N LEU LA 45 29.94 38.33 -38.88
CA LEU LA 45 30.36 36.97 -38.60
C LEU LA 45 31.77 36.94 -38.01
N VAL LA 46 32.71 37.62 -38.66
CA VAL LA 46 34.09 37.63 -38.19
C VAL LA 46 34.18 38.31 -36.83
N ALA LA 47 33.45 39.41 -36.65
CA ALA LA 47 33.47 40.09 -35.36
C ALA LA 47 32.98 39.16 -34.26
N GLY LA 48 31.85 38.47 -34.49
CA GLY LA 48 31.32 37.57 -33.49
C GLY LA 48 32.25 36.43 -33.17
N VAL LA 49 32.88 35.84 -34.20
CA VAL LA 49 33.72 34.67 -33.96
C VAL LA 49 35.03 35.07 -33.27
N VAL LA 50 35.64 36.17 -33.71
CA VAL LA 50 36.85 36.63 -33.04
C VAL LA 50 36.54 37.03 -31.60
N GLY LA 51 35.38 37.62 -31.36
CA GLY LA 51 34.99 37.94 -30.00
C GLY LA 51 34.78 36.69 -29.17
N GLY LA 52 34.20 35.65 -29.76
CA GLY LA 52 34.08 34.38 -29.05
C GLY LA 52 35.42 33.79 -28.69
N ILE LA 53 36.39 33.86 -29.60
CA ILE LA 53 37.73 33.34 -29.31
C ILE LA 53 38.38 34.15 -28.20
N VAL LA 54 38.27 35.47 -28.27
CA VAL LA 54 38.84 36.33 -27.22
C VAL LA 54 38.21 36.02 -25.87
N ILE LA 55 36.89 35.83 -25.83
CA ILE LA 55 36.22 35.52 -24.58
C ILE LA 55 36.66 34.15 -24.08
N MET LA 56 36.87 33.19 -24.98
CA MET LA 56 37.34 31.87 -24.56
C MET LA 56 38.71 31.95 -23.92
N PHE LA 57 39.64 32.68 -24.55
CA PHE LA 57 41.00 32.73 -24.03
C PHE LA 57 41.22 33.85 -23.02
N GLY LA 58 40.25 34.74 -22.85
CA GLY LA 58 40.29 35.71 -21.78
C GLY LA 58 39.50 35.33 -20.56
N ALA LA 59 38.92 34.11 -20.54
CA ALA LA 59 38.04 33.71 -19.45
C ALA LA 59 38.71 33.86 -18.09
N SER LA 60 40.00 33.51 -17.99
CA SER LA 60 40.69 33.60 -16.72
C SER LA 60 40.72 35.04 -16.20
N PHE LA 61 41.27 35.95 -17.01
CA PHE LA 61 41.39 37.34 -16.57
C PHE LA 61 40.03 38.02 -16.47
N LEU LA 62 39.10 37.68 -17.37
CA LEU LA 62 37.75 38.22 -17.26
C LEU LA 62 37.10 37.81 -15.95
N GLY LA 63 37.30 36.56 -15.54
CA GLY LA 63 36.76 36.12 -14.26
C GLY LA 63 37.45 36.79 -13.09
N LYS LA 64 38.77 36.99 -13.20
CA LYS LA 64 39.50 37.65 -12.12
C LYS LA 64 39.05 39.09 -11.94
N THR LA 65 38.79 39.79 -13.04
CA THR LA 65 38.45 41.21 -12.93
C THR LA 65 36.97 41.44 -12.65
N LEU LA 66 36.09 40.61 -13.21
CA LEU LA 66 34.66 40.79 -13.03
C LEU LA 66 34.23 40.55 -11.59
N THR LA 67 35.01 39.78 -10.83
CA THR LA 67 34.66 39.44 -9.46
C THR LA 67 35.45 40.26 -8.44
N GLY LA 68 36.10 41.33 -8.89
CA GLY LA 68 36.89 42.15 -8.00
C GLY LA 68 38.07 41.45 -7.36
N GLY LA 69 38.46 40.29 -7.89
CA GLY LA 69 39.57 39.54 -7.33
C GLY LA 69 39.22 38.10 -7.04
N GLY MA 1 -54.48 -35.28 57.88
CA GLY MA 1 -54.88 -36.42 57.08
C GLY MA 1 -54.02 -36.62 55.85
N GLY MA 2 -53.15 -35.66 55.58
CA GLY MA 2 -52.26 -35.74 54.44
C GLY MA 2 -52.97 -35.46 53.13
N THR MA 3 -52.17 -35.15 52.12
CA THR MA 3 -52.66 -34.85 50.78
C THR MA 3 -51.96 -35.73 49.77
N ASP MA 4 -52.67 -36.07 48.69
CA ASP MA 4 -52.10 -36.93 47.66
C ASP MA 4 -51.01 -36.18 46.89
N PRO MA 5 -49.94 -36.87 46.50
CA PRO MA 5 -48.83 -36.19 45.81
C PRO MA 5 -49.24 -35.50 44.52
N ALA MA 6 -50.35 -35.92 43.90
CA ALA MA 6 -50.81 -35.27 42.68
C ALA MA 6 -51.14 -33.80 42.90
N THR MA 7 -51.41 -33.40 44.14
CA THR MA 7 -51.60 -32.00 44.48
C THR MA 7 -50.34 -31.33 45.00
N MET MA 8 -49.50 -32.05 45.73
CA MET MA 8 -48.29 -31.44 46.28
C MET MA 8 -47.29 -31.12 45.17
N VAL MA 9 -47.08 -32.05 44.24
CA VAL MA 9 -46.17 -31.78 43.13
C VAL MA 9 -46.72 -30.65 42.26
N ASN MA 10 -48.05 -30.60 42.10
CA ASN MA 10 -48.65 -29.52 41.34
C ASN MA 10 -48.45 -28.18 42.04
N ASN MA 11 -48.54 -28.17 43.37
CA ASN MA 11 -48.25 -26.95 44.13
C ASN MA 11 -46.81 -26.52 43.93
N ILE MA 12 -45.89 -27.49 43.94
CA ILE MA 12 -44.48 -27.18 43.70
C ILE MA 12 -44.30 -26.53 42.33
N CYS MA 13 -44.93 -27.11 41.31
CA CYS MA 13 -44.81 -26.57 39.96
C CYS MA 13 -45.42 -25.17 39.87
N THR MA 14 -46.58 -24.97 40.50
CA THR MA 14 -47.23 -23.66 40.46
C THR MA 14 -46.38 -22.60 41.16
N PHE MA 15 -45.77 -22.95 42.28
CA PHE MA 15 -44.88 -22.01 42.97
C PHE MA 15 -43.66 -21.68 42.12
N ILE MA 16 -42.99 -22.71 41.59
CA ILE MA 16 -41.77 -22.50 40.83
C ILE MA 16 -42.01 -21.85 39.48
N LEU MA 17 -43.26 -21.83 39.01
CA LEU MA 17 -43.58 -21.21 37.73
C LEU MA 17 -44.46 -19.98 37.87
N GLY MA 18 -44.76 -19.55 39.09
CA GLY MA 18 -45.61 -18.39 39.29
C GLY MA 18 -44.80 -17.11 39.36
N PRO MA 19 -44.92 -16.38 40.46
CA PRO MA 19 -44.17 -15.12 40.60
C PRO MA 19 -42.69 -15.32 40.91
N PHE MA 20 -42.28 -16.53 41.30
CA PHE MA 20 -40.89 -16.78 41.64
C PHE MA 20 -40.03 -16.91 40.39
N GLY MA 21 -40.50 -17.69 39.42
CA GLY MA 21 -39.77 -17.87 38.18
C GLY MA 21 -39.56 -16.58 37.40
N GLN MA 22 -40.49 -15.64 37.53
CA GLN MA 22 -40.32 -14.35 36.88
C GLN MA 22 -39.07 -13.64 37.38
N SER MA 23 -38.96 -13.48 38.70
CA SER MA 23 -37.78 -12.84 39.26
C SER MA 23 -36.52 -13.67 39.06
N LEU MA 24 -36.65 -14.99 39.01
CA LEU MA 24 -35.48 -15.82 38.70
C LEU MA 24 -34.97 -15.55 37.30
N ALA MA 25 -35.87 -15.44 36.32
CA ALA MA 25 -35.46 -15.08 34.96
C ALA MA 25 -34.88 -13.67 34.91
N VAL MA 26 -35.44 -12.75 35.70
CA VAL MA 26 -34.88 -11.41 35.77
C VAL MA 26 -33.45 -11.46 36.28
N LEU MA 27 -33.19 -12.29 37.29
CA LEU MA 27 -31.83 -12.44 37.80
C LEU MA 27 -30.92 -13.06 36.74
N GLY MA 28 -31.44 -14.00 35.96
CA GLY MA 28 -30.64 -14.57 34.88
C GLY MA 28 -30.24 -13.52 33.85
N ILE MA 29 -31.18 -12.63 33.51
CA ILE MA 29 -30.87 -11.58 32.55
C ILE MA 29 -29.87 -10.59 33.12
N VAL MA 30 -30.03 -10.24 34.40
CA VAL MA 30 -29.03 -9.40 35.08
C VAL MA 30 -27.66 -10.07 35.03
N ALA MA 31 -27.63 -11.40 35.19
CA ALA MA 31 -26.37 -12.12 35.17
C ALA MA 31 -25.71 -12.06 33.80
N ILE MA 32 -26.49 -12.23 32.73
CA ILE MA 32 -25.86 -12.17 31.41
C ILE MA 32 -25.42 -10.75 31.09
N GLY MA 33 -26.16 -9.74 31.57
CA GLY MA 33 -25.72 -8.37 31.39
C GLY MA 33 -24.39 -8.10 32.08
N ILE MA 34 -24.28 -8.54 33.33
CA ILE MA 34 -23.04 -8.34 34.08
C ILE MA 34 -21.90 -9.11 33.42
N SER MA 35 -22.18 -10.31 32.90
CA SER MA 35 -21.13 -11.08 32.25
C SER MA 35 -20.69 -10.44 30.93
N TRP MA 36 -21.58 -9.72 30.26
CA TRP MA 36 -21.16 -8.97 29.09
C TRP MA 36 -20.39 -7.70 29.46
N MET MA 37 -20.70 -7.10 30.61
CA MET MA 37 -20.02 -5.86 30.98
C MET MA 37 -18.54 -6.08 31.20
N PHE MA 38 -18.18 -6.98 32.11
CA PHE MA 38 -16.78 -7.27 32.42
C PHE MA 38 -16.38 -8.56 31.71
N GLY MA 39 -15.96 -8.43 30.46
CA GLY MA 39 -15.50 -9.57 29.71
C GLY MA 39 -15.83 -9.41 28.23
N ARG MA 40 -16.11 -10.54 27.60
CA ARG MA 40 -16.36 -10.61 26.17
C ARG MA 40 -17.82 -11.00 25.92
N ALA MA 41 -18.39 -10.44 24.86
CA ALA MA 41 -19.79 -10.68 24.50
C ALA MA 41 -19.84 -11.77 23.43
N SER MA 42 -20.34 -12.95 23.80
CA SER MA 42 -20.43 -14.08 22.90
C SER MA 42 -21.89 -14.50 22.79
N LEU MA 43 -22.33 -14.80 21.55
CA LEU MA 43 -23.69 -15.25 21.33
C LEU MA 43 -24.02 -16.53 22.08
N GLY MA 44 -23.01 -17.33 22.41
CA GLY MA 44 -23.26 -18.59 23.09
C GLY MA 44 -23.89 -18.41 24.45
N LEU MA 45 -23.40 -17.45 25.23
CA LEU MA 45 -23.92 -17.24 26.57
C LEU MA 45 -25.38 -16.82 26.54
N VAL MA 46 -25.70 -15.81 25.73
CA VAL MA 46 -27.08 -15.33 25.64
C VAL MA 46 -27.99 -16.42 25.09
N ALA MA 47 -27.54 -17.14 24.07
CA ALA MA 47 -28.33 -18.22 23.51
C ALA MA 47 -28.64 -19.27 24.57
N GLY MA 48 -27.63 -19.69 25.33
CA GLY MA 48 -27.84 -20.69 26.35
C GLY MA 48 -28.78 -20.23 27.45
N VAL MA 49 -28.63 -18.97 27.88
CA VAL MA 49 -29.45 -18.49 29.00
C VAL MA 49 -30.90 -18.27 28.56
N VAL MA 50 -31.10 -17.69 27.37
CA VAL MA 50 -32.46 -17.52 26.88
C VAL MA 50 -33.11 -18.88 26.63
N GLY MA 51 -32.33 -19.85 26.16
CA GLY MA 51 -32.88 -21.19 26.00
C GLY MA 51 -33.25 -21.81 27.34
N GLY MA 52 -32.43 -21.58 28.36
CA GLY MA 52 -32.78 -22.05 29.70
C GLY MA 52 -34.07 -21.44 30.20
N ILE MA 53 -34.25 -20.14 29.97
CA ILE MA 53 -35.49 -19.48 30.42
C ILE MA 53 -36.69 -20.04 29.65
N VAL MA 54 -36.55 -20.22 28.34
CA VAL MA 54 -37.63 -20.78 27.54
C VAL MA 54 -37.98 -22.18 28.03
N ILE MA 55 -36.98 -23.00 28.32
CA ILE MA 55 -37.23 -24.35 28.80
C ILE MA 55 -37.89 -24.31 30.17
N MET MA 56 -37.51 -23.35 31.02
CA MET MA 56 -38.15 -23.24 32.32
C MET MA 56 -39.62 -22.89 32.20
N PHE MA 57 -39.96 -21.93 31.33
CA PHE MA 57 -41.34 -21.50 31.22
C PHE MA 57 -42.12 -22.29 30.19
N GLY MA 58 -41.47 -23.13 29.40
CA GLY MA 58 -42.16 -24.05 28.53
C GLY MA 58 -42.30 -25.44 29.09
N ALA MA 59 -41.87 -25.67 30.34
CA ALA MA 59 -41.86 -27.00 30.91
C ALA MA 59 -43.22 -27.67 30.83
N SER MA 60 -44.30 -26.92 31.07
CA SER MA 60 -45.63 -27.49 31.04
C SER MA 60 -45.97 -28.04 29.66
N PHE MA 61 -45.88 -27.19 28.63
CA PHE MA 61 -46.24 -27.63 27.29
C PHE MA 61 -45.23 -28.62 26.74
N LEU MA 62 -43.95 -28.45 27.07
CA LEU MA 62 -42.95 -29.43 26.66
C LEU MA 62 -43.27 -30.80 27.24
N GLY MA 63 -43.68 -30.86 28.50
CA GLY MA 63 -44.06 -32.13 29.08
C GLY MA 63 -45.33 -32.70 28.46
N LYS MA 64 -46.29 -31.82 28.15
CA LYS MA 64 -47.53 -32.30 27.55
C LYS MA 64 -47.28 -32.89 26.16
N THR MA 65 -46.38 -32.27 25.39
CA THR MA 65 -46.17 -32.72 24.01
C THR MA 65 -45.18 -33.89 23.94
N LEU MA 66 -44.15 -33.89 24.79
CA LEU MA 66 -43.14 -34.95 24.74
C LEU MA 66 -43.70 -36.30 25.14
N THR MA 67 -44.79 -36.33 25.90
CA THR MA 67 -45.37 -37.56 26.40
C THR MA 67 -46.62 -37.97 25.61
N GLY MA 68 -46.84 -37.34 24.46
CA GLY MA 68 -48.01 -37.66 23.66
C GLY MA 68 -49.33 -37.34 24.32
N GLY MA 69 -49.33 -36.54 25.38
CA GLY MA 69 -50.54 -36.20 26.09
C GLY MA 69 -50.46 -36.47 27.58
N GLY NA 1 -39.36 -15.61 61.73
CA GLY NA 1 -40.42 -16.35 61.07
C GLY NA 1 -40.17 -16.58 59.60
N GLY NA 2 -39.11 -15.98 59.08
CA GLY NA 2 -38.74 -16.13 57.70
C GLY NA 2 -39.65 -15.35 56.76
N THR NA 3 -39.15 -15.14 55.54
CA THR NA 3 -39.87 -14.41 54.51
C THR NA 3 -39.95 -15.26 53.25
N ASP NA 4 -41.03 -15.07 52.50
CA ASP NA 4 -41.23 -15.85 51.29
C ASP NA 4 -40.24 -15.40 50.21
N PRO NA 5 -39.73 -16.34 49.40
CA PRO NA 5 -38.72 -15.97 48.40
C PRO NA 5 -39.19 -14.93 47.40
N ALA NA 6 -40.51 -14.78 47.21
CA ALA NA 6 -41.02 -13.77 46.30
C ALA NA 6 -40.62 -12.36 46.72
N THR NA 7 -40.29 -12.16 48.00
CA THR NA 7 -39.77 -10.89 48.46
C THR NA 7 -38.26 -10.84 48.53
N MET NA 8 -37.60 -11.96 48.85
CA MET NA 8 -36.15 -11.96 48.93
C MET NA 8 -35.51 -11.79 47.55
N VAL NA 9 -36.01 -12.52 46.56
CA VAL NA 9 -35.48 -12.37 45.21
C VAL NA 9 -35.75 -10.97 44.68
N ASN NA 10 -36.91 -10.41 45.03
CA ASN NA 10 -37.21 -9.04 44.62
C ASN NA 10 -36.28 -8.05 45.29
N ASN NA 11 -35.92 -8.29 46.56
CA ASN NA 11 -34.94 -7.44 47.22
C ASN NA 11 -33.58 -7.54 46.53
N ILE NA 12 -33.19 -8.75 46.13
CA ILE NA 12 -31.94 -8.93 45.40
C ILE NA 12 -31.95 -8.11 44.11
N CYS NA 13 -33.05 -8.20 43.36
CA CYS NA 13 -33.16 -7.47 42.10
C CYS NA 13 -33.12 -5.96 42.34
N THR NA 14 -33.83 -5.49 43.36
CA THR NA 14 -33.85 -4.06 43.65
C THR NA 14 -32.48 -3.55 44.05
N PHE NA 15 -31.74 -4.33 44.84
CA PHE NA 15 -30.38 -3.94 45.21
C PHE NA 15 -29.48 -3.90 43.98
N ILE NA 16 -29.49 -4.97 43.18
CA ILE NA 16 -28.60 -5.06 42.03
C ILE NA 16 -28.97 -4.10 40.91
N LEU NA 17 -30.17 -3.53 40.94
CA LEU NA 17 -30.59 -2.58 39.93
C LEU NA 17 -30.79 -1.17 40.46
N GLY NA 18 -30.48 -0.93 41.73
CA GLY NA 18 -30.66 0.39 42.31
C GLY NA 18 -29.42 1.24 42.15
N PRO NA 19 -28.87 1.72 43.27
CA PRO NA 19 -27.66 2.56 43.19
C PRO NA 19 -26.40 1.78 42.92
N PHE NA 20 -26.42 0.46 43.05
CA PHE NA 20 -25.23 -0.35 42.83
C PHE NA 20 -24.94 -0.52 41.34
N GLY NA 21 -25.98 -0.86 40.56
CA GLY NA 21 -25.81 -1.03 39.13
C GLY NA 21 -25.34 0.23 38.42
N GLN NA 22 -25.71 1.40 38.94
CA GLN NA 22 -25.23 2.65 38.37
C GLN NA 22 -23.71 2.72 38.40
N SER NA 23 -23.14 2.56 39.59
CA SER NA 23 -21.69 2.60 39.72
C SER NA 23 -21.02 1.42 39.01
N LEU NA 24 -21.70 0.28 38.92
CA LEU NA 24 -21.13 -0.83 38.15
C LEU NA 24 -21.03 -0.47 36.67
N ALA NA 25 -22.06 0.17 36.12
CA ALA NA 25 -21.99 0.62 34.73
C ALA NA 25 -20.93 1.70 34.56
N VAL NA 26 -20.78 2.57 35.55
CA VAL NA 26 -19.72 3.57 35.50
C VAL NA 26 -18.36 2.90 35.42
N LEU NA 27 -18.16 1.84 36.21
CA LEU NA 27 -16.91 1.10 36.17
C LEU NA 27 -16.72 0.43 34.81
N GLY NA 28 -17.80 -0.08 34.22
CA GLY NA 28 -17.69 -0.65 32.88
C GLY NA 28 -17.25 0.37 31.84
N ILE NA 29 -17.78 1.60 31.94
CA ILE NA 29 -17.38 2.64 31.00
C ILE NA 29 -15.94 3.06 31.23
N VAL NA 30 -15.53 3.16 32.49
CA VAL NA 30 -14.12 3.42 32.80
C VAL NA 30 -13.24 2.33 32.20
N ALA NA 31 -13.72 1.08 32.25
CA ALA NA 31 -12.94 -0.03 31.72
C ALA NA 31 -12.78 0.08 30.21
N ILE NA 32 -13.86 0.42 29.50
CA ILE NA 32 -13.71 0.53 28.04
C ILE NA 32 -12.85 1.73 27.68
N GLY NA 33 -12.91 2.80 28.47
CA GLY NA 33 -12.02 3.92 28.21
C GLY NA 33 -10.56 3.55 28.38
N ILE NA 34 -10.25 2.85 29.47
CA ILE NA 34 -8.88 2.42 29.70
C ILE NA 34 -8.42 1.44 28.62
N SER NA 35 -9.33 0.57 28.18
CA SER NA 35 -8.96 -0.38 27.12
C SER NA 35 -8.73 0.32 25.79
N TRP NA 36 -9.41 1.44 25.55
CA TRP NA 36 -9.11 2.22 24.35
C TRP NA 36 -7.81 3.01 24.49
N MET NA 37 -7.46 3.43 25.71
CA MET NA 37 -6.25 4.24 25.88
C MET NA 37 -5.00 3.45 25.51
N PHE NA 38 -4.79 2.31 26.16
CA PHE NA 38 -3.61 1.47 25.90
C PHE NA 38 -4.03 0.30 25.01
N GLY NA 39 -4.01 0.54 23.72
CA GLY NA 39 -4.32 -0.51 22.77
C GLY NA 39 -5.01 0.06 21.55
N ARG NA 40 -5.91 -0.73 20.98
CA ARG NA 40 -6.61 -0.40 19.76
C ARG NA 40 -8.10 -0.18 20.03
N ALA NA 41 -8.69 0.76 19.30
CA ALA NA 41 -10.10 1.12 19.47
C ALA NA 41 -10.92 0.37 18.44
N SER NA 42 -11.72 -0.59 18.89
CA SER NA 42 -12.56 -1.40 18.02
C SER NA 42 -14.02 -1.23 18.43
N LEU NA 43 -14.89 -1.08 17.43
CA LEU NA 43 -16.32 -0.94 17.71
C LEU NA 43 -16.88 -2.15 18.44
N GLY NA 44 -16.25 -3.32 18.32
CA GLY NA 44 -16.77 -4.50 18.96
C GLY NA 44 -16.81 -4.39 20.47
N LEU NA 45 -15.75 -3.86 21.07
CA LEU NA 45 -15.68 -3.76 22.52
C LEU NA 45 -16.77 -2.85 23.06
N VAL NA 46 -16.88 -1.65 22.49
CA VAL NA 46 -17.88 -0.70 22.96
C VAL NA 46 -19.29 -1.24 22.71
N ALA NA 47 -19.52 -1.85 21.55
CA ALA NA 47 -20.82 -2.41 21.27
C ALA NA 47 -21.18 -3.48 22.30
N GLY NA 48 -20.25 -4.40 22.59
CA GLY NA 48 -20.53 -5.44 23.55
C GLY NA 48 -20.79 -4.90 24.95
N VAL NA 49 -20.00 -3.91 25.38
CA VAL NA 49 -20.16 -3.42 26.74
C VAL NA 49 -21.44 -2.59 26.89
N VAL NA 50 -21.75 -1.74 25.91
CA VAL NA 50 -22.99 -0.99 25.97
C VAL NA 50 -24.18 -1.94 25.90
N GLY NA 51 -24.08 -3.01 25.11
CA GLY NA 51 -25.14 -3.99 25.08
C GLY NA 51 -25.29 -4.71 26.41
N GLY NA 52 -24.17 -4.99 27.07
CA GLY NA 52 -24.24 -5.58 28.41
C GLY NA 52 -24.93 -4.67 29.39
N ILE NA 53 -24.63 -3.37 29.34
CA ILE NA 53 -25.27 -2.42 30.24
C ILE NA 53 -26.76 -2.33 29.95
N VAL NA 54 -27.14 -2.26 28.67
CA VAL NA 54 -28.55 -2.22 28.30
C VAL NA 54 -29.28 -3.46 28.79
N ILE NA 55 -28.66 -4.63 28.63
CA ILE NA 55 -29.28 -5.87 29.09
C ILE NA 55 -29.40 -5.88 30.60
N MET NA 56 -28.41 -5.33 31.31
CA MET NA 56 -28.50 -5.26 32.76
C MET NA 56 -29.65 -4.38 33.22
N PHE NA 57 -29.81 -3.21 32.60
CA PHE NA 57 -30.85 -2.29 33.05
C PHE NA 57 -32.17 -2.51 32.33
N GLY NA 58 -32.21 -3.35 31.30
CA GLY NA 58 -33.45 -3.76 30.70
C GLY NA 58 -33.97 -5.08 31.17
N ALA NA 59 -33.31 -5.70 32.16
CA ALA NA 59 -33.67 -7.04 32.60
C ALA NA 59 -35.14 -7.14 33.00
N SER NA 60 -35.66 -6.11 33.67
CA SER NA 60 -37.05 -6.14 34.10
C SER NA 60 -38.00 -6.24 32.90
N PHE NA 61 -37.90 -5.28 31.98
CA PHE NA 61 -38.81 -5.26 30.84
C PHE NA 61 -38.54 -6.41 29.89
N LEU NA 62 -37.27 -6.79 29.73
CA LEU NA 62 -36.95 -7.96 28.91
C LEU NA 62 -37.60 -9.22 29.47
N GLY NA 63 -37.58 -9.37 30.80
CA GLY NA 63 -38.25 -10.52 31.40
C GLY NA 63 -39.75 -10.44 31.26
N LYS NA 64 -40.32 -9.23 31.39
CA LYS NA 64 -41.77 -9.09 31.26
C LYS NA 64 -42.23 -9.42 29.85
N THR NA 65 -41.45 -9.04 28.83
CA THR NA 65 -41.89 -9.24 27.46
C THR NA 65 -41.56 -10.64 26.94
N LEU NA 66 -40.41 -11.19 27.34
CA LEU NA 66 -40.00 -12.50 26.85
C LEU NA 66 -40.90 -13.61 27.34
N THR NA 67 -41.61 -13.40 28.46
CA THR NA 67 -42.46 -14.41 29.06
C THR NA 67 -43.94 -14.16 28.77
N GLY NA 68 -44.24 -13.27 27.82
CA GLY NA 68 -45.62 -12.97 27.49
C GLY NA 68 -46.41 -12.34 28.62
N GLY NA 69 -45.73 -11.84 29.65
CA GLY NA 69 -46.41 -11.24 30.79
C GLY NA 69 -45.98 -11.83 32.11
C17 X3D OA . 22.47 22.42 -14.49
C12 X3D OA . 21.26 23.54 -9.43
C16 X3D OA . 22.29 22.68 -13.00
C11 X3D OA . 22.38 23.10 -8.50
C28 X3D OA . 25.79 22.52 -12.23
C22 X3D OA . 16.55 21.49 -15.71
C21 X3D OA . 17.85 20.85 -16.19
C36 X3D OA . 27.43 20.31 -3.34
C35 X3D OA . 27.04 21.18 -4.52
C31 X3D OA . 27.13 22.16 -9.17
C14 X3D OA . 20.38 22.59 -11.62
C13 X3D OA . 20.61 22.34 -10.13
C10 X3D OA . 22.81 24.21 -7.54
C30 X3D OA . 27.63 21.94 -10.59
C29 X3D OA . 26.54 21.40 -11.50
C32 X3D OA . 28.10 21.61 -8.12
C34 X3D OA . 28.09 21.16 -5.63
C33 X3D OA . 27.79 22.17 -6.73
C37 X3D OA . 26.61 20.64 -2.09
C38 X3D OA . 27.05 19.81 -0.88
C01 X3D OA . 19.34 22.88 2.73
C02 X3D OA . 20.63 23.02 1.94
C03 X3D OA . 20.39 23.21 0.45
C04 X3D OA . 21.68 23.27 -0.35
C05 X3D OA . 21.44 23.28 -1.86
C06 X3D OA . 22.60 23.92 -2.62
C07 X3D OA . 22.78 23.32 -4.00
C08 X3D OA . 23.24 24.33 -5.04
C09 X3D OA . 23.61 23.66 -6.37
C26 X3D OA . 23.49 22.24 -12.16
N23 X3D OA . 16.03 20.78 -14.56
O15 X3D OA . 21.19 21.95 -12.56
O18 X3D OA . 21.32 22.87 -15.16
O20 X3D OA . 18.78 21.86 -16.45
O24 X3D OA . 19.43 22.36 -14.62
O25 X3D OA . 20.68 22.34 -17.05
O27 X3D OA . 24.64 22.23 -12.96
O39 X3D OA . 26.19 23.63 -12.17
O40 X3D OA . 19.54 23.35 -11.96
P19 X3D OA . 20.26 21.75 -15.73
C17 X3D PA . -25.88 -23.03 22.45
C12 X3D PA . -27.55 -28.06 21.97
C16 X3D PA . -26.53 -24.41 22.36
C11 X3D PA . -29.04 -28.17 22.28
C28 X3D PA . -29.87 -23.17 21.98
C22 X3D PA . -20.40 -25.02 24.30
C21 X3D PA . -21.28 -23.83 24.67
C36 X3D PA . -36.34 -29.35 24.57
C35 X3D PA . -35.27 -28.70 23.68
C31 X3D PA . -32.69 -24.94 22.35
C14 X3D PA . -25.71 -26.56 22.87
C13 X3D PA . -26.74 -27.63 23.20
C10 X3D PA . -29.80 -28.91 21.19
C30 X3D PA . -32.35 -23.46 22.35
C29 X3D PA . -31.00 -23.20 23.00
C32 X3D PA . -34.13 -25.22 22.79
C34 X3D PA . -35.53 -27.22 23.44
C33 X3D PA . -34.58 -26.62 22.42
C37 X3D PA . -36.31 -30.87 24.49
C38 X3D PA . -37.42 -31.51 25.31
C01 X3D PA . -32.68 -39.10 23.90
C02 X3D PA . -33.32 -37.77 23.48
C03 X3D PA . -32.28 -36.69 23.22
C04 X3D PA . -32.92 -35.35 22.87
C05 X3D PA . -31.89 -34.22 22.79
C06 X3D PA . -32.36 -33.08 21.90
C07 X3D PA . -31.81 -31.73 22.35
C08 X3D PA . -31.52 -30.79 21.19
C09 X3D PA . -31.17 -29.38 21.69
C26 X3D PA . -28.02 -24.39 22.65
N23 X3D PA . -20.68 -26.13 25.17
O15 X3D PA . -25.92 -25.24 23.30
O18 X3D PA . -24.51 -23.17 22.17
O20 X3D PA . -21.80 -23.28 23.49
O24 X3D PA . -23.30 -24.54 23.04
O25 X3D PA . -23.01 -21.84 22.65
O27 X3D PA . -28.54 -23.12 22.40
O39 X3D PA . -30.13 -23.18 20.83
O40 X3D PA . -24.74 -26.83 22.25
P19 X3D PA . -23.44 -23.08 23.40
C17 X3D QA . 7.74 1.46 18.21
C12 X3D QA . 4.81 2.37 22.55
C16 X3D QA . 7.06 1.72 19.56
C11 X3D QA . 5.68 2.39 23.81
C28 X3D QA . 10.05 2.77 21.24
C22 X3D QA . 3.04 -1.45 15.63
C21 X3D QA . 4.55 -1.66 15.62
C36 X3D QA . 9.55 1.71 30.48
C35 X3D QA . 9.29 2.34 29.11
C31 X3D QA . 10.46 3.04 24.56
C14 X3D QA . 4.95 1.08 20.38
C13 X3D QA . 4.79 1.00 21.90
C10 X3D QA . 5.44 3.63 24.66
C30 X3D QA . 11.40 2.94 23.37
C29 X3D QA . 10.85 2.01 22.30
C32 X3D QA . 11.19 2.91 25.90
C34 X3D QA . 10.58 2.62 28.34
C33 X3D QA . 10.32 3.39 27.06
C37 X3D QA . 8.34 1.81 31.40
C38 X3D QA . 8.63 1.25 32.79
C01 X3D QA . -0.36 1.77 33.73
C02 X3D QA . 1.01 2.29 33.30
C03 X3D QA . 1.17 2.30 31.78
C04 X3D QA . 2.57 2.75 31.36
C05 X3D QA . 2.80 2.60 29.87
C06 X3D QA . 3.87 3.55 29.35
C07 X3D QA . 4.63 2.97 28.16
C08 X3D QA . 5.05 4.02 27.14
C09 X3D QA . 5.98 3.44 26.08
C26 X3D QA . 8.03 1.75 20.73
N23 X3D QA . 2.45 -2.24 16.70
O15 X3D QA . 6.16 0.69 19.79
O18 X3D QA . 6.77 1.47 17.21
O20 X3D QA . 5.16 -0.41 15.46
O24 X3D QA . 5.05 0.38 17.31
O25 X3D QA . 6.93 0.64 15.33
O27 X3D QA . 9.32 2.07 20.28
O39 X3D QA . 10.06 3.95 21.24
O40 X3D QA . 4.06 1.48 19.71
P19 X3D QA . 6.31 0.02 16.56
C17 X3D RA . 16.46 3.49 4.17
C12 X3D RA . 15.71 4.47 9.34
C16 X3D RA . 16.41 3.69 5.68
C11 X3D RA . 16.84 3.90 10.18
C28 X3D RA . 19.93 3.20 6.19
C22 X3D RA . 10.42 3.09 3.35
C21 X3D RA . 11.62 2.35 2.76
C36 X3D RA . 21.97 0.49 14.86
C35 X3D RA . 21.58 1.45 13.74
C31 X3D RA . 21.43 2.60 9.13
C14 X3D RA . 14.61 3.70 7.19
C13 X3D RA . 14.91 3.37 8.65
C10 X3D RA . 17.43 4.94 11.13
C30 X3D RA . 21.82 2.41 7.67
C29 X3D RA . 20.62 2.00 6.82
C32 X3D RA . 22.42 1.95 10.09
C34 X3D RA . 22.55 1.38 12.55
C33 X3D RA . 22.26 2.46 11.52
C37 X3D RA . 21.27 0.83 16.18
C38 X3D RA . 21.72 -0.08 17.31
C01 X3D RA . 14.56 3.46 21.57
C02 X3D RA . 15.81 3.52 20.70
C03 X3D RA . 15.48 3.79 19.23
C04 X3D RA . 16.73 3.78 18.35
C05 X3D RA . 16.38 3.87 16.87
C06 X3D RA . 17.53 4.45 16.05
C07 X3D RA . 17.57 3.90 14.63
C08 X3D RA . 18.04 4.92 13.60
C09 X3D RA . 18.25 4.27 12.23
C26 X3D RA . 17.62 3.11 6.41
N23 X3D RA . 9.92 2.37 4.51
O15 X3D RA . 15.28 3.03 6.17
O18 X3D RA . 15.31 4.05 3.60
O20 X3D RA . 12.61 3.30 2.47
O24 X3D RA . 13.43 3.66 4.27
O25 X3D RA . 14.51 3.64 1.75
O27 X3D RA . 18.71 3.04 5.53
O39 X3D RA . 20.43 4.27 6.26
O40 X3D RA . 13.80 4.53 6.94
P19 X3D RA . 14.12 3.04 3.07
C17 X3D SA . 20.31 5.11 -11.95
C12 X3D SA . 21.70 5.19 -6.83
C16 X3D SA . 20.83 4.99 -10.52
C11 X3D SA . 22.71 4.08 -6.51
C28 X3D SA . 23.79 3.16 -11.40
C22 X3D SA . 14.72 7.10 -10.49
C21 X3D SA . 15.26 6.12 -11.53
C36 X3D SA . 27.16 -1.86 -4.31
C35 X3D SA . 26.86 -0.61 -5.15
C31 X3D SA . 25.76 1.46 -9.27
C14 X3D SA . 19.76 5.34 -8.45
C13 X3D SA . 20.35 4.63 -7.23
C10 X3D SA . 23.93 4.61 -5.77
C30 X3D SA . 25.55 1.45 -10.79
C29 X3D SA . 24.09 1.69 -11.15
C32 X3D SA . 26.63 0.31 -8.80
C34 X3D SA . 27.29 -0.77 -6.59
C33 X3D SA . 27.15 0.53 -7.38
C37 X3D SA . 27.11 -1.57 -2.81
C38 X3D SA . 27.48 -2.79 -1.98
C01 X3D SA . 24.17 2.12 4.86
C02 X3D SA . 24.98 1.91 3.59
C03 X3D SA . 24.35 2.58 2.37
C04 X3D SA . 25.13 2.31 1.09
C05 X3D SA . 24.41 2.82 -0.14
C06 X3D SA . 25.38 3.11 -1.29
C07 X3D SA . 24.72 2.89 -2.66
C08 X3D SA . 25.22 3.86 -3.72
C09 X3D SA . 24.71 3.48 -5.11
C26 X3D SA . 21.86 3.88 -10.34
N23 X3D SA . 14.37 6.38 -9.28
O15 X3D SA . 19.73 4.69 -9.69
O18 X3D SA . 19.38 6.15 -12.01
O20 X3D SA . 16.41 6.68 -12.11
O24 X3D SA . 17.82 6.34 -10.73
O25 X3D SA . 17.95 6.46 -13.46
O27 X3D SA . 22.47 3.60 -11.56
O39 X3D SA . 24.68 3.94 -11.44
O40 X3D SA . 19.34 6.44 -8.34
P19 X3D SA . 17.78 5.77 -12.13
C17 X3D TA . 19.18 8.55 -28.21
C12 X3D TA . 22.01 7.05 -23.98
C16 X3D TA . 20.03 7.96 -27.08
C11 X3D TA . 22.52 5.62 -24.13
C28 X3D TA . 21.53 5.41 -29.11
C22 X3D TA . 15.69 12.08 -24.63
C21 X3D TA . 15.42 11.21 -25.87
C36 X3D TA . 24.55 -1.85 -24.14
C35 X3D TA . 24.56 -0.44 -24.72
C31 X3D TA . 23.17 2.70 -27.99
C14 X3D TA . 19.91 8.23 -24.75
C13 X3D TA . 20.50 7.11 -23.89
C10 X3D TA . 24.02 5.50 -23.86
C30 X3D TA . 22.51 3.10 -29.31
C29 X3D TA . 21.25 3.91 -29.09
C32 X3D TA . 23.59 1.24 -27.95
C34 X3D TA . 24.39 -0.44 -26.23
C33 X3D TA . 24.57 0.96 -26.82
C37 X3D TA . 25.11 -1.88 -22.71
C38 X3D TA . 25.19 -3.31 -22.16
C01 X3D TA . 26.55 0.93 -14.27
C02 X3D TA . 26.75 0.70 -15.77
C03 X3D TA . 26.11 1.80 -16.61
C04 X3D TA . 26.26 1.53 -18.12
C05 X3D TA . 25.46 2.52 -18.96
C06 X3D TA . 26.05 2.67 -20.36
C07 X3D TA . 24.97 3.00 -21.39
C08 X3D TA . 25.46 3.91 -22.50
C09 X3D TA . 24.42 4.05 -23.62
C26 X3D TA . 20.49 6.54 -27.37
N23 X3D TA . 15.48 11.31 -23.43
O15 X3D TA . 19.23 7.91 -25.93
O18 X3D TA . 18.80 9.84 -27.85
O20 X3D TA . 16.45 11.43 -26.79
O24 X3D TA . 17.95 10.32 -26.06
O25 X3D TA . 17.25 10.95 -28.63
O27 X3D TA . 20.52 6.32 -28.75
O39 X3D TA . 22.59 5.81 -29.44
O40 X3D TA . 20.04 9.35 -24.41
P19 X3D TA . 17.24 10.11 -27.38
C17 X3D UA . 14.38 15.39 -42.50
C12 X3D UA . 17.58 12.14 -39.79
C16 X3D UA . 15.22 14.32 -41.82
C11 X3D UA . 17.39 10.69 -40.23
C28 X3D UA . 14.86 11.91 -44.46
C22 X3D UA . 13.94 19.05 -37.62
C21 X3D UA . 12.96 18.62 -38.72
C36 X3D UA . 16.16 3.16 -41.56
C35 X3D UA . 16.54 4.58 -41.99
C31 X3D UA . 15.55 8.64 -44.26
C14 X3D UA . 15.99 14.10 -39.62
C13 X3D UA . 16.32 12.69 -39.12
C10 X3D UA . 18.71 10.01 -40.56
C30 X3D UA . 14.72 9.50 -45.20
C29 X3D UA . 14.02 10.63 -44.45
C32 X3D UA . 15.34 7.14 -44.49
C34 X3D UA . 15.92 4.96 -43.33
C33 X3D UA . 16.43 6.30 -43.84
C37 X3D UA . 17.08 2.63 -40.47
C38 X3D UA . 16.75 1.19 -40.09
C01 X3D UA . 22.13 2.89 -33.01
C02 X3D UA . 21.74 2.93 -34.49
C03 X3D UA . 21.36 4.34 -34.94
C04 X3D UA . 20.90 4.36 -36.39
C05 X3D UA . 20.34 5.73 -36.80
C06 X3D UA . 20.45 5.97 -38.31
C07 X3D UA . 19.32 6.85 -38.83
C08 X3D UA . 19.76 7.77 -39.97
C09 X3D UA . 18.56 8.48 -40.60
C26 X3D UA . 14.97 12.92 -42.38
N23 X3D UA . 13.83 18.15 -36.48
O15 X3D UA . 14.90 14.30 -40.47
O18 X3D UA . 14.69 16.63 -41.93
O20 X3D UA . 13.63 18.67 -39.95
O24 X3D UA . 14.72 16.97 -39.92
O25 X3D UA . 13.54 18.35 -41.98
O27 X3D UA . 14.47 13.00 -43.67
O39 X3D UA . 15.82 11.98 -45.14
O40 X3D UA . 16.66 15.02 -39.27
P19 X3D UA . 13.61 17.31 -40.88
C17 X3D VA . 8.80 26.49 -53.67
C12 X3D VA . 11.02 21.80 -52.54
C16 X3D VA . 9.29 25.07 -53.43
C11 X3D VA . 10.11 20.64 -52.96
C28 X3D VA . 7.12 23.56 -55.86
C22 X3D VA . 11.51 28.97 -48.78
C21 X3D VA . 10.16 29.16 -49.46
C36 X3D VA . 5.49 14.56 -54.17
C35 X3D VA . 6.26 15.79 -54.62
C31 X3D VA . 6.41 20.29 -56.11
C14 X3D VA . 10.55 24.13 -51.67
C13 X3D VA . 10.40 22.63 -51.43
C10 X3D VA . 10.84 19.60 -53.80
C30 X3D VA . 5.76 21.58 -56.63
C29 X3D VA . 5.89 22.71 -55.61
C32 X3D VA . 5.53 19.06 -56.34
C34 X3D VA . 5.47 16.64 -55.61
C33 X3D VA . 6.32 17.77 -56.19
C37 X3D VA . 6.39 13.51 -53.52
C38 X3D VA . 5.62 12.25 -53.13
C01 X3D VA . 13.16 10.35 -48.48
C02 X3D VA . 12.38 10.84 -49.70
C03 X3D VA . 12.50 12.35 -49.90
C04 X3D VA . 11.66 12.83 -51.08
C05 X3D VA . 11.63 14.37 -51.17
C06 X3D VA . 11.34 14.84 -52.59
C07 X3D VA . 10.59 16.17 -52.60
C08 X3D VA . 10.98 17.07 -53.76
C09 X3D VA . 10.07 18.29 -53.86
C26 X3D VA . 8.32 24.00 -53.93
N23 X3D VA . 11.40 27.96 -47.74
O15 X3D VA . 9.43 24.89 -52.05
O18 X3D VA . 9.77 27.38 -53.19
O20 X3D VA . 10.35 29.21 -50.85
O24 X3D VA . 10.57 27.27 -51.33
O25 X3D VA . 9.50 29.37 -52.71
O27 X3D VA . 7.51 24.53 -54.94
O39 X3D VA . 7.77 23.41 -56.85
O40 X3D VA . 11.61 24.64 -51.55
P19 X3D VA . 9.46 28.18 -51.78
C17 X3D WA . 2.27 -17.42 37.35
C12 X3D WA . -0.22 -16.41 41.94
C16 X3D WA . 1.71 -17.15 38.75
C11 X3D WA . 0.73 -16.52 43.12
C28 X3D WA . 4.91 -16.43 40.22
C22 X3D WA . -2.87 -19.83 35.08
C21 X3D WA . -1.39 -20.16 34.93
C36 X3D WA . 5.04 -17.77 49.43
C35 X3D WA . 4.73 -17.06 48.11
C31 X3D WA . 5.59 -16.32 43.51
C14 X3D WA . -0.36 -17.63 39.73
C13 X3D WA . -0.43 -17.75 41.25
C10 X3D WA . 0.68 -15.29 44.02
C30 X3D WA . 6.43 -16.46 42.24
C29 X3D WA . 5.72 -17.30 41.18
C32 X3D WA . 6.41 -16.55 44.77
C34 X3D WA . 5.97 -16.88 47.24
C33 X3D WA . 5.69 -16.04 46.01
C37 X3D WA . 3.91 -17.59 50.45
C38 X3D WA . 4.26 -18.23 51.79
C01 X3D WA . -4.54 -16.95 53.47
C02 X3D WA . -3.17 -16.54 52.95
C03 X3D WA . -3.12 -16.48 51.43
C04 X3D WA . -1.73 -16.14 50.91
C05 X3D WA . -1.63 -16.27 49.39
C06 X3D WA . -0.52 -15.39 48.82
C07 X3D WA . 0.09 -16.00 47.56
C08 X3D WA . 0.52 -14.95 46.54
C09 X3D WA . 1.31 -15.58 45.39
C26 X3D WA . 2.78 -17.25 39.85
N23 X3D WA . -3.45 -20.59 36.17
O15 X3D WA . 0.74 -18.11 39.02
O18 X3D WA . 1.22 -17.30 36.44
O20 X3D WA . -0.68 -18.97 34.77
O24 X3D WA . -0.57 -18.24 36.64
O25 X3D WA . 1.15 -18.07 34.52
O27 X3D WA . 4.04 -17.03 39.30
O39 X3D WA . 5.03 -15.26 40.25
O40 X3D WA . -1.27 -17.13 39.14
P19 X3D WA . 0.59 -18.68 35.77
C17 X3D XA . 10.01 -15.69 22.71
C12 X3D XA . 9.75 -14.82 27.95
C16 X3D XA . 10.09 -15.54 24.23
C11 X3D XA . 10.90 -15.51 28.68
C28 X3D XA . 13.58 -16.34 24.44
C22 X3D XA . 3.91 -15.53 22.37
C21 X3D XA . 5.00 -16.34 21.66
C36 X3D XA . 16.05 -19.53 32.84
C35 X3D XA . 15.65 -18.50 31.77
C31 X3D XA . 15.25 -17.18 27.23
C14 X3D XA . 8.42 -15.41 25.88
C13 X3D XA . 8.80 -15.82 27.29
C10 X3D XA . 11.64 -14.57 29.61
C30 X3D XA . 15.50 -17.34 25.74
C29 X3D XA . 14.21 -17.62 24.98
C32 X3D XA . 16.25 -17.95 28.09
C34 X3D XA . 16.52 -18.61 30.51
C33 X3D XA . 16.24 -17.48 29.54
C37 X3D XA . 15.48 -19.18 34.21
C38 X3D XA . 15.93 -20.15 35.29
C01 X3D XA . 9.48 -16.16 40.20
C02 X3D XA . 10.65 -16.17 39.23
C03 X3D XA . 10.23 -15.82 37.81
C04 X3D XA . 11.40 -15.91 36.83
C05 X3D XA . 10.95 -15.74 35.38
C06 X3D XA . 12.09 -15.23 34.49
C07 X3D XA . 11.96 -15.74 33.06
C08 X3D XA . 12.44 -14.73 32.02
C09 X3D XA . 12.49 -15.34 30.62
C26 X3D XA . 11.30 -16.24 24.84
N23 X3D XA . 3.44 -16.24 23.54
O15 X3D XA . 8.95 -16.11 24.78
O18 X3D XA . 8.87 -15.01 22.26
O20 X3D XA . 6.04 -15.48 21.32
O24 X3D XA . 7.02 -15.25 23.06
O25 X3D XA . 7.89 -15.28 20.46
O27 X3D XA . 12.31 -16.38 23.87
O39 X3D XA . 14.18 -15.33 24.50
O40 X3D XA . 7.68 -14.50 25.70
P19 X3D XA . 7.56 -15.89 21.79
C17 X3D YA . 12.53 -13.86 6.43
C12 X3D YA . 14.37 -14.07 11.41
C16 X3D YA . 13.16 -14.07 7.81
C11 X3D YA . 15.30 -15.28 11.61
C28 X3D YA . 15.87 -16.12 6.62
C22 X3D YA . 7.30 -11.43 8.44
C21 X3D YA . 7.66 -12.42 7.33
C36 X3D YA . 19.36 -21.66 13.24
C35 X3D YA . 19.10 -20.36 12.48
C31 X3D YA . 17.85 -18.07 8.51
C14 X3D YA . 12.32 -13.70 9.97
C13 X3D YA . 12.94 -14.51 11.11
C10 X3D YA . 16.63 -14.88 12.25
C30 X3D YA . 17.51 -17.99 7.03
C29 X3D YA . 16.04 -17.62 6.81
C32 X3D YA . 18.65 -19.30 8.88
C34 X3D YA . 19.39 -20.51 10.98
C33 X3D YA . 19.31 -19.18 10.25
C37 X3D YA . 19.48 -21.42 14.74
C38 X3D YA . 19.80 -22.69 15.51
C01 X3D YA . 17.55 -17.75 22.75
C02 X3D YA . 18.24 -17.99 21.40
C03 X3D YA . 17.57 -17.22 20.27
C04 X3D YA . 18.21 -17.52 18.91
C05 X3D YA . 17.43 -16.90 17.75
C06 X3D YA . 18.31 -16.66 16.53
C07 X3D YA . 17.53 -16.78 15.23
C08 X3D YA . 18.02 -15.82 14.15
C09 X3D YA . 17.35 -16.11 12.81
C26 X3D YA . 14.10 -15.28 7.87
N23 X3D YA . 7.00 -12.16 9.66
O15 X3D YA . 12.13 -14.29 8.72
O18 X3D YA . 11.71 -12.74 6.48
O20 X3D YA . 8.79 -11.93 6.67
O24 X3D YA . 10.28 -12.45 7.91
O25 X3D YA . 10.18 -12.25 5.18
O27 X3D YA . 14.58 -15.57 6.59
O39 X3D YA . 16.81 -15.42 6.51
O40 X3D YA . 12.01 -12.57 10.15
P19 X3D YA . 10.07 -12.97 6.51
C17 X3D ZA . 10.53 -9.57 -9.44
C12 X3D ZA . 13.59 -11.48 -5.55
C16 X3D ZA . 11.41 -10.28 -8.42
C11 X3D ZA . 13.94 -12.95 -5.80
C28 X3D ZA . 12.51 -12.85 -10.67
C22 X3D ZA . 7.68 -5.93 -5.44
C21 X3D ZA . 7.24 -6.71 -6.68
C36 X3D ZA . 15.33 -20.55 -6.26
C35 X3D ZA . 15.40 -19.12 -6.79
C31 X3D ZA . 14.00 -15.73 -9.81
C14 X3D ZA . 11.53 -10.11 -6.08
C13 X3D ZA . 12.09 -11.30 -5.31
C10 X3D ZA . 15.45 -13.20 -5.67
C30 X3D ZA . 13.27 -15.23 -11.05
C29 X3D ZA . 12.10 -14.32 -10.68
C32 X3D ZA . 14.29 -17.22 -9.86
C34 X3D ZA . 15.11 -19.03 -8.28
C33 X3D ZA . 15.35 -17.63 -8.84
C37 X3D ZA . 16.00 -20.69 -4.89
C38 X3D ZA . 16.00 -22.14 -4.41
C01 X3D ZA . 18.40 -18.39 3.47
C02 X3D ZA . 18.46 -18.56 1.96
C03 X3D ZA . 17.84 -17.38 1.21
C04 X3D ZA . 17.83 -17.59 -0.31
C05 X3D ZA . 17.06 -16.50 -1.03
C06 X3D ZA . 17.53 -16.34 -2.48
C07 X3D ZA . 16.39 -15.88 -3.39
C08 X3D ZA . 16.86 -14.96 -4.50
C09 X3D ZA . 15.75 -14.69 -5.52
C26 X3D ZA . 11.73 -11.72 -8.81
N23 X3D ZA . 7.51 -6.74 -4.26
O15 X3D ZA . 10.72 -10.31 -7.21
O18 X3D ZA . 10.30 -8.27 -9.00
O20 X3D ZA . 8.19 -6.53 -7.68
O24 X3D ZA . 9.65 -7.80 -7.13
O25 X3D ZA . 8.77 -7.00 -9.60
O27 X3D ZA . 11.62 -11.89 -10.19
O39 X3D ZA . 13.56 -12.52 -11.09
O40 X3D ZA . 11.78 -9.01 -5.72
P19 X3D ZA . 8.81 -7.89 -8.38
C17 X3D AB . -21.04 -7.46 19.06
C12 X3D AB . -24.70 -11.31 18.92
C16 X3D AB . -22.21 -8.46 19.12
C11 X3D AB . -25.92 -10.95 19.75
C28 X3D AB . -24.66 -6.03 20.10
C22 X3D AB . -16.61 -11.64 18.59
C21 X3D AB . -16.75 -10.31 19.35
C36 X3D AB . -31.93 -9.84 24.52
C35 X3D AB . -31.02 -9.46 23.34
C31 X3D AB . -27.69 -6.70 21.39
C14 X3D AB . -22.23 -10.80 19.16
C13 X3D AB . -23.45 -11.49 19.77
C10 X3D AB . -27.22 -11.11 18.98
C30 X3D AB . -26.79 -5.48 21.36
C29 X3D AB . -25.32 -5.86 21.47
C32 X3D AB . -28.89 -6.52 22.32
C34 X3D AB . -30.72 -7.96 23.31
C33 X3D AB . -29.98 -7.56 22.05
C37 X3D AB . -32.56 -11.22 24.33
C38 X3D AB . -33.51 -11.57 25.47
C01 X3D AB . -33.05 -19.88 21.91
C02 X3D AB . -33.18 -18.36 21.84
C03 X3D AB . -31.92 -17.70 21.28
C04 X3D AB . -32.02 -16.17 21.29
C05 X3D AB . -30.71 -15.51 20.90
C06 X3D AB . -30.92 -14.11 20.32
C07 X3D AB . -29.74 -13.18 20.62
C08 X3D AB . -29.47 -12.19 19.50
C09 X3D AB . -28.43 -11.15 19.91
C26 X3D AB . -23.38 -7.95 19.96
N23 X3D AB . -17.03 -12.73 19.43
O15 X3D AB . -21.73 -9.63 19.72
O18 X3D AB . -20.03 -8.01 18.28
O20 X3D AB . -17.34 -9.38 18.49
O24 X3D AB . -19.28 -9.88 18.55
O25 X3D AB . -18.04 -7.46 18.25
O27 X3D AB . -23.37 -6.56 20.01
O39 X3D AB . -25.25 -5.71 19.13
O40 X3D AB . -21.72 -11.28 18.20
P19 X3D AB . -18.68 -8.58 19.03
C17 X3D BB . 5.49 -1.98 -23.41
C12 X3D BB . 8.55 -5.60 -21.03
C16 X3D BB . 6.28 -3.15 -22.83
C11 X3D BB . 8.19 -7.02 -21.48
C28 X3D BB . 5.49 -5.42 -25.49
C22 X3D BB . 5.75 1.55 -18.43
C21 X3D BB . 4.67 1.25 -19.46
C36 X3D BB . 6.15 -14.35 -22.90
C35 X3D BB . 6.62 -12.97 -23.32
C31 X3D BB . 5.87 -8.76 -25.41
C14 X3D BB . 7.18 -3.51 -20.68
C13 X3D BB . 7.40 -4.95 -20.26
C10 X3D BB . 9.42 -7.81 -21.93
C30 X3D BB . 5.06 -7.80 -26.26
C29 X3D BB . 4.53 -6.63 -25.44
C32 X3D BB . 5.50 -10.22 -25.66
C34 X3D BB . 5.94 -12.48 -24.60
C33 X3D BB . 6.55 -11.17 -25.11
C37 X3D BB . 7.09 -14.99 -21.88
C38 X3D BB . 6.65 -16.41 -21.52
C01 X3D BB . 12.67 -15.45 -14.83
C02 X3D BB . 12.18 -15.32 -16.26
C03 X3D BB . 11.89 -13.87 -16.66
C04 X3D BB . 11.34 -13.75 -18.08
C05 X3D BB . 10.89 -12.34 -18.40
C06 X3D BB . 10.91 -12.06 -19.91
C07 X3D BB . 9.84 -11.05 -20.32
C08 X3D BB . 10.28 -10.15 -21.46
C09 X3D BB . 9.11 -9.31 -21.98
C26 X3D BB . 5.85 -4.50 -23.39
N23 X3D BB . 5.65 0.64 -17.31
O15 X3D BB . 6.05 -3.18 -21.45
O18 X3D BB . 5.96 -0.79 -22.84
O20 X3D BB . 5.25 1.27 -20.74
O24 X3D BB . 6.16 -0.51 -20.83
O25 X3D BB . 4.98 1.02 -22.76
O27 X3D BB . 5.26 -4.33 -24.65
O39 X3D BB . 6.40 -5.43 -26.23
O40 X3D BB . 7.95 -2.67 -20.37
P19 X3D BB . 5.02 -0.05 -21.70
C17 X3D CB . 0.00 9.95 -33.58
C12 X3D CB . 1.85 5.03 -32.78
C16 X3D CB . 0.37 8.48 -33.43
C11 X3D CB . 0.82 3.98 -33.16
C28 X3D CB . -2.11 7.26 -35.72
C22 X3D CB . 3.29 11.98 -28.86
C21 X3D CB . 1.91 12.32 -29.41
C36 X3D CB . -4.43 -1.62 -34.18
C35 X3D CB . -3.58 -0.45 -34.66
C31 X3D CB . -3.14 4.08 -36.02
C14 X3D CB . 1.67 7.36 -31.82
C13 X3D CB . 1.40 5.88 -31.60
C10 X3D CB . 1.38 2.91 -34.10
C30 X3D CB . -3.70 5.44 -36.44
C29 X3D CB . -3.39 6.52 -35.40
C32 X3D CB . -4.15 2.95 -36.21
C34 X3D CB . -4.37 0.51 -35.56
C33 X3D CB . -3.47 1.58 -36.17
C37 X3D CB . -3.58 -2.76 -33.65
C38 X3D CB . -4.42 -3.97 -33.23
C01 X3D CB . 3.25 -6.71 -29.28
C02 X3D CB . 2.43 -6.11 -30.42
C03 X3D CB . 2.67 -4.62 -30.57
C04 X3D CB . 1.79 -4.00 -31.66
C05 X3D CB . 1.88 -2.48 -31.70
C06 X3D CB . 1.53 -1.92 -33.09
C07 X3D CB . 0.91 -0.53 -32.98
C08 X3D CB . 1.30 0.38 -34.15
C09 X3D CB . 0.49 1.68 -34.14
C26 X3D CB . -0.74 7.52 -33.88
N23 X3D CB . 3.17 10.95 -27.84
O15 X3D CB . 0.60 8.23 -32.07
O18 X3D CB . 1.08 10.72 -33.15
O20 X3D CB . 2.00 12.40 -30.81
O24 X3D CB . 2.00 10.47 -31.37
O25 X3D CB . 1.03 12.71 -32.59
O27 X3D CB . -1.57 8.16 -34.79
O39 X3D CB . -1.56 7.09 -36.76
O40 X3D CB . 2.77 7.78 -31.76
P19 X3D CB . 0.94 11.49 -31.69
C17 X3D DB . -3.04 24.82 -40.26
C12 X3D DB . -3.22 19.52 -40.56
C16 X3D DB . -3.27 23.31 -40.36
C11 X3D DB . -4.66 19.02 -40.59
C28 X3D DB . -6.62 23.59 -41.65
C22 X3D DB . 2.11 24.47 -36.98
C21 X3D DB . 0.89 25.40 -36.96
C36 X3D DB . -11.77 16.03 -39.97
C35 X3D DB . -10.71 16.89 -40.64
C31 X3D DB . -8.90 21.14 -41.76
C14 X3D DB . -2.11 21.50 -39.42
C13 X3D DB . -2.88 20.20 -39.23
C10 X3D DB . -4.90 18.04 -41.73
C30 X3D DB . -8.95 22.66 -41.84
C29 X3D DB . -7.92 23.31 -40.92
C32 X3D DB . -10.29 20.51 -41.63
C34 X3D DB . -11.27 18.23 -41.11
C33 X3D DB . -10.26 19.01 -41.94
C37 X3D DB . -11.34 14.57 -39.87
C38 X3D DB . -12.43 13.69 -39.26
C01 X3D DB . -5.76 7.60 -38.65
C02 X3D DB . -6.57 8.69 -39.35
C03 X3D DB . -5.80 10.00 -39.48
C04 X3D DB . -6.65 11.10 -40.12
C05 X3D DB . -5.94 12.45 -40.09
C06 X3D DB . -6.45 13.38 -41.19
C07 X3D DB . -6.38 14.84 -40.77
C08 X3D DB . -6.05 15.78 -41.93
C09 X3D DB . -6.19 17.24 -41.52
C26 X3D DB . -4.75 22.94 -40.43
N23 X3D DB . 1.90 23.37 -36.07
O15 X3D DB . -2.75 22.72 -39.21
O18 X3D DB . -1.66 25.05 -40.22
O20 X3D DB . 0.56 25.74 -38.28
O24 X3D DB . -0.40 24.10 -38.93
O25 X3D DB . -0.71 26.75 -39.53
O27 X3D DB . -5.49 24.01 -40.92
O39 X3D DB . -6.55 23.46 -42.82
O40 X3D DB . -0.98 21.46 -39.76
P19 X3D DB . -0.99 25.48 -38.77
C17 X3D EB . -1.52 40.84 -44.46
C12 X3D EB . -3.96 36.16 -44.99
C16 X3D EB . -2.37 39.58 -44.55
C11 X3D EB . -5.40 36.23 -44.50
C28 X3D EB . -5.51 41.32 -44.46
C22 X3D EB . 3.77 37.99 -43.37
C21 X3D EB . 3.12 39.27 -42.84
C36 X3D EB . -12.51 35.96 -41.44
C35 X3D EB . -11.47 36.50 -42.40
C31 X3D EB . -8.51 39.94 -43.85
C14 X3D EB . -1.84 37.31 -44.23
C13 X3D EB . -2.97 36.37 -43.84
C10 X3D EB . -6.39 35.68 -45.53
C30 X3D EB . -7.96 41.36 -43.81
C29 X3D EB . -6.52 41.38 -43.31
C32 X3D EB . -9.91 39.84 -43.26
C34 X3D EB . -11.53 38.02 -42.54
C33 X3D EB . -10.61 38.54 -43.64
C37 X3D EB . -12.71 34.46 -41.59
C38 X3D EB . -13.81 33.93 -40.67
C01 X3D EB . -10.45 25.85 -43.00
C02 X3D EB . -10.92 27.28 -43.28
C03 X3D EB . -9.76 28.22 -43.60
C04 X3D EB . -10.22 29.65 -43.81
C05 X3D EB . -9.06 30.63 -43.96
C06 X3D EB . -9.45 31.89 -44.73
C07 X3D EB . -8.66 33.11 -44.28
C08 X3D EB . -8.36 34.08 -45.42
C09 X3D EB . -7.74 35.37 -44.90
C26 X3D EB . -3.81 39.80 -44.08
N23 X3D EB . 3.43 36.86 -42.52
O15 X3D EB . -1.80 38.61 -43.72
O18 X3D EB . -0.24 40.54 -44.91
O20 X3D EB . 2.57 39.96 -43.91
O24 X3D EB . 0.86 38.96 -44.26
O25 X3D EB . 1.50 41.60 -44.54
O27 X3D EB . -4.16 41.14 -44.19
O39 X3D EB . -5.90 41.42 -45.57
O40 X3D EB . -0.99 36.95 -44.98
P19 X3D EB . 0.98 40.40 -43.80
C17 X3D FB . 4.89 -32.69 24.73
C12 X3D FB . 7.04 -33.24 29.56
C16 X3D FB . 5.60 -33.01 26.05
C11 X3D FB . 7.86 -34.53 29.65
C28 X3D FB . 8.01 -35.24 24.62
C22 X3D FB . 0.06 -29.88 27.19
C21 X3D FB . 0.24 -30.85 26.02
C36 X3D FB . 11.44 -41.30 30.81
C35 X3D FB . 11.25 -39.95 30.10
C31 X3D FB . 9.93 -37.42 26.31
C14 X3D FB . 4.94 -32.63 28.28
C13 X3D FB . 5.56 -33.53 29.35
C10 X3D FB . 9.26 -34.27 30.21
C30 X3D FB . 9.50 -37.27 24.85
C29 X3D FB . 8.07 -36.76 24.75
C32 X3D FB . 10.64 -38.74 26.58
C34 X3D FB . 11.42 -40.07 28.59
C33 X3D FB . 11.40 -38.72 27.90
C37 X3D FB . 11.67 -41.12 32.31
C38 X3D FB . 11.94 -42.44 33.01
C01 X3D FB . 10.65 -37.58 40.52
C02 X3D FB . 11.21 -37.83 39.13
C03 X3D FB . 10.54 -36.96 38.07
C04 X3D FB . 11.05 -37.28 36.66
C05 X3D FB . 10.26 -36.55 35.59
C06 X3D FB . 11.07 -36.34 34.32
C07 X3D FB . 10.19 -36.34 33.06
C08 X3D FB . 10.69 -35.39 31.98
C09 X3D FB . 9.91 -35.57 30.68
C26 X3D FB . 6.41 -34.29 26.01
N23 X3D FB . -0.23 -30.61 28.40
O15 X3D FB . 4.61 -33.17 27.03
O18 X3D FB . 4.18 -31.51 24.88
O20 X3D FB . 1.37 -30.46 25.29
O24 X3D FB . 2.89 -31.15 26.41
O25 X3D FB . 2.62 -30.84 23.71
O27 X3D FB . 6.79 -34.57 24.70
O39 X3D FB . 9.00 -34.62 24.47
O40 X3D FB . 4.75 -31.49 28.51
P19 X3D FB . 2.54 -31.58 25.01
C17 X3D GB . 1.93 -27.72 9.24
C12 X3D GB . 5.08 -30.01 12.86
C16 X3D GB . 2.83 -28.52 10.18
C11 X3D GB . 5.29 -31.49 12.55
C28 X3D GB . 3.51 -31.12 7.79
C22 X3D GB . -0.26 -23.95 13.52
C21 X3D GB . -0.87 -24.65 12.31
C36 X3D GB . 5.93 -39.17 11.81
C35 X3D GB . 6.08 -37.74 11.31
C31 X3D GB . 4.80 -34.14 8.48
C14 X3D GB . 3.13 -28.44 12.52
C13 X3D GB . 3.63 -29.70 13.21
C10 X3D GB . 6.76 -31.88 12.56
C30 X3D GB . 4.03 -33.54 7.31
C29 X3D GB . 2.98 -32.55 7.79
C32 X3D GB . 4.95 -35.66 8.37
C34 X3D GB . 5.70 -37.59 9.85
C33 X3D GB . 6.03 -36.19 9.30
C37 X3D GB . 6.68 -39.41 13.12
C38 X3D GB . 6.58 -40.86 13.57
C01 X3D GB . 9.87 -37.59 21.34
C02 X3D GB . 9.80 -37.71 19.82
C03 X3D GB . 9.24 -36.47 19.15
C04 X3D GB . 9.11 -36.63 17.64
C05 X3D GB . 8.38 -35.45 16.99
C06 X3D GB . 8.76 -35.29 15.52
C07 X3D GB . 7.61 -34.71 14.70
C08 X3D GB . 8.09 -33.79 13.58
C09 X3D GB . 6.94 -33.40 12.66
C26 X3D GB . 2.99 -29.98 9.75
N23 X3D GB . -0.43 -24.78 14.71
O15 X3D GB . 2.22 -28.54 11.45
O18 X3D GB . 1.86 -26.41 9.73
O20 X3D GB . 0.02 -24.53 11.24
O24 X3D GB . 1.40 -25.94 11.66
O25 X3D GB . 0.43 -24.99 9.28
O27 X3D GB . 2.76 -30.10 8.37
O39 X3D GB . 4.57 -30.88 7.31
O40 X3D GB . 3.50 -27.37 12.88
P19 X3D GB . 0.46 -25.93 10.46
C17 X3D HB . -3.61 -19.19 -3.89
C12 X3D HB . -0.69 -23.16 -1.89
C16 X3D HB . -2.88 -20.44 -3.42
C11 X3D HB . -1.22 -24.51 -2.36
C28 X3D HB . -4.10 -22.54 -6.06
C22 X3D HB . -2.60 -15.88 1.14
C21 X3D HB . -3.80 -16.05 0.20
C36 X3D HB . -4.03 -31.58 -3.81
C35 X3D HB . -3.46 -30.23 -4.22
C31 X3D HB . -4.01 -25.91 -6.11
C14 X3D HB . -1.84 -20.96 -1.37
C13 X3D HB . -1.71 -22.43 -1.01
C10 X3D HB . -0.12 -25.39 -2.94
C30 X3D HB . -4.80 -24.83 -6.86
C29 X3D HB . -5.15 -23.65 -5.96
C32 X3D HB . -4.53 -27.31 -6.37
C34 X3D HB . -4.20 -29.64 -5.43
C33 X3D HB . -3.53 -28.37 -5.95
C37 X3D HB . -3.06 -32.34 -2.89
C38 X3D HB . -3.59 -33.72 -2.53
C01 X3D HB . 3.04 -33.54 3.62
C02 X3D HB . 2.45 -33.31 2.24
C03 X3D HB . 2.26 -31.83 1.92
C04 X3D HB . 1.60 -31.61 0.56
C05 X3D HB . 1.24 -30.16 0.31
C06 X3D HB . 1.16 -29.82 -1.18
C07 X3D HB . 0.15 -28.72 -1.47
C08 X3D HB . 0.57 -27.81 -2.62
C09 X3D HB . -0.55 -26.85 -3.01
C26 X3D HB . -3.47 -21.73 -3.99
N23 X3D HB . -2.70 -16.82 2.24
O15 X3D HB . -2.99 -20.51 -2.02
O18 X3D HB . -2.99 -18.07 -3.33
O20 X3D HB . -3.33 -16.03 -1.12
O24 X3D HB . -2.59 -17.89 -1.35
O25 X3D HB . -3.79 -16.18 -3.11
O27 X3D HB . -4.16 -21.46 -5.18
O39 X3D HB . -3.26 -22.60 -6.88
O40 X3D HB . -0.98 -20.20 -1.11
P19 X3D HB . -3.76 -17.29 -2.09
C17 X3D IB . -8.67 -6.49 -13.54
C12 X3D IB . -7.22 -11.57 -12.98
C16 X3D IB . -8.43 -7.99 -13.44
C11 X3D IB . -8.39 -12.51 -13.29
C28 X3D IB . -11.19 -8.92 -15.54
C22 X3D IB . -4.83 -4.86 -9.09
C21 X3D IB . -6.22 -4.39 -9.52
C36 X3D IB . -14.19 -17.59 -13.94
C35 X3D IB . -13.28 -16.48 -14.47
C31 X3D IB . -12.54 -11.98 -15.79
C14 X3D IB . -7.12 -9.25 -11.96
C13 X3D IB . -7.49 -10.71 -11.74
C10 X3D IB . -8.00 -13.60 -14.28
C30 X3D IB . -13.00 -10.58 -16.14
C29 X3D IB . -12.51 -9.56 -15.12
C32 X3D IB . -13.65 -13.02 -15.91
C34 X3D IB . -14.04 -15.44 -15.28
C33 X3D IB . -13.11 -14.45 -15.95
C37 X3D IB . -13.40 -18.82 -13.49
C38 X3D IB . -14.32 -19.95 -13.03
C01 X3D IB . -6.62 -23.46 -9.79
C02 X3D IB . -7.49 -22.77 -10.84
C03 X3D IB . -7.12 -21.29 -11.00
C04 X3D IB . -8.03 -20.57 -11.99
C05 X3D IB . -7.80 -19.08 -12.02
C06 X3D IB . -8.21 -18.45 -13.35
C07 X3D IB . -8.69 -17.01 -13.18
C08 X3D IB . -8.32 -16.12 -14.36
C09 X3D IB . -9.00 -14.75 -14.26
C26 X3D IB . -9.66 -8.83 -13.81
N23 X3D IB . -4.96 -5.91 -8.08
O15 X3D IB . -8.11 -8.28 -12.12
O18 X3D IB . -7.51 -5.82 -13.20
O20 X3D IB . -6.23 -4.30 -10.92
O24 X3D IB . -6.46 -6.20 -11.50
O25 X3D IB . -7.32 -3.85 -12.60
O27 X3D IB . -10.50 -8.10 -14.65
O39 X3D IB . -10.76 -9.12 -16.62
O40 X3D IB . -5.97 -8.95 -12.00
P19 X3D IB . -7.44 -5.07 -11.72
C17 X3D JB . -10.87 8.87 -19.61
C12 X3D JB . -11.56 3.61 -19.95
C16 X3D JB . -11.26 7.39 -19.70
C11 X3D JB . -13.03 3.23 -19.86
C28 X3D JB . -14.66 7.99 -20.67
C22 X3D JB . -5.51 8.01 -16.82
C21 X3D JB . -6.64 9.03 -16.67
C36 X3D JB . -20.29 0.86 -18.63
C35 X3D JB . -19.22 1.64 -19.39
C31 X3D JB . -17.15 5.74 -20.61
C14 X3D JB . -10.18 5.46 -18.91
C13 X3D JB . -11.04 4.22 -18.66
C10 X3D JB . -13.47 2.31 -20.99
C30 X3D JB . -17.08 7.27 -20.66
C29 X3D JB . -15.92 7.80 -19.83
C32 X3D JB . -18.57 5.23 -20.37
C34 X3D JB . -19.71 3.03 -19.78
C33 X3D JB . -18.70 3.75 -20.69
C37 X3D JB . -19.99 -0.64 -18.59
C38 X3D JB . -21.09 -1.43 -17.90
C01 X3D JB . -14.96 -8.08 -17.99
C02 X3D JB . -15.74 -6.91 -18.59
C03 X3D JB . -14.87 -5.68 -18.78
C04 X3D JB . -15.66 -4.49 -19.32
C05 X3D JB . -14.85 -3.21 -19.33
C06 X3D JB . -15.35 -2.21 -20.37
C07 X3D JB . -15.12 -0.77 -19.95
C08 X3D JB . -14.82 0.16 -21.12
C09 X3D JB . -14.79 1.63 -20.68
C26 X3D JB . -12.76 7.15 -19.64
N23 X3D JB . -5.73 6.90 -15.90
O15 X3D JB . -10.68 6.73 -18.61
O18 X3D JB . -9.48 8.97 -19.68
O20 X3D JB . -7.04 9.42 -17.95
O24 X3D JB . -8.21 7.89 -18.53
O25 X3D JB . -8.33 10.57 -19.08
O27 X3D JB . -13.44 8.30 -20.05
O39 X3D JB . -14.71 7.87 -21.85
O40 X3D JB . -9.09 5.34 -19.35
P19 X3D JB . -8.66 9.32 -18.30
C17 X3D KB . -8.28 24.82 -23.28
C12 X3D KB . -11.17 20.38 -23.74
C16 X3D KB . -9.25 23.64 -23.33
C11 X3D KB . -12.56 20.57 -23.15
C28 X3D KB . -12.21 25.64 -22.96
C22 X3D KB . -3.20 21.48 -22.69
C21 X3D KB . -3.69 22.79 -22.08
C36 X3D KB . -19.40 20.82 -19.53
C35 X3D KB . -18.39 21.30 -20.57
C31 X3D KB . -15.27 24.51 -22.16
C14 X3D KB . -8.90 21.33 -23.12
C13 X3D KB . -10.08 20.48 -22.67
C10 X3D KB . -13.66 20.13 -24.10
C30 X3D KB . -14.58 25.87 -22.13
C29 X3D KB . -13.11 25.75 -21.73
C32 X3D KB . -16.62 24.51 -21.45
C34 X3D KB . -18.34 22.82 -20.66
C33 X3D KB . -17.46 23.29 -21.82
C37 X3D KB . -19.75 19.34 -19.72
C38 X3D KB . -20.82 18.89 -18.73
C01 X3D KB . -18.39 10.62 -21.52
C02 X3D KB . -18.74 12.10 -21.71
C03 X3D KB . -17.53 12.95 -22.11
C04 X3D KB . -17.88 14.42 -22.24
C05 X3D KB . -16.64 15.28 -22.46
C06 X3D KB . -16.98 16.60 -23.17
C07 X3D KB . -16.06 17.73 -22.75
C08 X3D KB . -15.75 18.70 -23.88
C09 X3D KB . -14.98 19.93 -23.38
C26 X3D KB . -10.63 23.96 -22.75
N23 X3D KB . -3.58 20.36 -21.84
O15 X3D KB . -8.71 22.60 -22.57
O18 X3D KB . -7.07 24.42 -23.85
O20 X3D KB . -4.27 23.57 -23.08
O24 X3D KB . -6.08 22.73 -23.32
O25 X3D KB . -5.22 25.32 -23.58
O27 X3D KB . -10.85 25.34 -22.81
O39 X3D KB . -12.66 25.81 -24.04
O40 X3D KB . -8.15 20.90 -23.94
P19 X3D KB . -5.79 24.14 -22.84
C17 X3D LB . -11.55 5.64 15.12
C12 X3D LB . -16.31 3.50 16.10
C16 X3D LB . -12.93 5.14 15.55
C11 X3D LB . -16.94 4.10 17.36
C28 X3D LB . -13.72 8.03 17.53
C22 X3D LB . -9.63 0.34 12.76
C21 X3D LB . -8.97 1.44 13.60
C36 X3D LB . -20.10 6.27 24.07
C35 X3D LB . -19.55 6.55 22.67
C31 X3D LB . -16.18 8.26 19.80
C14 X3D LB . -13.91 3.02 15.44
C13 X3D LB . -15.04 2.72 16.42
C10 X3D LB . -18.36 4.58 17.11
C30 X3D LB . -14.90 9.05 19.52
C29 X3D LB . -13.78 8.13 19.05
C32 X3D LB . -16.83 8.66 21.12
C34 X3D LB . -18.67 7.80 22.63
C33 X3D LB . -18.27 8.16 21.21
C37 X3D LB . -21.27 5.29 24.05
C38 X3D LB . -21.87 5.09 25.44
C01 X3D LB . -26.04 -1.88 21.43
C02 X3D LB . -25.54 -0.45 21.52
C03 X3D LB . -24.38 -0.18 20.57
C04 X3D LB . -23.82 1.23 20.71
C05 X3D LB . -22.55 1.45 19.91
C06 X3D LB . -22.34 2.92 19.54
C07 X3D LB . -20.86 3.27 19.44
C08 X3D LB . -20.56 4.31 18.36
C09 X3D LB . -19.12 4.79 18.43
C26 X3D LB . -13.47 5.85 16.79
N23 X3D LB . -10.18 -0.68 13.63
O15 X3D LB . -12.83 3.79 15.84
O18 X3D LB . -11.15 4.94 13.98
O20 X3D LB . -9.35 2.67 13.08
O24 X3D LB . -11.21 2.91 13.83
O25 X3D LB . -9.24 4.72 13.25
O27 X3D LB . -12.87 7.11 16.92
O39 X3D LB . -14.39 8.74 16.87
O40 X3D LB . -13.98 2.59 14.34
P19 X3D LB . -10.01 3.78 14.13
C17 X3D MB . -0.70 39.26 -26.77
C12 X3D MB . -5.14 36.38 -26.40
C16 X3D MB . -2.03 38.56 -26.53
C11 X3D MB . -6.06 36.92 -25.32
C28 X3D MB . -3.59 41.35 -24.93
C22 X3D MB . 2.43 34.27 -28.39
C21 X3D MB . 2.76 35.50 -27.55
C36 X3D MB . -10.62 38.84 -19.36
C35 X3D MB . -9.89 39.13 -20.67
C31 X3D MB . -6.41 41.25 -23.10
C14 X3D MB . -2.62 36.28 -26.63
C13 X3D MB . -3.83 35.83 -25.83
C10 X3D MB . -7.48 37.13 -25.81
C30 X3D MB . -5.25 42.23 -23.23
C29 X3D MB . -3.93 41.51 -23.45
C32 X3D MB . -7.33 41.59 -21.93
C34 X3D MB . -9.24 40.51 -20.67
C33 X3D MB . -8.67 40.86 -22.03
C37 X3D MB . -11.60 37.66 -19.50
C38 X3D MB . -12.38 37.41 -18.22
C01 X3D MB . -14.63 29.65 -22.29
C02 X3D MB . -14.38 31.15 -22.24
C03 X3D MB . -13.13 31.57 -23.00
C04 X3D MB . -12.85 33.07 -22.89
C05 X3D MB . -11.51 33.46 -23.49
C06 X3D MB . -11.48 34.93 -23.92
C07 X3D MB . -10.08 35.52 -23.81
C08 X3D MB . -9.79 36.54 -24.91
C09 X3D MB . -8.46 37.27 -24.65
C26 X3D MB . -2.87 39.21 -25.45
N23 X3D MB . 1.93 33.21 -27.55
O15 X3D MB . -1.75 37.25 -26.12
O18 X3D MB . 0.00 38.58 -27.79
O20 X3D MB . 2.27 36.63 -28.20
O24 X3D MB . 0.31 36.58 -27.78
O25 X3D MB . 2.03 38.67 -28.18
O27 X3D MB . -2.51 40.56 -25.31
O39 X3D MB . -4.26 41.90 -25.74
O40 X3D MB . -2.42 35.81 -27.70
P19 X3D MB . 1.29 37.64 -27.35
C17 X3D NB . 10.71 50.14 -32.05
C12 X3D NB . 5.86 49.05 -30.21
C16 X3D NB . 9.37 49.94 -31.38
C11 X3D NB . 5.65 49.64 -28.81
C28 X3D NB . 9.70 52.70 -29.12
C22 X3D NB . 10.78 44.81 -35.05
C21 X3D NB . 11.84 45.64 -34.32
C36 X3D NB . 4.49 51.79 -21.47
C35 X3D NB . 4.81 52.07 -22.93
C31 X3D NB . 7.87 53.25 -26.36
C14 X3D NB . 7.89 48.10 -31.38
C13 X3D NB . 6.93 47.97 -30.19
C10 X3D NB . 4.36 50.47 -28.71
C30 X3D NB . 9.21 53.75 -26.87
C29 X3D NB . 9.97 52.66 -27.61
C32 X3D NB . 7.60 53.65 -24.92
C34 X3D NB . 5.93 53.09 -23.10
C33 X3D NB . 6.12 53.49 -24.55
C37 X3D NB . 3.14 51.11 -21.29
C38 X3D NB . 2.78 50.89 -19.82
C01 X3D NB . -3.66 45.51 -23.21
C02 X3D NB . -2.81 46.78 -23.15
C03 X3D NB . -1.82 46.87 -24.31
C04 X3D NB . -0.94 48.11 -24.22
C05 X3D NB . 0.17 48.10 -25.27
C06 X3D NB . 0.66 49.51 -25.59
C07 X3D NB . 2.13 49.52 -25.98
C08 X3D NB . 2.46 50.57 -27.04
C09 X3D NB . 3.96 50.70 -27.25
C26 X3D NB . 9.27 50.61 -30.01
N23 X3D NB . 10.18 43.86 -34.13
O15 X3D NB . 9.19 48.56 -31.17
O18 X3D NB . 10.69 49.49 -33.30
O20 X3D NB . 11.68 46.98 -34.67
O24 X3D NB . 10.13 47.56 -33.54
O25 X3D NB . 12.33 48.92 -34.43
O27 X3D NB . 10.17 51.67 -29.94
O39 X3D NB . 9.11 53.61 -29.59
O40 X3D NB . 7.52 47.82 -32.46
P19 X3D NB . 11.53 48.08 -33.45
C17 X3D OB . -12.50 -36.16 15.53
C12 X3D OB . -9.84 -40.44 17.22
C16 X3D OB . -11.86 -37.49 15.92
C11 X3D OB . -10.54 -41.73 16.78
C28 X3D OB . -13.49 -39.40 13.35
C22 X3D OB . -10.78 -33.08 20.52
C21 X3D OB . -12.05 -33.12 19.68
C36 X3D OB . -14.13 -48.45 15.44
C35 X3D OB . -13.47 -47.14 15.00
C31 X3D OB . -13.73 -42.74 13.24
C14 X3D OB . -10.72 -38.15 17.86
C13 X3D OB . -10.71 -39.64 18.20
C10 X3D OB . -9.58 -42.69 16.10
C30 X3D OB . -14.47 -41.59 12.57
C29 X3D OB . -14.63 -40.40 13.51
C32 X3D OB . -14.42 -44.09 13.00
C34 X3D OB . -14.24 -46.46 13.87
C33 X3D OB . -13.48 -45.26 13.32
C37 X3D OB . -13.18 -49.32 16.27
C38 X3D OB . -13.81 -50.66 16.64
C01 X3D OB . -6.74 -51.26 22.25
C02 X3D OB . -7.42 -50.95 20.92
C03 X3D OB . -7.48 -49.45 20.64
C04 X3D OB . -8.23 -49.14 19.34
C05 X3D OB . -8.44 -47.65 19.14
C06 X3D OB . -8.61 -47.28 17.67
C07 X3D OB . -9.52 -46.06 17.49
C08 X3D OB . -9.11 -45.18 16.32
C09 X3D OB . -10.16 -44.10 16.03
C26 X3D OB . -12.61 -38.70 15.38
N23 X3D OB . -10.88 -34.04 21.61
O15 X3D OB . -11.87 -37.57 17.31
O18 X3D OB . -11.73 -35.12 16.06
O20 X3D OB . -11.68 -33.12 18.33
O24 X3D OB . -11.16 -35.03 18.00
O25 X3D OB . -12.32 -33.17 16.37
O27 X3D OB . -13.35 -38.34 14.25
O39 X3D OB . -12.71 -39.52 12.46
O40 X3D OB . -9.76 -37.49 18.07
P19 X3D OB . -12.31 -34.30 17.36
C17 X3D PB . -17.24 -22.78 6.81
C12 X3D PB . -16.21 -27.98 7.12
C16 X3D PB . -17.11 -24.30 6.86
C11 X3D PB . -17.47 -28.81 6.88
C28 X3D PB . -20.11 -24.90 4.96
C22 X3D PB . -12.92 -21.67 10.99
C21 X3D PB . -14.29 -21.05 10.68
C36 X3D PB . -23.74 -33.34 6.56
C35 X3D PB . -22.78 -32.29 5.98
C31 X3D PB . -21.74 -27.83 4.73
C14 X3D PB . -15.81 -25.72 8.19
C13 X3D PB . -16.30 -27.15 8.39
C10 X3D PB . -17.26 -29.89 5.83
C30 X3D PB . -22.10 -26.38 4.46
C29 X3D PB . -21.44 -25.44 5.47
C32 X3D PB . -22.95 -28.76 4.68
C34 X3D PB . -23.50 -31.16 5.27
C33 X3D PB . -22.54 -30.23 4.55
C37 X3D PB . -23.03 -34.64 6.90
C38 X3D PB . -24.00 -35.70 7.41
C01 X3D PB . -16.45 -39.99 9.91
C02 X3D PB . -17.32 -39.19 8.95
C03 X3D PB . -16.83 -37.74 8.82
C04 X3D PB . -17.75 -36.92 7.91
C05 X3D PB . -17.38 -35.44 7.92
C06 X3D PB . -17.84 -34.74 6.63
C07 X3D PB . -18.17 -33.27 6.88
C08 X3D PB . -17.82 -32.37 5.70
C09 X3D PB . -18.36 -30.96 5.89
C26 X3D PB . -18.43 -25.01 6.56
N23 X3D PB . -13.06 -22.72 11.97
O15 X3D PB . -16.72 -24.66 8.14
O18 X3D PB . -15.99 -22.23 7.09
O20 X3D PB . -14.40 -20.90 9.30
O24 X3D PB . -14.83 -22.76 8.68
O25 X3D PB . -15.57 -20.31 7.72
O27 X3D PB . -19.27 -24.18 5.81
O39 X3D PB . -19.78 -25.11 3.85
O40 X3D PB . -14.65 -25.51 8.06
P19 X3D PB . -15.72 -21.54 8.57
C17 X3D QB . -18.50 -7.09 1.37
C12 X3D QB . -19.68 -12.25 0.94
C16 X3D QB . -19.01 -8.52 1.28
C11 X3D QB . -21.17 -12.49 1.14
C28 X3D QB . -22.42 -7.59 0.60
C22 X3D QB . -13.03 -8.51 3.70
C21 X3D QB . -14.04 -7.40 3.97
C36 X3D QB . -28.50 -14.26 2.89
C35 X3D QB . -27.43 -13.54 2.07
C31 X3D QB . -25.10 -9.61 0.81
C14 X3D QB . -18.06 -10.56 1.93
C13 X3D QB . -19.01 -11.73 2.21
C10 X3D QB . -21.77 -13.34 0.01
C30 X3D QB . -24.88 -8.10 0.79
C29 X3D QB . -23.61 -7.70 1.53
C32 X3D QB . -26.53 -10.00 1.14
C34 X3D QB . -27.80 -12.10 1.75
C33 X3D QB . -26.82 -11.45 0.79
C37 X3D QB . -28.33 -15.77 2.86
C38 X3D QB . -29.44 -16.50 3.62
C01 X3D QB . -23.96 -23.66 2.85
C02 X3D QB . -24.67 -22.41 2.34
C03 X3D QB . -23.71 -21.24 2.12
C04 X3D QB . -24.44 -19.97 1.68
C05 X3D QB . -23.51 -18.76 1.64
C06 X3D QB . -24.01 -17.69 0.67
C07 X3D QB . -23.62 -16.29 1.11
C08 X3D QB . -23.32 -15.35 -0.05
C09 X3D QB . -23.13 -13.91 0.42
C26 X3D QB . -20.53 -8.63 1.45
N23 X3D QB . -13.28 -9.63 4.60
O15 X3D QB . -18.41 -9.27 2.29
O18 X3D QB . -17.11 -7.10 1.19
O20 X3D QB . -14.52 -6.93 2.74
O24 X3D QB . -15.85 -8.33 2.22
O25 X3D QB . -15.78 -5.63 1.76
O27 X3D QB . -21.13 -7.41 1.12
O39 X3D QB . -22.57 -7.66 -0.57
O40 X3D QB . -17.02 -10.78 1.40
P19 X3D QB . -16.14 -6.88 2.52
C17 X3D RB . -14.81 8.76 -2.18
C12 X3D RB . -18.09 4.58 -2.47
C16 X3D RB . -15.87 7.67 -2.17
C11 X3D RB . -19.39 4.87 -1.75
C28 X3D RB . -18.60 9.88 -1.46
C22 X3D RB . -9.98 5.00 -2.15
C21 X3D RB . -10.31 6.32 -1.46
C36 X3D RB . -25.83 5.56 2.50
C35 X3D RB . -24.88 5.98 1.38
C31 X3D RB . -21.65 8.98 -0.40
C14 X3D RB . -15.70 5.32 -2.06
C13 X3D RB . -16.89 4.56 -1.51
C10 X3D RB . -20.61 4.56 -2.62
C30 X3D RB . -20.86 10.28 -0.40
C29 X3D RB . -19.38 10.03 -0.16
C32 X3D RB . -22.93 9.07 0.42
C34 X3D RB . -24.70 7.50 1.32
C33 X3D RB . -23.90 7.93 0.11
C37 X3D RB . -26.32 4.12 2.31
C38 X3D RB . -27.33 3.72 3.38
C01 X3D RB . -25.86 -4.61 0.16
C02 X3D RB . -26.10 -3.12 0.03
C03 X3D RB . -24.88 -2.36 -0.45
C04 X3D RB . -25.11 -0.85 -0.51
C05 X3D RB . -23.83 -0.08 -0.81
C06 X3D RB . -24.12 1.28 -1.45
C07 X3D RB . -23.05 2.31 -1.10
C08 X3D RB . -22.79 3.30 -2.23
C09 X3D RB . -21.88 4.44 -1.77
C26 X3D RB . -17.15 8.07 -1.45
N23 X3D RB . -10.38 3.88 -1.31
O15 X3D RB . -15.34 6.56 -1.49
O18 X3D RB . -13.68 8.29 -2.86
O20 X3D RB . -10.91 7.17 -2.39
O24 X3D RB . -12.79 6.49 -2.47
O25 X3D RB . -11.76 9.01 -2.75
O27 X3D RB . -17.27 9.47 -1.44
O39 X3D RB . -19.13 10.12 -2.50
O40 X3D RB . -15.06 4.87 -2.94
P19 X3D RB . -12.34 7.86 -1.98
C17 X3D SB . -6.22 22.55 -5.77
C12 X3D SB . -10.86 20.03 -5.11
C16 X3D SB . -7.59 21.95 -5.44
C11 X3D SB . -11.64 20.62 -3.95
C28 X3D SB . -8.80 24.83 -3.66
C22 X3D SB . -3.66 17.37 -7.72
C21 X3D SB . -3.16 18.54 -6.88
C36 X3D SB . -15.58 22.75 2.38
C35 X3D SB . -14.92 23.02 1.02
C31 X3D SB . -11.47 24.91 -1.63
C14 X3D SB . -8.38 19.74 -5.54
C13 X3D SB . -9.55 19.38 -4.65
C10 X3D SB . -13.08 20.96 -4.32
C30 X3D SB . -10.24 25.80 -1.83
C29 X3D SB . -9.00 24.98 -2.16
C32 X3D SB . -12.27 25.30 -0.39
C34 X3D SB . -14.16 24.34 1.00
C33 X3D SB . -13.66 24.69 -0.40
C37 X3D SB . -16.64 21.66 2.30
C38 X3D SB . -17.34 21.45 3.63
C01 X3D SB . -20.53 14.00 -0.40
C02 X3D SB . -20.16 15.48 -0.34
C03 X3D SB . -18.93 15.80 -1.20
C04 X3D SB . -18.53 17.27 -1.06
C05 X3D SB . -17.21 17.57 -1.77
C06 X3D SB . -17.08 19.04 -2.18
C07 X3D SB . -15.64 19.51 -2.16
C08 X3D SB . -15.34 20.54 -3.26
C09 X3D SB . -13.95 21.14 -3.08
C26 X3D SB . -8.30 22.66 -4.28
N23 X3D SB . -4.19 16.33 -6.85
O15 X3D SB . -7.39 20.61 -5.07
O18 X3D SB . -5.67 21.85 -6.84
O20 X3D SB . -3.61 19.73 -7.48
O24 X3D SB . -5.53 19.82 -6.91
O25 X3D SB . -3.69 21.78 -7.39
O27 X3D SB . -7.82 23.96 -4.15
O39 X3D SB . -9.47 25.45 -4.42
O40 X3D SB . -8.29 19.28 -6.63
P19 X3D SB . -4.44 20.79 -6.53
C17 X3D TB . 5.68 32.73 -11.51
C12 X3D TB . 0.90 31.96 -9.32
C16 X3D TB . 4.37 32.60 -10.73
C11 X3D TB . 0.85 32.51 -7.91
C28 X3D TB . 5.11 35.25 -8.43
C22 X3D TB . 5.09 27.52 -14.67
C21 X3D TB . 6.27 28.24 -13.99
C36 X3D TB . 0.41 34.46 -0.43
C35 X3D TB . 0.64 34.77 -1.91
C31 X3D TB . 3.52 35.84 -5.52
C14 X3D TB . 2.75 30.89 -10.69
C13 X3D TB . 1.88 30.79 -9.44
C10 X3D TB . -0.36 33.42 -7.68
C30 X3D TB . 4.87 36.25 -6.12
C29 X3D TB . 5.48 35.13 -6.95
C32 X3D TB . 3.40 36.20 -4.05
C34 X3D TB . 1.82 35.70 -2.12
C33 X3D TB . 1.95 36.15 -3.57
C37 X3D TB . -0.98 33.88 -0.17
C38 X3D TB . -1.24 33.65 1.31
C01 X3D TB . -8.33 28.92 -1.73
C02 X3D TB . -7.38 30.11 -1.71
C03 X3D TB . -6.48 30.17 -2.93
C04 X3D TB . -5.49 31.32 -2.87
C05 X3D TB . -4.46 31.26 -4.00
C06 X3D TB . -3.88 32.65 -4.31
C07 X3D TB . -2.44 32.56 -4.82
C08 X3D TB . -2.12 33.62 -5.87
C09 X3D TB . -0.63 33.64 -6.20
C26 X3D TB . 4.43 33.23 -9.35
N23 X3D TB . 4.48 26.59 -13.75
O15 X3D TB . 4.10 31.23 -10.56
O18 X3D TB . 5.52 32.12 -12.76
O20 X3D TB . 6.19 29.60 -14.29
O24 X3D TB . 4.78 30.25 -13.03
O25 X3D TB . 7.01 31.47 -14.03
O27 X3D TB . 5.42 34.22 -9.32
O39 X3D TB . 4.55 36.22 -8.82
O40 X3D TB . 2.28 30.68 -11.75
P19 X3D TB . 6.23 30.66 -13.03
C17 X3D UB . 18.11 38.51 -20.72
C12 X3D UB . 14.45 39.17 -16.92
C16 X3D UB . 17.20 38.73 -19.51
C11 X3D UB . 15.10 39.39 -15.57
C28 X3D UB . 19.69 40.36 -17.51
C22 X3D UB . 14.38 34.70 -23.69
C21 X3D UB . 15.90 34.76 -23.48
C36 X3D UB . 17.97 39.77 -8.38
C35 X3D UB . 17.82 40.27 -9.82
C31 X3D UB . 19.53 40.89 -14.20
C14 X3D UB . 15.12 37.79 -18.94
C13 X3D UB . 14.74 37.77 -17.47
C10 X3D UB . 14.54 40.62 -14.85
C30 X3D UB . 20.66 40.87 -15.24
C29 X3D UB . 20.43 39.81 -16.29
C32 X3D UB . 20.06 40.96 -12.77
C34 X3D UB . 19.14 40.70 -10.42
C33 X3D UB . 18.97 41.37 -11.79
C37 X3D UB . 16.62 39.72 -7.66
C38 X3D UB . 16.78 39.29 -6.20
C01 X3D UB . 7.78 38.33 -6.59
C02 X3D UB . 9.10 39.05 -6.85
C03 X3D UB . 9.49 39.01 -8.33
C04 X3D UB . 10.85 39.67 -8.58
C05 X3D UB . 11.33 39.46 -10.02
C06 X3D UB . 12.31 40.56 -10.44
C07 X3D UB . 13.32 40.04 -11.47
C08 X3D UB . 13.71 41.09 -12.50
C09 X3D UB . 14.87 40.61 -13.36
C26 X3D UB . 17.97 38.99 -18.21
N23 X3D UB . 13.77 33.89 -22.66
O15 X3D UB . 16.44 37.57 -19.32
O18 X3D UB . 17.31 38.29 -21.85
O20 X3D UB . 16.31 36.08 -23.65
O24 X3D UB . 15.80 36.94 -21.91
O25 X3D UB . 17.89 37.41 -23.62
O27 X3D UB . 19.24 39.49 -18.51
O39 X3D UB . 19.52 41.53 -17.61
O40 X3D UB . 14.29 38.01 -19.76
P19 X3D UB . 17.21 36.75 -22.43
C17 X3D VB . 28.27 41.60 -33.45
C12 X3D VB . 26.62 42.69 -28.51
C16 X3D VB . 27.97 41.87 -31.98
C11 X3D VB . 27.70 42.35 -27.49
C28 X3D VB . 31.40 41.98 -30.96
C22 X3D VB . 22.55 40.18 -35.07
C21 X3D VB . 23.93 39.63 -35.44
C36 X3D VB . 32.55 40.05 -21.92
C35 X3D VB . 32.18 40.87 -23.15
C31 X3D VB . 32.53 41.78 -27.79
C14 X3D VB . 25.98 41.66 -30.74
C13 X3D VB . 26.11 41.44 -29.24
C10 X3D VB . 27.96 43.52 -26.53
C30 X3D VB . 33.16 41.59 -29.18
C29 X3D VB . 32.17 40.94 -30.15
C32 X3D VB . 33.46 41.33 -26.67
C34 X3D VB . 33.31 40.92 -24.18
C33 X3D VB . 33.01 41.87 -25.31
C37 X3D VB . 31.62 40.33 -20.74
C38 X3D VB . 32.03 39.57 -19.49
C01 X3D VB . 23.86 42.07 -16.51
C02 X3D VB . 25.20 42.30 -17.21
C03 X3D VB . 25.05 42.45 -18.72
C04 X3D VB . 26.40 42.59 -19.42
C05 X3D VB . 26.27 42.56 -20.94
C06 X3D VB . 27.43 43.28 -21.63
C07 X3D VB . 27.75 42.68 -22.98
C08 X3D VB . 28.20 43.71 -24.01
C09 X3D VB . 28.71 43.05 -25.29
C26 X3D VB . 29.14 41.53 -31.05
N23 X3D VB . 22.01 39.46 -33.94
O15 X3D VB . 26.89 41.05 -31.60
O18 X3D VB . 27.14 41.95 -34.20
O20 X3D VB . 24.79 40.72 -35.65
O24 X3D VB . 25.26 41.29 -33.79
O25 X3D VB . 26.70 41.33 -36.12
O27 X3D VB . 30.34 41.59 -31.77
O39 X3D VB . 31.72 43.12 -30.90
O40 X3D VB . 25.11 42.33 -31.17
P19 X3D VB . 26.21 40.73 -34.82
C17 X3D WB . 0.73 14.74 8.65
C12 X3D WB . -3.90 14.37 11.23
C16 X3D WB . -0.51 14.71 9.53
C11 X3D WB . -3.78 14.88 12.65
C28 X3D WB . 0.67 17.21 11.82
C22 X3D WB . -0.62 9.73 5.44
C21 X3D WB . 0.67 10.30 6.03
C36 X3D WB . -3.40 16.64 20.18
C35 X3D WB . -3.26 16.97 18.70
C31 X3D WB . -0.60 17.86 14.86
C14 X3D WB . -2.28 13.17 9.69
C13 X3D WB . -3.05 13.12 11.00
C10 X3D WB . -4.87 15.90 13.00
C30 X3D WB . 0.72 18.16 14.17
C29 X3D WB . 1.15 17.01 13.26
C32 X3D WB . -0.57 18.19 16.36
C34 X3D WB . -2.01 17.79 18.40
C33 X3D WB . -1.98 18.27 16.95
C37 X3D WB . -4.82 16.19 20.54
C38 X3D WB . -4.97 15.93 22.04
C01 X3D WB . -12.73 12.01 19.51
C02 X3D WB . -11.67 13.10 19.48
C03 X3D WB . -10.86 13.10 18.18
C04 X3D WB . -9.76 14.16 18.18
C05 X3D WB . -8.84 14.04 16.96
C06 X3D WB . -8.16 15.36 16.63
C07 X3D WB . -6.79 15.16 16.01
C08 X3D WB . -6.45 16.21 14.96
C09 X3D WB . -4.99 16.09 14.51
C26 X3D WB . -0.28 15.30 10.92
N23 X3D WB . -1.25 8.82 6.39
O15 X3D WB . -0.90 13.39 9.70
O18 X3D WB . 0.41 14.20 7.41
O20 X3D WB . 0.70 11.67 5.77
O24 X3D WB . -0.54 12.42 7.17
O25 X3D WB . 1.72 13.45 6.00
O27 X3D WB . 0.80 16.19 10.90
O39 X3D WB . 0.18 18.24 11.51
O40 X3D WB . -2.86 13.06 8.66
P19 X3D WB . 0.95 12.69 7.04
C17 X3D XB . 13.02 20.16 -1.14
C12 X3D XB . 9.69 20.94 2.93
C16 X3D XB . 12.21 20.39 0.14
C11 X3D XB . 10.46 21.07 4.25
C28 X3D XB . 14.96 21.76 2.00
C22 X3D XB . 8.79 16.76 -3.96
C21 X3D XB . 10.31 16.70 -3.85
C36 X3D XB . 13.84 20.93 11.21
C35 X3D XB . 13.63 21.49 9.80
C31 X3D XB . 15.09 22.16 5.33
C14 X3D XB . 10.11 19.60 0.82
C13 X3D XB . 9.84 19.55 2.33
C10 X3D XB . 10.04 22.31 5.04
C30 X3D XB . 16.13 22.11 4.22
C29 X3D XB . 15.74 21.10 3.14
C32 X3D XB . 15.72 22.14 6.73
C34 X3D XB . 14.95 21.85 9.12
C33 X3D XB . 14.73 22.58 7.80
C37 X3D XB . 12.56 20.96 12.03
C38 X3D XB . 12.78 20.47 13.46
C01 X3D XB . 3.73 20.21 13.71
C02 X3D XB . 5.08 20.84 13.37
C03 X3D XB . 5.37 20.83 11.87
C04 X3D XB . 6.75 21.38 11.53
C05 X3D XB . 7.10 21.21 10.07
C06 X3D XB . 8.13 22.23 9.60
C07 X3D XB . 9.03 21.68 8.49
C08 X3D XB . 9.43 22.74 7.47
C09 X3D XB . 10.49 22.20 6.50
C26 X3D XB . 13.08 20.55 1.39
N23 X3D XB . 8.19 15.96 -2.90
O15 X3D XB . 11.38 19.29 0.34
O18 X3D XB . 12.13 20.04 -2.21
O20 X3D XB . 10.82 17.98 -4.01
O24 X3D XB . 10.51 18.82 -2.20
O25 X3D XB . 12.50 19.19 -4.05
O27 X3D XB . 14.37 20.96 1.02
O39 X3D XB . 14.88 22.93 1.95
O40 X3D XB . 9.24 19.90 0.08
P19 X3D XB . 11.85 18.55 -2.84
C17 X3D YB . 27.25 24.10 -30.27
C12 X3D YB . 28.31 24.47 -25.08
C16 X3D YB . 27.68 24.08 -28.80
C11 X3D YB . 29.38 23.46 -24.66
C28 X3D YB . 30.84 22.48 -29.43
C22 X3D YB . 21.44 25.67 -29.21
C21 X3D YB . 22.11 24.71 -30.19
C36 X3D YB . 34.15 17.98 -21.99
C35 X3D YB . 33.80 19.17 -22.88
C31 X3D YB . 32.80 21.02 -27.13
C14 X3D YB . 26.47 24.41 -26.82
C13 X3D YB . 27.03 23.77 -25.54
C10 X3D YB . 30.51 24.10 -23.87
C30 X3D YB . 32.69 20.95 -28.66
C29 X3D YB . 31.23 21.05 -29.12
C32 X3D YB . 33.73 19.96 -26.57
C34 X3D YB . 34.33 19.00 -24.29
C33 X3D YB . 34.14 20.27 -25.13
C37 X3D YB . 33.98 18.32 -20.50
C38 X3D YB . 34.40 17.15 -19.61
C01 X3D YB . 30.27 21.98 -13.16
C02 X3D YB . 31.19 21.79 -14.37
C03 X3D YB . 30.58 22.38 -15.64
C04 X3D YB . 31.46 22.12 -16.87
C05 X3D YB . 30.78 22.54 -18.16
C06 X3D YB . 31.78 22.87 -19.26
C07 X3D YB . 31.24 22.56 -20.65
C08 X3D YB . 31.73 23.53 -21.71
C09 X3D YB . 31.33 23.07 -23.12
C26 X3D YB . 28.79 23.06 -28.52
N23 X3D YB . 21.07 24.97 -27.99
O15 X3D YB . 26.57 23.72 -28.03
O18 X3D YB . 26.24 25.07 -30.42
O20 X3D YB . 23.25 25.35 -30.71
O24 X3D YB . 24.59 25.17 -29.23
O25 X3D YB . 24.88 25.22 -31.96
O27 X3D YB . 29.50 22.80 -29.69
O39 X3D YB . 31.66 23.34 -29.46
O40 X3D YB . 25.94 25.46 -26.77
P19 X3D YB . 24.69 24.56 -30.61
C17 X3D ZB . 27.54 27.02 -46.70
C12 X3D ZB . 30.15 25.91 -42.21
C16 X3D ZB . 28.34 26.54 -45.49
C11 X3D ZB . 30.78 24.52 -42.27
C28 X3D ZB . 30.22 24.09 -47.31
C22 X3D ZB . 23.49 30.32 -43.54
C21 X3D ZB . 23.38 29.40 -44.75
C36 X3D ZB . 33.47 17.27 -41.86
C35 X3D ZB . 33.40 18.66 -42.48
C31 X3D ZB . 32.00 21.58 -45.96
C14 X3D ZB . 28.02 26.87 -43.18
C13 X3D ZB . 28.63 25.83 -42.24
C10 X3D ZB . 32.26 24.54 -41.88
C30 X3D ZB . 31.42 21.86 -47.35
C29 X3D ZB . 30.08 22.56 -47.26
C32 X3D ZB . 32.54 20.15 -45.85
C34 X3D ZB . 33.36 18.60 -44.00
C33 X3D ZB . 33.45 19.99 -44.63
C37 X3D ZB . 33.90 17.32 -40.40
C38 X3D ZB . 34.06 15.94 -39.79
C01 X3D ZB . 34.40 20.49 -31.98
C02 X3D ZB . 34.75 20.24 -33.44
C03 X3D ZB . 34.08 21.25 -34.37
C04 X3D ZB . 34.37 20.96 -35.84
C05 X3D ZB . 33.57 21.85 -36.78
C06 X3D ZB . 34.24 22.01 -38.14
C07 X3D ZB . 33.23 22.20 -39.26
C08 X3D ZB . 33.72 23.14 -40.36
C09 X3D ZB . 32.77 23.15 -41.56
C26 X3D ZB . 28.96 25.16 -45.69
N23 X3D ZB . 23.24 29.56 -42.33
O15 X3D ZB . 27.47 26.45 -44.40
O18 X3D ZB . 27.02 28.29 -46.42
O20 X3D ZB . 24.46 29.69 -45.60
O24 X3D ZB . 25.99 28.74 -44.72
O25 X3D ZB . 25.44 29.22 -47.35
O27 X3D ZB . 29.12 24.90 -47.05
O39 X3D ZB . 31.27 24.56 -47.56
O40 X3D ZB . 28.01 28.01 -42.88
P19 X3D ZB . 25.42 28.43 -46.08
C17 X3D AC . -16.75 -11.46 35.94
C12 X3D AC . -21.60 -13.20 37.25
C16 X3D AC . -18.14 -11.85 36.46
C11 X3D AC . -22.07 -12.59 38.56
C28 X3D AC . -18.50 -8.97 38.58
C22 X3D AC . -15.52 -16.82 33.29
C21 X3D AC . -14.69 -15.82 34.10
C36 X3D AC . -24.48 -10.38 45.58
C35 X3D AC . -24.02 -10.11 44.14
C31 X3D AC . -20.75 -8.61 41.05
C14 X3D AC . -19.32 -13.88 36.38
C13 X3D AC . -20.39 -14.11 37.44
C10 X3D AC . -23.46 -11.98 38.45
C30 X3D AC . -19.43 -7.93 40.69
C29 X3D AC . -18.43 -8.92 40.11
C32 X3D AC . -21.26 -8.20 42.43
C34 X3D AC . -23.04 -8.94 44.06
C33 X3D AC . -22.73 -8.57 42.62
C37 X3D AC . -25.74 -11.26 45.62
C38 X3D AC . -26.25 -11.47 47.04
C01 X3D AC . -31.33 -17.89 43.20
C02 X3D AC . -30.69 -16.50 43.28
C03 X3D AC . -29.58 -16.31 42.25
C04 X3D AC . -28.90 -14.95 42.38
C05 X3D AC . -27.69 -14.83 41.48
C06 X3D AC . -27.36 -13.38 41.14
C07 X3D AC . -25.87 -13.15 40.93
C08 X3D AC . -25.57 -12.11 39.86
C09 X3D AC . -24.08 -11.76 39.82
C26 X3D AC . -18.51 -11.14 37.77
N23 X3D AC . -16.08 -17.82 34.17
O15 X3D AC . -18.13 -13.22 36.72
O18 X3D AC . -16.52 -12.15 34.76
O20 X3D AC . -15.00 -14.53 33.66
O24 X3D AC . -16.76 -14.16 34.55
O25 X3D AC . -14.69 -12.51 33.87
O27 X3D AC . -17.78 -9.95 37.89
O39 X3D AC . -19.16 -8.19 38.00
O40 X3D AC . -19.49 -14.25 35.27
P19 X3D AC . -15.46 -13.42 34.78
C17 X3D BC . -4.21 -3.08 28.89
C12 X3D BC . -8.66 -3.18 31.79
C16 X3D BC . -5.39 -3.04 29.86
C11 X3D BC . -8.40 -2.73 33.22
C28 X3D BC . -3.84 -0.74 32.14
C22 X3D BC . -6.21 -7.85 25.62
C21 X3D BC . -4.83 -7.40 26.13
C36 X3D BC . -7.34 -1.31 40.76
C35 X3D BC . -7.27 -0.94 39.27
C31 X3D BC . -4.83 -0.12 35.29
C14 X3D BC . -7.26 -4.43 30.09
C13 X3D BC . -7.94 -4.48 31.46
C10 X3D BC . -9.36 -1.64 33.68
C30 X3D BC . -3.54 0.11 34.51
C29 X3D BC . -3.28 -1.04 33.53
C32 X3D BC . -4.66 0.16 36.78
C34 X3D BC . -5.99 -0.21 38.91
C33 X3D BC . -6.01 0.32 37.49
C37 X3D BC . -8.75 -1.66 41.21
C38 X3D BC . -8.82 -1.96 42.70
C01 X3D BC . -17.03 -5.15 40.63
C02 X3D BC . -15.89 -4.14 40.55
C03 X3D BC . -15.18 -4.15 39.20
C04 X3D BC . -14.00 -3.20 39.15
C05 X3D BC . -13.20 -3.34 37.87
C06 X3D BC . -12.42 -2.06 37.54
C07 X3D BC . -11.12 -2.36 36.79
C08 X3D BC . -10.77 -1.29 35.77
C09 X3D BC . -9.37 -1.51 35.20
C26 X3D BC . -5.00 -2.53 31.25
N23 X3D BC . -6.82 -8.73 26.59
O15 X3D BC . -5.87 -4.34 30.00
O18 X3D BC . -4.67 -3.55 27.66
O20 X3D BC . -4.70 -6.02 25.92
O24 X3D BC . -5.77 -5.24 27.43
O25 X3D BC . -3.54 -4.34 26.13
O27 X3D BC . -3.85 -1.74 31.17
O39 X3D BC . -4.26 0.34 31.90
O40 X3D BC . -7.92 -4.48 29.10
P19 X3D BC . -4.29 -5.08 27.20
#